data_1IS8
#
_entry.id   1IS8
#
_cell.length_a   123.900
_cell.length_b   111.430
_cell.length_c   125.910
_cell.angle_alpha   90.00
_cell.angle_beta   97.32
_cell.angle_gamma   90.00
#
_symmetry.space_group_name_H-M   'P 1 21 1'
#
loop_
_entity.id
_entity.type
_entity.pdbx_description
1 polymer 'GTP Cyclohydrolase I'
2 polymer 'GTP Cyclohydrolase I Feedback Regulatory Protein'
3 non-polymer 'ZINC ION'
4 non-polymer 'POTASSIUM ION'
5 non-polymer PHENYLALANINE
6 water water
#
loop_
_entity_poly.entity_id
_entity_poly.type
_entity_poly.pdbx_seq_one_letter_code
_entity_poly.pdbx_strand_id
1 'polypeptide(L)'
;GFPERELPRPGASRPAEKSRPPEAKGAQPADAWKAGRPRSEEDNELNLPNLAAAYSSILRSLGEDPQRQGLLKTPWRAAT
AMQFFTKGYQETISDVLNDAIFDEDHDEMVIVKDIDMFSMCEHHLVPFVGRVHIGYLPNKQVLGLSKLARIVEIYSRRLQ
VQERLTKQIAVAITEALQPAGVGVVIEATHMCMVMRGVQKMNSKTVTSTMLGVFREDPKTREEFLTLIRS
;
A,B,C,D,E,F,G,H,I,J
2 'polypeptide(L)'
;MPYLLISTQIRMEVGPTMVGDEHSDPELMQQLGASKRRVLGNNFYEYYVNDPPRIVLDKLECRGFRVLSMTGVGQTLVWC
LHKE
;
K,L,M,N,O,P,Q,R,S,T
#
loop_
_chem_comp.id
_chem_comp.type
_chem_comp.name
_chem_comp.formula
K non-polymer 'POTASSIUM ION' 'K 1'
ZN non-polymer 'ZINC ION' 'Zn 2'
#
# COMPACT_ATOMS: atom_id res chain seq x y z
N ARG A 37 -45.44 -7.95 17.92
CA ARG A 37 -45.63 -8.92 16.79
C ARG A 37 -44.70 -8.60 15.63
N PRO A 38 -43.83 -9.56 15.26
CA PRO A 38 -42.90 -9.31 14.14
C PRO A 38 -43.66 -9.17 12.82
N ARG A 39 -43.11 -8.37 11.90
CA ARG A 39 -43.74 -8.15 10.59
C ARG A 39 -43.85 -9.51 9.89
N SER A 40 -44.85 -9.67 9.04
CA SER A 40 -45.04 -10.95 8.34
C SER A 40 -45.08 -10.74 6.84
N GLU A 41 -44.94 -11.84 6.10
CA GLU A 41 -44.98 -11.78 4.64
C GLU A 41 -46.32 -11.25 4.12
N GLU A 42 -47.37 -11.43 4.91
CA GLU A 42 -48.70 -10.94 4.54
C GLU A 42 -48.69 -9.41 4.61
N ASP A 43 -48.11 -8.89 5.70
CA ASP A 43 -48.01 -7.44 5.91
C ASP A 43 -47.38 -6.76 4.69
N ASN A 44 -46.27 -7.34 4.21
CA ASN A 44 -45.56 -6.80 3.05
C ASN A 44 -46.46 -6.73 1.81
N GLU A 45 -47.16 -7.83 1.52
CA GLU A 45 -48.06 -7.88 0.38
C GLU A 45 -49.21 -6.88 0.52
N LEU A 46 -49.70 -6.70 1.75
CA LEU A 46 -50.78 -5.76 2.03
C LEU A 46 -50.31 -4.30 2.03
N ASN A 47 -49.03 -4.08 2.35
CA ASN A 47 -48.42 -2.75 2.41
C ASN A 47 -47.58 -2.31 1.22
N LEU A 48 -47.19 -3.26 0.37
CA LEU A 48 -46.41 -2.93 -0.80
C LEU A 48 -47.15 -1.85 -1.59
N PRO A 49 -48.46 -2.07 -1.85
CA PRO A 49 -49.16 -1.04 -2.61
C PRO A 49 -49.04 0.32 -1.94
N ASN A 50 -49.17 0.34 -0.61
CA ASN A 50 -49.11 1.59 0.13
C ASN A 50 -47.77 2.28 -0.09
N LEU A 51 -46.71 1.50 0.02
CA LEU A 51 -45.37 2.01 -0.21
C LEU A 51 -45.23 2.52 -1.64
N ALA A 52 -45.62 1.68 -2.59
CA ALA A 52 -45.56 2.05 -4.00
C ALA A 52 -46.32 3.35 -4.25
N ALA A 53 -47.54 3.46 -3.69
CA ALA A 53 -48.36 4.66 -3.86
C ALA A 53 -47.60 5.87 -3.33
N ALA A 54 -47.02 5.74 -2.15
CA ALA A 54 -46.25 6.82 -1.54
C ALA A 54 -45.09 7.26 -2.44
N TYR A 55 -44.35 6.29 -2.99
CA TYR A 55 -43.23 6.63 -3.83
C TYR A 55 -43.67 7.29 -5.12
N SER A 56 -44.83 6.89 -5.61
CA SER A 56 -45.39 7.44 -6.84
C SER A 56 -45.70 8.91 -6.58
N SER A 57 -46.16 9.17 -5.36
CA SER A 57 -46.48 10.51 -4.93
C SER A 57 -45.22 11.33 -4.83
N ILE A 58 -44.19 10.73 -4.22
CA ILE A 58 -42.90 11.40 -4.05
C ILE A 58 -42.32 11.81 -5.40
N LEU A 59 -42.41 10.92 -6.39
CA LEU A 59 -41.91 11.22 -7.71
C LEU A 59 -42.54 12.50 -8.27
N ARG A 60 -43.84 12.66 -8.05
CA ARG A 60 -44.54 13.84 -8.53
C ARG A 60 -44.13 15.08 -7.75
N SER A 61 -44.06 14.95 -6.44
CA SER A 61 -43.68 16.07 -5.59
C SER A 61 -42.30 16.59 -5.89
N LEU A 62 -41.46 15.76 -6.52
CA LEU A 62 -40.10 16.16 -6.86
C LEU A 62 -40.07 16.90 -8.19
N GLY A 63 -41.12 16.74 -8.97
CA GLY A 63 -41.20 17.40 -10.26
C GLY A 63 -41.04 16.41 -11.40
N GLU A 64 -40.91 15.13 -11.05
CA GLU A 64 -40.72 14.11 -12.06
C GLU A 64 -42.02 13.56 -12.59
N ASP A 65 -41.90 12.82 -13.69
CA ASP A 65 -43.05 12.23 -14.36
C ASP A 65 -43.10 10.72 -14.11
N PRO A 66 -43.96 10.28 -13.18
CA PRO A 66 -44.11 8.86 -12.83
C PRO A 66 -44.48 8.00 -14.03
N GLN A 67 -44.65 8.66 -15.18
CA GLN A 67 -44.99 8.00 -16.44
C GLN A 67 -43.79 7.67 -17.34
N ARG A 68 -42.68 8.41 -17.20
CA ARG A 68 -41.49 8.12 -18.02
C ARG A 68 -41.31 6.60 -18.03
N GLN A 69 -40.80 6.06 -19.12
CA GLN A 69 -40.60 4.62 -19.18
C GLN A 69 -39.65 4.21 -18.06
N GLY A 70 -38.64 5.04 -17.82
CA GLY A 70 -37.67 4.72 -16.78
C GLY A 70 -38.21 4.79 -15.37
N LEU A 71 -39.35 5.46 -15.21
CA LEU A 71 -39.93 5.62 -13.89
C LEU A 71 -41.13 4.70 -13.61
N LEU A 72 -41.78 4.21 -14.66
CA LEU A 72 -42.95 3.35 -14.52
C LEU A 72 -42.93 2.29 -13.42
N LYS A 73 -41.85 1.52 -13.35
CA LYS A 73 -41.76 0.49 -12.33
C LYS A 73 -41.04 0.93 -11.06
N THR A 74 -40.63 2.19 -11.03
CA THR A 74 -39.93 2.70 -9.86
C THR A 74 -40.72 2.63 -8.57
N PRO A 75 -42.01 3.04 -8.57
CA PRO A 75 -42.73 2.96 -7.29
C PRO A 75 -42.65 1.60 -6.62
N TRP A 76 -42.75 0.52 -7.39
CA TRP A 76 -42.67 -0.82 -6.78
C TRP A 76 -41.25 -1.23 -6.46
N ARG A 77 -40.31 -0.91 -7.33
CA ARG A 77 -38.92 -1.26 -7.09
C ARG A 77 -38.40 -0.54 -5.86
N ALA A 78 -38.83 0.71 -5.68
CA ALA A 78 -38.42 1.48 -4.51
C ALA A 78 -39.06 0.92 -3.27
N ALA A 79 -40.33 0.52 -3.39
CA ALA A 79 -41.06 -0.03 -2.26
C ALA A 79 -40.44 -1.37 -1.84
N THR A 80 -40.12 -2.19 -2.84
CA THR A 80 -39.52 -3.49 -2.60
C THR A 80 -38.16 -3.30 -1.94
N ALA A 81 -37.39 -2.35 -2.46
CA ALA A 81 -36.07 -2.03 -1.92
C ALA A 81 -36.16 -1.63 -0.45
N MET A 82 -37.11 -0.75 -0.13
CA MET A 82 -37.29 -0.30 1.24
C MET A 82 -37.75 -1.41 2.17
N GLN A 83 -38.48 -2.39 1.64
CA GLN A 83 -38.92 -3.49 2.48
C GLN A 83 -37.73 -4.37 2.79
N PHE A 84 -36.86 -4.53 1.79
CA PHE A 84 -35.69 -5.35 1.96
C PHE A 84 -34.80 -4.75 3.04
N PHE A 85 -34.59 -3.44 2.94
CA PHE A 85 -33.76 -2.73 3.89
C PHE A 85 -34.32 -2.79 5.29
N THR A 86 -35.61 -3.08 5.41
CA THR A 86 -36.24 -3.13 6.72
C THR A 86 -36.81 -4.49 7.08
N LYS A 87 -36.36 -5.53 6.40
CA LYS A 87 -36.84 -6.88 6.65
C LYS A 87 -36.47 -7.41 8.04
N GLY A 88 -35.60 -6.68 8.74
CA GLY A 88 -35.16 -7.11 10.05
C GLY A 88 -36.27 -7.07 11.09
N TYR A 89 -37.31 -6.32 10.78
CA TYR A 89 -38.44 -6.21 11.69
C TYR A 89 -39.24 -7.52 11.78
N GLN A 90 -39.36 -8.21 10.65
CA GLN A 90 -40.11 -9.47 10.58
C GLN A 90 -39.38 -10.69 11.16
N GLU A 91 -38.40 -10.44 12.03
CA GLU A 91 -37.63 -11.53 12.63
C GLU A 91 -37.30 -11.23 14.10
N THR A 92 -36.81 -12.25 14.79
CA THR A 92 -36.43 -12.13 16.20
C THR A 92 -35.24 -13.06 16.49
N ILE A 93 -34.48 -12.73 17.53
CA ILE A 93 -33.31 -13.53 17.92
C ILE A 93 -33.72 -14.99 18.18
N SER A 94 -34.98 -15.19 18.58
CA SER A 94 -35.51 -16.53 18.86
C SER A 94 -35.39 -17.47 17.66
N ASP A 95 -35.79 -16.99 16.49
CA ASP A 95 -35.74 -17.77 15.25
C ASP A 95 -34.33 -18.30 14.98
N VAL A 96 -33.33 -17.67 15.59
CA VAL A 96 -31.93 -18.04 15.43
C VAL A 96 -31.38 -18.81 16.64
N LEU A 97 -31.75 -18.34 17.83
CA LEU A 97 -31.32 -18.91 19.12
C LEU A 97 -30.96 -20.40 19.14
N ASN A 98 -31.98 -21.25 19.25
CA ASN A 98 -31.82 -22.71 19.31
C ASN A 98 -30.81 -23.33 18.32
N ASP A 99 -31.15 -23.26 17.04
CA ASP A 99 -30.37 -23.81 15.94
C ASP A 99 -28.92 -24.24 16.20
N ALA A 100 -27.96 -23.48 15.64
CA ALA A 100 -26.54 -23.81 15.78
C ALA A 100 -25.76 -23.17 16.93
N ILE A 101 -25.59 -23.95 18.00
CA ILE A 101 -24.84 -23.57 19.19
C ILE A 101 -24.19 -24.87 19.69
N PHE A 102 -23.02 -25.19 19.11
CA PHE A 102 -22.28 -26.40 19.46
C PHE A 102 -21.43 -26.14 20.70
N ASP A 103 -21.11 -27.21 21.43
CA ASP A 103 -20.30 -27.06 22.64
C ASP A 103 -18.93 -27.71 22.48
N GLU A 104 -17.94 -26.92 22.10
CA GLU A 104 -16.60 -27.45 21.96
C GLU A 104 -15.89 -27.17 23.27
N ASP A 105 -16.68 -26.88 24.31
CA ASP A 105 -16.14 -26.59 25.63
C ASP A 105 -14.99 -25.60 25.47
N HIS A 106 -15.23 -24.58 24.64
CA HIS A 106 -14.22 -23.56 24.38
C HIS A 106 -14.39 -22.45 25.41
N ASP A 107 -13.28 -21.97 25.95
CA ASP A 107 -13.33 -20.90 26.96
C ASP A 107 -12.34 -19.77 26.72
N GLU A 108 -11.96 -19.56 25.45
CA GLU A 108 -11.05 -18.49 25.10
C GLU A 108 -11.68 -17.58 24.03
N MET A 109 -11.22 -16.34 23.94
CA MET A 109 -11.78 -15.40 22.99
C MET A 109 -11.92 -15.81 21.54
N VAL A 110 -13.12 -15.60 21.02
CA VAL A 110 -13.41 -15.91 19.63
C VAL A 110 -13.77 -14.59 18.96
N ILE A 111 -13.16 -14.30 17.82
CA ILE A 111 -13.41 -13.06 17.11
C ILE A 111 -13.82 -13.23 15.65
N VAL A 112 -14.79 -12.45 15.22
CA VAL A 112 -15.23 -12.46 13.82
C VAL A 112 -15.20 -11.01 13.41
N LYS A 113 -14.28 -10.68 12.52
CA LYS A 113 -14.15 -9.30 12.12
C LYS A 113 -14.42 -9.02 10.65
N ASP A 114 -14.57 -7.73 10.35
CA ASP A 114 -14.82 -7.24 9.01
C ASP A 114 -16.12 -7.76 8.43
N ILE A 115 -17.16 -7.76 9.25
CA ILE A 115 -18.47 -8.20 8.82
C ILE A 115 -19.16 -6.98 8.19
N ASP A 116 -19.36 -7.02 6.87
CA ASP A 116 -20.02 -5.91 6.18
C ASP A 116 -21.43 -5.75 6.71
N MET A 117 -21.87 -4.51 6.86
CA MET A 117 -23.22 -4.29 7.34
C MET A 117 -23.81 -3.07 6.65
N PHE A 118 -25.09 -3.14 6.34
CA PHE A 118 -25.76 -2.05 5.66
C PHE A 118 -27.01 -1.75 6.47
N SER A 119 -27.19 -0.48 6.81
CA SER A 119 -28.36 -0.09 7.59
C SER A 119 -28.98 1.18 7.04
N MET A 120 -30.00 1.67 7.72
CA MET A 120 -30.70 2.88 7.31
C MET A 120 -30.74 3.87 8.46
N CYS A 121 -30.42 5.12 8.15
CA CYS A 121 -30.46 6.19 9.12
C CYS A 121 -31.94 6.49 9.42
N GLU A 122 -32.36 6.36 10.68
CA GLU A 122 -33.76 6.60 11.01
C GLU A 122 -34.19 8.06 10.96
N HIS A 123 -33.23 8.96 10.87
CA HIS A 123 -33.55 10.39 10.80
C HIS A 123 -33.75 10.90 9.37
N HIS A 124 -33.05 10.31 8.40
CA HIS A 124 -33.17 10.76 7.01
C HIS A 124 -33.58 9.67 6.04
N LEU A 125 -33.61 8.43 6.51
CA LEU A 125 -33.98 7.30 5.66
C LEU A 125 -32.98 7.19 4.50
N VAL A 126 -31.72 7.43 4.82
CA VAL A 126 -30.62 7.31 3.87
C VAL A 126 -29.73 6.23 4.51
N PRO A 127 -29.15 5.34 3.70
CA PRO A 127 -28.32 4.31 4.33
C PRO A 127 -26.95 4.73 4.88
N PHE A 128 -26.53 4.06 5.96
CA PHE A 128 -25.20 4.26 6.49
C PHE A 128 -24.57 2.86 6.40
N VAL A 129 -23.37 2.79 5.84
CA VAL A 129 -22.68 1.51 5.63
C VAL A 129 -21.37 1.37 6.36
N GLY A 130 -20.91 0.13 6.56
CA GLY A 130 -19.65 -0.09 7.25
C GLY A 130 -19.35 -1.54 7.58
N ARG A 131 -18.61 -1.76 8.68
CA ARG A 131 -18.23 -3.10 9.13
C ARG A 131 -18.54 -3.33 10.62
N VAL A 132 -18.80 -4.58 10.97
CA VAL A 132 -19.06 -4.93 12.36
C VAL A 132 -17.94 -5.88 12.82
N HIS A 133 -17.46 -5.68 14.05
CA HIS A 133 -16.41 -6.52 14.62
C HIS A 133 -16.92 -7.05 15.93
N ILE A 134 -16.95 -8.37 16.04
CA ILE A 134 -17.46 -9.05 17.21
C ILE A 134 -16.44 -9.94 17.88
N GLY A 135 -16.52 -9.97 19.21
CA GLY A 135 -15.65 -10.81 19.98
C GLY A 135 -16.38 -11.27 21.23
N TYR A 136 -16.05 -12.46 21.72
CA TYR A 136 -16.69 -12.94 22.93
C TYR A 136 -15.87 -14.02 23.62
N LEU A 137 -15.96 -14.03 24.94
CA LEU A 137 -15.27 -15.03 25.75
C LEU A 137 -16.32 -16.07 26.09
N PRO A 138 -16.36 -17.16 25.33
CA PRO A 138 -17.33 -18.23 25.55
C PRO A 138 -17.27 -18.90 26.92
N ASN A 139 -18.45 -19.32 27.37
CA ASN A 139 -18.59 -20.02 28.62
C ASN A 139 -19.08 -21.39 28.14
N LYS A 140 -18.18 -22.08 27.44
CA LYS A 140 -18.45 -23.40 26.88
C LYS A 140 -19.23 -23.33 25.56
N GLN A 141 -20.24 -22.46 25.49
CA GLN A 141 -21.03 -22.32 24.26
C GLN A 141 -20.46 -21.38 23.19
N VAL A 142 -20.36 -21.89 21.96
CA VAL A 142 -19.84 -21.11 20.84
C VAL A 142 -20.96 -20.79 19.83
N LEU A 143 -20.78 -19.72 19.06
CA LEU A 143 -21.78 -19.29 18.09
C LEU A 143 -21.37 -19.52 16.63
N GLY A 144 -22.25 -20.13 15.85
CA GLY A 144 -21.92 -20.40 14.46
C GLY A 144 -21.90 -19.14 13.61
N LEU A 145 -21.03 -19.09 12.61
CA LEU A 145 -20.93 -17.93 11.74
C LEU A 145 -22.26 -17.58 11.09
N SER A 146 -23.00 -18.61 10.74
CA SER A 146 -24.31 -18.45 10.12
C SER A 146 -25.25 -17.69 11.04
N LYS A 147 -25.33 -18.11 12.30
CA LYS A 147 -26.19 -17.45 13.27
C LYS A 147 -25.70 -16.03 13.53
N LEU A 148 -24.39 -15.87 13.69
CA LEU A 148 -23.82 -14.56 13.94
C LEU A 148 -24.26 -13.59 12.85
N ALA A 149 -24.12 -14.04 11.62
CA ALA A 149 -24.49 -13.25 10.45
C ALA A 149 -25.95 -12.85 10.55
N ARG A 150 -26.80 -13.82 10.84
CA ARG A 150 -28.23 -13.57 10.98
C ARG A 150 -28.52 -12.53 12.07
N ILE A 151 -27.83 -12.59 13.20
CA ILE A 151 -28.05 -11.63 14.27
C ILE A 151 -27.74 -10.20 13.77
N VAL A 152 -26.62 -10.05 13.06
CA VAL A 152 -26.23 -8.74 12.55
C VAL A 152 -27.25 -8.25 11.52
N GLU A 153 -27.76 -9.19 10.74
CA GLU A 153 -28.76 -8.96 9.69
C GLU A 153 -30.08 -8.45 10.28
N ILE A 154 -30.56 -9.16 11.30
CA ILE A 154 -31.81 -8.81 11.97
C ILE A 154 -31.87 -7.37 12.47
N TYR A 155 -30.82 -6.91 13.14
CA TYR A 155 -30.81 -5.55 13.67
C TYR A 155 -30.36 -4.45 12.71
N SER A 156 -29.51 -4.78 11.74
CA SER A 156 -29.05 -3.74 10.82
C SER A 156 -30.12 -3.42 9.77
N ARG A 157 -30.92 -4.42 9.40
CA ARG A 157 -31.95 -4.19 8.41
C ARG A 157 -33.22 -3.61 9.05
N ARG A 158 -33.07 -2.41 9.59
CA ARG A 158 -34.13 -1.67 10.25
C ARG A 158 -33.73 -0.19 10.20
N LEU A 159 -34.64 0.69 10.59
CA LEU A 159 -34.31 2.11 10.63
C LEU A 159 -33.49 2.16 11.93
N GLN A 160 -32.25 2.61 11.84
CA GLN A 160 -31.39 2.58 13.02
C GLN A 160 -30.61 3.82 13.39
N VAL A 161 -29.91 3.65 14.50
CA VAL A 161 -29.02 4.64 15.07
C VAL A 161 -27.82 3.74 15.40
N GLN A 162 -26.64 4.13 14.97
CA GLN A 162 -25.46 3.28 15.15
C GLN A 162 -25.21 2.72 16.54
N GLU A 163 -25.45 3.53 17.58
CA GLU A 163 -25.23 3.06 18.95
C GLU A 163 -26.22 1.96 19.37
N ARG A 164 -27.46 2.07 18.92
CA ARG A 164 -28.46 1.08 19.26
C ARG A 164 -28.09 -0.22 18.57
N LEU A 165 -27.81 -0.12 17.28
CA LEU A 165 -27.44 -1.27 16.48
C LEU A 165 -26.32 -2.03 17.17
N THR A 166 -25.34 -1.29 17.67
CA THR A 166 -24.19 -1.86 18.36
C THR A 166 -24.61 -2.61 19.62
N LYS A 167 -25.43 -1.97 20.46
CA LYS A 167 -25.91 -2.60 21.71
C LYS A 167 -26.78 -3.82 21.46
N GLN A 168 -27.69 -3.71 20.49
CA GLN A 168 -28.58 -4.82 20.20
C GLN A 168 -27.81 -6.06 19.78
N ILE A 169 -26.79 -5.88 18.95
CA ILE A 169 -25.99 -7.02 18.53
C ILE A 169 -25.26 -7.63 19.73
N ALA A 170 -24.70 -6.77 20.57
CA ALA A 170 -23.98 -7.24 21.74
C ALA A 170 -24.91 -8.00 22.69
N VAL A 171 -26.08 -7.43 22.97
CA VAL A 171 -27.02 -8.08 23.87
C VAL A 171 -27.54 -9.39 23.29
N ALA A 172 -27.78 -9.41 21.98
CA ALA A 172 -28.28 -10.60 21.33
C ALA A 172 -27.30 -11.75 21.46
N ILE A 173 -26.01 -11.44 21.32
CA ILE A 173 -24.97 -12.45 21.43
C ILE A 173 -24.87 -12.92 22.88
N THR A 174 -25.04 -11.98 23.81
CA THR A 174 -24.96 -12.32 25.21
C THR A 174 -26.08 -13.29 25.56
N GLU A 175 -27.30 -13.02 25.09
CA GLU A 175 -28.42 -13.88 25.40
C GLU A 175 -28.34 -15.24 24.73
N ALA A 176 -27.70 -15.30 23.56
CA ALA A 176 -27.57 -16.54 22.83
C ALA A 176 -26.46 -17.47 23.32
N LEU A 177 -25.56 -16.95 24.16
CA LEU A 177 -24.44 -17.76 24.63
C LEU A 177 -24.15 -17.71 26.11
N GLN A 178 -24.76 -16.77 26.83
CA GLN A 178 -24.45 -16.63 28.26
C GLN A 178 -22.93 -16.75 28.36
N PRO A 179 -22.19 -15.83 27.72
CA PRO A 179 -20.73 -15.84 27.75
C PRO A 179 -20.15 -15.07 28.91
N ALA A 180 -18.84 -15.19 29.11
CA ALA A 180 -18.18 -14.46 30.19
C ALA A 180 -18.10 -12.98 29.80
N GLY A 181 -18.23 -12.73 28.50
CA GLY A 181 -18.17 -11.36 28.02
C GLY A 181 -18.29 -11.27 26.51
N VAL A 182 -18.58 -10.08 26.03
CA VAL A 182 -18.69 -9.86 24.61
C VAL A 182 -18.38 -8.42 24.25
N GLY A 183 -17.81 -8.22 23.07
CA GLY A 183 -17.49 -6.89 22.61
C GLY A 183 -17.98 -6.74 21.19
N VAL A 184 -18.45 -5.54 20.84
CA VAL A 184 -18.91 -5.30 19.50
C VAL A 184 -18.45 -3.90 19.09
N VAL A 185 -17.83 -3.81 17.93
CA VAL A 185 -17.37 -2.54 17.43
C VAL A 185 -17.96 -2.35 16.03
N ILE A 186 -18.43 -1.16 15.74
CA ILE A 186 -18.97 -0.88 14.43
C ILE A 186 -18.37 0.44 13.91
N GLU A 187 -17.92 0.44 12.67
CA GLU A 187 -17.41 1.67 12.05
C GLU A 187 -18.24 1.86 10.78
N ALA A 188 -18.77 3.06 10.61
CA ALA A 188 -19.61 3.29 9.45
C ALA A 188 -19.50 4.67 8.88
N THR A 189 -19.99 4.78 7.65
CA THR A 189 -20.04 6.04 6.92
C THR A 189 -21.53 6.30 6.70
N HIS A 190 -21.96 7.52 6.96
CA HIS A 190 -23.36 7.88 6.81
C HIS A 190 -23.61 8.63 5.51
N MET A 191 -24.36 8.00 4.61
CA MET A 191 -24.69 8.57 3.31
C MET A 191 -25.41 9.90 3.47
N CYS A 192 -26.27 9.99 4.48
CA CYS A 192 -27.04 11.20 4.70
C CYS A 192 -26.11 12.35 5.02
N MET A 193 -24.91 12.04 5.47
CA MET A 193 -23.93 13.06 5.80
C MET A 193 -22.99 13.27 4.60
N VAL A 194 -22.60 12.15 3.99
CA VAL A 194 -21.71 12.14 2.82
C VAL A 194 -22.28 12.92 1.65
N MET A 195 -23.54 12.65 1.33
CA MET A 195 -24.18 13.32 0.22
C MET A 195 -24.58 14.75 0.56
N ARG A 196 -23.71 15.39 1.33
CA ARG A 196 -23.88 16.78 1.75
C ARG A 196 -22.48 17.32 2.03
N GLY A 197 -21.53 16.86 1.22
CA GLY A 197 -20.14 17.28 1.36
C GLY A 197 -19.15 16.13 1.14
N LYS A 200 -16.33 13.93 3.47
CA LYS A 200 -17.34 13.19 4.25
C LYS A 200 -17.26 11.69 4.01
N MET A 201 -17.21 11.28 2.74
CA MET A 201 -17.14 9.87 2.38
C MET A 201 -16.01 9.17 3.14
N ASN A 202 -15.04 9.97 3.58
CA ASN A 202 -13.88 9.45 4.33
C ASN A 202 -14.13 9.47 5.84
N SER A 203 -14.96 10.39 6.29
CA SER A 203 -15.32 10.52 7.71
C SER A 203 -16.04 9.25 8.21
N LYS A 204 -15.64 8.74 9.37
CA LYS A 204 -16.26 7.53 9.90
C LYS A 204 -16.67 7.58 11.37
N THR A 205 -17.77 6.92 11.69
CA THR A 205 -18.26 6.88 13.06
C THR A 205 -17.98 5.53 13.66
N VAL A 206 -17.36 5.53 14.84
CA VAL A 206 -17.02 4.30 15.53
C VAL A 206 -17.69 4.18 16.90
N THR A 207 -18.48 3.12 17.06
CA THR A 207 -19.20 2.87 18.29
C THR A 207 -18.84 1.50 18.85
N SER A 208 -18.99 1.33 20.15
CA SER A 208 -18.67 0.05 20.75
C SER A 208 -19.54 -0.26 21.95
N THR A 209 -19.65 -1.54 22.26
CA THR A 209 -20.40 -2.00 23.42
C THR A 209 -19.59 -3.14 23.99
N MET A 210 -19.15 -2.99 25.23
CA MET A 210 -18.35 -4.01 25.88
C MET A 210 -19.11 -4.50 27.11
N LEU A 211 -19.39 -5.79 27.14
CA LEU A 211 -20.10 -6.42 28.25
C LEU A 211 -19.28 -7.49 28.94
N GLY A 212 -19.54 -7.71 30.23
CA GLY A 212 -18.82 -8.72 30.98
C GLY A 212 -17.35 -8.39 31.13
N VAL A 213 -16.49 -9.40 30.95
CA VAL A 213 -15.04 -9.21 31.06
C VAL A 213 -14.52 -8.19 30.06
N PHE A 214 -15.25 -8.01 28.96
CA PHE A 214 -14.85 -7.04 27.95
C PHE A 214 -14.98 -5.64 28.53
N ARG A 215 -15.89 -5.50 29.49
CA ARG A 215 -16.08 -4.23 30.12
C ARG A 215 -15.16 -4.04 31.33
N GLU A 216 -15.07 -5.06 32.18
CA GLU A 216 -14.29 -4.99 33.41
C GLU A 216 -12.79 -5.26 33.35
N ASP A 217 -12.34 -6.02 32.35
CA ASP A 217 -10.93 -6.31 32.24
C ASP A 217 -10.32 -5.56 31.09
N PRO A 218 -9.50 -4.54 31.37
CA PRO A 218 -8.86 -3.75 30.32
C PRO A 218 -7.96 -4.57 29.41
N LYS A 219 -7.45 -5.67 29.93
CA LYS A 219 -6.54 -6.52 29.14
C LYS A 219 -7.30 -7.21 28.03
N THR A 220 -8.49 -7.69 28.35
CA THR A 220 -9.33 -8.39 27.38
C THR A 220 -9.75 -7.43 26.29
N ARG A 221 -10.17 -6.24 26.71
CA ARG A 221 -10.61 -5.19 25.82
C ARG A 221 -9.46 -4.82 24.85
N GLU A 222 -8.26 -4.63 25.38
CA GLU A 222 -7.08 -4.29 24.59
C GLU A 222 -6.77 -5.38 23.55
N GLU A 223 -6.73 -6.61 24.01
CA GLU A 223 -6.45 -7.73 23.12
C GLU A 223 -7.46 -7.76 21.97
N PHE A 224 -8.73 -7.59 22.30
CA PHE A 224 -9.78 -7.57 21.32
C PHE A 224 -9.53 -6.47 20.29
N LEU A 225 -9.27 -5.25 20.75
CA LEU A 225 -9.04 -4.16 19.82
C LEU A 225 -7.80 -4.40 18.97
N THR A 226 -6.83 -5.11 19.53
CA THR A 226 -5.59 -5.41 18.81
C THR A 226 -5.83 -6.40 17.68
N LEU A 227 -6.60 -7.44 17.98
CA LEU A 227 -6.91 -8.49 17.03
C LEU A 227 -7.89 -8.10 15.94
N ILE A 228 -8.53 -6.94 16.06
CA ILE A 228 -9.48 -6.52 15.03
C ILE A 228 -8.91 -5.34 14.25
N ARG A 229 -8.10 -4.52 14.91
CA ARG A 229 -7.51 -3.35 14.25
C ARG A 229 -6.25 -3.77 13.52
N SER A 230 -6.45 -4.58 12.49
CA SER A 230 -5.37 -5.09 11.66
C SER A 230 -5.42 -4.47 10.26
N ARG B 37 -20.94 40.37 19.83
CA ARG B 37 -21.95 40.25 18.75
C ARG B 37 -21.38 39.48 17.55
N PRO B 38 -22.04 38.39 17.15
CA PRO B 38 -21.56 37.61 16.00
C PRO B 38 -21.70 38.41 14.70
N ARG B 39 -20.83 38.13 13.73
CA ARG B 39 -20.87 38.82 12.45
C ARG B 39 -22.21 38.52 11.77
N SER B 40 -22.73 39.47 10.99
CA SER B 40 -24.00 39.26 10.32
C SER B 40 -23.87 39.40 8.82
N GLU B 41 -24.88 38.92 8.09
CA GLU B 41 -24.87 39.02 6.65
C GLU B 41 -24.73 40.47 6.21
N GLU B 42 -25.30 41.37 7.00
CA GLU B 42 -25.23 42.78 6.69
C GLU B 42 -23.78 43.23 6.71
N ASP B 43 -23.08 42.83 7.77
CA ASP B 43 -21.67 43.16 7.91
C ASP B 43 -20.90 42.77 6.66
N ASN B 44 -21.16 41.58 6.17
CA ASN B 44 -20.46 41.11 4.98
C ASN B 44 -20.72 42.00 3.80
N GLU B 45 -21.99 42.34 3.58
CA GLU B 45 -22.35 43.18 2.46
C GLU B 45 -21.74 44.55 2.61
N LEU B 46 -21.74 45.08 3.83
CA LEU B 46 -21.17 46.40 4.07
C LEU B 46 -19.66 46.42 4.01
N ASN B 47 -19.02 45.27 4.11
CA ASN B 47 -17.57 45.27 4.11
C ASN B 47 -16.94 44.72 2.85
N LEU B 48 -17.75 44.09 2.01
CA LEU B 48 -17.21 43.50 0.80
C LEU B 48 -16.34 44.47 -0.02
N PRO B 49 -16.79 45.71 -0.21
CA PRO B 49 -16.11 46.78 -0.95
C PRO B 49 -14.84 47.19 -0.29
N ASN B 50 -14.83 47.19 1.03
CA ASN B 50 -13.62 47.53 1.74
C ASN B 50 -12.61 46.40 1.47
N LEU B 51 -13.07 45.16 1.57
CA LEU B 51 -12.21 44.01 1.33
C LEU B 51 -11.72 44.10 -0.10
N ALA B 52 -12.66 44.22 -1.03
CA ALA B 52 -12.31 44.30 -2.43
C ALA B 52 -11.25 45.38 -2.68
N ALA B 53 -11.48 46.56 -2.11
CA ALA B 53 -10.56 47.66 -2.25
C ALA B 53 -9.17 47.29 -1.74
N ALA B 54 -9.12 46.67 -0.57
CA ALA B 54 -7.85 46.25 0.01
C ALA B 54 -7.11 45.27 -0.91
N TYR B 55 -7.83 44.29 -1.44
CA TYR B 55 -7.20 43.31 -2.33
C TYR B 55 -6.72 43.92 -3.63
N SER B 56 -7.45 44.89 -4.13
CA SER B 56 -7.07 45.57 -5.36
C SER B 56 -5.78 46.31 -5.10
N SER B 57 -5.65 46.85 -3.90
CA SER B 57 -4.48 47.59 -3.48
C SER B 57 -3.31 46.62 -3.39
N ILE B 58 -3.58 45.45 -2.81
CA ILE B 58 -2.55 44.44 -2.65
C ILE B 58 -2.00 44.02 -4.01
N LEU B 59 -2.90 43.85 -4.98
CA LEU B 59 -2.50 43.47 -6.34
C LEU B 59 -1.49 44.46 -6.91
N ARG B 60 -1.71 45.75 -6.68
CA ARG B 60 -0.80 46.79 -7.17
C ARG B 60 0.51 46.77 -6.42
N SER B 61 0.44 46.63 -5.11
CA SER B 61 1.64 46.61 -4.29
C SER B 61 2.55 45.43 -4.62
N LEU B 62 1.98 44.38 -5.23
CA LEU B 62 2.77 43.21 -5.58
C LEU B 62 3.46 43.38 -6.91
N GLY B 63 3.00 44.34 -7.71
CA GLY B 63 3.61 44.58 -9.01
C GLY B 63 2.72 44.14 -10.15
N GLU B 64 1.51 43.69 -9.82
CA GLU B 64 0.57 43.22 -10.82
C GLU B 64 -0.33 44.33 -11.34
N ASP B 65 -1.04 44.00 -12.41
CA ASP B 65 -1.96 44.92 -13.05
C ASP B 65 -3.40 44.53 -12.75
N PRO B 66 -4.05 45.21 -11.80
CA PRO B 66 -5.44 44.92 -11.43
C PRO B 66 -6.37 44.95 -12.63
N GLN B 67 -5.88 45.48 -13.74
CA GLN B 67 -6.67 45.59 -14.97
C GLN B 67 -6.66 44.37 -15.89
N ARG B 68 -5.69 43.47 -15.76
CA ARG B 68 -5.62 42.26 -16.59
C ARG B 68 -6.98 41.58 -16.54
N GLN B 69 -7.37 40.98 -17.65
CA GLN B 69 -8.66 40.29 -17.68
C GLN B 69 -8.72 39.23 -16.58
N GLY B 70 -7.60 38.56 -16.34
CA GLY B 70 -7.56 37.54 -15.32
C GLY B 70 -7.61 38.05 -13.90
N LEU B 71 -7.39 39.34 -13.70
CA LEU B 71 -7.39 39.91 -12.36
C LEU B 71 -8.60 40.80 -12.05
N LEU B 72 -9.29 41.27 -13.09
CA LEU B 72 -10.44 42.16 -12.91
C LEU B 72 -11.35 41.81 -11.77
N LYS B 73 -11.87 40.59 -11.75
CA LYS B 73 -12.78 40.19 -10.69
C LYS B 73 -12.11 39.61 -9.46
N THR B 74 -10.78 39.61 -9.45
CA THR B 74 -10.06 39.05 -8.31
C THR B 74 -10.34 39.72 -6.98
N PRO B 75 -10.38 41.06 -6.96
CA PRO B 75 -10.66 41.69 -5.66
C PRO B 75 -11.94 41.19 -4.98
N TRP B 76 -12.98 40.94 -5.76
CA TRP B 76 -14.23 40.45 -5.19
C TRP B 76 -14.16 38.96 -4.85
N ARG B 77 -13.59 38.16 -5.74
CA ARG B 77 -13.46 36.73 -5.50
C ARG B 77 -12.56 36.46 -4.29
N ALA B 78 -11.54 37.28 -4.13
CA ALA B 78 -10.66 37.13 -2.99
C ALA B 78 -11.42 37.51 -1.74
N ALA B 79 -12.09 38.66 -1.78
CA ALA B 79 -12.85 39.15 -0.64
C ALA B 79 -13.92 38.17 -0.20
N THR B 80 -14.62 37.58 -1.18
CA THR B 80 -15.67 36.63 -0.89
C THR B 80 -15.07 35.37 -0.29
N ALA B 81 -13.97 34.91 -0.89
CA ALA B 81 -13.29 33.73 -0.40
C ALA B 81 -12.86 33.90 1.05
N MET B 82 -12.30 35.06 1.38
CA MET B 82 -11.84 35.32 2.74
C MET B 82 -12.99 35.38 3.73
N GLN B 83 -14.15 35.81 3.27
CA GLN B 83 -15.30 35.90 4.17
C GLN B 83 -15.82 34.49 4.42
N PHE B 84 -15.68 33.63 3.42
CA PHE B 84 -16.12 32.26 3.57
C PHE B 84 -15.21 31.55 4.57
N PHE B 85 -13.90 31.74 4.43
CA PHE B 85 -12.94 31.13 5.33
C PHE B 85 -13.13 31.59 6.78
N THR B 86 -13.73 32.76 6.97
CA THR B 86 -13.94 33.28 8.31
C THR B 86 -15.41 33.35 8.72
N LYS B 87 -16.27 32.60 8.02
CA LYS B 87 -17.70 32.63 8.32
C LYS B 87 -18.07 32.07 9.69
N GLY B 88 -17.10 31.51 10.39
CA GLY B 88 -17.39 30.95 11.70
C GLY B 88 -17.63 32.04 12.71
N TYR B 89 -17.23 33.25 12.39
CA TYR B 89 -17.41 34.38 13.29
C TYR B 89 -18.88 34.77 13.39
N GLN B 90 -19.65 34.50 12.34
CA GLN B 90 -21.06 34.85 12.33
C GLN B 90 -21.96 33.77 12.91
N GLU B 91 -21.41 32.94 13.78
CA GLU B 91 -22.18 31.88 14.42
C GLU B 91 -21.71 31.64 15.84
N THR B 92 -22.52 30.86 16.58
CA THR B 92 -22.24 30.54 17.96
C THR B 92 -22.76 29.12 18.25
N ILE B 93 -22.14 28.44 19.21
CA ILE B 93 -22.55 27.08 19.56
C ILE B 93 -24.05 27.02 19.88
N SER B 94 -24.61 28.13 20.32
CA SER B 94 -26.03 28.21 20.67
C SER B 94 -26.94 27.87 19.49
N ASP B 95 -26.62 28.39 18.31
CA ASP B 95 -27.40 28.14 17.11
C ASP B 95 -27.48 26.65 16.78
N VAL B 96 -26.55 25.88 17.36
CA VAL B 96 -26.48 24.44 17.15
C VAL B 96 -27.01 23.65 18.36
N LEU B 97 -26.68 24.13 19.55
CA LEU B 97 -27.06 23.51 20.83
C LEU B 97 -28.37 22.71 20.85
N ASN B 98 -29.49 23.42 21.04
CA ASN B 98 -30.82 22.82 21.12
C ASN B 98 -31.15 21.69 20.12
N ASP B 99 -31.22 22.06 18.84
CA ASP B 99 -31.53 21.16 17.72
C ASP B 99 -31.49 19.64 17.96
N ALA B 100 -30.49 18.98 17.39
CA ALA B 100 -30.35 17.52 17.48
C ALA B 100 -29.47 16.95 18.61
N ILE B 101 -30.13 16.54 19.69
CA ILE B 101 -29.49 15.92 20.85
C ILE B 101 -30.49 14.87 21.35
N PHE B 102 -30.46 13.69 20.73
CA PHE B 102 -31.36 12.59 21.08
C PHE B 102 -30.81 11.84 22.30
N ASP B 103 -31.70 11.17 23.03
CA ASP B 103 -31.26 10.42 24.21
C ASP B 103 -31.46 8.92 24.02
N GLU B 104 -30.41 8.23 23.58
CA GLU B 104 -30.50 6.79 23.41
C GLU B 104 -29.98 6.17 24.69
N ASP B 105 -29.96 6.98 25.74
CA ASP B 105 -29.49 6.51 27.03
C ASP B 105 -28.20 5.72 26.80
N HIS B 106 -27.31 6.29 26.00
CA HIS B 106 -26.05 5.63 25.70
C HIS B 106 -25.00 6.10 26.69
N ASP B 107 -24.18 5.17 27.17
CA ASP B 107 -23.15 5.53 28.14
C ASP B 107 -21.76 4.96 27.81
N GLU B 108 -21.52 4.67 26.53
CA GLU B 108 -20.23 4.15 26.09
C GLU B 108 -19.59 5.04 25.04
N MET B 109 -18.27 4.97 24.92
CA MET B 109 -17.55 5.84 23.98
C MET B 109 -18.03 5.90 22.54
N VAL B 110 -18.19 7.12 22.04
CA VAL B 110 -18.61 7.34 20.67
C VAL B 110 -17.50 8.14 20.02
N ILE B 111 -17.07 7.70 18.84
CA ILE B 111 -16.00 8.36 18.13
C ILE B 111 -16.36 8.73 16.69
N VAL B 112 -15.93 9.91 16.27
CA VAL B 112 -16.13 10.36 14.89
C VAL B 112 -14.74 10.81 14.48
N LYS B 113 -14.15 10.09 13.54
CA LYS B 113 -12.80 10.40 13.10
C LYS B 113 -12.67 10.76 11.64
N ASP B 114 -11.53 11.32 11.32
CA ASP B 114 -11.21 11.73 9.95
C ASP B 114 -12.13 12.79 9.41
N ILE B 115 -12.45 13.75 10.25
CA ILE B 115 -13.30 14.87 9.86
C ILE B 115 -12.37 15.89 9.23
N ASP B 116 -12.58 16.20 7.96
CA ASP B 116 -11.74 17.17 7.29
C ASP B 116 -11.97 18.56 7.87
N MET B 117 -10.91 19.34 8.02
CA MET B 117 -11.06 20.67 8.54
C MET B 117 -10.08 21.59 7.86
N PHE B 118 -10.54 22.79 7.56
CA PHE B 118 -9.71 23.77 6.87
C PHE B 118 -9.79 25.04 7.68
N SER B 119 -8.64 25.61 7.99
CA SER B 119 -8.61 26.81 8.79
C SER B 119 -7.60 27.77 8.26
N MET B 120 -7.49 28.91 8.94
CA MET B 120 -6.56 29.95 8.55
C MET B 120 -5.62 30.29 9.70
N CYS B 121 -4.34 30.35 9.38
CA CYS B 121 -3.28 30.69 10.31
C CYS B 121 -3.47 32.19 10.64
N GLU B 122 -3.65 32.53 11.92
CA GLU B 122 -3.87 33.93 12.26
C GLU B 122 -2.62 34.78 12.18
N HIS B 123 -1.47 34.14 12.02
CA HIS B 123 -0.23 34.91 11.94
C HIS B 123 0.15 35.31 10.51
N HIS B 124 -0.21 34.49 9.54
CA HIS B 124 0.12 34.78 8.15
C HIS B 124 -1.06 34.85 7.20
N LEU B 125 -2.25 34.49 7.70
CA LEU B 125 -3.44 34.49 6.87
C LEU B 125 -3.28 33.53 5.69
N VAL B 126 -2.62 32.40 5.96
CA VAL B 126 -2.41 31.32 4.99
C VAL B 126 -3.10 30.12 5.62
N PRO B 127 -3.88 29.37 4.84
CA PRO B 127 -4.55 28.23 5.46
C PRO B 127 -3.71 27.05 5.98
N PHE B 128 -4.23 26.41 7.03
CA PHE B 128 -3.62 25.19 7.55
C PHE B 128 -4.74 24.17 7.51
N VAL B 129 -4.46 23.04 6.86
CA VAL B 129 -5.44 21.97 6.65
C VAL B 129 -5.12 20.67 7.36
N GLY B 130 -6.15 19.88 7.64
CA GLY B 130 -5.95 18.61 8.33
C GLY B 130 -7.22 17.83 8.64
N ARG B 131 -7.16 17.04 9.71
CA ARG B 131 -8.30 16.22 10.13
C ARG B 131 -8.54 16.41 11.62
N VAL B 132 -9.79 16.23 12.03
CA VAL B 132 -10.14 16.36 13.44
C VAL B 132 -10.71 15.01 13.88
N HIS B 133 -10.33 14.54 15.07
CA HIS B 133 -10.84 13.27 15.59
C HIS B 133 -11.48 13.58 16.93
N ILE B 134 -12.70 13.12 17.10
CA ILE B 134 -13.46 13.39 18.30
C ILE B 134 -13.94 12.13 18.98
N GLY B 135 -13.99 12.19 20.30
CA GLY B 135 -14.48 11.06 21.05
C GLY B 135 -15.09 11.59 22.33
N TYR B 136 -16.11 10.90 22.84
CA TYR B 136 -16.72 11.32 24.09
C TYR B 136 -17.46 10.18 24.75
N LEU B 137 -17.51 10.23 26.06
CA LEU B 137 -18.21 9.22 26.86
C LEU B 137 -19.50 9.89 27.28
N PRO B 138 -20.59 9.60 26.55
CA PRO B 138 -21.89 10.20 26.86
C PRO B 138 -22.46 9.89 28.25
N ASN B 139 -23.17 10.88 28.76
CA ASN B 139 -23.85 10.77 30.03
C ASN B 139 -25.30 10.84 29.60
N LYS B 140 -25.70 9.80 28.88
CA LYS B 140 -27.04 9.66 28.33
C LYS B 140 -27.25 10.43 27.03
N GLN B 141 -26.79 11.69 26.98
CA GLN B 141 -26.94 12.52 25.77
C GLN B 141 -25.89 12.29 24.67
N VAL B 142 -26.38 12.05 23.45
CA VAL B 142 -25.53 11.80 22.29
C VAL B 142 -25.62 12.97 21.30
N LEU B 143 -24.57 13.19 20.52
CA LEU B 143 -24.53 14.29 19.57
C LEU B 143 -24.67 13.81 18.13
N GLY B 144 -25.55 14.47 17.36
CA GLY B 144 -25.72 14.08 15.98
C GLY B 144 -24.54 14.49 15.10
N LEU B 145 -24.26 13.72 14.06
CA LEU B 145 -23.15 14.03 13.18
C LEU B 145 -23.27 15.43 12.61
N SER B 146 -24.49 15.80 12.26
CA SER B 146 -24.74 17.11 11.69
C SER B 146 -24.27 18.23 12.62
N LYS B 147 -24.66 18.16 13.89
CA LYS B 147 -24.26 19.18 14.85
C LYS B 147 -22.76 19.16 15.12
N LEU B 148 -22.19 17.96 15.18
CA LEU B 148 -20.78 17.80 15.43
C LEU B 148 -20.04 18.54 14.33
N ALA B 149 -20.43 18.26 13.10
CA ALA B 149 -19.82 18.89 11.94
C ALA B 149 -19.87 20.41 12.09
N ARG B 150 -21.06 20.92 12.40
CA ARG B 150 -21.27 22.34 12.56
C ARG B 150 -20.33 22.94 13.62
N ILE B 151 -20.17 22.23 14.73
CA ILE B 151 -19.28 22.70 15.79
C ILE B 151 -17.83 22.87 15.30
N VAL B 152 -17.34 21.90 14.53
CA VAL B 152 -15.99 21.95 13.99
C VAL B 152 -15.89 23.11 12.99
N GLU B 153 -16.94 23.26 12.20
CA GLU B 153 -17.05 24.31 11.18
C GLU B 153 -16.98 25.70 11.81
N ILE B 154 -17.75 25.91 12.86
CA ILE B 154 -17.81 27.20 13.55
C ILE B 154 -16.47 27.76 14.01
N TYR B 155 -15.65 26.90 14.60
CA TYR B 155 -14.36 27.34 15.11
C TYR B 155 -13.21 27.25 14.13
N SER B 156 -13.29 26.33 13.18
CA SER B 156 -12.21 26.19 12.23
C SER B 156 -12.27 27.30 11.18
N ARG B 157 -13.48 27.78 10.88
CA ARG B 157 -13.60 28.85 9.89
C ARG B 157 -13.43 30.22 10.54
N ARG B 158 -12.22 30.46 11.04
CA ARG B 158 -11.83 31.70 11.71
C ARG B 158 -10.32 31.80 11.58
N LEU B 159 -9.75 32.94 11.99
CA LEU B 159 -8.30 33.10 11.98
C LEU B 159 -7.94 32.34 13.25
N GLN B 160 -7.17 31.27 13.10
CA GLN B 160 -6.89 30.43 14.26
C GLN B 160 -5.47 30.05 14.60
N VAL B 161 -5.38 29.30 15.68
CA VAL B 161 -4.14 28.74 16.19
C VAL B 161 -4.58 27.32 16.52
N GLN B 162 -3.89 26.32 15.99
CA GLN B 162 -4.32 24.94 16.18
C GLN B 162 -4.75 24.53 17.58
N GLU B 163 -3.98 24.94 18.59
CA GLU B 163 -4.30 24.57 19.97
C GLU B 163 -5.63 25.14 20.45
N ARG B 164 -5.92 26.37 20.06
CA ARG B 164 -7.15 27.00 20.48
C ARG B 164 -8.31 26.28 19.82
N LEU B 165 -8.19 26.05 18.52
CA LEU B 165 -9.21 25.36 17.76
C LEU B 165 -9.53 24.05 18.44
N THR B 166 -8.50 23.33 18.87
CA THR B 166 -8.67 22.06 19.54
C THR B 166 -9.46 22.18 20.85
N LYS B 167 -9.07 23.13 21.69
CA LYS B 167 -9.75 23.35 22.95
C LYS B 167 -11.20 23.83 22.78
N GLN B 168 -11.45 24.69 21.80
CA GLN B 168 -12.79 25.22 21.60
C GLN B 168 -13.74 24.11 21.17
N ILE B 169 -13.29 23.25 20.28
CA ILE B 169 -14.14 22.14 19.84
C ILE B 169 -14.46 21.23 21.02
N ALA B 170 -13.45 20.95 21.84
CA ALA B 170 -13.63 20.08 23.00
C ALA B 170 -14.60 20.69 24.01
N VAL B 171 -14.39 21.96 24.33
CA VAL B 171 -15.26 22.65 25.27
C VAL B 171 -16.70 22.77 24.75
N ALA B 172 -16.85 23.00 23.45
CA ALA B 172 -18.17 23.12 22.84
C ALA B 172 -18.93 21.80 23.01
N ILE B 173 -18.25 20.69 22.74
CA ILE B 173 -18.88 19.39 22.87
C ILE B 173 -19.25 19.13 24.34
N THR B 174 -18.35 19.52 25.25
CA THR B 174 -18.62 19.33 26.66
C THR B 174 -19.86 20.11 27.10
N GLU B 175 -20.01 21.34 26.59
CA GLU B 175 -21.16 22.14 26.97
C GLU B 175 -22.46 21.66 26.34
N ALA B 176 -22.38 21.10 25.15
CA ALA B 176 -23.58 20.62 24.48
C ALA B 176 -24.04 19.22 24.92
N LEU B 177 -23.24 18.53 25.71
CA LEU B 177 -23.62 17.20 26.14
C LEU B 177 -23.46 16.87 27.63
N GLN B 178 -22.72 17.71 28.36
CA GLN B 178 -22.46 17.43 29.78
C GLN B 178 -22.08 15.95 29.86
N PRO B 179 -21.01 15.55 29.12
CA PRO B 179 -20.56 14.16 29.10
C PRO B 179 -19.59 13.82 30.23
N ALA B 180 -19.30 12.53 30.37
CA ALA B 180 -18.38 12.07 31.38
C ALA B 180 -16.96 12.41 30.95
N GLY B 181 -16.80 12.67 29.65
CA GLY B 181 -15.49 13.01 29.14
C GLY B 181 -15.49 13.18 27.64
N VAL B 182 -14.46 13.83 27.12
CA VAL B 182 -14.36 14.04 25.70
C VAL B 182 -12.91 14.23 25.30
N GLY B 183 -12.59 13.84 24.08
CA GLY B 183 -11.24 14.00 23.60
C GLY B 183 -11.29 14.50 22.18
N VAL B 184 -10.39 15.41 21.84
CA VAL B 184 -10.30 15.95 20.50
C VAL B 184 -8.84 15.93 20.06
N VAL B 185 -8.59 15.40 18.87
CA VAL B 185 -7.23 15.36 18.34
C VAL B 185 -7.23 15.97 16.95
N ILE B 186 -6.31 16.89 16.70
CA ILE B 186 -6.21 17.50 15.40
C ILE B 186 -4.81 17.37 14.83
N GLU B 187 -4.72 16.97 13.57
CA GLU B 187 -3.43 16.87 12.89
C GLU B 187 -3.57 17.75 11.66
N ALA B 188 -2.58 18.60 11.42
CA ALA B 188 -2.68 19.49 10.29
C ALA B 188 -1.34 19.91 9.72
N THR B 189 -1.40 20.33 8.46
CA THR B 189 -0.25 20.81 7.71
C THR B 189 -0.46 22.30 7.55
N HIS B 190 0.56 23.08 7.84
CA HIS B 190 0.44 24.53 7.72
C HIS B 190 1.02 25.05 6.41
N MET B 191 0.14 25.53 5.52
CA MET B 191 0.51 26.07 4.22
C MET B 191 1.56 27.18 4.36
N CYS B 192 1.45 27.98 5.41
CA CYS B 192 2.39 29.08 5.63
C CYS B 192 3.80 28.57 5.89
N MET B 193 3.90 27.31 6.28
CA MET B 193 5.20 26.71 6.55
C MET B 193 5.64 25.92 5.33
N VAL B 194 4.69 25.19 4.74
CA VAL B 194 4.92 24.36 3.55
C VAL B 194 5.45 25.16 2.36
N MET B 195 4.79 26.28 2.08
CA MET B 195 5.19 27.12 0.98
C MET B 195 6.41 27.95 1.32
N ARG B 196 7.35 27.29 1.98
CA ARG B 196 8.62 27.89 2.39
C ARG B 196 9.57 26.70 2.62
N GLY B 197 9.39 25.66 1.79
CA GLY B 197 10.21 24.47 1.89
C GLY B 197 9.43 23.19 1.62
N LYS B 200 8.29 19.82 3.96
CA LYS B 200 7.32 20.51 4.80
C LYS B 200 5.91 19.95 4.60
N MET B 201 5.48 19.84 3.35
CA MET B 201 4.15 19.32 3.03
C MET B 201 3.87 18.03 3.78
N ASN B 202 4.93 17.32 4.13
CA ASN B 202 4.81 16.06 4.84
C ASN B 202 4.81 16.27 6.36
N SER B 203 5.39 17.38 6.81
CA SER B 203 5.43 17.72 8.23
C SER B 203 4.03 18.03 8.80
N LYS B 204 3.69 17.42 9.94
CA LYS B 204 2.37 17.65 10.55
C LYS B 204 2.37 18.02 12.03
N THR B 205 1.43 18.85 12.43
CA THR B 205 1.32 19.26 13.83
C THR B 205 0.14 18.54 14.45
N VAL B 206 0.36 17.92 15.60
CA VAL B 206 -0.71 17.20 16.26
C VAL B 206 -0.99 17.80 17.62
N THR B 207 -2.25 18.17 17.85
CA THR B 207 -2.68 18.77 19.10
C THR B 207 -3.83 17.96 19.67
N SER B 208 -4.04 18.05 20.99
CA SER B 208 -5.11 17.31 21.62
C SER B 208 -5.62 17.99 22.87
N THR B 209 -6.87 17.73 23.21
CA THR B 209 -7.48 18.26 24.41
C THR B 209 -8.28 17.09 24.99
N MET B 210 -7.96 16.71 26.23
CA MET B 210 -8.64 15.61 26.91
C MET B 210 -9.30 16.09 28.19
N LEU B 211 -10.64 16.02 28.23
CA LEU B 211 -11.41 16.46 29.39
C LEU B 211 -12.12 15.30 30.06
N GLY B 212 -12.41 15.45 31.35
CA GLY B 212 -13.11 14.40 32.08
C GLY B 212 -12.35 13.10 32.15
N VAL B 213 -13.06 11.98 31.98
CA VAL B 213 -12.40 10.68 32.03
C VAL B 213 -11.32 10.52 30.97
N PHE B 214 -11.39 11.28 29.88
CA PHE B 214 -10.37 11.19 28.85
C PHE B 214 -9.07 11.74 29.42
N ARG B 215 -9.18 12.63 30.39
CA ARG B 215 -8.01 13.21 31.01
C ARG B 215 -7.53 12.37 32.18
N GLU B 216 -8.46 11.97 33.05
CA GLU B 216 -8.11 11.22 34.26
C GLU B 216 -7.92 9.71 34.14
N ASP B 217 -8.53 9.09 33.14
CA ASP B 217 -8.39 7.64 32.96
C ASP B 217 -7.50 7.30 31.77
N PRO B 218 -6.26 6.85 32.03
CA PRO B 218 -5.34 6.50 30.95
C PRO B 218 -5.88 5.45 30.01
N LYS B 219 -6.72 4.55 30.53
CA LYS B 219 -7.26 3.48 29.70
C LYS B 219 -8.21 4.02 28.65
N THR B 220 -9.02 5.01 29.02
CA THR B 220 -9.95 5.63 28.07
C THR B 220 -9.17 6.39 26.98
N ARG B 221 -8.14 7.12 27.40
CA ARG B 221 -7.30 7.89 26.52
C ARG B 221 -6.67 6.92 25.49
N GLU B 222 -6.05 5.85 25.99
CA GLU B 222 -5.41 4.84 25.12
C GLU B 222 -6.40 4.24 24.11
N GLU B 223 -7.56 3.82 24.59
CA GLU B 223 -8.57 3.24 23.73
C GLU B 223 -8.99 4.23 22.65
N PHE B 224 -9.18 5.48 23.04
CA PHE B 224 -9.56 6.50 22.08
C PHE B 224 -8.50 6.64 21.01
N LEU B 225 -7.24 6.73 21.42
CA LEU B 225 -6.14 6.87 20.46
C LEU B 225 -5.97 5.61 19.61
N THR B 226 -6.37 4.46 20.14
CA THR B 226 -6.26 3.21 19.40
C THR B 226 -7.30 3.16 18.29
N LEU B 227 -8.53 3.56 18.63
CA LEU B 227 -9.64 3.54 17.71
C LEU B 227 -9.59 4.62 16.63
N ILE B 228 -8.73 5.62 16.79
CA ILE B 228 -8.66 6.67 15.76
C ILE B 228 -7.41 6.50 14.93
N ARG B 229 -6.33 6.05 15.54
CA ARG B 229 -5.07 5.86 14.83
C ARG B 229 -5.11 4.54 14.08
N SER B 230 -5.97 4.50 13.07
CA SER B 230 -6.14 3.32 12.24
C SER B 230 -5.63 3.58 10.82
N ARG C 37 32.51 31.91 19.88
CA ARG C 37 32.06 32.88 18.84
C ARG C 37 31.46 32.15 17.63
N PRO C 38 30.21 32.47 17.26
CA PRO C 38 29.58 31.82 16.10
C PRO C 38 30.25 32.23 14.80
N ARG C 39 30.26 31.33 13.82
CA ARG C 39 30.87 31.61 12.53
C ARG C 39 30.15 32.80 11.90
N SER C 40 30.87 33.58 11.11
CA SER C 40 30.28 34.76 10.48
C SER C 40 30.37 34.74 8.96
N GLU C 41 29.61 35.60 8.30
CA GLU C 41 29.63 35.68 6.85
C GLU C 41 31.01 36.05 6.35
N GLU C 42 31.76 36.79 7.16
CA GLU C 42 33.11 37.19 6.80
C GLU C 42 33.97 35.93 6.76
N ASP C 43 33.86 35.13 7.81
CA ASP C 43 34.62 33.89 7.91
C ASP C 43 34.46 33.07 6.63
N ASN C 44 33.22 32.93 6.16
CA ASN C 44 32.95 32.16 4.95
C ASN C 44 33.70 32.72 3.75
N GLU C 45 33.61 34.04 3.56
CA GLU C 45 34.29 34.68 2.45
C GLU C 45 35.81 34.50 2.53
N LEU C 46 36.35 34.62 3.74
CA LEU C 46 37.78 34.47 3.94
C LEU C 46 38.24 33.02 3.79
N ASN C 47 37.38 32.07 4.13
CA ASN C 47 37.74 30.67 4.03
C ASN C 47 37.36 29.97 2.73
N LEU C 48 36.47 30.57 1.96
CA LEU C 48 36.04 29.93 0.72
C LEU C 48 37.23 29.51 -0.12
N PRO C 49 38.21 30.40 -0.31
CA PRO C 49 39.39 30.07 -1.11
C PRO C 49 40.19 28.89 -0.56
N ASN C 50 40.27 28.79 0.75
CA ASN C 50 41.00 27.68 1.38
C ASN C 50 40.26 26.38 1.09
N LEU C 51 38.95 26.41 1.28
CA LEU C 51 38.10 25.26 1.02
C LEU C 51 38.27 24.85 -0.45
N ALA C 52 38.09 25.82 -1.34
CA ALA C 52 38.21 25.59 -2.77
C ALA C 52 39.52 24.89 -3.10
N ALA C 53 40.59 25.43 -2.53
CA ALA C 53 41.92 24.88 -2.73
C ALA C 53 42.00 23.43 -2.28
N ALA C 54 41.47 23.16 -1.09
CA ALA C 54 41.48 21.80 -0.54
C ALA C 54 40.76 20.83 -1.45
N TYR C 55 39.59 21.23 -1.94
CA TYR C 55 38.82 20.37 -2.84
C TYR C 55 39.54 20.15 -4.16
N SER C 56 40.20 21.19 -4.66
CA SER C 56 40.95 21.06 -5.91
C SER C 56 42.05 20.04 -5.69
N SER C 57 42.64 20.07 -4.51
CA SER C 57 43.70 19.15 -4.15
C SER C 57 43.15 17.72 -4.11
N ILE C 58 41.98 17.58 -3.49
CA ILE C 58 41.31 16.27 -3.38
C ILE C 58 41.01 15.72 -4.77
N LEU C 59 40.55 16.58 -5.67
CA LEU C 59 40.27 16.15 -7.02
C LEU C 59 41.51 15.49 -7.63
N ARG C 60 42.66 16.12 -7.45
CA ARG C 60 43.93 15.59 -7.98
C ARG C 60 44.30 14.30 -7.30
N SER C 61 44.20 14.28 -5.98
CA SER C 61 44.55 13.10 -5.21
C SER C 61 43.71 11.89 -5.54
N LEU C 62 42.56 12.10 -6.18
CA LEU C 62 41.68 11.00 -6.53
C LEU C 62 42.02 10.43 -7.91
N GLY C 63 42.75 11.21 -8.70
CA GLY C 63 43.13 10.75 -10.02
C GLY C 63 42.39 11.50 -11.09
N GLU C 64 41.64 12.52 -10.70
CA GLU C 64 40.87 13.30 -11.66
C GLU C 64 41.62 14.51 -12.17
N ASP C 65 41.08 15.12 -13.21
CA ASP C 65 41.67 16.30 -13.82
C ASP C 65 40.85 17.54 -13.47
N PRO C 66 41.31 18.33 -12.50
CA PRO C 66 40.62 19.54 -12.07
C PRO C 66 40.38 20.50 -13.24
N GLN C 67 40.96 20.18 -14.39
CA GLN C 67 40.82 21.01 -15.58
C GLN C 67 39.63 20.67 -16.48
N ARG C 68 39.09 19.46 -16.37
CA ARG C 68 37.92 19.08 -17.17
C ARG C 68 36.85 20.16 -17.06
N GLN C 69 36.14 20.40 -18.16
CA GLN C 69 35.10 21.41 -18.12
C GLN C 69 34.14 21.11 -16.98
N GLY C 70 33.82 19.84 -16.79
CA GLY C 70 32.91 19.45 -15.74
C GLY C 70 33.42 19.62 -14.32
N LEU C 71 34.73 19.74 -14.16
CA LEU C 71 35.32 19.91 -12.83
C LEU C 71 35.81 21.32 -12.51
N LEU C 72 36.00 22.15 -13.52
CA LEU C 72 36.49 23.50 -13.33
C LEU C 72 35.95 24.26 -12.13
N LYS C 73 34.63 24.39 -12.04
CA LYS C 73 34.03 25.13 -10.91
C LYS C 73 33.73 24.25 -9.70
N THR C 74 34.06 22.97 -9.76
CA THR C 74 33.76 22.08 -8.66
C THR C 74 34.36 22.48 -7.31
N PRO C 75 35.62 22.93 -7.30
CA PRO C 75 36.20 23.32 -6.01
C PRO C 75 35.39 24.37 -5.25
N TRP C 76 34.79 25.30 -5.99
CA TRP C 76 33.98 26.33 -5.35
C TRP C 76 32.58 25.82 -5.01
N ARG C 77 31.99 25.06 -5.91
CA ARG C 77 30.67 24.52 -5.68
C ARG C 77 30.67 23.55 -4.52
N ALA C 78 31.74 22.79 -4.39
CA ALA C 78 31.86 21.83 -3.30
C ALA C 78 32.05 22.59 -2.00
N ALA C 79 32.90 23.61 -2.04
CA ALA C 79 33.19 24.43 -0.86
C ALA C 79 31.95 25.15 -0.38
N THR C 80 31.20 25.74 -1.32
CA THR C 80 29.97 26.43 -0.95
C THR C 80 29.00 25.43 -0.36
N ALA C 81 28.82 24.30 -1.04
CA ALA C 81 27.92 23.27 -0.57
C ALA C 81 28.29 22.88 0.86
N MET C 82 29.58 22.66 1.10
CA MET C 82 30.00 22.25 2.44
C MET C 82 29.73 23.33 3.48
N GLN C 83 29.75 24.59 3.06
CA GLN C 83 29.50 25.69 3.99
C GLN C 83 28.01 25.75 4.30
N PHE C 84 27.20 25.37 3.33
CA PHE C 84 25.76 25.37 3.49
C PHE C 84 25.38 24.28 4.49
N PHE C 85 25.97 23.10 4.30
CA PHE C 85 25.69 21.97 5.19
C PHE C 85 26.11 22.25 6.63
N THR C 86 27.06 23.18 6.81
CA THR C 86 27.52 23.48 8.16
C THR C 86 27.16 24.89 8.62
N LYS C 87 26.21 25.53 7.94
CA LYS C 87 25.83 26.88 8.31
C LYS C 87 25.21 27.02 9.70
N GLY C 88 24.94 25.90 10.36
CA GLY C 88 24.36 25.96 11.70
C GLY C 88 25.35 26.46 12.73
N TYR C 89 26.62 26.49 12.35
CA TYR C 89 27.67 26.96 13.25
C TYR C 89 27.63 28.47 13.44
N GLN C 90 27.12 29.16 12.43
CA GLN C 90 27.02 30.61 12.48
C GLN C 90 25.73 31.12 13.13
N GLU C 91 25.14 30.29 13.99
CA GLU C 91 23.90 30.69 14.68
C GLU C 91 23.86 30.13 16.09
N THR C 92 22.92 30.63 16.88
CA THR C 92 22.72 30.20 18.26
C THR C 92 21.24 30.22 18.59
N ILE C 93 20.82 29.43 19.57
CA ILE C 93 19.42 29.37 19.96
C ILE C 93 18.90 30.76 20.34
N SER C 94 19.80 31.62 20.78
CA SER C 94 19.46 32.98 21.18
C SER C 94 18.77 33.76 20.05
N ASP C 95 19.36 33.71 18.87
CA ASP C 95 18.83 34.41 17.69
C ASP C 95 17.38 34.01 17.40
N VAL C 96 16.97 32.88 17.96
CA VAL C 96 15.61 32.38 17.77
C VAL C 96 14.74 32.60 19.00
N LEU C 97 15.33 32.38 20.18
CA LEU C 97 14.68 32.48 21.47
C LEU C 97 13.52 33.50 21.60
N ASN C 98 13.87 34.77 21.79
CA ASN C 98 12.89 35.86 21.94
C ASN C 98 11.68 35.88 20.99
N ASP C 99 11.96 36.09 19.70
CA ASP C 99 10.96 36.16 18.63
C ASP C 99 9.54 35.65 18.88
N ALA C 100 9.21 34.50 18.28
CA ALA C 100 7.87 33.91 18.39
C ALA C 100 7.62 32.88 19.49
N ILE C 101 7.08 33.36 20.61
CA ILE C 101 6.68 32.53 21.77
C ILE C 101 5.40 33.16 22.33
N PHE C 102 4.27 32.78 21.73
CA PHE C 102 2.96 33.28 22.14
C PHE C 102 2.43 32.49 23.33
N ASP C 103 1.57 33.12 24.14
CA ASP C 103 1.03 32.43 25.30
C ASP C 103 -0.46 32.17 25.14
N GLU C 104 -0.79 30.97 24.69
CA GLU C 104 -2.20 30.61 24.54
C GLU C 104 -2.59 29.87 25.79
N ASP C 105 -1.77 30.06 26.82
CA ASP C 105 -2.02 29.42 28.11
C ASP C 105 -2.39 27.96 27.82
N HIS C 106 -1.61 27.31 26.96
CA HIS C 106 -1.87 25.91 26.64
C HIS C 106 -1.07 25.03 27.59
N ASP C 107 -1.68 23.95 28.07
CA ASP C 107 -0.99 23.06 28.99
C ASP C 107 -1.12 21.59 28.66
N GLU C 108 -1.34 21.28 27.38
CA GLU C 108 -1.48 19.90 26.92
C GLU C 108 -0.47 19.62 25.81
N MET C 109 -0.16 18.34 25.62
CA MET C 109 0.85 17.94 24.63
C MET C 109 0.70 18.49 23.21
N VAL C 110 1.79 19.03 22.70
CA VAL C 110 1.82 19.55 21.34
C VAL C 110 2.88 18.73 20.62
N ILE C 111 2.59 18.31 19.40
CA ILE C 111 3.52 17.50 18.63
C ILE C 111 3.71 18.01 17.20
N VAL C 112 4.93 17.95 16.73
CA VAL C 112 5.26 18.31 15.36
C VAL C 112 6.10 17.16 14.87
N LYS C 113 5.54 16.37 13.96
CA LYS C 113 6.24 15.22 13.47
C LYS C 113 6.59 15.29 12.00
N ASP C 114 7.41 14.33 11.58
CA ASP C 114 7.88 14.19 10.21
C ASP C 114 8.60 15.42 9.70
N ILE C 115 9.44 15.99 10.55
CA ILE C 115 10.23 17.15 10.17
C ILE C 115 11.46 16.62 9.47
N ASP C 116 11.62 16.92 8.19
CA ASP C 116 12.78 16.44 7.45
C ASP C 116 14.05 17.07 7.98
N MET C 117 15.11 16.29 8.08
CA MET C 117 16.36 16.84 8.55
C MET C 117 17.53 16.22 7.80
N PHE C 118 18.51 17.07 7.50
CA PHE C 118 19.68 16.62 6.77
C PHE C 118 20.88 17.05 7.58
N SER C 119 21.79 16.13 7.83
CA SER C 119 22.99 16.43 8.60
C SER C 119 24.20 15.79 7.97
N MET C 120 25.34 15.97 8.62
CA MET C 120 26.61 15.43 8.15
C MET C 120 27.25 14.59 9.23
N CYS C 121 27.65 13.38 8.84
CA CYS C 121 28.32 12.48 9.77
C CYS C 121 29.68 13.14 10.08
N GLU C 122 30.00 13.33 11.36
CA GLU C 122 31.26 13.97 11.71
C GLU C 122 32.47 13.04 11.59
N HIS C 123 32.22 11.75 11.38
CA HIS C 123 33.30 10.77 11.23
C HIS C 123 33.78 10.60 9.80
N HIS C 124 32.86 10.67 8.83
CA HIS C 124 33.22 10.50 7.42
C HIS C 124 32.91 11.69 6.54
N LEU C 125 32.20 12.66 7.09
CA LEU C 125 31.81 13.86 6.36
C LEU C 125 30.91 13.49 5.20
N VAL C 126 30.04 12.51 5.44
CA VAL C 126 29.07 12.05 4.45
C VAL C 126 27.73 12.35 5.13
N PRO C 127 26.72 12.80 4.38
CA PRO C 127 25.45 13.07 5.05
C PRO C 127 24.57 11.92 5.52
N PHE C 128 23.89 12.13 6.65
CA PHE C 128 22.90 11.18 7.14
C PHE C 128 21.59 11.98 7.16
N VAL C 129 20.56 11.39 6.54
CA VAL C 129 19.26 12.02 6.38
C VAL C 129 18.12 11.30 7.09
N GLY C 130 17.07 12.05 7.40
CA GLY C 130 15.93 11.45 8.08
C GLY C 130 14.83 12.43 8.51
N ARG C 131 14.14 12.07 9.59
CA ARG C 131 13.03 12.87 10.10
C ARG C 131 13.19 13.09 11.59
N VAL C 132 12.68 14.21 12.08
CA VAL C 132 12.72 14.52 13.51
C VAL C 132 11.27 14.61 13.99
N HIS C 133 10.99 14.08 15.18
CA HIS C 133 9.64 14.14 15.75
C HIS C 133 9.77 14.78 17.12
N ILE C 134 9.00 15.84 17.33
CA ILE C 134 9.08 16.57 18.57
C ILE C 134 7.76 16.63 19.30
N GLY C 135 7.83 16.63 20.62
CA GLY C 135 6.64 16.71 21.44
C GLY C 135 7.01 17.42 22.72
N TYR C 136 6.07 18.16 23.30
CA TYR C 136 6.34 18.83 24.56
C TYR C 136 5.06 19.13 25.30
N LEU C 137 5.16 19.20 26.62
CA LEU C 137 4.01 19.52 27.46
C LEU C 137 4.23 20.94 27.92
N PRO C 138 3.62 21.91 27.22
CA PRO C 138 3.79 23.32 27.58
C PRO C 138 3.40 23.71 29.01
N ASN C 139 4.10 24.71 29.51
CA ASN C 139 3.83 25.25 30.82
C ASN C 139 3.43 26.66 30.48
N LYS C 140 2.32 26.74 29.73
CA LYS C 140 1.72 27.96 29.23
C LYS C 140 2.36 28.42 27.93
N GLN C 141 3.69 28.37 27.85
CA GLN C 141 4.40 28.80 26.64
C GLN C 141 4.45 27.78 25.50
N VAL C 142 4.04 28.23 24.33
CA VAL C 142 4.03 27.39 23.13
C VAL C 142 5.08 27.90 22.14
N LEU C 143 5.60 27.01 21.31
CA LEU C 143 6.63 27.37 20.33
C LEU C 143 6.08 27.42 18.91
N GLY C 144 6.41 28.47 18.16
CA GLY C 144 5.94 28.56 16.79
C GLY C 144 6.64 27.57 15.87
N LEU C 145 5.97 27.15 14.81
CA LEU C 145 6.56 26.20 13.87
C LEU C 145 7.85 26.71 13.29
N SER C 146 7.84 28.00 12.95
CA SER C 146 8.99 28.68 12.36
C SER C 146 10.23 28.56 13.26
N LYS C 147 10.06 28.85 14.55
CA LYS C 147 11.16 28.77 15.49
C LYS C 147 11.60 27.32 15.67
N LEU C 148 10.64 26.42 15.78
CA LEU C 148 10.94 25.01 15.97
C LEU C 148 11.84 24.57 14.84
N ALA C 149 11.42 24.87 13.61
CA ALA C 149 12.18 24.51 12.43
C ALA C 149 13.60 25.03 12.52
N ARG C 150 13.72 26.31 12.87
CA ARG C 150 15.01 26.97 12.98
C ARG C 150 15.90 26.25 13.98
N ILE C 151 15.32 25.81 15.10
CA ILE C 151 16.08 25.07 16.09
C ILE C 151 16.66 23.78 15.50
N VAL C 152 15.83 23.03 14.77
CA VAL C 152 16.30 21.80 14.16
C VAL C 152 17.38 22.10 13.13
N GLU C 153 17.20 23.20 12.41
CA GLU C 153 18.13 23.62 11.37
C GLU C 153 19.51 23.96 11.95
N ILE C 154 19.52 24.70 13.06
CA ILE C 154 20.76 25.13 13.71
C ILE C 154 21.68 24.00 14.13
N TYR C 155 21.12 22.94 14.70
CA TYR C 155 21.92 21.82 15.15
C TYR C 155 22.16 20.73 14.11
N SER C 156 21.24 20.57 13.17
CA SER C 156 21.42 19.52 12.16
C SER C 156 22.44 19.95 11.10
N ARG C 157 22.50 21.23 10.78
CA ARG C 157 23.47 21.69 9.79
C ARG C 157 24.86 21.94 10.41
N ARG C 158 25.48 20.84 10.87
CA ARG C 158 26.78 20.86 11.50
C ARG C 158 27.33 19.47 11.33
N LEU C 159 28.59 19.25 11.74
CA LEU C 159 29.15 17.92 11.67
C LEU C 159 28.54 17.30 12.91
N GLN C 160 27.76 16.24 12.74
CA GLN C 160 27.07 15.67 13.89
C GLN C 160 27.16 14.18 14.15
N VAL C 161 26.54 13.83 15.27
CA VAL C 161 26.42 12.46 15.76
C VAL C 161 24.93 12.46 16.13
N GLN C 162 24.18 11.50 15.57
CA GLN C 162 22.74 11.47 15.79
C GLN C 162 22.24 11.65 17.22
N GLU C 163 22.94 11.04 18.19
CA GLU C 163 22.53 11.19 19.59
C GLU C 163 22.73 12.61 20.10
N ARG C 164 23.80 13.27 19.67
CA ARG C 164 24.04 14.62 20.13
C ARG C 164 22.99 15.54 19.54
N LEU C 165 22.75 15.40 18.25
CA LEU C 165 21.75 16.22 17.57
C LEU C 165 20.42 16.11 18.32
N THR C 166 20.04 14.89 18.67
CA THR C 166 18.81 14.62 19.38
C THR C 166 18.73 15.39 20.71
N LYS C 167 19.75 15.23 21.54
CA LYS C 167 19.80 15.91 22.84
C LYS C 167 19.82 17.44 22.70
N GLN C 168 20.57 17.95 21.73
CA GLN C 168 20.65 19.39 21.56
C GLN C 168 19.30 20.01 21.25
N ILE C 169 18.55 19.37 20.34
CA ILE C 169 17.23 19.87 19.98
C ILE C 169 16.31 19.80 21.23
N ALA C 170 16.35 18.69 21.96
CA ALA C 170 15.53 18.56 23.16
C ALA C 170 15.83 19.63 24.20
N VAL C 171 17.11 19.87 24.45
CA VAL C 171 17.53 20.86 25.43
C VAL C 171 17.22 22.27 24.97
N ALA C 172 17.35 22.52 23.67
CA ALA C 172 17.06 23.85 23.13
C ALA C 172 15.60 24.17 23.40
N ILE C 173 14.72 23.23 23.08
CA ILE C 173 13.29 23.39 23.28
C ILE C 173 13.00 23.62 24.76
N THR C 174 13.69 22.87 25.61
CA THR C 174 13.48 23.02 27.05
C THR C 174 13.84 24.42 27.54
N GLU C 175 14.96 24.95 27.05
CA GLU C 175 15.37 26.29 27.47
C GLU C 175 14.51 27.39 26.88
N ALA C 176 13.91 27.14 25.71
CA ALA C 176 13.07 28.14 25.07
C ALA C 176 11.64 28.19 25.59
N LEU C 177 11.21 27.15 26.31
CA LEU C 177 9.84 27.13 26.80
C LEU C 177 9.65 26.82 28.28
N GLN C 178 10.69 26.32 28.94
CA GLN C 178 10.56 25.94 30.35
C GLN C 178 9.28 25.13 30.46
N PRO C 179 9.17 24.03 29.68
CA PRO C 179 7.98 23.19 29.71
C PRO C 179 8.00 22.12 30.79
N ALA C 180 6.88 21.43 30.94
CA ALA C 180 6.78 20.38 31.93
C ALA C 180 7.54 19.14 31.43
N GLY C 181 7.79 19.08 30.13
CA GLY C 181 8.51 17.94 29.59
C GLY C 181 8.62 18.04 28.08
N VAL C 182 9.56 17.30 27.53
CA VAL C 182 9.74 17.33 26.08
C VAL C 182 10.36 16.02 25.62
N GLY C 183 10.04 15.65 24.39
CA GLY C 183 10.58 14.43 23.82
C GLY C 183 10.98 14.67 22.39
N VAL C 184 12.11 14.09 22.00
CA VAL C 184 12.59 14.24 20.64
C VAL C 184 13.01 12.86 20.13
N VAL C 185 12.57 12.53 18.92
CA VAL C 185 12.90 11.26 18.32
C VAL C 185 13.40 11.52 16.92
N ILE C 186 14.52 10.90 16.56
CA ILE C 186 15.07 11.06 15.23
C ILE C 186 15.34 9.71 14.62
N GLU C 187 14.92 9.53 13.38
CA GLU C 187 15.19 8.30 12.67
C GLU C 187 15.96 8.75 11.43
N ALA C 188 17.05 8.06 11.12
CA ALA C 188 17.85 8.47 9.98
C ALA C 188 18.59 7.36 9.29
N THR C 189 19.02 7.65 8.07
CA THR C 189 19.78 6.72 7.26
C THR C 189 21.14 7.38 7.06
N HIS C 190 22.19 6.62 7.33
CA HIS C 190 23.54 7.16 7.17
C HIS C 190 24.14 6.78 5.83
N MET C 191 24.36 7.79 4.98
CA MET C 191 24.91 7.59 3.65
C MET C 191 26.29 6.95 3.69
N CYS C 192 27.05 7.26 4.73
CA CYS C 192 28.39 6.72 4.88
C CYS C 192 28.33 5.20 5.09
N MET C 193 27.18 4.72 5.56
CA MET C 193 27.01 3.31 5.77
C MET C 193 26.35 2.69 4.54
N VAL C 194 25.36 3.40 3.99
CA VAL C 194 24.60 2.96 2.81
C VAL C 194 25.49 2.74 1.60
N MET C 195 26.37 3.70 1.33
CA MET C 195 27.25 3.61 0.18
C MET C 195 28.41 2.65 0.41
N ARG C 196 28.12 1.57 1.13
CA ARG C 196 29.08 0.51 1.45
C ARG C 196 28.23 -0.75 1.65
N GLY C 197 27.20 -0.87 0.83
CA GLY C 197 26.32 -2.02 0.91
C GLY C 197 24.85 -1.63 0.73
N LYS C 200 21.34 -1.68 3.14
CA LYS C 200 21.72 -0.58 4.02
C LYS C 200 20.77 0.60 3.90
N MET C 201 20.48 1.02 2.66
CA MET C 201 19.58 2.14 2.40
C MET C 201 18.29 2.00 3.20
N ASN C 202 17.97 0.75 3.54
CA ASN C 202 16.77 0.45 4.31
C ASN C 202 17.02 0.49 5.82
N SER C 203 18.26 0.23 6.21
CA SER C 203 18.66 0.25 7.62
C SER C 203 18.50 1.64 8.22
N LYS C 204 17.87 1.74 9.39
CA LYS C 204 17.65 3.03 10.03
C LYS C 204 18.01 3.09 11.51
N THR C 205 18.56 4.23 11.91
CA THR C 205 18.95 4.45 13.31
C THR C 205 17.92 5.35 13.98
N VAL C 206 17.46 4.92 15.15
CA VAL C 206 16.48 5.68 15.89
C VAL C 206 17.04 6.07 17.25
N THR C 207 17.04 7.36 17.53
CA THR C 207 17.53 7.88 18.79
C THR C 207 16.45 8.73 19.43
N SER C 208 16.50 8.89 20.74
CA SER C 208 15.50 9.67 21.45
C SER C 208 16.03 10.30 22.73
N THR C 209 15.43 11.42 23.12
CA THR C 209 15.79 12.12 24.35
C THR C 209 14.46 12.48 24.98
N MET C 210 14.24 12.01 26.20
CA MET C 210 13.00 12.29 26.91
C MET C 210 13.30 13.03 28.20
N LEU C 211 12.81 14.26 28.31
CA LEU C 211 13.02 15.08 29.49
C LEU C 211 11.70 15.32 30.23
N GLY C 212 11.81 15.63 31.52
CA GLY C 212 10.66 15.91 32.35
C GLY C 212 9.64 14.82 32.40
N VAL C 213 8.36 15.18 32.30
CA VAL C 213 7.29 14.17 32.35
C VAL C 213 7.47 13.12 31.25
N PHE C 214 8.11 13.50 30.15
CA PHE C 214 8.35 12.56 29.06
C PHE C 214 9.27 11.46 29.53
N ARG C 215 10.13 11.78 30.49
CA ARG C 215 11.06 10.81 31.05
C ARG C 215 10.43 10.03 32.19
N GLU C 216 9.83 10.74 33.14
CA GLU C 216 9.23 10.12 34.33
C GLU C 216 7.86 9.45 34.21
N ASP C 217 7.06 9.89 33.24
CA ASP C 217 5.71 9.32 33.07
C ASP C 217 5.60 8.44 31.85
N PRO C 218 5.53 7.12 32.07
CA PRO C 218 5.44 6.17 30.95
C PRO C 218 4.20 6.37 30.09
N LYS C 219 3.16 6.95 30.65
CA LYS C 219 1.94 7.19 29.90
C LYS C 219 2.15 8.29 28.88
N THR C 220 2.81 9.37 29.29
CA THR C 220 3.08 10.49 28.39
C THR C 220 3.99 10.03 27.25
N ARG C 221 4.99 9.23 27.61
CA ARG C 221 5.94 8.68 26.67
C ARG C 221 5.23 7.79 25.63
N GLU C 222 4.33 6.93 26.12
CA GLU C 222 3.56 6.03 25.25
C GLU C 222 2.66 6.81 24.28
N GLU C 223 1.94 7.78 24.81
CA GLU C 223 1.04 8.60 24.00
C GLU C 223 1.83 9.31 22.90
N PHE C 224 2.98 9.88 23.27
CA PHE C 224 3.83 10.59 22.32
C PHE C 224 4.24 9.63 21.21
N LEU C 225 4.77 8.46 21.59
CA LEU C 225 5.19 7.48 20.60
C LEU C 225 4.03 6.99 19.72
N THR C 226 2.82 6.99 20.28
CA THR C 226 1.63 6.56 19.54
C THR C 226 1.21 7.62 18.52
N LEU C 227 1.20 8.88 18.97
CA LEU C 227 0.81 9.98 18.10
C LEU C 227 1.81 10.29 16.98
N ILE C 228 3.04 9.78 17.08
CA ILE C 228 4.02 10.04 16.02
C ILE C 228 4.22 8.83 15.11
N ARG C 229 4.13 7.64 15.68
CA ARG C 229 4.33 6.42 14.92
C ARG C 229 3.04 6.08 14.21
N SER C 230 2.72 6.90 13.22
CA SER C 230 1.52 6.74 12.42
C SER C 230 1.88 6.37 10.98
N ARG D 37 40.73 -21.73 17.82
CA ARG D 37 41.49 -21.02 16.75
C ARG D 37 40.59 -20.65 15.56
N PRO D 38 40.45 -19.35 15.27
CA PRO D 38 39.61 -18.93 14.15
C PRO D 38 40.19 -19.41 12.82
N ARG D 39 39.30 -19.64 11.84
CA ARG D 39 39.71 -20.10 10.51
C ARG D 39 40.63 -19.05 9.89
N SER D 40 41.59 -19.47 9.07
CA SER D 40 42.51 -18.52 8.45
C SER D 40 42.48 -18.62 6.93
N GLU D 41 43.01 -17.60 6.26
CA GLU D 41 43.04 -17.58 4.81
C GLU D 41 43.79 -18.79 4.26
N GLU D 42 44.74 -19.30 5.03
CA GLU D 42 45.51 -20.46 4.61
C GLU D 42 44.57 -21.64 4.56
N ASP D 43 43.79 -21.82 5.63
CA ASP D 43 42.84 -22.91 5.72
C ASP D 43 41.96 -22.97 4.47
N ASN D 44 41.47 -21.80 4.05
CA ASN D 44 40.62 -21.74 2.86
C ASN D 44 41.33 -22.25 1.63
N GLU D 45 42.56 -21.78 1.43
CA GLU D 45 43.36 -22.19 0.27
C GLU D 45 43.66 -23.70 0.31
N LEU D 46 43.95 -24.22 1.50
CA LEU D 46 44.26 -25.63 1.65
C LEU D 46 43.01 -26.50 1.50
N ASN D 47 41.85 -25.94 1.87
CA ASN D 47 40.61 -26.69 1.80
C ASN D 47 39.79 -26.53 0.54
N LEU D 48 40.04 -25.45 -0.22
CA LEU D 48 39.28 -25.22 -1.43
C LEU D 48 39.20 -26.47 -2.30
N PRO D 49 40.35 -27.13 -2.55
CA PRO D 49 40.35 -28.34 -3.37
C PRO D 49 39.48 -29.46 -2.82
N ASN D 50 39.48 -29.60 -1.50
CA ASN D 50 38.66 -30.61 -0.86
C ASN D 50 37.18 -30.29 -1.09
N LEU D 51 36.81 -29.03 -0.89
CA LEU D 51 35.44 -28.61 -1.10
C LEU D 51 35.08 -28.85 -2.55
N ALA D 52 35.92 -28.33 -3.44
CA ALA D 52 35.69 -28.48 -4.86
C ALA D 52 35.41 -29.94 -5.21
N ALA D 53 36.25 -30.83 -4.69
CA ALA D 53 36.10 -32.26 -4.95
C ALA D 53 34.74 -32.79 -4.48
N ALA D 54 34.34 -32.42 -3.26
CA ALA D 54 33.07 -32.85 -2.70
C ALA D 54 31.92 -32.40 -3.58
N TYR D 55 31.95 -31.15 -4.01
CA TYR D 55 30.88 -30.68 -4.87
C TYR D 55 30.86 -31.41 -6.20
N SER D 56 32.04 -31.69 -6.76
CA SER D 56 32.10 -32.39 -8.03
C SER D 56 31.48 -33.77 -7.85
N SER D 57 31.70 -34.35 -6.68
CA SER D 57 31.16 -35.65 -6.36
C SER D 57 29.64 -35.54 -6.29
N ILE D 58 29.18 -34.49 -5.62
CA ILE D 58 27.74 -34.22 -5.46
C ILE D 58 27.09 -34.06 -6.84
N LEU D 59 27.76 -33.37 -7.75
CA LEU D 59 27.21 -33.20 -9.09
C LEU D 59 26.92 -34.56 -9.72
N ARG D 60 27.90 -35.47 -9.64
CA ARG D 60 27.72 -36.81 -10.20
C ARG D 60 26.59 -37.55 -9.49
N SER D 61 26.62 -37.53 -8.16
CA SER D 61 25.60 -38.21 -7.38
C SER D 61 24.18 -37.74 -7.67
N LEU D 62 24.06 -36.56 -8.29
CA LEU D 62 22.73 -36.02 -8.60
C LEU D 62 22.25 -36.49 -9.96
N GLY D 63 23.18 -36.97 -10.76
CA GLY D 63 22.81 -37.44 -12.08
C GLY D 63 23.26 -36.46 -13.14
N GLU D 64 24.01 -35.45 -12.72
CA GLU D 64 24.49 -34.44 -13.66
C GLU D 64 25.84 -34.80 -14.25
N ASP D 65 26.26 -34.03 -15.26
CA ASP D 65 27.54 -34.25 -15.92
C ASP D 65 28.50 -33.12 -15.56
N PRO D 66 29.43 -33.39 -14.63
CA PRO D 66 30.41 -32.39 -14.19
C PRO D 66 31.19 -31.81 -15.34
N GLN D 67 31.03 -32.41 -16.53
CA GLN D 67 31.74 -31.96 -17.72
C GLN D 67 31.02 -30.90 -18.55
N ARG D 68 29.70 -30.76 -18.40
CA ARG D 68 28.97 -29.74 -19.15
C ARG D 68 29.71 -28.42 -19.04
N GLN D 69 29.66 -27.60 -20.08
CA GLN D 69 30.35 -26.32 -20.02
C GLN D 69 29.82 -25.54 -18.83
N GLY D 70 28.51 -25.60 -18.64
CA GLY D 70 27.89 -24.87 -17.54
C GLY D 70 28.26 -25.36 -16.15
N LEU D 71 28.76 -26.59 -16.06
CA LEU D 71 29.12 -27.15 -14.76
C LEU D 71 30.61 -27.22 -14.47
N LEU D 72 31.44 -27.09 -15.51
CA LEU D 72 32.88 -27.17 -15.35
C LEU D 72 33.48 -26.45 -14.16
N LYS D 73 33.24 -25.15 -14.05
CA LYS D 73 33.79 -24.40 -12.93
C LYS D 73 32.94 -24.46 -11.67
N THR D 74 31.78 -25.11 -11.75
CA THR D 74 30.88 -25.18 -10.61
C THR D 74 31.46 -25.64 -9.29
N PRO D 75 32.26 -26.70 -9.29
CA PRO D 75 32.83 -27.19 -8.03
C PRO D 75 33.62 -26.13 -7.26
N TRP D 76 34.28 -25.23 -7.97
CA TRP D 76 35.07 -24.18 -7.32
C TRP D 76 34.18 -23.02 -6.93
N ARG D 77 33.24 -22.68 -7.80
CA ARG D 77 32.36 -21.58 -7.52
C ARG D 77 31.49 -21.93 -6.34
N ALA D 78 31.10 -23.21 -6.24
CA ALA D 78 30.27 -23.65 -5.14
C ALA D 78 31.10 -23.64 -3.86
N ALA D 79 32.32 -24.14 -3.94
CA ALA D 79 33.20 -24.17 -2.78
C ALA D 79 33.49 -22.78 -2.25
N THR D 80 33.78 -21.87 -3.16
CA THR D 80 34.10 -20.49 -2.79
C THR D 80 32.88 -19.85 -2.16
N ALA D 81 31.71 -20.06 -2.76
CA ALA D 81 30.47 -19.49 -2.26
C ALA D 81 30.25 -19.93 -0.82
N MET D 82 30.39 -21.24 -0.60
CA MET D 82 30.17 -21.79 0.74
C MET D 82 31.18 -21.26 1.76
N GLN D 83 32.37 -20.91 1.29
CA GLN D 83 33.39 -20.39 2.18
C GLN D 83 33.01 -18.97 2.57
N PHE D 84 32.44 -18.24 1.61
CA PHE D 84 32.01 -16.88 1.86
C PHE D 84 30.90 -16.91 2.90
N PHE D 85 29.90 -17.78 2.69
CA PHE D 85 28.77 -17.91 3.60
C PHE D 85 29.20 -18.29 5.01
N THR D 86 30.39 -18.86 5.15
CA THR D 86 30.86 -19.25 6.47
C THR D 86 32.14 -18.52 6.89
N LYS D 87 32.39 -17.38 6.29
CA LYS D 87 33.58 -16.60 6.60
C LYS D 87 33.52 -16.00 7.99
N GLY D 88 32.42 -16.21 8.70
CA GLY D 88 32.31 -15.68 10.03
C GLY D 88 33.16 -16.45 11.03
N TYR D 89 33.54 -17.67 10.65
CA TYR D 89 34.34 -18.52 11.51
C TYR D 89 35.77 -18.01 11.66
N GLN D 90 36.25 -17.31 10.64
CA GLN D 90 37.61 -16.77 10.66
C GLN D 90 37.71 -15.40 11.34
N GLU D 91 36.77 -15.10 12.22
CA GLU D 91 36.77 -13.84 12.93
C GLU D 91 36.26 -13.98 14.36
N THR D 92 36.49 -12.95 15.17
CA THR D 92 36.06 -12.93 16.56
C THR D 92 35.67 -11.50 16.94
N ILE D 93 34.84 -11.37 17.97
CA ILE D 93 34.39 -10.05 18.42
C ILE D 93 35.56 -9.16 18.77
N SER D 94 36.67 -9.78 19.19
CA SER D 94 37.88 -9.05 19.56
C SER D 94 38.36 -8.12 18.44
N ASP D 95 38.47 -8.69 17.22
CA ASP D 95 38.93 -7.93 16.05
C ASP D 95 38.14 -6.64 15.86
N VAL D 96 36.92 -6.63 16.42
CA VAL D 96 36.04 -5.47 16.30
C VAL D 96 36.02 -4.62 17.56
N LEU D 97 36.02 -5.30 18.71
CA LEU D 97 35.96 -4.67 20.05
C LEU D 97 36.58 -3.26 20.20
N ASN D 98 37.90 -3.21 20.32
CA ASN D 98 38.64 -1.95 20.51
C ASN D 98 38.25 -0.78 19.58
N ASP D 99 38.54 -0.94 18.29
CA ASP D 99 38.27 0.05 17.24
C ASP D 99 37.37 1.25 17.56
N ALA D 100 36.16 1.24 17.00
CA ALA D 100 35.20 2.32 17.16
C ALA D 100 34.15 2.21 18.28
N ILE D 101 34.45 2.87 19.40
CA ILE D 101 33.59 2.93 20.59
C ILE D 101 33.82 4.32 21.21
N PHE D 102 33.15 5.32 20.65
CA PHE D 102 33.26 6.71 21.11
C PHE D 102 32.40 6.92 22.35
N ASP D 103 32.74 7.93 23.14
CA ASP D 103 31.97 8.22 24.35
C ASP D 103 31.27 9.57 24.26
N GLU D 104 30.02 9.56 23.83
CA GLU D 104 29.26 10.80 23.75
C GLU D 104 28.48 10.92 25.05
N ASP D 105 28.91 10.16 26.05
CA ASP D 105 28.26 10.18 27.35
C ASP D 105 26.75 10.09 27.14
N HIS D 106 26.33 9.19 26.26
CA HIS D 106 24.91 9.04 25.98
C HIS D 106 24.34 7.99 26.93
N ASP D 107 23.11 8.20 27.39
CA ASP D 107 22.50 7.25 28.31
C ASP D 107 21.04 6.95 28.01
N GLU D 108 20.65 7.06 26.75
CA GLU D 108 19.27 6.78 26.35
C GLU D 108 19.26 5.78 25.20
N MET D 109 18.13 5.09 25.03
CA MET D 109 18.04 4.05 24.00
C MET D 109 18.46 4.44 22.60
N VAL D 110 19.25 3.56 22.00
CA VAL D 110 19.73 3.73 20.64
C VAL D 110 19.27 2.48 19.91
N ILE D 111 18.70 2.65 18.72
CA ILE D 111 18.20 1.54 17.93
C ILE D 111 18.68 1.57 16.49
N VAL D 112 18.95 0.40 15.94
CA VAL D 112 19.35 0.28 14.56
C VAL D 112 18.49 -0.86 14.06
N LYS D 113 17.60 -0.57 13.13
CA LYS D 113 16.70 -1.60 12.65
C LYS D 113 16.83 -1.85 11.17
N ASP D 114 16.19 -2.93 10.74
CA ASP D 114 16.18 -3.35 9.35
C ASP D 114 17.56 -3.61 8.79
N ILE D 115 18.37 -4.31 9.58
CA ILE D 115 19.72 -4.67 9.17
C ILE D 115 19.58 -6.02 8.46
N ASP D 116 19.86 -6.04 7.18
CA ASP D 116 19.73 -7.27 6.40
C ASP D 116 20.77 -8.28 6.86
N MET D 117 20.36 -9.54 6.93
CA MET D 117 21.26 -10.59 7.35
C MET D 117 20.95 -11.84 6.55
N PHE D 118 22.01 -12.58 6.24
CA PHE D 118 21.92 -13.81 5.46
C PHE D 118 22.73 -14.86 6.20
N SER D 119 22.12 -15.99 6.45
CA SER D 119 22.80 -17.04 7.16
C SER D 119 22.51 -18.38 6.53
N MET D 120 23.06 -19.43 7.13
CA MET D 120 22.89 -20.79 6.62
C MET D 120 22.31 -21.72 7.67
N CYS D 121 21.28 -22.45 7.27
CA CYS D 121 20.65 -23.40 8.16
C CYS D 121 21.67 -24.50 8.44
N GLU D 122 22.01 -24.75 9.71
CA GLU D 122 22.99 -25.79 10.01
C GLU D 122 22.44 -27.20 9.84
N HIS D 123 21.13 -27.34 9.73
CA HIS D 123 20.54 -28.66 9.57
C HIS D 123 20.46 -29.11 8.12
N HIS D 124 20.21 -28.17 7.21
CA HIS D 124 20.10 -28.51 5.78
C HIS D 124 21.12 -27.83 4.89
N LEU D 125 21.85 -26.86 5.43
CA LEU D 125 22.85 -26.15 4.64
C LEU D 125 22.19 -25.37 3.49
N VAL D 126 21.00 -24.84 3.79
CA VAL D 126 20.23 -24.02 2.87
C VAL D 126 20.13 -22.70 3.63
N PRO D 127 20.29 -21.56 2.93
CA PRO D 127 20.21 -20.27 3.63
C PRO D 127 18.87 -19.78 4.12
N PHE D 128 18.90 -19.09 5.26
CA PHE D 128 17.69 -18.47 5.80
C PHE D 128 18.02 -16.98 5.85
N VAL D 129 17.12 -16.18 5.29
CA VAL D 129 17.33 -14.73 5.18
C VAL D 129 16.34 -13.86 5.95
N GLY D 130 16.78 -12.66 6.34
CA GLY D 130 15.89 -11.78 7.06
C GLY D 130 16.48 -10.46 7.52
N ARG D 131 15.93 -9.91 8.60
CA ARG D 131 16.39 -8.64 9.16
C ARG D 131 16.68 -8.75 10.65
N VAL D 132 17.61 -7.93 11.12
CA VAL D 132 17.98 -7.94 12.53
C VAL D 132 17.67 -6.55 13.09
N HIS D 133 17.11 -6.50 14.29
CA HIS D 133 16.78 -5.22 14.92
C HIS D 133 17.46 -5.19 16.25
N ILE D 134 18.20 -4.12 16.48
CA ILE D 134 18.98 -4.01 17.69
C ILE D 134 18.66 -2.76 18.47
N GLY D 135 18.77 -2.88 19.77
CA GLY D 135 18.55 -1.74 20.63
C GLY D 135 19.35 -1.89 21.89
N TYR D 136 19.82 -0.79 22.45
CA TYR D 136 20.58 -0.87 23.70
C TYR D 136 20.52 0.42 24.49
N LEU D 137 20.57 0.31 25.80
CA LEU D 137 20.57 1.47 26.67
C LEU D 137 22.01 1.66 27.08
N PRO D 138 22.73 2.56 26.41
CA PRO D 138 24.13 2.81 26.72
C PRO D 138 24.44 3.28 28.13
N ASN D 139 25.63 2.89 28.57
CA ASN D 139 26.14 3.27 29.87
C ASN D 139 27.36 4.09 29.49
N LYS D 140 27.09 5.22 28.84
CA LYS D 140 28.09 6.15 28.35
C LYS D 140 28.68 5.70 27.01
N GLN D 141 29.03 4.43 26.90
CA GLN D 141 29.60 3.91 25.65
C GLN D 141 28.59 3.59 24.54
N VAL D 142 28.86 4.13 23.35
CA VAL D 142 28.00 3.91 22.19
C VAL D 142 28.74 3.07 21.14
N LEU D 143 27.98 2.35 20.31
CA LEU D 143 28.57 1.49 19.29
C LEU D 143 28.43 2.08 17.88
N GLY D 144 29.51 2.09 17.11
CA GLY D 144 29.43 2.62 15.76
C GLY D 144 28.66 1.69 14.84
N LEU D 145 28.04 2.23 13.80
CA LEU D 145 27.29 1.39 12.87
C LEU D 145 28.19 0.35 12.23
N SER D 146 29.38 0.77 11.83
CA SER D 146 30.32 -0.12 11.19
C SER D 146 30.62 -1.34 12.06
N LYS D 147 30.88 -1.13 13.34
CA LYS D 147 31.16 -2.24 14.24
C LYS D 147 29.94 -3.12 14.42
N LEU D 148 28.80 -2.49 14.61
CA LEU D 148 27.55 -3.22 14.77
C LEU D 148 27.37 -4.17 13.59
N ALA D 149 27.53 -3.63 12.40
CA ALA D 149 27.38 -4.41 11.19
C ALA D 149 28.30 -5.62 11.23
N ARG D 150 29.55 -5.36 11.59
CA ARG D 150 30.56 -6.41 11.64
C ARG D 150 30.15 -7.50 12.62
N ILE D 151 29.57 -7.12 13.75
CA ILE D 151 29.13 -8.07 14.75
C ILE D 151 28.08 -9.01 14.15
N VAL D 152 27.09 -8.43 13.48
CA VAL D 152 26.03 -9.21 12.88
C VAL D 152 26.61 -10.11 11.78
N GLU D 153 27.60 -9.60 11.07
CA GLU D 153 28.26 -10.31 9.98
C GLU D 153 29.02 -11.55 10.50
N ILE D 154 29.75 -11.36 11.59
CA ILE D 154 30.53 -12.44 12.17
C ILE D 154 29.72 -13.67 12.53
N TYR D 155 28.59 -13.46 13.19
CA TYR D 155 27.78 -14.60 13.62
C TYR D 155 26.79 -15.12 12.58
N SER D 156 26.33 -14.26 11.69
CA SER D 156 25.37 -14.73 10.71
C SER D 156 26.02 -15.56 9.61
N ARG D 157 27.28 -15.26 9.31
CA ARG D 157 27.98 -15.99 8.27
C ARG D 157 28.63 -17.26 8.84
N ARG D 158 27.77 -18.17 9.28
CA ARG D 158 28.17 -19.43 9.86
C ARG D 158 26.99 -20.37 9.68
N LEU D 159 27.18 -21.65 9.98
CA LEU D 159 26.06 -22.60 9.91
C LEU D 159 25.37 -22.22 11.22
N GLN D 160 24.12 -21.82 11.14
CA GLN D 160 23.44 -21.36 12.35
C GLN D 160 22.06 -21.89 12.63
N VAL D 161 21.54 -21.42 13.74
CA VAL D 161 20.22 -21.72 14.24
C VAL D 161 19.78 -20.31 14.66
N GLN D 162 18.64 -19.86 14.17
CA GLN D 162 18.19 -18.50 14.48
C GLN D 162 18.27 -18.03 15.92
N GLU D 163 17.92 -18.88 16.89
CA GLU D 163 17.96 -18.47 18.29
C GLU D 163 19.39 -18.21 18.77
N ARG D 164 20.33 -19.03 18.32
CA ARG D 164 21.72 -18.86 18.73
C ARG D 164 22.25 -17.56 18.13
N LEU D 165 21.96 -17.34 16.87
CA LEU D 165 22.42 -16.13 16.19
C LEU D 165 21.93 -14.90 16.95
N THR D 166 20.68 -14.96 17.40
CA THR D 166 20.10 -13.86 18.16
C THR D 166 20.85 -13.62 19.47
N LYS D 167 21.05 -14.67 20.26
CA LYS D 167 21.76 -14.55 21.53
C LYS D 167 23.22 -14.08 21.38
N GLN D 168 23.92 -14.65 20.40
CA GLN D 168 25.32 -14.27 20.21
C GLN D 168 25.44 -12.80 19.92
N ILE D 169 24.60 -12.29 19.03
CA ILE D 169 24.65 -10.87 18.70
C ILE D 169 24.38 -10.02 19.95
N ALA D 170 23.38 -10.40 20.73
CA ALA D 170 23.04 -9.66 21.95
C ALA D 170 24.20 -9.69 22.95
N VAL D 171 24.77 -10.87 23.16
CA VAL D 171 25.87 -10.98 24.11
C VAL D 171 27.09 -10.20 23.62
N ALA D 172 27.39 -10.27 22.33
CA ALA D 172 28.53 -9.55 21.76
C ALA D 172 28.38 -8.06 22.01
N ILE D 173 27.17 -7.55 21.83
CA ILE D 173 26.95 -6.12 22.04
C ILE D 173 27.10 -5.82 23.54
N THR D 174 26.63 -6.73 24.38
CA THR D 174 26.74 -6.54 25.81
C THR D 174 28.21 -6.45 26.23
N GLU D 175 29.05 -7.33 25.67
CA GLU D 175 30.46 -7.32 26.03
C GLU D 175 31.23 -6.14 25.49
N ALA D 176 30.81 -5.63 24.33
CA ALA D 176 31.49 -4.49 23.71
C ALA D 176 31.08 -3.14 24.28
N LEU D 177 30.01 -3.08 25.07
CA LEU D 177 29.58 -1.79 25.62
C LEU D 177 29.26 -1.76 27.10
N GLN D 178 29.15 -2.93 27.75
CA GLN D 178 28.80 -2.94 29.17
C GLN D 178 27.64 -1.97 29.36
N PRO D 179 26.57 -2.14 28.57
CA PRO D 179 25.39 -1.28 28.63
C PRO D 179 24.44 -1.67 29.74
N ALA D 180 23.44 -0.81 29.99
CA ALA D 180 22.45 -1.08 31.02
C ALA D 180 21.47 -2.12 30.50
N GLY D 181 21.51 -2.37 29.20
CA GLY D 181 20.61 -3.35 28.63
C GLY D 181 20.68 -3.40 27.12
N VAL D 182 20.21 -4.52 26.55
CA VAL D 182 20.25 -4.68 25.11
C VAL D 182 19.18 -5.65 24.64
N GLY D 183 18.66 -5.39 23.45
CA GLY D 183 17.64 -6.24 22.88
C GLY D 183 17.96 -6.50 21.43
N VAL D 184 17.66 -7.70 20.98
CA VAL D 184 17.89 -8.07 19.62
C VAL D 184 16.71 -8.87 19.12
N VAL D 185 16.20 -8.49 17.96
CA VAL D 185 15.09 -9.21 17.37
C VAL D 185 15.46 -9.60 15.95
N ILE D 186 15.18 -10.85 15.59
CA ILE D 186 15.45 -11.30 14.25
C ILE D 186 14.21 -11.94 13.68
N GLU D 187 13.88 -11.57 12.44
CA GLU D 187 12.76 -12.19 11.74
C GLU D 187 13.39 -12.70 10.45
N ALA D 188 13.11 -13.95 10.09
CA ALA D 188 13.70 -14.52 8.89
C ALA D 188 12.81 -15.54 8.21
N THR D 189 13.16 -15.83 6.96
CA THR D 189 12.47 -16.82 6.15
C THR D 189 13.49 -17.93 5.91
N HIS D 190 13.09 -19.17 6.08
CA HIS D 190 14.00 -20.30 5.89
C HIS D 190 13.81 -20.97 4.56
N MET D 191 14.80 -20.82 3.68
CA MET D 191 14.74 -21.41 2.34
C MET D 191 14.53 -22.92 2.38
N CYS D 192 15.09 -23.58 3.40
CA CYS D 192 14.97 -25.03 3.53
C CYS D 192 13.53 -25.43 3.79
N MET D 193 12.73 -24.47 4.24
CA MET D 193 11.33 -24.74 4.51
C MET D 193 10.50 -24.26 3.33
N VAL D 194 10.87 -23.09 2.79
CA VAL D 194 10.18 -22.48 1.65
C VAL D 194 10.23 -23.35 0.40
N MET D 195 11.40 -23.90 0.10
CA MET D 195 11.56 -24.74 -1.08
C MET D 195 11.02 -26.14 -0.86
N ARG D 196 9.91 -26.20 -0.12
CA ARG D 196 9.19 -27.43 0.20
C ARG D 196 7.73 -27.00 0.45
N GLY D 197 7.27 -26.05 -0.36
CA GLY D 197 5.91 -25.54 -0.24
C GLY D 197 5.83 -24.03 -0.39
N LYS D 200 4.85 -20.81 2.18
CA LYS D 200 6.03 -20.82 3.03
C LYS D 200 6.86 -19.54 2.89
N MET D 201 7.10 -19.10 1.66
CA MET D 201 7.89 -17.89 1.40
C MET D 201 7.39 -16.71 2.22
N ASN D 202 6.13 -16.80 2.65
CA ASN D 202 5.53 -15.76 3.46
C ASN D 202 5.71 -16.03 4.96
N SER D 203 5.79 -17.30 5.32
CA SER D 203 5.99 -17.72 6.71
C SER D 203 7.31 -17.17 7.28
N LYS D 204 7.26 -16.56 8.46
CA LYS D 204 8.45 -16.00 9.08
C LYS D 204 8.64 -16.36 10.54
N THR D 205 9.91 -16.53 10.90
CA THR D 205 10.28 -16.89 12.27
C THR D 205 10.86 -15.66 12.97
N VAL D 206 10.35 -15.40 14.17
CA VAL D 206 10.80 -14.25 14.94
C VAL D 206 11.38 -14.70 16.27
N THR D 207 12.62 -14.29 16.53
CA THR D 207 13.30 -14.64 17.77
C THR D 207 13.80 -13.35 18.41
N SER D 208 14.03 -13.39 19.72
CA SER D 208 14.50 -12.20 20.42
C SER D 208 15.32 -12.59 21.64
N THR D 209 16.18 -11.67 22.07
CA THR D 209 17.00 -11.87 23.25
C THR D 209 17.04 -10.52 23.94
N MET D 210 16.54 -10.49 25.16
CA MET D 210 16.50 -9.26 25.91
C MET D 210 17.35 -9.39 27.15
N LEU D 211 18.30 -8.47 27.29
CA LEU D 211 19.21 -8.47 28.44
C LEU D 211 19.10 -7.18 29.25
N GLY D 212 19.45 -7.26 30.53
CA GLY D 212 19.42 -6.09 31.37
C GLY D 212 18.04 -5.47 31.49
N VAL D 213 17.98 -4.14 31.42
CA VAL D 213 16.70 -3.46 31.54
C VAL D 213 15.73 -3.92 30.46
N PHE D 214 16.25 -4.38 29.32
CA PHE D 214 15.38 -4.85 28.24
C PHE D 214 14.64 -6.10 28.69
N ARG D 215 15.22 -6.81 29.64
CA ARG D 215 14.58 -8.01 30.16
C ARG D 215 13.71 -7.70 31.37
N GLU D 216 14.24 -6.94 32.31
CA GLU D 216 13.52 -6.61 33.55
C GLU D 216 12.46 -5.50 33.50
N ASP D 217 12.60 -4.55 32.58
CA ASP D 217 11.64 -3.45 32.51
C ASP D 217 10.72 -3.59 31.30
N PRO D 218 9.45 -3.96 31.53
CA PRO D 218 8.47 -4.12 30.46
C PRO D 218 8.26 -2.85 29.63
N LYS D 219 8.48 -1.69 30.23
CA LYS D 219 8.31 -0.45 29.49
C LYS D 219 9.37 -0.30 28.41
N THR D 220 10.63 -0.61 28.77
CA THR D 220 11.75 -0.51 27.86
C THR D 220 11.55 -1.46 26.68
N ARG D 221 11.11 -2.67 27.00
CA ARG D 221 10.87 -3.72 26.02
C ARG D 221 9.79 -3.26 25.05
N GLU D 222 8.71 -2.70 25.60
CA GLU D 222 7.60 -2.19 24.80
C GLU D 222 8.02 -1.05 23.88
N GLU D 223 8.76 -0.10 24.43
CA GLU D 223 9.23 1.03 23.64
C GLU D 223 10.11 0.55 22.48
N PHE D 224 10.97 -0.41 22.78
CA PHE D 224 11.86 -0.97 21.77
C PHE D 224 11.05 -1.61 20.64
N LEU D 225 10.09 -2.46 21.02
CA LEU D 225 9.24 -3.13 20.03
C LEU D 225 8.35 -2.16 19.25
N THR D 226 8.11 -0.98 19.82
CA THR D 226 7.30 0.02 19.14
C THR D 226 8.14 0.76 18.11
N LEU D 227 9.34 1.14 18.51
CA LEU D 227 10.25 1.87 17.64
C LEU D 227 10.82 1.02 16.50
N ILE D 228 10.65 -0.30 16.55
CA ILE D 228 11.17 -1.12 15.47
C ILE D 228 10.06 -1.61 14.57
N ARG D 229 8.93 -1.97 15.17
CA ARG D 229 7.80 -2.45 14.41
C ARG D 229 7.07 -1.29 13.75
N SER D 230 7.74 -0.72 12.75
CA SER D 230 7.19 0.41 12.01
C SER D 230 6.91 -0.02 10.57
N ARG E 37 -7.10 -46.11 16.29
CA ARG E 37 -6.20 -46.56 15.18
C ARG E 37 -6.19 -45.56 14.04
N PRO E 38 -5.01 -44.99 13.71
CA PRO E 38 -4.91 -44.03 12.62
C PRO E 38 -5.23 -44.66 11.27
N ARG E 39 -5.77 -43.87 10.35
CA ARG E 39 -6.13 -44.37 9.02
C ARG E 39 -4.86 -44.84 8.33
N SER E 40 -4.99 -45.87 7.49
CA SER E 40 -3.83 -46.41 6.79
C SER E 40 -3.98 -46.35 5.28
N GLU E 41 -2.86 -46.52 4.57
CA GLU E 41 -2.88 -46.49 3.11
C GLU E 41 -3.79 -47.57 2.55
N GLU E 42 -3.94 -48.66 3.30
CA GLU E 42 -4.81 -49.75 2.87
C GLU E 42 -6.26 -49.26 2.90
N ASP E 43 -6.62 -48.59 3.99
CA ASP E 43 -7.97 -48.06 4.16
C ASP E 43 -8.36 -47.20 2.96
N ASN E 44 -7.44 -46.34 2.51
CA ASN E 44 -7.70 -45.47 1.37
C ASN E 44 -7.99 -46.26 0.10
N GLU E 45 -7.17 -47.27 -0.17
CA GLU E 45 -7.33 -48.11 -1.36
C GLU E 45 -8.65 -48.88 -1.31
N LEU E 46 -8.99 -49.38 -0.12
CA LEU E 46 -10.23 -50.15 0.05
C LEU E 46 -11.45 -49.26 -0.04
N ASN E 47 -11.33 -48.02 0.43
CA ASN E 47 -12.46 -47.10 0.41
C ASN E 47 -12.60 -46.21 -0.81
N LEU E 48 -11.53 -46.06 -1.59
CA LEU E 48 -11.59 -45.21 -2.78
C LEU E 48 -12.84 -45.49 -3.62
N PRO E 49 -13.10 -46.78 -3.93
CA PRO E 49 -14.26 -47.16 -4.73
C PRO E 49 -15.59 -46.74 -4.12
N ASN E 50 -15.67 -46.79 -2.79
CA ASN E 50 -16.88 -46.39 -2.09
C ASN E 50 -17.07 -44.90 -2.26
N LEU E 51 -15.98 -44.15 -2.04
CA LEU E 51 -16.02 -42.71 -2.19
C LEU E 51 -16.42 -42.41 -3.63
N ALA E 52 -15.69 -43.00 -4.56
CA ALA E 52 -15.96 -42.79 -5.98
C ALA E 52 -17.43 -42.99 -6.31
N ALA E 53 -18.00 -44.06 -5.77
CA ALA E 53 -19.41 -44.38 -5.99
C ALA E 53 -20.35 -43.33 -5.43
N ALA E 54 -20.07 -42.88 -4.20
CA ALA E 54 -20.91 -41.85 -3.57
C ALA E 54 -20.87 -40.55 -4.38
N TYR E 55 -19.68 -40.18 -4.86
CA TYR E 55 -19.57 -38.96 -5.64
C TYR E 55 -20.31 -39.11 -6.96
N SER E 56 -20.21 -40.28 -7.58
CA SER E 56 -20.90 -40.50 -8.83
C SER E 56 -22.39 -40.35 -8.58
N SER E 57 -22.83 -40.81 -7.40
CA SER E 57 -24.22 -40.73 -7.02
C SER E 57 -24.63 -39.26 -6.87
N ILE E 58 -23.77 -38.50 -6.20
CA ILE E 58 -24.02 -37.08 -5.99
C ILE E 58 -24.17 -36.39 -7.35
N LEU E 59 -23.26 -36.69 -8.27
CA LEU E 59 -23.32 -36.10 -9.61
C LEU E 59 -24.71 -36.26 -10.23
N ARG E 60 -25.30 -37.44 -10.10
CA ARG E 60 -26.62 -37.72 -10.66
C ARG E 60 -27.69 -36.96 -9.89
N SER E 61 -27.59 -36.98 -8.56
CA SER E 61 -28.58 -36.31 -7.73
C SER E 61 -28.61 -34.79 -7.95
N LEU E 62 -27.55 -34.26 -8.55
CA LEU E 62 -27.48 -32.83 -8.79
C LEU E 62 -28.11 -32.46 -10.11
N GLY E 63 -28.27 -33.47 -10.98
CA GLY E 63 -28.87 -33.23 -12.28
C GLY E 63 -27.82 -33.32 -13.37
N GLU E 64 -26.62 -33.75 -13.03
CA GLU E 64 -25.55 -33.83 -14.01
C GLU E 64 -25.44 -35.21 -14.64
N ASP E 65 -24.68 -35.29 -15.72
CA ASP E 65 -24.49 -36.55 -16.44
C ASP E 65 -23.09 -37.09 -16.17
N PRO E 66 -22.98 -38.07 -15.26
CA PRO E 66 -21.72 -38.70 -14.88
C PRO E 66 -20.94 -39.21 -16.08
N GLN E 67 -21.59 -39.16 -17.25
CA GLN E 67 -20.98 -39.62 -18.48
C GLN E 67 -20.27 -38.57 -19.31
N ARG E 68 -20.54 -37.28 -19.08
CA ARG E 68 -19.86 -36.23 -19.84
C ARG E 68 -18.38 -36.49 -19.79
N GLN E 69 -17.67 -36.20 -20.87
CA GLN E 69 -16.24 -36.43 -20.87
C GLN E 69 -15.60 -35.69 -19.69
N GLY E 70 -16.13 -34.51 -19.40
CA GLY E 70 -15.60 -33.70 -18.31
C GLY E 70 -15.89 -34.24 -16.92
N LEU E 71 -16.86 -35.15 -16.82
CA LEU E 71 -17.23 -35.73 -15.53
C LEU E 71 -16.79 -37.18 -15.30
N LEU E 72 -16.47 -37.90 -16.38
CA LEU E 72 -16.06 -39.29 -16.28
C LEU E 72 -15.14 -39.65 -15.13
N LYS E 73 -13.99 -39.00 -15.04
CA LYS E 73 -13.05 -39.30 -13.98
C LYS E 73 -13.29 -38.53 -12.68
N THR E 74 -14.33 -37.70 -12.67
CA THR E 74 -14.62 -36.88 -11.50
C THR E 74 -14.81 -37.66 -10.20
N PRO E 75 -15.60 -38.75 -10.23
CA PRO E 75 -15.81 -39.52 -8.99
C PRO E 75 -14.53 -39.93 -8.30
N TRP E 76 -13.50 -40.27 -9.08
CA TRP E 76 -12.23 -40.65 -8.50
C TRP E 76 -11.39 -39.44 -8.08
N ARG E 77 -11.37 -38.42 -8.94
CA ARG E 77 -10.60 -37.22 -8.62
C ARG E 77 -11.16 -36.56 -7.38
N ALA E 78 -12.50 -36.61 -7.24
CA ALA E 78 -13.17 -36.03 -6.09
C ALA E 78 -12.82 -36.80 -4.83
N ALA E 79 -12.88 -38.13 -4.92
CA ALA E 79 -12.59 -39.02 -3.80
C ALA E 79 -11.13 -38.90 -3.36
N THR E 80 -10.23 -38.80 -4.33
CA THR E 80 -8.81 -38.67 -4.03
C THR E 80 -8.58 -37.34 -3.34
N ALA E 81 -9.21 -36.30 -3.87
CA ALA E 81 -9.10 -34.96 -3.32
C ALA E 81 -9.51 -34.96 -1.85
N MET E 82 -10.69 -35.51 -1.58
CA MET E 82 -11.21 -35.57 -0.23
C MET E 82 -10.34 -36.39 0.72
N GLN E 83 -9.64 -37.39 0.18
CA GLN E 83 -8.78 -38.20 1.03
C GLN E 83 -7.56 -37.38 1.40
N PHE E 84 -7.11 -36.57 0.45
CA PHE E 84 -5.96 -35.71 0.68
C PHE E 84 -6.28 -34.69 1.76
N PHE E 85 -7.45 -34.05 1.64
CA PHE E 85 -7.89 -33.06 2.59
C PHE E 85 -8.05 -33.64 4.00
N THR E 86 -8.24 -34.94 4.07
CA THR E 86 -8.42 -35.60 5.36
C THR E 86 -7.29 -36.54 5.73
N LYS E 87 -6.16 -36.42 5.03
CA LYS E 87 -5.01 -37.29 5.31
C LYS E 87 -4.40 -37.10 6.68
N GLY E 88 -4.89 -36.14 7.45
CA GLY E 88 -4.34 -35.92 8.76
C GLY E 88 -4.80 -36.99 9.74
N TYR E 89 -5.80 -37.75 9.34
CA TYR E 89 -6.35 -38.80 10.19
C TYR E 89 -5.40 -39.99 10.26
N GLN E 90 -4.60 -40.17 9.22
CA GLN E 90 -3.66 -41.28 9.18
C GLN E 90 -2.31 -40.96 9.80
N GLU E 91 -2.30 -40.05 10.77
CA GLU E 91 -1.06 -39.67 11.45
C GLU E 91 -1.34 -39.30 12.88
N THR E 92 -0.26 -39.15 13.66
CA THR E 92 -0.35 -38.80 15.06
C THR E 92 0.88 -37.98 15.43
N ILE E 93 0.76 -37.18 16.49
CA ILE E 93 1.87 -36.35 16.93
C ILE E 93 3.13 -37.18 17.20
N SER E 94 2.92 -38.46 17.56
CA SER E 94 4.02 -39.37 17.85
C SER E 94 5.01 -39.50 16.69
N ASP E 95 4.49 -39.73 15.49
CA ASP E 95 5.30 -39.89 14.29
C ASP E 95 6.23 -38.70 14.10
N VAL E 96 5.89 -37.59 14.74
CA VAL E 96 6.67 -36.35 14.64
C VAL E 96 7.51 -36.10 15.89
N LEU E 97 6.93 -36.37 17.05
CA LEU E 97 7.55 -36.16 18.36
C LEU E 97 9.09 -36.29 18.45
N ASN E 98 9.58 -37.53 18.53
CA ASN E 98 11.01 -37.82 18.63
C ASN E 98 11.95 -37.04 17.70
N ASP E 99 11.84 -37.31 16.40
CA ASP E 99 12.64 -36.69 15.34
C ASP E 99 13.48 -35.45 15.68
N ALA E 100 13.06 -34.29 15.17
CA ALA E 100 13.79 -33.04 15.38
C ALA E 100 13.38 -32.14 16.56
N ILE E 101 14.16 -32.25 17.63
CA ILE E 101 14.00 -31.45 18.85
C ILE E 101 15.41 -31.23 19.40
N PHE E 102 16.09 -30.20 18.88
CA PHE E 102 17.45 -29.87 19.30
C PHE E 102 17.43 -29.02 20.56
N ASP E 103 18.50 -29.10 21.34
CA ASP E 103 18.57 -28.34 22.57
C ASP E 103 19.61 -27.24 22.47
N GLU E 104 19.16 -26.04 22.12
CA GLU E 104 20.06 -24.90 22.03
C GLU E 104 19.98 -24.15 23.34
N ASP E 105 19.46 -24.85 24.36
CA ASP E 105 19.33 -24.27 25.69
C ASP E 105 18.77 -22.86 25.55
N HIS E 106 17.73 -22.73 24.75
CA HIS E 106 17.11 -21.43 24.54
C HIS E 106 15.97 -21.30 25.53
N ASP E 107 15.77 -20.10 26.06
CA ASP E 107 14.70 -19.87 27.03
C ASP E 107 13.92 -18.57 26.79
N GLU E 108 13.90 -18.11 25.55
CA GLU E 108 13.18 -16.90 25.19
C GLU E 108 12.18 -17.16 24.07
N MET E 109 11.18 -16.30 23.95
CA MET E 109 10.13 -16.51 22.96
C MET E 109 10.54 -16.74 21.51
N VAL E 110 9.98 -17.80 20.95
CA VAL E 110 10.23 -18.15 19.56
C VAL E 110 8.88 -18.08 18.87
N ILE E 111 8.84 -17.43 17.71
CA ILE E 111 7.60 -17.26 16.96
C ILE E 111 7.69 -17.65 15.50
N VAL E 112 6.69 -18.37 15.02
CA VAL E 112 6.63 -18.71 13.61
C VAL E 112 5.27 -18.24 13.18
N LYS E 113 5.23 -17.24 12.32
CA LYS E 113 3.96 -16.70 11.89
C LYS E 113 3.66 -16.84 10.40
N ASP E 114 2.42 -16.57 10.04
CA ASP E 114 1.96 -16.63 8.66
C ASP E 114 2.17 -17.99 8.03
N ILE E 115 1.76 -19.02 8.77
CA ILE E 115 1.84 -20.37 8.29
C ILE E 115 0.50 -20.61 7.58
N ASP E 116 0.54 -20.86 6.28
CA ASP E 116 -0.70 -21.10 5.56
C ASP E 116 -1.32 -22.41 6.01
N MET E 117 -2.65 -22.43 6.17
CA MET E 117 -3.32 -23.64 6.57
C MET E 117 -4.62 -23.78 5.81
N PHE E 118 -4.94 -25.02 5.44
CA PHE E 118 -6.17 -25.31 4.69
C PHE E 118 -6.85 -26.44 5.39
N SER E 119 -8.15 -26.29 5.63
CA SER E 119 -8.89 -27.32 6.34
C SER E 119 -10.30 -27.47 5.78
N MET E 120 -11.08 -28.34 6.41
CA MET E 120 -12.44 -28.59 5.96
C MET E 120 -13.45 -28.37 7.07
N CYS E 121 -14.47 -27.58 6.76
CA CYS E 121 -15.54 -27.30 7.69
C CYS E 121 -16.27 -28.64 7.94
N GLU E 122 -16.35 -29.10 9.20
CA GLU E 122 -17.00 -30.39 9.46
C GLU E 122 -18.52 -30.36 9.36
N HIS E 123 -19.10 -29.16 9.29
CA HIS E 123 -20.54 -29.02 9.19
C HIS E 123 -21.03 -29.03 7.75
N HIS E 124 -20.24 -28.45 6.83
CA HIS E 124 -20.63 -28.41 5.43
C HIS E 124 -19.69 -29.09 4.47
N LEU E 125 -18.57 -29.56 4.97
CA LEU E 125 -17.58 -30.22 4.14
C LEU E 125 -17.10 -29.29 3.02
N VAL E 126 -16.99 -28.01 3.36
CA VAL E 126 -16.50 -26.98 2.44
C VAL E 126 -15.24 -26.48 3.14
N PRO E 127 -14.18 -26.17 2.38
CA PRO E 127 -12.96 -25.69 3.05
C PRO E 127 -12.93 -24.29 3.65
N PHE E 128 -12.20 -24.15 4.76
CA PHE E 128 -11.99 -22.83 5.35
C PHE E 128 -10.47 -22.66 5.34
N VAL E 129 -10.02 -21.52 4.84
CA VAL E 129 -8.59 -21.24 4.68
C VAL E 129 -8.07 -20.05 5.48
N GLY E 130 -6.77 -20.02 5.74
CA GLY E 130 -6.21 -18.90 6.49
C GLY E 130 -4.76 -19.07 6.88
N ARG E 131 -4.35 -18.46 7.99
CA ARG E 131 -2.97 -18.54 8.48
C ARG E 131 -2.94 -18.95 9.96
N VAL E 132 -1.83 -19.55 10.36
CA VAL E 132 -1.66 -19.94 11.76
C VAL E 132 -0.44 -19.17 12.30
N HIS E 133 -0.51 -18.72 13.54
CA HIS E 133 0.61 -18.00 14.16
C HIS E 133 0.91 -18.73 15.48
N ILE E 134 2.18 -19.07 15.65
CA ILE E 134 2.59 -19.82 16.81
C ILE E 134 3.71 -19.13 17.56
N GLY E 135 3.65 -19.29 18.87
CA GLY E 135 4.67 -18.73 19.73
C GLY E 135 4.82 -19.64 20.95
N TYR E 136 6.02 -19.73 21.49
CA TYR E 136 6.23 -20.53 22.69
C TYR E 136 7.46 -20.08 23.43
N LEU E 137 7.42 -20.22 24.75
CA LEU E 137 8.56 -19.88 25.60
C LEU E 137 9.21 -21.21 25.95
N PRO E 138 10.26 -21.59 25.20
CA PRO E 138 10.96 -22.85 25.43
C PRO E 138 11.58 -23.03 26.80
N ASN E 139 11.63 -24.28 27.20
CA ASN E 139 12.23 -24.67 28.46
C ASN E 139 13.41 -25.52 28.00
N LYS E 140 14.36 -24.85 27.35
CA LYS E 140 15.55 -25.48 26.80
C LYS E 140 15.29 -26.14 25.45
N GLN E 141 14.18 -26.87 25.35
CA GLN E 141 13.84 -27.56 24.10
C GLN E 141 13.17 -26.65 23.07
N VAL E 142 13.67 -26.71 21.84
CA VAL E 142 13.17 -25.92 20.71
C VAL E 142 12.58 -26.86 19.64
N LEU E 143 11.61 -26.37 18.87
CA LEU E 143 10.97 -27.16 17.83
C LEU E 143 11.45 -26.75 16.45
N GLY E 144 11.70 -27.73 15.58
CA GLY E 144 12.14 -27.41 14.23
C GLY E 144 10.97 -27.03 13.35
N LEU E 145 11.20 -26.13 12.39
CA LEU E 145 10.13 -25.69 11.49
C LEU E 145 9.44 -26.87 10.83
N SER E 146 10.24 -27.84 10.38
CA SER E 146 9.72 -29.02 9.73
C SER E 146 8.63 -29.68 10.59
N LYS E 147 8.97 -29.99 11.84
CA LYS E 147 8.02 -30.62 12.74
C LYS E 147 6.83 -29.70 13.00
N LEU E 148 7.10 -28.43 13.22
CA LEU E 148 6.03 -27.48 13.47
C LEU E 148 5.02 -27.58 12.32
N ALA E 149 5.53 -27.52 11.11
CA ALA E 149 4.70 -27.60 9.92
C ALA E 149 3.88 -28.87 9.94
N ARG E 150 4.54 -29.98 10.22
CA ARG E 150 3.86 -31.27 10.26
C ARG E 150 2.71 -31.27 11.29
N ILE E 151 2.93 -30.64 12.44
CA ILE E 151 1.90 -30.59 13.46
C ILE E 151 0.65 -29.87 12.95
N VAL E 152 0.85 -28.73 12.29
CA VAL E 152 -0.26 -27.97 11.74
C VAL E 152 -0.99 -28.80 10.69
N GLU E 153 -0.20 -29.47 9.86
CA GLU E 153 -0.68 -30.33 8.77
C GLU E 153 -1.59 -31.46 9.27
N ILE E 154 -1.15 -32.13 10.32
CA ILE E 154 -1.88 -33.25 10.89
C ILE E 154 -3.30 -32.90 11.33
N TYR E 155 -3.43 -31.81 12.07
CA TYR E 155 -4.74 -31.42 12.57
C TYR E 155 -5.60 -30.60 11.61
N SER E 156 -4.96 -29.89 10.68
CA SER E 156 -5.74 -29.07 9.76
C SER E 156 -6.31 -29.90 8.64
N ARG E 157 -5.66 -31.00 8.32
CA ARG E 157 -6.15 -31.87 7.26
C ARG E 157 -7.12 -32.92 7.79
N ARG E 158 -8.24 -32.42 8.30
CA ARG E 158 -9.30 -33.23 8.89
C ARG E 158 -10.59 -32.44 8.78
N LEU E 159 -11.71 -33.04 9.16
CA LEU E 159 -12.97 -32.30 9.16
C LEU E 159 -12.78 -31.56 10.48
N GLN E 160 -12.76 -30.23 10.43
CA GLN E 160 -12.52 -29.47 11.64
C GLN E 160 -13.47 -28.36 12.02
N VAL E 161 -13.11 -27.75 13.13
CA VAL E 161 -13.81 -26.62 13.71
C VAL E 161 -12.62 -25.75 14.09
N GLN E 162 -12.63 -24.49 13.71
CA GLN E 162 -11.49 -23.61 13.99
C GLN E 162 -10.95 -23.59 15.43
N GLU E 163 -11.84 -23.58 16.42
CA GLU E 163 -11.40 -23.56 17.82
C GLU E 163 -10.69 -24.86 18.19
N ARG E 164 -11.17 -25.99 17.70
CA ARG E 164 -10.55 -27.27 18.03
C ARG E 164 -9.17 -27.31 17.40
N LEU E 165 -9.12 -27.03 16.10
CA LEU E 165 -7.85 -27.01 15.40
C LEU E 165 -6.82 -26.16 16.17
N THR E 166 -7.27 -25.02 16.67
CA THR E 166 -6.40 -24.12 17.42
C THR E 166 -5.86 -24.79 18.68
N LYS E 167 -6.75 -25.37 19.48
CA LYS E 167 -6.36 -26.03 20.72
C LYS E 167 -5.43 -27.21 20.48
N GLN E 168 -5.77 -28.07 19.52
CA GLN E 168 -4.97 -29.25 19.20
C GLN E 168 -3.54 -28.88 18.83
N ILE E 169 -3.36 -27.86 18.01
CA ILE E 169 -2.00 -27.45 17.65
C ILE E 169 -1.23 -27.00 18.90
N ALA E 170 -1.89 -26.22 19.74
CA ALA E 170 -1.29 -25.70 20.97
C ALA E 170 -0.90 -26.81 21.96
N VAL E 171 -1.80 -27.78 22.14
CA VAL E 171 -1.53 -28.89 23.05
C VAL E 171 -0.42 -29.77 22.49
N ALA E 172 -0.47 -30.01 21.19
CA ALA E 172 0.55 -30.82 20.53
C ALA E 172 1.93 -30.22 20.77
N ILE E 173 2.06 -28.90 20.58
CA ILE E 173 3.33 -28.23 20.80
C ILE E 173 3.73 -28.34 22.28
N THR E 174 2.75 -28.24 23.18
CA THR E 174 3.02 -28.32 24.61
C THR E 174 3.57 -29.69 25.00
N GLU E 175 3.01 -30.75 24.43
CA GLU E 175 3.47 -32.10 24.76
C GLU E 175 4.81 -32.40 24.13
N ALA E 176 5.10 -31.81 22.98
CA ALA E 176 6.36 -32.07 22.29
C ALA E 176 7.54 -31.28 22.85
N LEU E 177 7.27 -30.26 23.67
CA LEU E 177 8.36 -29.45 24.20
C LEU E 177 8.35 -29.20 25.71
N GLN E 178 7.23 -29.44 26.37
CA GLN E 178 7.14 -29.16 27.80
C GLN E 178 7.72 -27.76 28.01
N PRO E 179 7.16 -26.76 27.31
CA PRO E 179 7.63 -25.38 27.41
C PRO E 179 7.00 -24.64 28.57
N ALA E 180 7.47 -23.43 28.82
CA ALA E 180 6.95 -22.60 29.90
C ALA E 180 5.60 -22.04 29.45
N GLY E 181 5.35 -22.08 28.14
CA GLY E 181 4.10 -21.56 27.64
C GLY E 181 4.07 -21.55 26.13
N VAL E 182 2.85 -21.48 25.59
CA VAL E 182 2.66 -21.47 24.16
C VAL E 182 1.36 -20.75 23.80
N GLY E 183 1.37 -20.12 22.63
CA GLY E 183 0.20 -19.41 22.14
C GLY E 183 0.01 -19.76 20.68
N VAL E 184 -1.24 -19.89 20.27
CA VAL E 184 -1.55 -20.19 18.89
C VAL E 184 -2.72 -19.32 18.47
N VAL E 185 -2.58 -18.63 17.35
CA VAL E 185 -3.65 -17.80 16.83
C VAL E 185 -3.91 -18.26 15.41
N ILE E 186 -5.19 -18.36 15.04
CA ILE E 186 -5.57 -18.74 13.68
C ILE E 186 -6.62 -17.79 13.15
N GLU E 187 -6.39 -17.26 11.96
CA GLU E 187 -7.36 -16.38 11.32
C GLU E 187 -7.73 -17.06 10.02
N ALA E 188 -9.03 -17.14 9.74
CA ALA E 188 -9.48 -17.83 8.56
C ALA E 188 -10.78 -17.36 7.96
N THR E 189 -10.97 -17.73 6.70
CA THR E 189 -12.16 -17.41 5.93
C THR E 189 -12.85 -18.74 5.67
N HIS E 190 -14.16 -18.77 5.89
CA HIS E 190 -14.92 -19.98 5.67
C HIS E 190 -15.64 -19.95 4.34
N MET E 191 -15.20 -20.79 3.42
CA MET E 191 -15.80 -20.89 2.09
C MET E 191 -17.29 -21.20 2.15
N CYS E 192 -17.70 -21.99 3.14
CA CYS E 192 -19.10 -22.37 3.30
C CYS E 192 -19.94 -21.15 3.60
N MET E 193 -19.29 -20.12 4.13
CA MET E 193 -19.98 -18.89 4.47
C MET E 193 -19.86 -17.91 3.31
N VAL E 194 -18.64 -17.82 2.76
CA VAL E 194 -18.33 -16.92 1.64
C VAL E 194 -19.19 -17.21 0.42
N MET E 195 -19.31 -18.48 0.06
CA MET E 195 -20.10 -18.86 -1.09
C MET E 195 -21.59 -18.81 -0.83
N ARG E 196 -21.98 -17.82 -0.03
CA ARG E 196 -23.37 -17.57 0.35
C ARG E 196 -23.43 -16.08 0.68
N GLY E 197 -22.71 -15.29 -0.11
CA GLY E 197 -22.66 -13.84 0.10
C GLY E 197 -21.26 -13.28 -0.07
N LYS E 200 -18.47 -11.33 2.41
CA LYS E 200 -18.09 -12.49 3.20
C LYS E 200 -16.61 -12.85 3.01
N MET E 201 -16.15 -12.88 1.77
CA MET E 201 -14.76 -13.23 1.45
C MET E 201 -13.78 -12.39 2.27
N ASN E 202 -14.23 -11.23 2.72
CA ASN E 202 -13.40 -10.33 3.52
C ASN E 202 -13.54 -10.62 5.02
N SER E 203 -14.68 -11.18 5.41
CA SER E 203 -14.96 -11.53 6.81
C SER E 203 -13.99 -12.62 7.31
N LYS E 204 -13.42 -12.43 8.51
CA LYS E 204 -12.49 -13.40 9.06
C LYS E 204 -12.70 -13.77 10.52
N THR E 205 -12.52 -15.05 10.81
CA THR E 205 -12.69 -15.57 12.16
C THR E 205 -11.31 -15.72 12.77
N VAL E 206 -11.16 -15.24 13.99
CA VAL E 206 -9.88 -15.31 14.68
C VAL E 206 -10.07 -16.03 16.01
N THR E 207 -9.28 -17.08 16.21
CA THR E 207 -9.34 -17.89 17.43
C THR E 207 -7.94 -17.98 18.03
N SER E 208 -7.86 -18.25 19.33
CA SER E 208 -6.56 -18.38 19.98
C SER E 208 -6.60 -19.33 21.16
N THR E 209 -5.45 -19.89 21.50
CA THR E 209 -5.30 -20.78 22.63
C THR E 209 -3.99 -20.37 23.28
N MET E 210 -4.07 -19.90 24.53
CA MET E 210 -2.91 -19.45 25.28
C MET E 210 -2.71 -20.33 26.50
N LEU E 211 -1.54 -20.97 26.58
CA LEU E 211 -1.22 -21.86 27.69
C LEU E 211 0.03 -21.41 28.43
N GLY E 212 0.11 -21.75 29.71
CA GLY E 212 1.28 -21.40 30.51
C GLY E 212 1.43 -19.91 30.70
N VAL E 213 2.65 -19.41 30.54
CA VAL E 213 2.88 -17.99 30.72
C VAL E 213 2.10 -17.17 29.71
N PHE E 214 1.77 -17.76 28.56
CA PHE E 214 0.99 -17.07 27.54
C PHE E 214 -0.40 -16.78 28.06
N ARG E 215 -0.87 -17.63 28.96
CA ARG E 215 -2.19 -17.44 29.57
C ARG E 215 -2.11 -16.54 30.80
N GLU E 216 -1.15 -16.81 31.69
CA GLU E 216 -0.99 -16.07 32.95
C GLU E 216 -0.28 -14.72 32.95
N ASP E 217 0.64 -14.52 32.01
CA ASP E 217 1.36 -13.27 31.95
C ASP E 217 0.87 -12.39 30.80
N PRO E 218 0.14 -11.31 31.13
CA PRO E 218 -0.40 -10.40 30.10
C PRO E 218 0.68 -9.78 29.23
N LYS E 219 1.87 -9.61 29.79
CA LYS E 219 2.97 -9.02 29.05
C LYS E 219 3.45 -9.94 27.93
N THR E 220 3.54 -11.23 28.23
CA THR E 220 3.98 -12.22 27.25
C THR E 220 2.97 -12.28 26.10
N ARG E 221 1.71 -12.26 26.46
CA ARG E 221 0.59 -12.33 25.53
C ARG E 221 0.64 -11.10 24.61
N GLU E 222 0.86 -9.94 25.22
CA GLU E 222 0.93 -8.68 24.48
C GLU E 222 2.07 -8.67 23.48
N GLU E 223 3.24 -9.10 23.94
CA GLU E 223 4.42 -9.16 23.09
C GLU E 223 4.18 -10.10 21.90
N PHE E 224 3.59 -11.25 22.17
CA PHE E 224 3.32 -12.22 21.13
C PHE E 224 2.41 -11.58 20.08
N LEU E 225 1.30 -10.99 20.52
CA LEU E 225 0.35 -10.37 19.61
C LEU E 225 0.97 -9.21 18.82
N THR E 226 1.96 -8.55 19.40
CA THR E 226 2.66 -7.46 18.74
C THR E 226 3.59 -8.00 17.66
N LEU E 227 4.32 -9.05 17.98
CA LEU E 227 5.25 -9.63 17.04
C LEU E 227 4.59 -10.37 15.88
N ILE E 228 3.31 -10.68 15.98
CA ILE E 228 2.65 -11.38 14.89
C ILE E 228 1.78 -10.44 14.08
N ARG E 229 1.12 -9.50 14.74
CA ARG E 229 0.25 -8.53 14.06
C ARG E 229 1.13 -7.48 13.41
N SER E 230 1.84 -7.90 12.37
CA SER E 230 2.71 -7.01 11.63
C SER E 230 2.17 -6.86 10.19
N ARG F 37 -34.34 -29.94 -19.81
CA ARG F 37 -35.22 -29.45 -18.71
C ARG F 37 -34.42 -28.96 -17.50
N PRO F 38 -34.67 -27.71 -17.07
CA PRO F 38 -33.94 -27.15 -15.93
C PRO F 38 -34.33 -27.85 -14.63
N ARG F 39 -33.38 -27.92 -13.69
CA ARG F 39 -33.64 -28.57 -12.41
C ARG F 39 -34.79 -27.82 -11.73
N SER F 40 -35.58 -28.52 -10.93
CA SER F 40 -36.71 -27.90 -10.23
C SER F 40 -36.65 -28.10 -8.72
N GLU F 41 -37.39 -27.28 -7.98
CA GLU F 41 -37.40 -27.38 -6.53
C GLU F 41 -37.83 -28.76 -6.06
N GLU F 42 -38.65 -29.42 -6.87
CA GLU F 42 -39.12 -30.76 -6.54
C GLU F 42 -37.92 -31.70 -6.60
N ASP F 43 -37.13 -31.57 -7.66
CA ASP F 43 -35.95 -32.40 -7.84
C ASP F 43 -35.07 -32.34 -6.60
N ASN F 44 -34.85 -31.12 -6.10
CA ASN F 44 -34.01 -30.92 -4.92
C ASN F 44 -34.56 -31.69 -3.71
N GLU F 45 -35.86 -31.55 -3.48
CA GLU F 45 -36.49 -32.23 -2.36
C GLU F 45 -36.42 -33.75 -2.51
N LEU F 46 -36.61 -34.24 -3.73
CA LEU F 46 -36.58 -35.68 -4.01
C LEU F 46 -35.17 -36.26 -3.92
N ASN F 47 -34.18 -35.44 -4.25
CA ASN F 47 -32.79 -35.89 -4.23
C ASN F 47 -32.02 -35.60 -2.95
N LEU F 48 -32.52 -34.69 -2.13
CA LEU F 48 -31.83 -34.34 -0.89
C LEU F 48 -31.42 -35.58 -0.11
N PRO F 49 -32.34 -36.52 0.09
CA PRO F 49 -32.04 -37.75 0.82
C PRO F 49 -30.91 -38.57 0.20
N ASN F 50 -30.89 -38.65 -1.12
CA ASN F 50 -29.85 -39.39 -1.82
C ASN F 50 -28.51 -38.71 -1.59
N LEU F 51 -28.51 -37.38 -1.66
CA LEU F 51 -27.29 -36.61 -1.43
C LEU F 51 -26.83 -36.88 0.00
N ALA F 52 -27.74 -36.65 0.94
CA ALA F 52 -27.44 -36.85 2.36
C ALA F 52 -26.86 -38.24 2.59
N ALA F 53 -27.43 -39.25 1.94
CA ALA F 53 -26.96 -40.62 2.08
C ALA F 53 -25.55 -40.76 1.55
N ALA F 54 -25.29 -40.22 0.36
CA ALA F 54 -23.96 -40.31 -0.22
C ALA F 54 -22.92 -39.64 0.68
N TYR F 55 -23.29 -38.50 1.27
CA TYR F 55 -22.34 -37.83 2.14
C TYR F 55 -22.10 -38.60 3.41
N SER F 56 -23.16 -39.22 3.94
CA SER F 56 -23.02 -40.00 5.17
C SER F 56 -22.06 -41.14 4.87
N SER F 57 -22.19 -41.71 3.68
CA SER F 57 -21.30 -42.79 3.27
C SER F 57 -19.87 -42.30 3.19
N ILE F 58 -19.68 -41.14 2.56
CA ILE F 58 -18.34 -40.55 2.43
C ILE F 58 -17.71 -40.36 3.79
N LEU F 59 -18.49 -39.86 4.75
CA LEU F 59 -17.99 -39.66 6.11
C LEU F 59 -17.39 -40.98 6.64
N ARG F 60 -18.12 -42.08 6.47
CA ARG F 60 -17.64 -43.40 6.91
C ARG F 60 -16.39 -43.82 6.15
N SER F 61 -16.43 -43.66 4.83
CA SER F 61 -15.30 -44.05 3.99
C SER F 61 -14.01 -43.29 4.32
N LEU F 62 -14.14 -42.15 4.99
CA LEU F 62 -12.95 -41.36 5.33
C LEU F 62 -12.35 -41.79 6.67
N GLY F 63 -13.13 -42.50 7.46
CA GLY F 63 -12.67 -42.97 8.75
C GLY F 63 -13.34 -42.23 9.88
N GLU F 64 -14.30 -41.38 9.55
CA GLU F 64 -15.02 -40.61 10.55
C GLU F 64 -16.26 -41.29 11.08
N ASP F 65 -16.77 -40.77 12.19
CA ASP F 65 -17.96 -41.32 12.82
C ASP F 65 -19.16 -40.43 12.54
N PRO F 66 -20.03 -40.84 11.59
CA PRO F 66 -21.24 -40.07 11.23
C PRO F 66 -22.15 -39.83 12.43
N GLN F 67 -21.78 -40.42 13.56
CA GLN F 67 -22.58 -40.28 14.78
C GLN F 67 -22.13 -39.16 15.71
N ARG F 68 -20.89 -38.68 15.55
CA ARG F 68 -20.40 -37.57 16.38
C ARG F 68 -21.43 -36.45 16.38
N GLN F 69 -21.59 -35.78 17.50
CA GLN F 69 -22.54 -34.69 17.56
C GLN F 69 -22.24 -33.70 16.44
N GLY F 70 -20.95 -33.42 16.25
CA GLY F 70 -20.55 -32.48 15.22
C GLY F 70 -20.77 -32.93 13.78
N LEU F 71 -21.03 -34.21 13.58
CA LEU F 71 -21.25 -34.73 12.24
C LEU F 71 -22.69 -35.16 11.97
N LEU F 72 -23.48 -35.29 13.02
CA LEU F 72 -24.87 -35.71 12.86
C LEU F 72 -25.61 -35.07 11.70
N LYS F 73 -25.69 -33.74 11.70
CA LYS F 73 -26.40 -33.03 10.64
C LYS F 73 -25.58 -32.75 9.38
N THR F 74 -24.31 -33.15 9.39
CA THR F 74 -23.44 -32.89 8.26
C THR F 74 -23.95 -33.42 6.90
N PRO F 75 -24.44 -34.66 6.86
CA PRO F 75 -24.92 -35.15 5.56
C PRO F 75 -25.96 -34.25 4.90
N TRP F 76 -26.84 -33.65 5.68
CA TRP F 76 -27.85 -32.75 5.10
C TRP F 76 -27.28 -31.39 4.80
N ARG F 77 -26.45 -30.87 5.71
CA ARG F 77 -25.86 -29.56 5.51
C ARG F 77 -24.95 -29.59 4.28
N ALA F 78 -24.25 -30.70 4.09
CA ALA F 78 -23.36 -30.84 2.96
C ALA F 78 -24.18 -30.94 1.69
N ALA F 79 -25.26 -31.72 1.74
CA ALA F 79 -26.15 -31.91 0.61
C ALA F 79 -26.76 -30.58 0.18
N THR F 80 -27.25 -29.84 1.17
CA THR F 80 -27.87 -28.55 0.91
C THR F 80 -26.87 -27.60 0.30
N ALA F 81 -25.68 -27.56 0.90
CA ALA F 81 -24.63 -26.68 0.43
C ALA F 81 -24.33 -26.97 -1.03
N MET F 82 -24.15 -28.24 -1.36
CA MET F 82 -23.85 -28.63 -2.74
C MET F 82 -24.96 -28.30 -3.72
N GLN F 83 -26.20 -28.27 -3.23
CA GLN F 83 -27.34 -27.95 -4.09
C GLN F 83 -27.34 -26.45 -4.37
N PHE F 84 -26.89 -25.69 -3.38
CA PHE F 84 -26.82 -24.25 -3.51
C PHE F 84 -25.75 -23.90 -4.55
N PHE F 85 -24.58 -24.52 -4.42
CA PHE F 85 -23.46 -24.28 -5.33
C PHE F 85 -23.83 -24.66 -6.76
N THR F 86 -24.80 -25.54 -6.92
CA THR F 86 -25.20 -25.94 -8.27
C THR F 86 -26.59 -25.49 -8.65
N LYS F 87 -27.12 -24.51 -7.94
CA LYS F 87 -28.47 -24.00 -8.20
C LYS F 87 -28.62 -23.27 -9.54
N GLY F 88 -27.54 -23.12 -10.29
CA GLY F 88 -27.63 -22.45 -11.56
C GLY F 88 -28.23 -23.37 -12.62
N TYR F 89 -28.27 -24.67 -12.31
CA TYR F 89 -28.83 -25.65 -13.24
C TYR F 89 -30.34 -25.50 -13.33
N GLN F 90 -30.95 -25.01 -12.27
CA GLN F 90 -32.40 -24.84 -12.25
C GLN F 90 -32.87 -23.50 -12.83
N GLU F 91 -32.04 -22.89 -13.67
CA GLU F 91 -32.40 -21.62 -14.30
C GLU F 91 -31.91 -21.54 -15.73
N THR F 92 -32.38 -20.52 -16.45
CA THR F 92 -32.00 -20.28 -17.85
C THR F 92 -31.95 -18.78 -18.13
N ILE F 93 -31.15 -18.38 -19.12
CA ILE F 93 -31.02 -16.97 -19.47
C ILE F 93 -32.39 -16.35 -19.74
N SER F 94 -33.32 -17.17 -20.22
CA SER F 94 -34.68 -16.73 -20.53
C SER F 94 -35.37 -16.09 -19.33
N ASP F 95 -35.28 -16.73 -18.16
CA ASP F 95 -35.91 -16.22 -16.95
C ASP F 95 -35.45 -14.79 -16.66
N VAL F 96 -34.29 -14.42 -17.22
CA VAL F 96 -33.71 -13.10 -17.02
C VAL F 96 -33.94 -12.17 -18.20
N LEU F 97 -33.74 -12.70 -19.40
CA LEU F 97 -33.88 -11.97 -20.67
C LEU F 97 -34.82 -10.76 -20.68
N ASN F 98 -36.12 -11.02 -20.85
CA ASN F 98 -37.15 -9.97 -20.91
C ASN F 98 -37.04 -8.82 -19.90
N ASP F 99 -37.24 -9.15 -18.63
CA ASP F 99 -37.20 -8.21 -17.51
C ASP F 99 -36.62 -6.82 -17.74
N ALA F 100 -35.44 -6.57 -17.15
CA ALA F 100 -34.78 -5.26 -17.24
C ALA F 100 -33.78 -5.03 -18.37
N ILE F 101 -34.26 -4.38 -19.43
CA ILE F 101 -33.46 -4.00 -20.60
C ILE F 101 -34.02 -2.66 -21.10
N PHE F 102 -33.58 -1.58 -20.47
CA PHE F 102 -34.03 -0.23 -20.80
C PHE F 102 -33.27 0.28 -22.02
N ASP F 103 -33.87 1.21 -22.75
CA ASP F 103 -33.21 1.77 -23.93
C ASP F 103 -32.86 3.25 -23.73
N GLU F 104 -31.62 3.50 -23.30
CA GLU F 104 -31.19 4.88 -23.13
C GLU F 104 -30.47 5.29 -24.41
N ASP F 105 -30.72 4.51 -25.47
CA ASP F 105 -30.13 4.78 -26.76
C ASP F 105 -28.63 5.04 -26.56
N HIS F 106 -28.00 4.22 -25.72
CA HIS F 106 -26.59 4.37 -25.43
C HIS F 106 -25.79 3.57 -26.44
N ASP F 107 -24.68 4.13 -26.92
CA ASP F 107 -23.86 3.41 -27.89
C ASP F 107 -22.35 3.46 -27.62
N GLU F 108 -21.98 3.58 -26.35
CA GLU F 108 -20.57 3.62 -25.95
C GLU F 108 -20.30 2.57 -24.87
N MET F 109 -19.06 2.12 -24.79
CA MET F 109 -18.67 1.08 -23.85
C MET F 109 -19.15 1.21 -22.41
N VAL F 110 -19.79 0.15 -21.93
CA VAL F 110 -20.26 0.09 -20.56
C VAL F 110 -19.50 -1.06 -19.91
N ILE F 111 -18.88 -0.79 -18.76
CA ILE F 111 -18.11 -1.82 -18.05
C ILE F 111 -18.58 -2.03 -16.62
N VAL F 112 -18.57 -3.29 -16.18
CA VAL F 112 -18.93 -3.63 -14.82
C VAL F 112 -17.80 -4.56 -14.41
N LYS F 113 -16.97 -4.10 -13.47
CA LYS F 113 -15.84 -4.90 -13.03
C LYS F 113 -15.86 -5.31 -11.57
N ASP F 114 -14.95 -6.21 -11.23
CA ASP F 114 -14.80 -6.72 -9.88
C ASP F 114 -16.06 -7.35 -9.35
N ILE F 115 -16.67 -8.18 -10.18
CA ILE F 115 -17.87 -8.90 -9.80
C ILE F 115 -17.39 -10.22 -9.20
N ASP F 116 -17.61 -10.41 -7.90
CA ASP F 116 -17.21 -11.65 -7.23
C ASP F 116 -17.95 -12.84 -7.79
N MET F 117 -17.24 -13.95 -7.99
CA MET F 117 -17.90 -15.14 -8.47
C MET F 117 -17.33 -16.37 -7.77
N PHE F 118 -18.21 -17.32 -7.49
CA PHE F 118 -17.83 -18.56 -6.83
C PHE F 118 -18.37 -19.71 -7.67
N SER F 119 -17.51 -20.68 -7.96
CA SER F 119 -17.92 -21.79 -8.78
C SER F 119 -17.30 -23.09 -8.26
N MET F 120 -17.59 -24.18 -8.95
CA MET F 120 -17.08 -25.49 -8.55
C MET F 120 -16.30 -26.14 -9.69
N CYS F 121 -15.11 -26.62 -9.37
CA CYS F 121 -14.27 -27.29 -10.35
C CYS F 121 -14.99 -28.59 -10.70
N GLU F 122 -15.28 -28.82 -11.98
CA GLU F 122 -16.00 -30.05 -12.32
C GLU F 122 -15.15 -31.31 -12.26
N HIS F 123 -13.83 -31.15 -12.15
CA HIS F 123 -12.95 -32.30 -12.07
C HIS F 123 -12.79 -32.85 -10.65
N HIS F 124 -12.72 -31.97 -9.66
CA HIS F 124 -12.53 -32.40 -8.27
C HIS F 124 -13.66 -32.02 -7.33
N LEU F 125 -14.62 -31.26 -7.82
CA LEU F 125 -15.73 -30.82 -6.99
C LEU F 125 -15.23 -29.99 -5.82
N VAL F 126 -14.21 -29.17 -6.08
CA VAL F 126 -13.65 -28.25 -5.09
C VAL F 126 -13.90 -26.89 -5.73
N PRO F 127 -14.29 -25.89 -4.92
CA PRO F 127 -14.55 -24.58 -5.53
C PRO F 127 -13.38 -23.74 -6.04
N PHE F 128 -13.61 -22.98 -7.11
CA PHE F 128 -12.60 -22.05 -7.59
C PHE F 128 -13.29 -20.68 -7.53
N VAL F 129 -12.61 -19.73 -6.90
CA VAL F 129 -13.16 -18.39 -6.65
C VAL F 129 -12.40 -17.25 -7.33
N GLY F 130 -13.10 -16.14 -7.58
CA GLY F 130 -12.45 -15.01 -8.21
C GLY F 130 -13.35 -13.85 -8.56
N ARG F 131 -13.01 -13.14 -9.63
CA ARG F 131 -13.76 -11.98 -10.08
C ARG F 131 -14.08 -12.07 -11.58
N VAL F 132 -15.18 -11.44 -11.98
CA VAL F 132 -15.56 -11.42 -13.38
C VAL F 132 -15.59 -9.96 -13.80
N HIS F 133 -15.09 -9.66 -14.99
CA HIS F 133 -15.07 -8.30 -15.52
C HIS F 133 -15.79 -8.34 -16.85
N ILE F 134 -16.78 -7.47 -16.99
CA ILE F 134 -17.59 -7.45 -18.18
C ILE F 134 -17.61 -6.10 -18.83
N GLY F 135 -17.71 -6.12 -20.15
CA GLY F 135 -17.79 -4.90 -20.92
C GLY F 135 -18.52 -5.17 -22.22
N TYR F 136 -19.23 -4.15 -22.71
CA TYR F 136 -19.94 -4.31 -23.96
C TYR F 136 -20.19 -2.97 -24.64
N LEU F 137 -20.26 -3.01 -25.96
CA LEU F 137 -20.54 -1.81 -26.73
C LEU F 137 -21.99 -1.94 -27.16
N PRO F 138 -22.90 -1.32 -26.40
CA PRO F 138 -24.33 -1.40 -26.70
C PRO F 138 -24.75 -0.92 -28.07
N ASN F 139 -25.81 -1.54 -28.57
CA ASN F 139 -26.41 -1.20 -29.83
C ASN F 139 -27.78 -0.72 -29.40
N LYS F 140 -27.76 0.36 -28.63
CA LYS F 140 -28.96 0.98 -28.08
C LYS F 140 -29.42 0.31 -26.79
N GLN F 141 -29.42 -1.02 -26.76
CA GLN F 141 -29.85 -1.76 -25.58
C GLN F 141 -28.80 -1.90 -24.49
N VAL F 142 -29.17 -1.52 -23.26
CA VAL F 142 -28.29 -1.61 -22.11
C VAL F 142 -28.82 -2.69 -21.15
N LEU F 143 -27.93 -3.26 -20.33
CA LEU F 143 -28.28 -4.32 -19.39
C LEU F 143 -28.21 -3.82 -17.95
N GLY F 144 -29.23 -4.13 -17.16
CA GLY F 144 -29.23 -3.71 -15.77
C GLY F 144 -28.26 -4.53 -14.93
N LEU F 145 -27.71 -3.92 -13.89
CA LEU F 145 -26.78 -4.63 -13.03
C LEU F 145 -27.40 -5.89 -12.46
N SER F 146 -28.67 -5.80 -12.09
CA SER F 146 -29.40 -6.90 -11.52
C SER F 146 -29.38 -8.12 -12.46
N LYS F 147 -29.69 -7.90 -13.72
CA LYS F 147 -29.71 -8.98 -14.69
C LYS F 147 -28.31 -9.50 -14.96
N LEU F 148 -27.36 -8.59 -15.05
CA LEU F 148 -25.97 -8.94 -15.29
C LEU F 148 -25.53 -9.93 -14.23
N ALA F 149 -25.83 -9.57 -12.99
CA ALA F 149 -25.49 -10.39 -11.82
C ALA F 149 -26.11 -11.78 -11.95
N ARG F 150 -27.39 -11.81 -12.30
CA ARG F 150 -28.10 -13.07 -12.44
C ARG F 150 -27.43 -13.93 -13.50
N ILE F 151 -27.03 -13.31 -14.61
CA ILE F 151 -26.35 -14.05 -15.66
C ILE F 151 -25.10 -14.75 -15.11
N VAL F 152 -24.26 -14.00 -14.41
CA VAL F 152 -23.03 -14.55 -13.84
C VAL F 152 -23.36 -15.66 -12.83
N GLU F 153 -24.44 -15.44 -12.09
CA GLU F 153 -24.88 -16.40 -11.08
C GLU F 153 -25.33 -17.72 -11.70
N ILE F 154 -26.12 -17.64 -12.75
CA ILE F 154 -26.63 -18.81 -13.42
C ILE F 154 -25.57 -19.80 -13.88
N TYR F 155 -24.52 -19.30 -14.51
CA TYR F 155 -23.46 -20.17 -15.01
C TYR F 155 -22.35 -20.51 -14.05
N SER F 156 -22.08 -19.62 -13.09
CA SER F 156 -21.01 -19.90 -12.16
C SER F 156 -21.46 -20.91 -11.11
N ARG F 157 -22.75 -20.94 -10.79
CA ARG F 157 -23.23 -21.90 -9.81
C ARG F 157 -23.55 -23.25 -10.46
N ARG F 158 -22.51 -23.88 -10.98
CA ARG F 158 -22.59 -25.18 -11.64
C ARG F 158 -21.22 -25.83 -11.55
N LEU F 159 -21.12 -27.07 -11.98
CA LEU F 159 -19.83 -27.73 -12.00
C LEU F 159 -19.28 -27.09 -13.26
N GLN F 160 -18.15 -26.41 -13.15
CA GLN F 160 -17.60 -25.71 -14.29
C GLN F 160 -16.13 -25.87 -14.60
N VAL F 161 -15.75 -25.19 -15.67
CA VAL F 161 -14.40 -25.13 -16.19
C VAL F 161 -14.32 -23.64 -16.53
N GLN F 162 -13.33 -22.96 -15.98
CA GLN F 162 -13.22 -21.51 -16.19
C GLN F 162 -13.46 -20.98 -17.62
N GLU F 163 -12.87 -21.61 -18.63
CA GLU F 163 -13.07 -21.13 -20.00
C GLU F 163 -14.53 -21.21 -20.46
N ARG F 164 -15.24 -22.26 -20.05
CA ARG F 164 -16.63 -22.42 -20.44
C ARG F 164 -17.46 -21.34 -19.77
N LEU F 165 -17.25 -21.18 -18.47
CA LEU F 165 -17.96 -20.16 -17.72
C LEU F 165 -17.78 -18.81 -18.41
N THR F 166 -16.54 -18.49 -18.79
CA THR F 166 -16.25 -17.23 -19.45
C THR F 166 -17.05 -17.07 -20.75
N LYS F 167 -16.99 -18.08 -21.62
CA LYS F 167 -17.73 -18.02 -22.88
C LYS F 167 -19.23 -17.92 -22.71
N GLN F 168 -19.79 -18.66 -21.76
CA GLN F 168 -21.23 -18.65 -21.54
C GLN F 168 -21.71 -17.28 -21.10
N ILE F 169 -20.98 -16.66 -20.18
CA ILE F 169 -21.39 -15.34 -19.74
C ILE F 169 -21.36 -14.38 -20.95
N ALA F 170 -20.28 -14.43 -21.72
CA ALA F 170 -20.15 -13.58 -22.91
C ALA F 170 -21.28 -13.78 -23.94
N VAL F 171 -21.58 -15.04 -24.23
CA VAL F 171 -22.62 -15.37 -25.18
C VAL F 171 -24.00 -14.97 -24.68
N ALA F 172 -24.24 -15.18 -23.39
CA ALA F 172 -25.53 -14.82 -22.80
C ALA F 172 -25.76 -13.32 -22.95
N ILE F 173 -24.73 -12.54 -22.65
CA ILE F 173 -24.83 -11.09 -22.76
C ILE F 173 -25.08 -10.70 -24.22
N THR F 174 -24.41 -11.38 -25.15
CA THR F 174 -24.58 -11.11 -26.57
C THR F 174 -26.03 -11.38 -27.01
N GLU F 175 -26.61 -12.47 -26.53
CA GLU F 175 -27.97 -12.79 -26.91
C GLU F 175 -29.00 -11.86 -26.26
N ALA F 176 -28.70 -11.39 -25.05
CA ALA F 176 -29.63 -10.51 -24.36
C ALA F 176 -29.59 -9.06 -24.80
N LEU F 177 -28.57 -8.69 -25.59
CA LEU F 177 -28.45 -7.31 -26.02
C LEU F 177 -28.19 -7.05 -27.49
N GLN F 178 -27.79 -8.08 -28.23
CA GLN F 178 -27.46 -7.89 -29.65
C GLN F 178 -26.54 -6.66 -29.75
N PRO F 179 -25.44 -6.65 -28.98
CA PRO F 179 -24.50 -5.53 -28.96
C PRO F 179 -23.49 -5.56 -30.10
N ALA F 180 -22.74 -4.47 -30.24
CA ALA F 180 -21.71 -4.37 -31.27
C ALA F 180 -20.51 -5.21 -30.85
N GLY F 181 -20.43 -5.51 -29.56
CA GLY F 181 -19.33 -6.30 -29.07
C GLY F 181 -19.39 -6.47 -27.57
N VAL F 182 -18.73 -7.50 -27.07
CA VAL F 182 -18.72 -7.77 -25.65
C VAL F 182 -17.43 -8.47 -25.26
N GLY F 183 -16.97 -8.16 -24.05
CA GLY F 183 -15.77 -8.77 -23.53
C GLY F 183 -15.98 -9.25 -22.11
N VAL F 184 -15.44 -10.43 -21.81
CA VAL F 184 -15.55 -10.95 -20.47
C VAL F 184 -14.19 -11.49 -20.04
N VAL F 185 -13.77 -11.09 -18.85
CA VAL F 185 -12.50 -11.56 -18.30
C VAL F 185 -12.78 -12.14 -16.93
N ILE F 186 -12.17 -13.28 -16.65
CA ILE F 186 -12.31 -13.91 -15.35
C ILE F 186 -10.96 -14.30 -14.79
N GLU F 187 -10.70 -13.93 -13.54
CA GLU F 187 -9.46 -14.30 -12.89
C GLU F 187 -9.89 -15.07 -11.67
N ALA F 188 -9.33 -16.25 -11.47
CA ALA F 188 -9.72 -17.07 -10.34
C ALA F 188 -8.59 -17.89 -9.75
N THR F 189 -8.83 -18.35 -8.52
CA THR F 189 -7.89 -19.18 -7.80
C THR F 189 -8.61 -20.51 -7.67
N HIS F 190 -7.92 -21.60 -7.90
CA HIS F 190 -8.55 -22.91 -7.78
C HIS F 190 -8.16 -23.59 -6.46
N MET F 191 -9.15 -23.79 -5.60
CA MET F 191 -8.95 -24.42 -4.30
C MET F 191 -8.39 -25.84 -4.44
N CYS F 192 -8.80 -26.52 -5.51
CA CYS F 192 -8.34 -27.90 -5.75
C CYS F 192 -6.84 -27.92 -5.99
N MET F 193 -6.30 -26.80 -6.42
CA MET F 193 -4.88 -26.68 -6.69
C MET F 193 -4.18 -26.10 -5.45
N VAL F 194 -4.79 -25.07 -4.87
CA VAL F 194 -4.29 -24.39 -3.67
C VAL F 194 -4.10 -25.35 -2.50
N MET F 195 -5.10 -26.19 -2.26
CA MET F 195 -5.03 -27.13 -1.16
C MET F 195 -4.19 -28.34 -1.52
N ARG F 196 -3.09 -28.06 -2.21
CA ARG F 196 -2.12 -29.06 -2.63
C ARG F 196 -0.80 -28.30 -2.86
N GLY F 197 -0.59 -27.28 -2.03
CA GLY F 197 0.60 -26.45 -2.13
C GLY F 197 0.32 -24.97 -1.89
N LYS F 200 0.48 -21.43 -4.07
CA LYS F 200 -0.70 -21.70 -4.91
C LYS F 200 -1.81 -20.68 -4.69
N MET F 201 -2.15 -20.43 -3.43
CA MET F 201 -3.20 -19.46 -3.09
C MET F 201 -2.99 -18.14 -3.82
N ASN F 202 -1.75 -17.86 -4.21
CA ASN F 202 -1.43 -16.63 -4.93
C ASN F 202 -1.55 -16.82 -6.45
N SER F 203 -1.35 -18.05 -6.91
CA SER F 203 -1.45 -18.39 -8.32
C SER F 203 -2.88 -18.13 -8.87
N LYS F 204 -2.98 -17.44 -10.01
CA LYS F 204 -4.29 -17.15 -10.58
C LYS F 204 -4.43 -17.43 -12.06
N THR F 205 -5.61 -17.92 -12.44
CA THR F 205 -5.89 -18.25 -13.84
C THR F 205 -6.73 -17.13 -14.44
N VAL F 206 -6.32 -16.63 -15.60
CA VAL F 206 -7.06 -15.56 -16.25
C VAL F 206 -7.52 -16.02 -17.62
N THR F 207 -8.82 -15.92 -17.86
CA THR F 207 -9.46 -16.32 -19.11
C THR F 207 -10.29 -15.19 -19.70
N SER F 208 -10.46 -15.19 -21.02
CA SER F 208 -11.22 -14.13 -21.63
C SER F 208 -11.97 -14.58 -22.86
N THR F 209 -13.00 -13.83 -23.22
CA THR F 209 -13.79 -14.12 -24.40
C THR F 209 -14.13 -12.76 -24.99
N MET F 210 -13.65 -12.50 -26.20
CA MET F 210 -13.91 -11.22 -26.85
C MET F 210 -14.72 -11.44 -28.10
N LEU F 211 -15.87 -10.78 -28.17
CA LEU F 211 -16.77 -10.92 -29.31
C LEU F 211 -17.02 -9.58 -29.98
N GLY F 212 -17.37 -9.64 -31.26
CA GLY F 212 -17.67 -8.43 -32.01
C GLY F 212 -16.49 -7.50 -32.08
N VAL F 213 -16.75 -6.20 -31.88
CA VAL F 213 -15.68 -5.23 -31.94
C VAL F 213 -14.59 -5.52 -30.90
N PHE F 214 -14.95 -6.19 -29.81
CA PHE F 214 -13.96 -6.51 -28.78
C PHE F 214 -12.94 -7.49 -29.33
N ARG F 215 -13.36 -8.27 -30.31
CA ARG F 215 -12.45 -9.22 -30.96
C ARG F 215 -11.70 -8.55 -32.12
N GLU F 216 -12.44 -7.93 -33.04
CA GLU F 216 -11.85 -7.31 -34.23
C GLU F 216 -11.09 -5.99 -34.07
N ASP F 217 -11.45 -5.18 -33.07
CA ASP F 217 -10.78 -3.90 -32.87
C ASP F 217 -9.84 -3.89 -31.69
N PRO F 218 -8.52 -3.91 -31.95
CA PRO F 218 -7.51 -3.90 -30.88
C PRO F 218 -7.61 -2.69 -29.94
N LYS F 219 -8.13 -1.57 -30.46
CA LYS F 219 -8.27 -0.38 -29.64
C LYS F 219 -9.31 -0.55 -28.56
N THR F 220 -10.45 -1.15 -28.92
CA THR F 220 -11.55 -1.39 -27.99
C THR F 220 -11.08 -2.36 -26.91
N ARG F 221 -10.44 -3.43 -27.34
CA ARG F 221 -9.91 -4.45 -26.45
C ARG F 221 -8.94 -3.79 -25.42
N GLU F 222 -8.02 -2.96 -25.94
CA GLU F 222 -7.04 -2.26 -25.10
C GLU F 222 -7.72 -1.36 -24.08
N GLU F 223 -8.67 -0.56 -24.54
CA GLU F 223 -9.40 0.33 -23.67
C GLU F 223 -10.12 -0.47 -22.58
N PHE F 224 -10.75 -1.58 -22.95
CA PHE F 224 -11.44 -2.41 -22.00
C PHE F 224 -10.46 -2.91 -20.93
N LEU F 225 -9.33 -3.46 -21.36
CA LEU F 225 -8.34 -3.97 -20.41
C LEU F 225 -7.73 -2.87 -19.52
N THR F 226 -7.71 -1.64 -20.02
CA THR F 226 -7.19 -0.51 -19.25
C THR F 226 -8.19 -0.11 -18.17
N LEU F 227 -9.46 -0.06 -18.55
CA LEU F 227 -10.51 0.35 -17.63
C LEU F 227 -10.85 -0.68 -16.57
N ILE F 228 -10.39 -1.92 -16.73
CA ILE F 228 -10.68 -2.92 -15.71
C ILE F 228 -9.43 -3.21 -14.88
N ARG F 229 -8.27 -3.16 -15.52
CA ARG F 229 -7.02 -3.43 -14.82
C ARG F 229 -6.58 -2.20 -14.06
N SER F 230 -7.35 -1.89 -13.03
CA SER F 230 -7.07 -0.73 -12.19
C SER F 230 -6.70 -1.18 -10.78
N ARG G 37 18.36 -41.45 -19.83
CA ARG G 37 17.57 -42.17 -18.79
C ARG G 37 17.28 -41.27 -17.60
N PRO G 38 15.99 -41.13 -17.23
CA PRO G 38 15.64 -40.29 -16.08
C PRO G 38 16.09 -40.92 -14.76
N ARG G 39 16.44 -40.08 -13.78
CA ARG G 39 16.89 -40.57 -12.48
C ARG G 39 15.77 -41.42 -11.86
N SER G 40 16.13 -42.44 -11.09
CA SER G 40 15.14 -43.30 -10.47
C SER G 40 15.25 -43.30 -8.95
N GLU G 41 14.23 -43.83 -8.28
CA GLU G 41 14.23 -43.89 -6.81
C GLU G 41 15.38 -44.75 -6.29
N GLU G 42 15.84 -45.69 -7.12
CA GLU G 42 16.95 -46.57 -6.76
C GLU G 42 18.23 -45.76 -6.72
N ASP G 43 18.41 -44.92 -7.74
CA ASP G 43 19.58 -44.05 -7.84
C ASP G 43 19.73 -43.22 -6.56
N ASN G 44 18.62 -42.63 -6.12
CA ASN G 44 18.61 -41.80 -4.90
C ASN G 44 19.10 -42.59 -3.69
N GLU G 45 18.55 -43.78 -3.50
CA GLU G 45 18.94 -44.63 -2.37
C GLU G 45 20.41 -45.05 -2.49
N LEU G 46 20.85 -45.36 -3.70
CA LEU G 46 22.24 -45.76 -3.94
C LEU G 46 23.21 -44.59 -3.76
N ASN G 47 22.76 -43.38 -4.09
CA ASN G 47 23.59 -42.19 -3.99
C ASN G 47 23.48 -41.36 -2.71
N LEU G 48 22.42 -41.56 -1.94
CA LEU G 48 22.24 -40.80 -0.70
C LEU G 48 23.49 -40.85 0.18
N PRO G 49 24.10 -42.04 0.34
CA PRO G 49 25.30 -42.15 1.16
C PRO G 49 26.47 -41.35 0.58
N ASN G 50 26.59 -41.36 -0.75
CA ASN G 50 27.66 -40.59 -1.40
C ASN G 50 27.46 -39.12 -1.07
N LEU G 51 26.23 -38.64 -1.27
CA LEU G 51 25.89 -37.25 -0.98
C LEU G 51 26.16 -36.93 0.49
N ALA G 52 25.64 -37.76 1.38
CA ALA G 52 25.86 -37.59 2.81
C ALA G 52 27.36 -37.49 3.14
N ALA G 53 28.17 -38.34 2.52
CA ALA G 53 29.61 -38.36 2.73
C ALA G 53 30.24 -37.05 2.27
N ALA G 54 29.85 -36.60 1.08
CA ALA G 54 30.36 -35.35 0.52
C ALA G 54 30.05 -34.18 1.45
N TYR G 55 28.82 -34.15 1.96
CA TYR G 55 28.44 -33.07 2.87
C TYR G 55 29.20 -33.16 4.19
N SER G 56 29.43 -34.37 4.67
CA SER G 56 30.17 -34.54 5.92
C SER G 56 31.59 -34.04 5.71
N SER G 57 32.09 -34.23 4.51
CA SER G 57 33.44 -33.78 4.20
C SER G 57 33.46 -32.27 4.16
N ILE G 58 32.44 -31.68 3.53
CA ILE G 58 32.33 -30.23 3.42
C ILE G 58 32.30 -29.60 4.80
N LEU G 59 31.52 -30.18 5.72
CA LEU G 59 31.44 -29.67 7.08
C LEU G 59 32.84 -29.54 7.68
N ARG G 60 33.67 -30.58 7.51
CA ARG G 60 35.03 -30.57 8.04
C ARG G 60 35.86 -29.51 7.37
N SER G 61 35.81 -29.46 6.04
CA SER G 61 36.58 -28.49 5.29
C SER G 61 36.23 -27.04 5.63
N LEU G 62 35.05 -26.81 6.22
CA LEU G 62 34.64 -25.45 6.58
C LEU G 62 35.17 -25.07 7.95
N GLY G 63 35.58 -26.06 8.72
CA GLY G 63 36.11 -25.80 10.05
C GLY G 63 35.13 -26.21 11.12
N GLU G 64 34.04 -26.88 10.72
CA GLU G 64 33.03 -27.31 11.67
C GLU G 64 33.25 -28.73 12.18
N ASP G 65 32.51 -29.05 13.24
CA ASP G 65 32.59 -30.35 13.88
C ASP G 65 31.38 -31.18 13.49
N PRO G 66 31.53 -32.13 12.55
CA PRO G 66 30.44 -33.00 12.09
C PRO G 66 29.83 -33.80 13.25
N GLN G 67 30.45 -33.71 14.42
CA GLN G 67 30.00 -34.41 15.61
C GLN G 67 29.04 -33.64 16.51
N ARG G 68 28.98 -32.32 16.37
CA ARG G 68 28.06 -31.51 17.18
C ARG G 68 26.66 -32.11 17.09
N GLN G 69 25.90 -32.05 18.18
CA GLN G 69 24.56 -32.60 18.16
C GLN G 69 23.75 -31.95 17.04
N GLY G 70 24.03 -30.67 16.81
CA GLY G 70 23.32 -29.94 15.77
C GLY G 70 23.71 -30.28 14.35
N LEU G 71 24.85 -30.94 14.17
CA LEU G 71 25.33 -31.31 12.84
C LEU G 71 25.29 -32.81 12.54
N LEU G 72 25.11 -33.64 13.56
CA LEU G 72 25.09 -35.09 13.37
C LEU G 72 24.29 -35.56 12.16
N LYS G 73 23.00 -35.21 12.10
CA LYS G 73 22.16 -35.63 10.98
C LYS G 73 22.20 -34.70 9.77
N THR G 74 23.02 -33.65 9.83
CA THR G 74 23.10 -32.71 8.72
C THR G 74 23.53 -33.29 7.39
N PRO G 75 24.52 -34.21 7.37
CA PRO G 75 24.88 -34.74 6.05
C PRO G 75 23.72 -35.40 5.31
N TRP G 76 22.82 -36.08 6.03
CA TRP G 76 21.69 -36.74 5.39
C TRP G 76 20.59 -35.76 5.04
N ARG G 77 20.33 -34.82 5.96
CA ARG G 77 19.29 -33.84 5.72
C ARG G 77 19.67 -32.97 4.51
N ALA G 78 20.94 -32.58 4.46
CA ALA G 78 21.43 -31.77 3.35
C ALA G 78 21.31 -32.57 2.07
N ALA G 79 21.75 -33.82 2.11
CA ALA G 79 21.71 -34.69 0.93
C ALA G 79 20.29 -34.84 0.45
N THR G 80 19.38 -35.06 1.39
CA THR G 80 17.97 -35.25 1.08
C THR G 80 17.41 -33.97 0.49
N ALA G 81 17.78 -32.85 1.07
CA ALA G 81 17.32 -31.55 0.59
C ALA G 81 17.77 -31.32 -0.84
N MET G 82 19.04 -31.62 -1.12
CA MET G 82 19.58 -31.44 -2.46
C MET G 82 18.93 -32.37 -3.50
N GLN G 83 18.48 -33.55 -3.07
CA GLN G 83 17.85 -34.48 -4.01
C GLN G 83 16.47 -33.96 -4.35
N PHE G 84 15.81 -33.41 -3.33
CA PHE G 84 14.49 -32.85 -3.54
C PHE G 84 14.59 -31.73 -4.56
N PHE G 85 15.52 -30.80 -4.33
CA PHE G 85 15.72 -29.66 -5.22
C PHE G 85 16.06 -30.09 -6.65
N THR G 86 16.54 -31.32 -6.83
CA THR G 86 16.88 -31.79 -8.17
C THR G 86 16.02 -32.95 -8.64
N LYS G 87 14.89 -33.16 -7.96
CA LYS G 87 14.01 -34.27 -8.32
C LYS G 87 13.40 -34.15 -9.71
N GLY G 88 13.59 -33.00 -10.35
CA GLY G 88 13.05 -32.81 -11.69
C GLY G 88 13.74 -33.69 -12.72
N TYR G 89 14.94 -34.15 -12.38
CA TYR G 89 15.71 -35.00 -13.28
C TYR G 89 15.04 -36.37 -13.45
N GLN G 90 14.39 -36.85 -12.40
CA GLN G 90 13.75 -38.15 -12.46
C GLN G 90 12.36 -38.15 -13.10
N GLU G 91 12.10 -37.16 -13.96
CA GLU G 91 10.81 -37.07 -14.64
C GLU G 91 10.97 -36.56 -16.06
N THR G 92 9.90 -36.69 -16.84
CA THR G 92 9.88 -36.23 -18.23
C THR G 92 8.49 -35.71 -18.58
N ILE G 93 8.41 -34.83 -19.57
CA ILE G 93 7.14 -34.26 -19.98
C ILE G 93 6.13 -35.34 -20.35
N SER G 94 6.65 -36.49 -20.77
CA SER G 94 5.81 -37.63 -21.16
C SER G 94 4.89 -38.08 -20.02
N ASP G 95 5.45 -38.22 -18.83
CA ASP G 95 4.70 -38.66 -17.65
C ASP G 95 3.47 -37.78 -17.37
N VAL G 96 3.50 -36.57 -17.92
CA VAL G 96 2.43 -35.60 -17.75
C VAL G 96 1.55 -35.50 -18.99
N LEU G 97 2.20 -35.46 -20.15
CA LEU G 97 1.56 -35.34 -21.47
C LEU G 97 0.11 -35.85 -21.57
N ASN G 98 -0.04 -37.16 -21.77
CA ASN G 98 -1.34 -37.80 -21.92
C ASN G 98 -2.46 -37.35 -20.97
N ASP G 99 -2.28 -37.67 -19.68
CA ASP G 99 -3.22 -37.35 -18.60
C ASP G 99 -4.35 -36.34 -18.84
N ALA G 100 -4.22 -35.15 -18.25
CA ALA G 100 -5.25 -34.11 -18.36
C ALA G 100 -5.09 -33.04 -19.46
N ILE G 101 -5.78 -33.29 -20.57
CA ILE G 101 -5.82 -32.39 -21.72
C ILE G 101 -7.26 -32.48 -22.30
N PHE G 102 -8.16 -31.71 -21.70
CA PHE G 102 -9.57 -31.67 -22.11
C PHE G 102 -9.76 -30.76 -23.33
N ASP G 103 -10.79 -31.04 -24.13
CA ASP G 103 -11.04 -30.22 -25.31
C ASP G 103 -12.33 -29.42 -25.15
N GLU G 104 -12.21 -28.18 -24.68
CA GLU G 104 -13.38 -27.33 -24.55
C GLU G 104 -13.47 -26.50 -25.82
N ASP G 105 -12.79 -26.98 -26.86
CA ASP G 105 -12.77 -26.30 -28.14
C ASP G 105 -12.59 -24.80 -27.88
N HIS G 106 -11.63 -24.49 -27.00
CA HIS G 106 -11.33 -23.11 -26.66
C HIS G 106 -10.25 -22.58 -27.60
N ASP G 107 -10.41 -21.35 -28.07
CA ASP G 107 -9.43 -20.79 -28.99
C ASP G 107 -9.01 -19.36 -28.65
N GLU G 108 -9.11 -18.99 -27.37
CA GLU G 108 -8.72 -17.67 -26.91
C GLU G 108 -7.69 -17.77 -25.79
N MET G 109 -6.89 -16.73 -25.64
CA MET G 109 -5.83 -16.75 -24.65
C MET G 109 -6.20 -17.21 -23.25
N VAL G 110 -5.36 -18.09 -22.71
CA VAL G 110 -5.50 -18.61 -21.36
C VAL G 110 -4.19 -18.27 -20.65
N ILE G 111 -4.30 -17.70 -19.46
CA ILE G 111 -3.14 -17.29 -18.69
C ILE G 111 -3.18 -17.82 -17.26
N VAL G 112 -2.01 -18.19 -16.75
CA VAL G 112 -1.89 -18.65 -15.37
C VAL G 112 -0.68 -17.90 -14.85
N LYS G 113 -0.92 -16.97 -13.94
CA LYS G 113 0.17 -16.16 -13.43
C LYS G 113 0.50 -16.34 -11.96
N ASP G 114 1.64 -15.79 -11.58
CA ASP G 114 2.12 -15.84 -10.19
C ASP G 114 2.30 -17.27 -9.69
N ILE G 115 2.94 -18.08 -10.52
CA ILE G 115 3.21 -19.47 -10.17
C ILE G 115 4.56 -19.47 -9.47
N ASP G 116 4.59 -19.81 -8.19
CA ASP G 116 5.84 -19.81 -7.45
C ASP G 116 6.76 -20.88 -8.01
N MET G 117 8.04 -20.56 -8.09
CA MET G 117 9.00 -21.51 -8.60
C MET G 117 10.30 -21.36 -7.84
N PHE G 118 10.92 -22.49 -7.54
CA PHE G 118 12.16 -22.52 -6.80
C PHE G 118 13.12 -23.36 -7.61
N SER G 119 14.32 -22.83 -7.81
CA SER G 119 15.31 -23.55 -8.58
C SER G 119 16.72 -23.35 -8.00
N MET G 120 17.69 -23.99 -8.61
CA MET G 120 19.06 -23.93 -8.15
C MET G 120 19.97 -23.38 -9.23
N CYS G 121 20.82 -22.46 -8.84
CA CYS G 121 21.78 -21.87 -9.76
C CYS G 121 22.84 -22.94 -10.06
N GLU G 122 22.98 -23.32 -11.33
CA GLU G 122 23.96 -24.36 -11.67
C GLU G 122 25.41 -23.93 -11.52
N HIS G 123 25.64 -22.64 -11.35
CA HIS G 123 27.00 -22.14 -11.21
C HIS G 123 27.48 -22.15 -9.77
N HIS G 124 26.59 -21.87 -8.83
CA HIS G 124 26.98 -21.85 -7.42
C HIS G 124 26.22 -22.82 -6.55
N LEU G 125 25.22 -23.47 -7.12
CA LEU G 125 24.43 -24.43 -6.33
C LEU G 125 23.70 -23.73 -5.18
N VAL G 126 23.30 -22.48 -5.41
CA VAL G 126 22.57 -21.70 -4.45
C VAL G 126 21.23 -21.47 -5.14
N PRO G 127 20.12 -21.56 -4.41
CA PRO G 127 18.85 -21.35 -5.10
C PRO G 127 18.48 -19.92 -5.58
N PHE G 128 17.69 -19.86 -6.65
CA PHE G 128 17.17 -18.60 -7.14
C PHE G 128 15.67 -18.81 -7.17
N VAL G 129 14.95 -17.91 -6.52
CA VAL G 129 13.49 -17.99 -6.38
C VAL G 129 12.70 -16.95 -7.16
N GLY G 130 11.44 -17.23 -7.43
CA GLY G 130 10.62 -16.27 -8.15
C GLY G 130 9.22 -16.72 -8.52
N ARG G 131 8.70 -16.19 -9.61
CA ARG G 131 7.36 -16.55 -10.09
C ARG G 131 7.42 -16.79 -11.59
N VAL G 132 6.53 -17.65 -12.07
CA VAL G 132 6.45 -17.97 -13.49
C VAL G 132 5.05 -17.54 -13.96
N HIS G 133 4.98 -16.91 -15.13
CA HIS G 133 3.73 -16.46 -15.73
C HIS G 133 3.65 -17.10 -17.10
N ILE G 134 2.54 -17.80 -17.35
CA ILE G 134 2.34 -18.51 -18.58
C ILE G 134 1.08 -18.07 -19.30
N GLY G 135 1.15 -18.11 -20.61
CA GLY G 135 0.00 -17.76 -21.41
C GLY G 135 0.08 -18.53 -22.71
N TYR G 136 -1.07 -18.90 -23.25
CA TYR G 136 -1.09 -19.61 -24.52
C TYR G 136 -2.40 -19.44 -25.27
N LEU G 137 -2.31 -19.48 -26.60
CA LEU G 137 -3.49 -19.36 -27.46
C LEU G 137 -3.79 -20.77 -27.93
N PRO G 138 -4.69 -21.46 -27.23
CA PRO G 138 -5.07 -22.84 -27.59
C PRO G 138 -5.61 -23.04 -28.99
N ASN G 139 -5.32 -24.22 -29.51
CA ASN G 139 -5.78 -24.63 -30.82
C ASN G 139 -6.69 -25.79 -30.48
N LYS G 140 -7.75 -25.45 -29.76
CA LYS G 140 -8.75 -26.39 -29.27
C LYS G 140 -8.33 -27.03 -27.95
N GLN G 141 -7.08 -27.52 -27.89
CA GLN G 141 -6.58 -28.17 -26.66
C GLN G 141 -6.15 -27.25 -25.52
N VAL G 142 -6.70 -27.49 -24.33
CA VAL G 142 -6.40 -26.71 -23.14
C VAL G 142 -5.60 -27.57 -22.15
N LEU G 143 -4.78 -26.92 -21.31
CA LEU G 143 -3.95 -27.62 -20.33
C LEU G 143 -4.47 -27.48 -18.89
N GLY G 144 -4.52 -28.57 -18.14
CA GLY G 144 -5.01 -28.51 -16.77
C GLY G 144 -4.02 -27.87 -15.83
N LEU G 145 -4.50 -27.17 -14.81
CA LEU G 145 -3.60 -26.51 -13.87
C LEU G 145 -2.62 -27.49 -13.30
N SER G 146 -3.12 -28.66 -12.95
CA SER G 146 -2.30 -29.72 -12.39
C SER G 146 -1.09 -30.04 -13.28
N LYS G 147 -1.35 -30.27 -14.57
CA LYS G 147 -0.27 -30.58 -15.50
C LYS G 147 0.69 -29.42 -15.67
N LEU G 148 0.15 -28.22 -15.79
CA LEU G 148 0.96 -27.02 -15.96
C LEU G 148 1.95 -26.96 -14.80
N ALA G 149 1.41 -27.11 -13.59
CA ALA G 149 2.22 -27.07 -12.39
C ALA G 149 3.35 -28.06 -12.47
N ARG G 150 3.02 -29.28 -12.89
CA ARG G 150 4.00 -30.35 -12.99
C ARG G 150 5.11 -29.98 -13.98
N ILE G 151 4.73 -29.40 -15.11
CA ILE G 151 5.71 -28.99 -16.11
C ILE G 151 6.72 -27.99 -15.52
N VAL G 152 6.24 -27.02 -14.75
CA VAL G 152 7.12 -26.03 -14.15
C VAL G 152 8.02 -26.67 -13.11
N GLU G 153 7.45 -27.63 -12.39
CA GLU G 153 8.14 -28.39 -11.35
C GLU G 153 9.29 -29.22 -11.95
N ILE G 154 9.01 -29.88 -13.06
CA ILE G 154 9.99 -30.74 -13.71
C ILE G 154 11.28 -30.05 -14.13
N TYR G 155 11.17 -28.86 -14.69
CA TYR G 155 12.37 -28.16 -15.13
C TYR G 155 12.99 -27.23 -14.10
N SER G 156 12.19 -26.74 -13.16
CA SER G 156 12.75 -25.84 -12.17
C SER G 156 13.54 -26.60 -11.10
N ARG G 157 13.09 -27.81 -10.78
CA ARG G 157 13.79 -28.60 -9.77
C ARG G 157 14.97 -29.34 -10.40
N ARG G 158 15.94 -28.56 -10.86
CA ARG G 158 17.16 -29.03 -11.50
C ARG G 158 18.21 -27.93 -11.35
N LEU G 159 19.45 -28.24 -11.69
CA LEU G 159 20.49 -27.21 -11.63
C LEU G 159 20.15 -26.44 -12.90
N GLN G 160 19.89 -25.15 -12.75
CA GLN G 160 19.46 -24.37 -13.91
C GLN G 160 20.11 -23.02 -14.17
N VAL G 161 19.61 -22.43 -15.24
CA VAL G 161 19.99 -21.12 -15.72
C VAL G 161 18.60 -20.58 -16.12
N GLN G 162 18.21 -19.42 -15.57
CA GLN G 162 16.89 -18.85 -15.82
C GLN G 162 16.38 -18.88 -17.25
N GLU G 163 17.23 -18.51 -18.22
CA GLU G 163 16.80 -18.50 -19.62
C GLU G 163 16.43 -19.89 -20.14
N ARG G 164 17.18 -20.91 -19.74
CA ARG G 164 16.91 -22.27 -20.21
C ARG G 164 15.59 -22.73 -19.60
N LEU G 165 15.43 -22.48 -18.30
CA LEU G 165 14.21 -22.85 -17.60
C LEU G 165 13.01 -22.25 -18.33
N THR G 166 13.13 -20.98 -18.70
CA THR G 166 12.06 -20.29 -19.41
C THR G 166 11.74 -21.00 -20.72
N LYS G 167 12.75 -21.23 -21.55
CA LYS G 167 12.55 -21.90 -22.83
C LYS G 167 11.95 -23.30 -22.69
N GLN G 168 12.50 -24.10 -21.78
CA GLN G 168 12.01 -25.46 -21.59
C GLN G 168 10.54 -25.51 -21.24
N ILE G 169 10.11 -24.63 -20.32
CA ILE G 169 8.70 -24.58 -19.95
C ILE G 169 7.86 -24.23 -21.18
N ALA G 170 8.31 -23.23 -21.93
CA ALA G 170 7.59 -22.80 -23.13
C ALA G 170 7.49 -23.89 -24.19
N VAL G 171 8.59 -24.60 -24.44
CA VAL G 171 8.60 -25.66 -25.43
C VAL G 171 7.75 -26.84 -24.97
N ALA G 172 7.82 -27.14 -23.68
CA ALA G 172 7.03 -28.23 -23.10
C ALA G 172 5.55 -27.99 -23.36
N ILE G 173 5.10 -26.78 -23.09
CA ILE G 173 3.71 -26.43 -23.28
C ILE G 173 3.35 -26.51 -24.77
N THR G 174 4.28 -26.10 -25.62
CA THR G 174 4.03 -26.13 -27.05
C THR G 174 3.81 -27.55 -27.54
N GLU G 175 4.63 -28.48 -27.03
CA GLU G 175 4.52 -29.87 -27.43
C GLU G 175 3.29 -30.54 -26.85
N ALA G 176 2.88 -30.12 -25.66
CA ALA G 176 1.72 -30.70 -24.99
C ALA G 176 0.37 -30.21 -25.51
N LEU G 177 0.37 -29.13 -26.29
CA LEU G 177 -0.89 -28.58 -26.81
C LEU G 177 -0.93 -28.23 -28.29
N GLN G 178 0.22 -28.17 -28.95
CA GLN G 178 0.23 -27.77 -30.36
C GLN G 178 -0.67 -26.53 -30.46
N PRO G 179 -0.34 -25.48 -29.67
CA PRO G 179 -1.12 -24.24 -29.66
C PRO G 179 -0.73 -23.26 -30.75
N ALA G 180 -1.53 -22.22 -30.91
CA ALA G 180 -1.25 -21.18 -31.91
C ALA G 180 -0.07 -20.35 -31.41
N GLY G 181 0.17 -20.40 -30.10
CA GLY G 181 1.27 -19.64 -29.55
C GLY G 181 1.34 -19.81 -28.05
N VAL G 182 2.48 -19.45 -27.49
CA VAL G 182 2.68 -19.53 -26.06
C VAL G 182 3.72 -18.53 -25.59
N GLY G 183 3.54 -18.05 -24.37
CA GLY G 183 4.46 -17.11 -23.80
C GLY G 183 4.76 -17.50 -22.37
N VAL G 184 5.99 -17.31 -21.96
CA VAL G 184 6.39 -17.65 -20.61
C VAL G 184 7.29 -16.54 -20.12
N VAL G 185 7.01 -16.05 -18.92
CA VAL G 185 7.83 -15.00 -18.33
C VAL G 185 8.22 -15.44 -16.93
N ILE G 186 9.48 -15.21 -16.57
CA ILE G 186 9.97 -15.56 -15.24
C ILE G 186 10.71 -14.40 -14.60
N GLU G 187 10.42 -14.14 -13.34
CA GLU G 187 11.13 -13.08 -12.63
C GLU G 187 11.62 -13.75 -11.38
N ALA G 188 12.92 -13.61 -11.12
CA ALA G 188 13.50 -14.26 -9.98
C ALA G 188 14.60 -13.48 -9.30
N THR G 189 14.91 -13.91 -8.08
CA THR G 189 15.95 -13.31 -7.30
C THR G 189 16.97 -14.42 -7.11
N HIS G 190 18.23 -14.13 -7.32
CA HIS G 190 19.27 -15.14 -7.16
C HIS G 190 19.97 -15.02 -5.82
N MET G 191 19.79 -16.03 -4.97
CA MET G 191 20.39 -16.05 -3.64
C MET G 191 21.91 -15.96 -3.69
N CYS G 192 22.51 -16.54 -4.72
CA CYS G 192 23.96 -16.53 -4.87
C CYS G 192 24.46 -15.12 -5.10
N MET G 193 23.56 -14.24 -5.52
CA MET G 193 23.91 -12.84 -5.77
C MET G 193 23.52 -12.02 -4.54
N VAL G 194 22.33 -12.30 -4.01
CA VAL G 194 21.78 -11.61 -2.84
C VAL G 194 22.68 -11.76 -1.63
N MET G 195 23.15 -12.97 -1.39
CA MET G 195 24.02 -13.23 -0.26
C MET G 195 25.45 -12.77 -0.47
N ARG G 196 25.58 -11.66 -1.20
CA ARG G 196 26.87 -11.04 -1.50
C ARG G 196 26.58 -9.55 -1.69
N GLY G 197 25.65 -9.04 -0.87
CA GLY G 197 25.26 -7.64 -0.95
C GLY G 197 23.77 -7.43 -0.75
N LYS G 200 20.48 -6.14 -3.21
CA LYS G 200 20.43 -7.31 -4.08
C LYS G 200 19.10 -8.06 -3.94
N MET G 201 18.68 -8.28 -2.69
CA MET G 201 17.42 -8.99 -2.42
C MET G 201 16.26 -8.37 -3.19
N ASN G 202 16.43 -7.10 -3.55
CA ASN G 202 15.40 -6.38 -4.31
C ASN G 202 15.62 -6.51 -5.82
N SER G 203 16.88 -6.71 -6.21
CA SER G 203 17.27 -6.88 -7.62
C SER G 203 16.66 -8.14 -8.24
N LYS G 204 15.99 -7.99 -9.40
CA LYS G 204 15.36 -9.12 -10.06
C LYS G 204 15.71 -9.32 -11.53
N THR G 205 15.76 -10.58 -11.94
CA THR G 205 16.06 -10.91 -13.33
C THR G 205 14.77 -11.36 -13.97
N VAL G 206 14.49 -10.83 -15.17
CA VAL G 206 13.28 -11.17 -15.87
C VAL G 206 13.64 -11.76 -17.24
N THR G 207 13.10 -12.93 -17.53
CA THR G 207 13.35 -13.59 -18.81
C THR G 207 12.01 -13.94 -19.42
N SER G 208 12.00 -14.18 -20.73
CA SER G 208 10.76 -14.53 -21.41
C SER G 208 11.04 -15.31 -22.68
N THR G 209 10.04 -16.08 -23.09
CA THR G 209 10.11 -16.86 -24.30
C THR G 209 8.74 -16.73 -24.93
N MET G 210 8.71 -16.21 -26.15
CA MET G 210 7.46 -16.01 -26.87
C MET G 210 7.49 -16.83 -28.15
N LEU G 211 6.55 -17.76 -28.29
CA LEU G 211 6.47 -18.62 -29.47
C LEU G 211 5.16 -18.46 -30.20
N GLY G 212 5.17 -18.72 -31.50
CA GLY G 212 3.95 -18.61 -32.29
C GLY G 212 3.44 -17.19 -32.37
N VAL G 213 2.12 -17.01 -32.23
CA VAL G 213 1.55 -15.69 -32.33
C VAL G 213 2.11 -14.77 -31.26
N PHE G 214 2.54 -15.33 -30.14
CA PHE G 214 3.11 -14.53 -29.06
C PHE G 214 4.40 -13.88 -29.54
N ARG G 215 5.04 -14.50 -30.53
CA ARG G 215 6.27 -13.96 -31.08
C ARG G 215 5.97 -13.00 -32.24
N GLU G 216 5.12 -13.44 -33.18
CA GLU G 216 4.80 -12.67 -34.37
C GLU G 216 3.77 -11.55 -34.25
N ASP G 217 2.84 -11.67 -33.32
CA ASP G 217 1.83 -10.62 -33.16
C ASP G 217 2.06 -9.75 -31.92
N PRO G 218 2.52 -8.51 -32.13
CA PRO G 218 2.78 -7.58 -31.03
C PRO G 218 1.58 -7.33 -30.14
N LYS G 219 0.38 -7.43 -30.72
CA LYS G 219 -0.82 -7.19 -29.93
C LYS G 219 -1.05 -8.30 -28.92
N THR G 220 -0.80 -9.54 -29.31
CA THR G 220 -0.98 -10.66 -28.39
C THR G 220 0.03 -10.56 -27.24
N ARG G 221 1.27 -10.24 -27.61
CA ARG G 221 2.35 -10.09 -26.66
C ARG G 221 2.01 -8.99 -25.63
N GLU G 222 1.53 -7.85 -26.12
CA GLU G 222 1.15 -6.72 -25.26
C GLU G 222 0.03 -7.11 -24.30
N GLU G 223 -1.03 -7.71 -24.83
CA GLU G 223 -2.16 -8.14 -24.02
C GLU G 223 -1.69 -9.08 -22.91
N PHE G 224 -0.86 -10.05 -23.28
CA PHE G 224 -0.34 -11.00 -22.31
C PHE G 224 0.39 -10.27 -21.18
N LEU G 225 1.33 -9.40 -21.55
CA LEU G 225 2.09 -8.65 -20.56
C LEU G 225 1.21 -7.76 -19.71
N THR G 226 0.10 -7.30 -20.29
CA THR G 226 -0.86 -6.45 -19.57
C THR G 226 -1.61 -7.26 -18.51
N LEU G 227 -2.12 -8.42 -18.93
CA LEU G 227 -2.87 -9.31 -18.06
C LEU G 227 -2.04 -10.02 -16.98
N ILE G 228 -0.72 -9.90 -17.03
CA ILE G 228 0.09 -10.54 -16.01
C ILE G 228 0.73 -9.48 -15.14
N ARG G 229 1.06 -8.34 -15.75
CA ARG G 229 1.68 -7.26 -14.99
C ARG G 229 0.59 -6.48 -14.28
N SER G 230 0.00 -7.14 -13.30
CA SER G 230 -1.07 -6.58 -12.50
C SER G 230 -0.58 -6.38 -11.06
N ARG H 37 45.93 5.32 -17.72
CA ARG H 37 46.34 4.33 -16.68
C ARG H 37 45.36 4.32 -15.52
N PRO H 38 44.79 3.15 -15.19
CA PRO H 38 43.84 3.05 -14.08
C PRO H 38 44.53 3.28 -12.74
N ARG H 39 43.79 3.85 -11.78
CA ARG H 39 44.34 4.13 -10.46
C ARG H 39 44.79 2.81 -9.82
N SER H 40 45.84 2.87 -9.01
CA SER H 40 46.35 1.65 -8.37
C SER H 40 46.34 1.74 -6.85
N GLU H 41 46.43 0.58 -6.20
CA GLU H 41 46.45 0.54 -4.74
C GLU H 41 47.59 1.38 -4.18
N GLU H 42 48.65 1.49 -4.95
CA GLU H 42 49.82 2.28 -4.55
C GLU H 42 49.41 3.74 -4.50
N ASP H 43 48.75 4.19 -5.56
CA ASP H 43 48.29 5.57 -5.65
C ASP H 43 47.48 5.92 -4.42
N ASN H 44 46.60 5.01 -4.00
CA ASN H 44 45.77 5.25 -2.83
C ASN H 44 46.62 5.48 -1.59
N GLU H 45 47.56 4.57 -1.35
CA GLU H 45 48.44 4.68 -0.20
C GLU H 45 49.25 5.97 -0.25
N LEU H 46 49.73 6.33 -1.44
CA LEU H 46 50.52 7.56 -1.59
C LEU H 46 49.68 8.83 -1.51
N ASN H 47 48.39 8.73 -1.78
CA ASN H 47 47.55 9.92 -1.73
C ASN H 47 46.70 10.07 -0.48
N LEU H 48 46.55 8.99 0.28
CA LEU H 48 45.74 9.05 1.49
C LEU H 48 46.12 10.24 2.37
N PRO H 49 47.43 10.43 2.62
CA PRO H 49 47.88 11.56 3.45
C PRO H 49 47.49 12.91 2.87
N ASN H 50 47.57 13.04 1.56
CA ASN H 50 47.21 14.30 0.90
C ASN H 50 45.72 14.56 1.09
N LEU H 51 44.92 13.51 0.93
CA LEU H 51 43.47 13.61 1.12
C LEU H 51 43.23 13.98 2.59
N ALA H 52 43.79 13.17 3.50
CA ALA H 52 43.63 13.43 4.94
C ALA H 52 43.93 14.88 5.27
N ALA H 53 45.04 15.38 4.74
CA ALA H 53 45.46 16.75 4.98
C ALA H 53 44.42 17.75 4.49
N ALA H 54 43.92 17.53 3.28
CA ALA H 54 42.92 18.43 2.71
C ALA H 54 41.67 18.46 3.60
N TYR H 55 41.23 17.29 4.05
CA TYR H 55 40.04 17.21 4.89
C TYR H 55 40.25 17.89 6.24
N SER H 56 41.46 17.75 6.80
CA SER H 56 41.79 18.38 8.08
C SER H 56 41.73 19.90 7.90
N SER H 57 42.18 20.36 6.74
CA SER H 57 42.15 21.78 6.42
C SER H 57 40.71 22.25 6.30
N ILE H 58 39.89 21.46 5.63
CA ILE H 58 38.47 21.77 5.46
C ILE H 58 37.79 21.90 6.81
N LEU H 59 38.07 20.97 7.72
CA LEU H 59 37.50 21.01 9.06
C LEU H 59 37.76 22.39 9.69
N ARG H 60 39.00 22.85 9.60
CA ARG H 60 39.36 24.15 10.17
C ARG H 60 38.63 25.28 9.46
N SER H 61 38.64 25.24 8.13
CA SER H 61 37.99 26.27 7.35
C SER H 61 36.49 26.37 7.62
N LEU H 62 35.91 25.33 8.19
CA LEU H 62 34.47 25.34 8.48
C LEU H 62 34.20 25.92 9.86
N GLY H 63 35.25 26.01 10.67
CA GLY H 63 35.09 26.55 12.01
C GLY H 63 35.16 25.47 13.07
N GLU H 64 35.49 24.25 12.66
CA GLU H 64 35.55 23.15 13.61
C GLU H 64 36.95 22.96 14.19
N ASP H 65 37.03 22.14 15.23
CA ASP H 65 38.29 21.84 15.90
C ASP H 65 38.73 20.43 15.54
N PRO H 66 39.67 20.31 14.60
CA PRO H 66 40.18 19.00 14.16
C PRO H 66 40.71 18.16 15.32
N GLN H 67 40.78 18.77 16.51
CA GLN H 67 41.28 18.10 17.71
C GLN H 67 40.21 17.40 18.55
N ARG H 68 38.95 17.80 18.41
CA ARG H 68 37.87 17.15 19.16
C ARG H 68 38.06 15.66 19.03
N GLN H 69 37.77 14.91 20.10
CA GLN H 69 37.90 13.46 20.05
C GLN H 69 37.09 12.91 18.87
N GLY H 70 35.93 13.52 18.63
CA GLY H 70 35.06 13.08 17.55
C GLY H 70 35.57 13.39 16.17
N LEU H 71 36.54 14.29 16.07
CA LEU H 71 37.08 14.67 14.77
C LEU H 71 38.50 14.21 14.48
N LEU H 72 39.20 13.77 15.52
CA LEU H 72 40.58 13.31 15.34
C LEU H 72 40.80 12.42 14.13
N LYS H 73 40.09 11.30 14.04
CA LYS H 73 40.26 10.38 12.92
C LYS H 73 39.45 10.71 11.68
N THR H 74 38.71 11.81 11.72
CA THR H 74 37.88 12.19 10.58
C THR H 74 38.64 12.41 9.27
N PRO H 75 39.78 13.09 9.32
CA PRO H 75 40.50 13.30 8.07
C PRO H 75 40.84 12.00 7.33
N TRP H 76 41.11 10.93 8.06
CA TRP H 76 41.43 9.66 7.41
C TRP H 76 40.19 8.89 7.00
N ARG H 77 39.17 8.92 7.86
CA ARG H 77 37.93 8.23 7.57
C ARG H 77 37.25 8.88 6.37
N ALA H 78 37.35 10.21 6.28
CA ALA H 78 36.77 10.94 5.18
C ALA H 78 37.51 10.59 3.91
N ALA H 79 38.84 10.60 3.98
CA ALA H 79 39.67 10.28 2.82
C ALA H 79 39.43 8.86 2.33
N THR H 80 39.34 7.92 3.27
CA THR H 80 39.11 6.52 2.92
C THR H 80 37.76 6.38 2.24
N ALA H 81 36.75 7.01 2.84
CA ALA H 81 35.40 6.98 2.31
C ALA H 81 35.39 7.52 0.89
N MET H 82 36.04 8.65 0.68
CA MET H 82 36.08 9.25 -0.66
C MET H 82 36.83 8.38 -1.67
N GLN H 83 37.79 7.58 -1.21
CA GLN H 83 38.52 6.72 -2.12
C GLN H 83 37.64 5.55 -2.50
N PHE H 84 36.86 5.09 -1.53
CA PHE H 84 35.94 3.99 -1.79
C PHE H 84 34.89 4.44 -2.83
N PHE H 85 34.35 5.64 -2.65
CA PHE H 85 33.33 6.17 -3.55
C PHE H 85 33.84 6.34 -4.97
N THR H 86 35.16 6.46 -5.12
CA THR H 86 35.76 6.66 -6.43
C THR H 86 36.63 5.50 -6.91
N LYS H 87 36.51 4.35 -6.25
CA LYS H 87 37.31 3.18 -6.59
C LYS H 87 37.07 2.63 -7.98
N GLY H 88 36.09 3.19 -8.68
CA GLY H 88 35.81 2.71 -10.02
C GLY H 88 36.89 3.14 -10.98
N TYR H 89 37.66 4.13 -10.58
CA TYR H 89 38.74 4.64 -11.42
C TYR H 89 39.87 3.63 -11.54
N GLN H 90 40.02 2.78 -10.53
CA GLN H 90 41.08 1.80 -10.55
C GLN H 90 40.70 0.48 -11.24
N GLU H 91 39.72 0.56 -12.14
CA GLU H 91 39.27 -0.62 -12.87
C GLU H 91 38.86 -0.28 -14.30
N THR H 92 38.68 -1.32 -15.10
CA THR H 92 38.28 -1.17 -16.51
C THR H 92 37.37 -2.32 -16.88
N ILE H 93 36.58 -2.14 -17.93
CA ILE H 93 35.67 -3.19 -18.37
C ILE H 93 36.42 -4.48 -18.72
N SER H 94 37.68 -4.33 -19.11
CA SER H 94 38.54 -5.45 -19.47
C SER H 94 38.65 -6.48 -18.34
N ASP H 95 38.95 -6.01 -17.13
CA ASP H 95 39.09 -6.87 -15.96
C ASP H 95 37.87 -7.76 -15.75
N VAL H 96 36.75 -7.37 -16.37
CA VAL H 96 35.50 -8.10 -16.24
C VAL H 96 35.17 -8.89 -17.51
N LEU H 97 35.44 -8.27 -18.66
CA LEU H 97 35.18 -8.83 -19.99
C LEU H 97 35.22 -10.36 -20.11
N ASN H 98 36.42 -10.91 -20.27
CA ASN H 98 36.64 -12.36 -20.43
C ASN H 98 35.83 -13.29 -19.51
N ASP H 99 36.15 -13.25 -18.22
CA ASP H 99 35.52 -14.07 -17.17
C ASP H 99 34.23 -14.84 -17.50
N ALA H 100 33.11 -14.37 -16.95
CA ALA H 100 31.81 -15.03 -17.12
C ALA H 100 30.90 -14.55 -18.26
N ILE H 101 30.94 -15.27 -19.38
CA ILE H 101 30.11 -15.02 -20.55
C ILE H 101 29.82 -16.39 -21.14
N PHE H 102 28.78 -17.03 -20.61
CA PHE H 102 28.38 -18.36 -21.06
C PHE H 102 27.50 -18.24 -22.29
N ASP H 103 27.46 -19.28 -23.11
CA ASP H 103 26.63 -19.24 -24.31
C ASP H 103 25.48 -20.24 -24.22
N GLU H 104 24.31 -19.76 -23.81
CA GLU H 104 23.16 -20.65 -23.74
C GLU H 104 22.37 -20.48 -25.03
N ASP H 105 23.06 -19.93 -26.03
CA ASP H 105 22.46 -19.72 -27.35
C ASP H 105 21.08 -19.07 -27.15
N HIS H 106 21.02 -18.10 -26.24
CA HIS H 106 19.78 -17.40 -25.98
C HIS H 106 19.65 -16.22 -26.92
N ASP H 107 18.45 -15.98 -27.42
CA ASP H 107 18.24 -14.86 -28.33
C ASP H 107 16.99 -14.04 -28.03
N GLU H 108 16.58 -14.02 -26.76
CA GLU H 108 15.41 -13.26 -26.34
C GLU H 108 15.75 -12.32 -25.20
N MET H 109 14.97 -11.27 -25.04
CA MET H 109 15.26 -10.26 -24.01
C MET H 109 15.50 -10.74 -22.60
N VAL H 110 16.59 -10.25 -22.01
CA VAL H 110 16.97 -10.57 -20.64
C VAL H 110 17.01 -9.23 -19.93
N ILE H 111 16.41 -9.17 -18.75
CA ILE H 111 16.33 -7.96 -17.96
C ILE H 111 16.78 -8.17 -16.52
N VAL H 112 17.53 -7.19 -15.99
CA VAL H 112 17.94 -7.23 -14.59
C VAL H 112 17.55 -5.87 -14.07
N LYS H 113 16.58 -5.82 -13.19
CA LYS H 113 16.11 -4.55 -12.69
C LYS H 113 16.28 -4.32 -11.21
N ASP H 114 16.12 -3.07 -10.82
CA ASP H 114 16.24 -2.67 -9.43
C ASP H 114 17.63 -2.92 -8.88
N ILE H 115 18.63 -2.55 -9.66
CA ILE H 115 20.01 -2.68 -9.24
C ILE H 115 20.35 -1.38 -8.51
N ASP H 116 20.65 -1.47 -7.22
CA ASP H 116 20.98 -0.29 -6.45
C ASP H 116 22.31 0.27 -6.92
N MET H 117 22.40 1.60 -6.97
CA MET H 117 23.63 2.21 -7.41
C MET H 117 23.84 3.49 -6.62
N PHE H 118 25.09 3.75 -6.28
CA PHE H 118 25.42 4.93 -5.51
C PHE H 118 26.55 5.61 -6.25
N SER H 119 26.40 6.90 -6.49
CA SER H 119 27.43 7.63 -7.21
C SER H 119 27.67 8.98 -6.56
N MET H 120 28.59 9.73 -7.15
CA MET H 120 28.96 11.04 -6.65
C MET H 120 28.79 12.10 -7.72
N CYS H 121 28.10 13.17 -7.36
CA CYS H 121 27.86 14.29 -8.25
C CYS H 121 29.22 14.96 -8.50
N GLU H 122 29.64 15.05 -9.76
CA GLU H 122 30.93 15.66 -10.04
C GLU H 122 30.97 17.17 -9.86
N HIS H 123 29.81 17.80 -9.76
CA HIS H 123 29.77 19.25 -9.59
C HIS H 123 29.87 19.68 -8.13
N HIS H 124 29.29 18.91 -7.22
CA HIS H 124 29.32 19.27 -5.80
C HIS H 124 29.98 18.24 -4.91
N LEU H 125 30.33 17.09 -5.45
CA LEU H 125 30.96 16.03 -4.66
C LEU H 125 30.04 15.57 -3.55
N VAL H 126 28.74 15.51 -3.86
CA VAL H 126 27.74 15.03 -2.93
C VAL H 126 27.14 13.84 -3.66
N PRO H 127 26.82 12.76 -2.94
CA PRO H 127 26.27 11.61 -3.65
C PRO H 127 24.84 11.68 -4.18
N PHE H 128 24.61 10.99 -5.30
CA PHE H 128 23.28 10.87 -5.86
C PHE H 128 23.04 9.35 -5.92
N VAL H 129 21.92 8.92 -5.35
CA VAL H 129 21.59 7.50 -5.24
C VAL H 129 20.32 7.08 -5.98
N GLY H 130 20.23 5.80 -6.33
CA GLY H 130 19.05 5.33 -7.04
C GLY H 130 19.12 3.89 -7.49
N ARG H 131 18.47 3.58 -8.61
CA ARG H 131 18.45 2.21 -9.16
C ARG H 131 18.81 2.22 -10.62
N VAL H 132 19.29 1.08 -11.12
CA VAL H 132 19.63 0.94 -12.53
C VAL H 132 18.84 -0.24 -13.06
N HIS H 133 18.34 -0.11 -14.28
CA HIS H 133 17.54 -1.15 -14.91
C HIS H 133 18.19 -1.43 -16.26
N ILE H 134 18.49 -2.71 -16.48
CA ILE H 134 19.14 -3.13 -17.69
C ILE H 134 18.40 -4.18 -18.46
N GLY H 135 18.54 -4.10 -19.77
CA GLY H 135 17.92 -5.05 -20.64
C GLY H 135 18.74 -5.20 -21.91
N TYR H 136 18.74 -6.40 -22.48
CA TYR H 136 19.47 -6.62 -23.72
C TYR H 136 18.91 -7.79 -24.49
N LEU H 137 19.04 -7.71 -25.81
CA LEU H 137 18.60 -8.78 -26.69
C LEU H 137 19.88 -9.48 -27.10
N PRO H 138 20.20 -10.60 -26.43
CA PRO H 138 21.41 -11.34 -26.74
C PRO H 138 21.53 -11.91 -28.15
N ASN H 139 22.76 -11.97 -28.60
CA ASN H 139 23.09 -12.52 -29.89
C ASN H 139 23.92 -13.73 -29.48
N LYS H 140 23.22 -14.66 -28.84
CA LYS H 140 23.80 -15.91 -28.34
C LYS H 140 24.49 -15.71 -26.99
N GLN H 141 25.31 -14.65 -26.87
CA GLN H 141 26.03 -14.36 -25.62
C GLN H 141 25.22 -13.70 -24.49
N VAL H 142 25.24 -14.33 -23.32
CA VAL H 142 24.55 -13.82 -22.15
C VAL H 142 25.55 -13.34 -21.09
N LEU H 143 25.16 -12.34 -20.31
CA LEU H 143 26.02 -11.77 -19.27
C LEU H 143 25.63 -12.24 -17.87
N GLY H 144 26.61 -12.67 -17.08
CA GLY H 144 26.33 -13.14 -15.73
C GLY H 144 26.02 -12.00 -14.79
N LEU H 145 25.17 -12.26 -13.80
CA LEU H 145 24.80 -11.22 -12.85
C LEU H 145 26.02 -10.60 -12.21
N SER H 146 26.98 -11.44 -11.87
CA SER H 146 28.21 -10.98 -11.24
C SER H 146 28.92 -9.91 -12.07
N LYS H 147 29.07 -10.17 -13.35
CA LYS H 147 29.74 -9.24 -14.25
C LYS H 147 28.92 -7.97 -14.45
N LEU H 148 27.61 -8.14 -14.52
CA LEU H 148 26.70 -7.02 -14.70
C LEU H 148 26.90 -6.05 -13.55
N ALA H 149 26.85 -6.59 -12.35
CA ALA H 149 27.03 -5.81 -11.14
C ALA H 149 28.35 -5.07 -11.17
N ARG H 150 29.40 -5.77 -11.59
CA ARG H 150 30.71 -5.17 -11.64
C ARG H 150 30.76 -4.00 -12.63
N ILE H 151 30.09 -4.16 -13.77
CA ILE H 151 30.07 -3.09 -14.75
C ILE H 151 29.40 -1.83 -14.18
N VAL H 152 28.28 -2.01 -13.48
CA VAL H 152 27.58 -0.89 -12.87
C VAL H 152 28.44 -0.25 -11.79
N GLU H 153 29.13 -1.10 -11.04
CA GLU H 153 30.02 -0.67 -9.96
C GLU H 153 31.20 0.19 -10.48
N ILE H 154 31.82 -0.26 -11.56
CA ILE H 154 32.96 0.44 -12.15
C ILE H 154 32.71 1.90 -12.54
N TYR H 155 31.59 2.16 -13.18
CA TYR H 155 31.27 3.51 -13.62
C TYR H 155 30.52 4.38 -12.61
N SER H 156 29.78 3.76 -11.69
CA SER H 156 29.06 4.56 -10.71
C SER H 156 29.95 5.02 -9.57
N ARG H 157 31.00 4.27 -9.28
CA ARG H 157 31.90 4.69 -8.21
C ARG H 157 32.98 5.60 -8.80
N ARG H 158 32.52 6.76 -9.28
CA ARG H 158 33.36 7.78 -9.87
C ARG H 158 32.64 9.12 -9.69
N LEU H 159 33.31 10.22 -10.02
CA LEU H 159 32.66 11.52 -9.96
C LEU H 159 31.89 11.43 -11.26
N GLN H 160 30.57 11.55 -11.19
CA GLN H 160 29.77 11.38 -12.38
C GLN H 160 28.68 12.37 -12.67
N VAL H 161 28.03 12.09 -13.80
CA VAL H 161 26.89 12.84 -14.30
C VAL H 161 25.95 11.71 -14.72
N GLN H 162 24.73 11.69 -14.19
CA GLN H 162 23.80 10.60 -14.49
C GLN H 162 23.71 10.15 -15.96
N GLU H 163 23.71 11.09 -16.91
CA GLU H 163 23.62 10.71 -18.33
C GLU H 163 24.85 9.95 -18.80
N ARG H 164 26.02 10.35 -18.31
CA ARG H 164 27.25 9.68 -18.72
C ARG H 164 27.24 8.30 -18.13
N LEU H 165 26.89 8.22 -16.86
CA LEU H 165 26.86 6.94 -16.18
C LEU H 165 25.98 5.97 -16.95
N THR H 166 24.84 6.47 -17.44
CA THR H 166 23.87 5.67 -18.19
C THR H 166 24.46 5.15 -19.51
N LYS H 167 25.08 6.04 -20.27
CA LYS H 167 25.67 5.66 -21.54
C LYS H 167 26.84 4.69 -21.35
N GLN H 168 27.69 4.95 -20.37
CA GLN H 168 28.83 4.08 -20.14
C GLN H 168 28.40 2.64 -19.82
N ILE H 169 27.37 2.49 -19.00
CA ILE H 169 26.93 1.14 -18.67
C ILE H 169 26.39 0.47 -19.93
N ALA H 170 25.63 1.21 -20.73
CA ALA H 170 25.06 0.69 -21.96
C ALA H 170 26.12 0.25 -22.96
N VAL H 171 27.11 1.11 -23.18
CA VAL H 171 28.17 0.79 -24.12
C VAL H 171 29.01 -0.38 -23.62
N ALA H 172 29.28 -0.41 -22.31
CA ALA H 172 30.07 -1.47 -21.74
C ALA H 172 29.42 -2.82 -22.00
N ILE H 173 28.10 -2.89 -21.82
CA ILE H 173 27.37 -4.12 -22.05
C ILE H 173 27.37 -4.47 -23.53
N THR H 174 27.33 -3.46 -24.38
CA THR H 174 27.32 -3.68 -25.80
C THR H 174 28.65 -4.30 -26.25
N GLU H 175 29.75 -3.78 -25.71
CA GLU H 175 31.06 -4.29 -26.08
C GLU H 175 31.30 -5.67 -25.53
N ALA H 176 30.78 -5.95 -24.34
CA ALA H 176 30.96 -7.24 -23.70
C ALA H 176 30.09 -8.38 -24.26
N LEU H 177 29.10 -8.05 -25.08
CA LEU H 177 28.21 -9.07 -25.61
C LEU H 177 27.90 -8.99 -27.11
N GLN H 178 28.23 -7.88 -27.76
CA GLN H 178 27.90 -7.71 -29.17
C GLN H 178 26.46 -8.19 -29.33
N PRO H 179 25.52 -7.57 -28.59
CA PRO H 179 24.10 -7.95 -28.65
C PRO H 179 23.34 -7.28 -29.77
N ALA H 180 22.09 -7.70 -29.96
CA ALA H 180 21.23 -7.12 -30.98
C ALA H 180 20.73 -5.77 -30.48
N GLY H 181 20.82 -5.57 -29.17
CA GLY H 181 20.40 -4.31 -28.61
C GLY H 181 20.48 -4.29 -27.10
N VAL H 182 20.47 -3.09 -26.53
CA VAL H 182 20.54 -2.96 -25.09
C VAL H 182 19.89 -1.67 -24.62
N GLY H 183 19.33 -1.73 -23.41
CA GLY H 183 18.68 -0.58 -22.85
C GLY H 183 19.06 -0.44 -21.40
N VAL H 184 19.32 0.79 -20.99
CA VAL H 184 19.67 1.06 -19.61
C VAL H 184 18.84 2.25 -19.13
N VAL H 185 18.22 2.10 -17.96
CA VAL H 185 17.44 3.19 -17.41
C VAL H 185 17.95 3.41 -16.01
N ILE H 186 18.11 4.67 -15.62
CA ILE H 186 18.55 4.99 -14.27
C ILE H 186 17.64 6.07 -13.67
N GLU H 187 17.19 5.82 -12.45
CA GLU H 187 16.39 6.81 -11.74
C GLU H 187 17.14 7.08 -10.46
N ALA H 188 17.39 8.35 -10.17
CA ALA H 188 18.14 8.70 -8.98
C ALA H 188 17.69 9.97 -8.30
N THR H 189 18.13 10.12 -7.05
CA THR H 189 17.85 11.27 -6.22
C THR H 189 19.21 11.92 -5.96
N HIS H 190 19.31 13.22 -6.20
CA HIS H 190 20.57 13.92 -5.98
C HIS H 190 20.63 14.62 -4.64
N MET H 191 21.46 14.09 -3.74
CA MET H 191 21.62 14.64 -2.40
C MET H 191 21.97 16.13 -2.45
N CYS H 192 22.80 16.53 -3.41
CA CYS H 192 23.19 17.93 -3.51
C CYS H 192 21.99 18.84 -3.79
N MET H 193 20.91 18.25 -4.27
CA MET H 193 19.70 19.02 -4.57
C MET H 193 18.75 18.87 -3.39
N VAL H 194 18.68 17.66 -2.86
CA VAL H 194 17.82 17.34 -1.73
C VAL H 194 18.17 18.16 -0.50
N MET H 195 19.44 18.19 -0.15
CA MET H 195 19.89 18.93 1.02
C MET H 195 19.90 20.44 0.80
N ARG H 196 18.91 20.90 0.05
CA ARG H 196 18.72 22.31 -0.26
C ARG H 196 17.22 22.47 -0.52
N GLY H 197 16.42 21.76 0.28
CA GLY H 197 14.98 21.80 0.16
C GLY H 197 14.34 20.42 0.27
N LYS H 200 12.23 17.74 -2.31
CA LYS H 200 13.35 17.33 -3.14
C LYS H 200 13.64 15.83 -3.00
N MET H 201 13.72 15.35 -1.77
CA MET H 201 14.00 13.95 -1.50
C MET H 201 13.09 13.05 -2.33
N ASN H 202 11.94 13.60 -2.72
CA ASN H 202 10.98 12.84 -3.52
C ASN H 202 11.25 13.02 -5.01
N SER H 203 11.83 14.16 -5.39
CA SER H 203 12.15 14.46 -6.78
C SER H 203 13.17 13.46 -7.37
N LYS H 204 12.90 12.97 -8.58
CA LYS H 204 13.78 12.00 -9.22
C LYS H 204 14.11 12.25 -10.68
N THR H 205 15.37 12.02 -11.03
CA THR H 205 15.85 12.19 -12.39
C THR H 205 15.91 10.84 -13.06
N VAL H 206 15.35 10.75 -14.25
CA VAL H 206 15.33 9.50 -14.99
C VAL H 206 16.04 9.69 -16.31
N THR H 207 17.06 8.86 -16.57
CA THR H 207 17.82 8.92 -17.81
C THR H 207 17.79 7.55 -18.47
N SER H 208 18.01 7.51 -19.77
CA SER H 208 18.02 6.23 -20.48
C SER H 208 18.91 6.27 -21.70
N THR H 209 19.34 5.09 -22.11
CA THR H 209 20.17 4.95 -23.28
C THR H 209 19.67 3.68 -23.94
N MET H 210 19.23 3.79 -25.18
CA MET H 210 18.72 2.66 -25.93
C MET H 210 19.57 2.46 -27.18
N LEU H 211 20.14 1.28 -27.33
CA LEU H 211 21.00 0.97 -28.47
C LEU H 211 20.47 -0.21 -29.24
N GLY H 212 20.78 -0.27 -30.52
CA GLY H 212 20.35 -1.38 -31.35
C GLY H 212 18.84 -1.44 -31.47
N VAL H 213 18.28 -2.65 -31.44
CA VAL H 213 16.84 -2.83 -31.56
C VAL H 213 16.09 -2.07 -30.47
N PHE H 214 16.77 -1.77 -29.35
CA PHE H 214 16.13 -1.03 -28.26
C PHE H 214 15.87 0.39 -28.72
N ARG H 215 16.67 0.87 -29.65
CA ARG H 215 16.52 2.21 -30.19
C ARG H 215 15.60 2.23 -31.41
N GLU H 216 15.83 1.32 -32.36
CA GLU H 216 15.06 1.29 -33.59
C GLU H 216 13.69 0.63 -33.55
N ASP H 217 13.45 -0.25 -32.59
CA ASP H 217 12.15 -0.93 -32.53
C ASP H 217 11.34 -0.46 -31.33
N PRO H 218 10.30 0.34 -31.59
CA PRO H 218 9.44 0.86 -30.52
C PRO H 218 8.78 -0.22 -29.69
N LYS H 219 8.55 -1.39 -30.27
CA LYS H 219 7.93 -2.49 -29.53
C LYS H 219 8.90 -3.05 -28.47
N THR H 220 10.16 -3.19 -28.83
CA THR H 220 11.16 -3.71 -27.90
C THR H 220 11.32 -2.72 -26.73
N ARG H 221 11.41 -1.45 -27.09
CA ARG H 221 11.55 -0.38 -26.12
C ARG H 221 10.37 -0.41 -25.14
N GLU H 222 9.15 -0.52 -25.67
CA GLU H 222 7.93 -0.58 -24.86
C GLU H 222 7.89 -1.77 -23.91
N GLU H 223 8.19 -2.95 -24.44
CA GLU H 223 8.20 -4.17 -23.63
C GLU H 223 9.20 -4.03 -22.49
N PHE H 224 10.38 -3.50 -22.80
CA PHE H 224 11.41 -3.30 -21.80
C PHE H 224 10.88 -2.40 -20.69
N LEU H 225 10.29 -1.25 -21.05
CA LEU H 225 9.76 -0.33 -20.05
C LEU H 225 8.59 -0.92 -19.26
N THR H 226 7.86 -1.84 -19.89
CA THR H 226 6.72 -2.48 -19.23
C THR H 226 7.24 -3.44 -18.18
N LEU H 227 8.24 -4.24 -18.57
CA LEU H 227 8.81 -5.24 -17.69
C LEU H 227 9.64 -4.70 -16.54
N ILE H 228 10.05 -3.43 -16.59
CA ILE H 228 10.83 -2.90 -15.49
C ILE H 228 9.97 -1.98 -14.63
N ARG H 229 9.03 -1.29 -15.25
CA ARG H 229 8.16 -0.39 -14.50
C ARG H 229 7.05 -1.19 -13.82
N SER H 230 7.46 -1.97 -12.84
CA SER H 230 6.53 -2.81 -12.09
C SER H 230 6.38 -2.30 -10.65
N ARG I 37 9.80 45.58 -16.67
CA ARG I 37 10.82 45.68 -15.59
C ARG I 37 10.48 44.75 -14.44
N PRO I 38 11.39 43.82 -14.11
CA PRO I 38 11.15 42.88 -13.01
C PRO I 38 11.09 43.62 -11.67
N ARG I 39 10.31 43.08 -10.74
CA ARG I 39 10.16 43.69 -9.41
C ARG I 39 11.52 43.69 -8.72
N SER I 40 11.79 44.71 -7.91
CA SER I 40 13.07 44.82 -7.23
C SER I 40 12.93 44.82 -5.71
N GLU I 41 14.04 44.56 -5.01
CA GLU I 41 14.02 44.55 -3.55
C GLU I 41 13.57 45.89 -3.00
N GLU I 42 13.83 46.96 -3.75
CA GLU I 42 13.42 48.28 -3.33
C GLU I 42 11.89 48.32 -3.34
N ASP I 43 11.31 47.83 -4.44
CA ASP I 43 9.85 47.81 -4.58
C ASP I 43 9.20 47.16 -3.37
N ASN I 44 9.76 46.03 -2.93
CA ASN I 44 9.21 45.33 -1.79
C ASN I 44 9.22 46.20 -0.55
N GLU I 45 10.35 46.83 -0.28
CA GLU I 45 10.48 47.69 0.90
C GLU I 45 9.53 48.86 0.85
N LEU I 46 9.36 49.44 -0.34
CA LEU I 46 8.47 50.58 -0.52
C LEU I 46 7.00 50.17 -0.44
N ASN I 47 6.70 48.94 -0.84
CA ASN I 47 5.31 48.49 -0.83
C ASN I 47 4.87 47.72 0.41
N LEU I 48 5.81 47.25 1.21
CA LEU I 48 5.48 46.48 2.41
C LEU I 48 4.44 47.21 3.25
N PRO I 49 4.66 48.51 3.51
CA PRO I 49 3.72 49.31 4.31
C PRO I 49 2.31 49.35 3.71
N ASN I 50 2.23 49.42 2.39
CA ASN I 50 0.93 49.44 1.70
C ASN I 50 0.24 48.11 1.86
N LEU I 51 1.00 47.04 1.73
CA LEU I 51 0.47 45.70 1.87
C LEU I 51 0.00 45.51 3.30
N ALA I 52 0.84 45.89 4.26
CA ALA I 52 0.51 45.75 5.67
C ALA I 52 -0.80 46.47 5.97
N ALA I 53 -0.92 47.69 5.46
CA ALA I 53 -2.12 48.50 5.65
C ALA I 53 -3.37 47.80 5.11
N ALA I 54 -3.26 47.27 3.90
CA ALA I 54 -4.39 46.59 3.27
C ALA I 54 -4.82 45.38 4.10
N TYR I 55 -3.86 44.64 4.63
CA TYR I 55 -4.19 43.47 5.44
C TYR I 55 -4.81 43.89 6.77
N SER I 56 -4.32 44.97 7.35
CA SER I 56 -4.84 45.47 8.62
C SER I 56 -6.31 45.85 8.41
N SER I 57 -6.59 46.37 7.22
CA SER I 57 -7.92 46.78 6.83
C SER I 57 -8.80 45.54 6.69
N ILE I 58 -8.27 44.53 6.01
CA ILE I 58 -8.99 43.29 5.80
C ILE I 58 -9.33 42.68 7.15
N LEU I 59 -8.39 42.72 8.09
CA LEU I 59 -8.64 42.18 9.41
C LEU I 59 -9.89 42.83 10.00
N ARG I 60 -9.96 44.16 9.91
CA ARG I 60 -11.12 44.88 10.44
C ARG I 60 -12.38 44.53 9.69
N SER I 61 -12.29 44.47 8.36
CA SER I 61 -13.47 44.15 7.56
C SER I 61 -14.05 42.76 7.84
N LEU I 62 -13.25 41.87 8.41
CA LEU I 62 -13.70 40.51 8.70
C LEU I 62 -14.38 40.40 10.07
N GLY I 63 -14.21 41.42 10.89
CA GLY I 63 -14.81 41.42 12.20
C GLY I 63 -13.81 41.17 13.31
N GLU I 64 -12.54 41.11 12.95
CA GLU I 64 -11.49 40.85 13.92
C GLU I 64 -10.90 42.11 14.49
N ASP I 65 -10.14 41.96 15.57
CA ASP I 65 -9.51 43.05 16.25
C ASP I 65 -8.01 43.08 15.93
N PRO I 66 -7.59 44.01 15.07
CA PRO I 66 -6.18 44.12 14.68
C PRO I 66 -5.26 44.34 15.87
N GLN I 67 -5.85 44.53 17.05
CA GLN I 67 -5.09 44.78 18.27
C GLN I 67 -4.77 43.55 19.12
N ARG I 68 -5.50 42.45 18.93
CA ARG I 68 -5.24 41.23 19.70
C ARG I 68 -3.74 40.96 19.63
N GLN I 69 -3.17 40.41 20.68
CA GLN I 69 -1.75 40.11 20.66
C GLN I 69 -1.44 39.20 19.48
N GLY I 70 -2.33 38.25 19.23
CA GLY I 70 -2.12 37.32 18.14
C GLY I 70 -2.21 37.92 16.75
N LEU I 71 -2.85 39.07 16.64
CA LEU I 71 -2.99 39.71 15.33
C LEU I 71 -2.09 40.92 15.11
N LEU I 72 -1.52 41.46 16.17
CA LEU I 72 -0.67 42.64 16.07
C LEU I 72 0.30 42.67 14.89
N LYS I 73 1.13 41.64 14.77
CA LYS I 73 2.12 41.61 13.68
C LYS I 73 1.59 40.98 12.39
N THR I 74 0.35 40.50 12.41
CA THR I 74 -0.21 39.86 11.23
C THR I 74 -0.15 40.67 9.93
N PRO I 75 -0.47 41.96 10.00
CA PRO I 75 -0.41 42.74 8.75
C PRO I 75 0.93 42.64 8.03
N TRP I 76 2.03 42.63 8.79
CA TRP I 76 3.36 42.52 8.18
C TRP I 76 3.71 41.11 7.77
N ARG I 77 3.42 40.14 8.64
CA ARG I 77 3.70 38.76 8.34
C ARG I 77 2.90 38.35 7.11
N ALA I 78 1.66 38.81 7.01
CA ALA I 78 0.82 38.49 5.85
C ALA I 78 1.41 39.13 4.61
N ALA I 79 1.79 40.40 4.74
CA ALA I 79 2.38 41.13 3.62
C ALA I 79 3.65 40.47 3.11
N THR I 80 4.50 40.05 4.04
CA THR I 80 5.76 39.40 3.70
C THR I 80 5.50 38.07 3.02
N ALA I 81 4.60 37.29 3.61
CA ALA I 81 4.23 35.98 3.06
C ALA I 81 3.79 36.13 1.61
N MET I 82 2.92 37.10 1.37
CA MET I 82 2.40 37.32 0.02
C MET I 82 3.50 37.79 -0.94
N GLN I 83 4.51 38.47 -0.42
CA GLN I 83 5.59 38.91 -1.29
C GLN I 83 6.45 37.70 -1.62
N PHE I 84 6.58 36.79 -0.67
CA PHE I 84 7.36 35.58 -0.89
C PHE I 84 6.69 34.76 -1.98
N PHE I 85 5.39 34.54 -1.84
CA PHE I 85 4.61 33.75 -2.80
C PHE I 85 4.67 34.35 -4.20
N THR I 86 4.95 35.65 -4.31
CA THR I 86 5.00 36.28 -5.63
C THR I 86 6.38 36.76 -6.05
N LYS I 87 7.41 36.31 -5.33
CA LYS I 87 8.79 36.70 -5.62
C LYS I 87 9.30 36.32 -7.01
N GLY I 88 8.51 35.55 -7.77
CA GLY I 88 8.95 35.16 -9.08
C GLY I 88 8.86 36.30 -10.07
N TYR I 89 8.18 37.37 -9.66
CA TYR I 89 8.03 38.53 -10.51
C TYR I 89 9.35 39.29 -10.58
N GLN I 90 10.14 39.19 -9.53
CA GLN I 90 11.41 39.90 -9.50
C GLN I 90 12.55 39.13 -10.16
N GLU I 91 12.22 38.22 -11.08
CA GLU I 91 13.24 37.46 -11.78
C GLU I 91 12.85 37.18 -13.22
N THR I 92 13.83 36.70 -13.99
CA THR I 92 13.61 36.39 -15.39
C THR I 92 14.44 35.18 -15.76
N ILE I 93 14.05 34.47 -16.82
CA ILE I 93 14.77 33.28 -17.26
C ILE I 93 16.22 33.63 -17.57
N SER I 94 16.49 34.87 -17.92
CA SER I 94 17.84 35.33 -18.24
C SER I 94 18.81 35.12 -17.09
N ASP I 95 18.40 35.51 -15.89
CA ASP I 95 19.22 35.38 -14.69
C ASP I 95 19.70 33.95 -14.47
N VAL I 96 18.99 33.00 -15.10
CA VAL I 96 19.31 31.58 -14.97
C VAL I 96 20.02 31.05 -16.21
N LEU I 97 19.52 31.46 -17.38
CA LEU I 97 20.02 31.05 -18.69
C LEU I 97 21.51 30.64 -18.78
N ASN I 98 22.40 31.63 -18.87
CA ASN I 98 23.85 31.40 -19.00
C ASN I 98 24.49 30.35 -18.09
N ASP I 99 24.49 30.65 -16.79
CA ASP I 99 25.04 29.79 -15.75
C ASP I 99 25.35 28.33 -16.09
N ALA I 100 24.57 27.40 -15.53
CA ALA I 100 24.78 25.97 -15.72
C ALA I 100 24.10 25.23 -16.88
N ILE I 101 24.84 25.09 -17.98
CA ILE I 101 24.40 24.38 -19.19
C ILE I 101 25.65 23.68 -19.75
N PHE I 102 25.95 22.51 -19.19
CA PHE I 102 27.10 21.72 -19.61
C PHE I 102 26.77 20.92 -20.86
N ASP I 103 27.80 20.58 -21.63
CA ASP I 103 27.56 19.80 -22.84
C ASP I 103 28.17 18.41 -22.74
N GLU I 104 27.31 17.44 -22.42
CA GLU I 104 27.77 16.06 -22.32
C GLU I 104 27.40 15.41 -23.64
N ASP I 105 27.12 16.25 -24.63
CA ASP I 105 26.77 15.76 -25.96
C ASP I 105 25.74 14.65 -25.77
N HIS I 106 24.77 14.88 -24.90
CA HIS I 106 23.74 13.89 -24.67
C HIS I 106 22.58 14.13 -25.64
N ASP I 107 22.03 13.06 -26.20
CA ASP I 107 20.93 13.22 -27.15
C ASP I 107 19.76 12.29 -26.93
N GLU I 108 19.55 11.89 -25.68
CA GLU I 108 18.45 11.01 -25.32
C GLU I 108 17.61 11.64 -24.22
N MET I 109 16.38 11.17 -24.06
CA MET I 109 15.48 11.75 -23.09
C MET I 109 15.93 11.83 -21.65
N VAL I 110 15.82 13.03 -21.08
CA VAL I 110 16.14 13.27 -19.68
C VAL I 110 14.85 13.67 -18.98
N ILE I 111 14.60 13.10 -17.81
CA ILE I 111 13.37 13.38 -17.08
C ILE I 111 13.64 13.73 -15.62
N VAL I 112 12.94 14.73 -15.11
CA VAL I 112 13.03 15.11 -13.70
C VAL I 112 11.58 15.14 -13.27
N LYS I 113 11.20 14.25 -12.38
CA LYS I 113 9.82 14.18 -11.96
C LYS I 113 9.63 14.40 -10.49
N ASP I 114 8.36 14.58 -10.11
CA ASP I 114 7.96 14.82 -8.74
C ASP I 114 8.58 16.05 -8.13
N ILE I 115 8.59 17.12 -8.91
CA ILE I 115 9.13 18.39 -8.46
C ILE I 115 7.99 19.10 -7.74
N ASP I 116 8.11 19.29 -6.43
CA ASP I 116 7.07 19.98 -5.66
C ASP I 116 6.94 21.42 -6.11
N MET I 117 5.70 21.87 -6.28
CA MET I 117 5.52 23.26 -6.67
C MET I 117 4.36 23.85 -5.89
N PHE I 118 4.47 25.14 -5.59
CA PHE I 118 3.45 25.85 -4.84
C PHE I 118 3.20 27.12 -5.61
N SER I 119 1.93 27.46 -5.79
CA SER I 119 1.57 28.65 -6.53
C SER I 119 0.32 29.29 -5.94
N MET I 120 -0.14 30.37 -6.57
CA MET I 120 -1.31 31.08 -6.10
C MET I 120 -2.33 31.21 -7.22
N CYS I 121 -3.59 30.91 -6.92
CA CYS I 121 -4.65 31.04 -7.92
C CYS I 121 -4.86 32.56 -8.10
N GLU I 122 -4.70 33.05 -9.34
CA GLU I 122 -4.85 34.47 -9.61
C GLU I 122 -6.30 34.95 -9.47
N HIS I 123 -7.23 34.01 -9.43
CA HIS I 123 -8.64 34.33 -9.29
C HIS I 123 -9.06 34.56 -7.85
N HIS I 124 -8.56 33.74 -6.92
CA HIS I 124 -8.95 33.86 -5.53
C HIS I 124 -7.84 34.22 -4.58
N LEU I 125 -6.60 34.18 -5.07
CA LEU I 125 -5.45 34.48 -4.24
C LEU I 125 -5.33 33.47 -3.10
N VAL I 126 -5.64 32.21 -3.45
CA VAL I 126 -5.54 31.08 -2.53
C VAL I 126 -4.57 30.13 -3.23
N PRO I 127 -3.64 29.54 -2.49
CA PRO I 127 -2.69 28.65 -3.16
C PRO I 127 -3.16 27.32 -3.71
N PHE I 128 -2.57 26.93 -4.85
CA PHE I 128 -2.84 25.62 -5.41
C PHE I 128 -1.48 24.93 -5.40
N VAL I 129 -1.46 23.71 -4.88
CA VAL I 129 -0.23 22.95 -4.74
C VAL I 129 -0.17 21.64 -5.53
N GLY I 130 1.04 21.17 -5.81
CA GLY I 130 1.20 19.92 -6.56
C GLY I 130 2.62 19.53 -6.94
N ARG I 131 2.77 18.85 -8.07
CA ARG I 131 4.07 18.40 -8.56
C ARG I 131 4.24 18.71 -10.04
N VAL I 132 5.47 18.95 -10.46
CA VAL I 132 5.74 19.20 -11.87
C VAL I 132 6.58 18.04 -12.40
N HIS I 133 6.36 17.66 -13.65
CA HIS I 133 7.12 16.59 -14.27
C HIS I 133 7.66 17.12 -15.59
N ILE I 134 8.98 17.09 -15.72
CA ILE I 134 9.64 17.59 -16.90
C ILE I 134 10.43 16.53 -17.64
N GLY I 135 10.43 16.66 -18.95
CA GLY I 135 11.17 15.76 -19.79
C GLY I 135 11.62 16.51 -21.01
N TYR I 136 12.76 16.15 -21.57
CA TYR I 136 13.24 16.82 -22.78
C TYR I 136 14.25 15.98 -23.53
N LEU I 137 14.23 16.13 -24.84
CA LEU I 137 15.15 15.43 -25.72
C LEU I 137 16.22 16.44 -26.08
N PRO I 138 17.35 16.39 -25.38
CA PRO I 138 18.45 17.33 -25.63
C PRO I 138 19.06 17.26 -27.03
N ASN I 139 19.50 18.42 -27.48
CA ASN I 139 20.17 18.55 -28.76
C ASN I 139 21.56 18.97 -28.32
N LYS I 140 22.19 18.04 -27.61
CA LYS I 140 23.51 18.19 -27.04
C LYS I 140 23.48 18.89 -25.68
N GLN I 141 22.78 20.01 -25.58
CA GLN I 141 22.73 20.76 -24.32
C GLN I 141 21.80 20.19 -23.25
N VAL I 142 22.34 20.03 -22.06
CA VAL I 142 21.60 19.51 -20.91
C VAL I 142 21.42 20.60 -19.86
N LEU I 143 20.34 20.52 -19.10
CA LEU I 143 20.05 21.51 -18.07
C LEU I 143 20.34 20.97 -16.68
N GLY I 144 20.99 21.77 -15.84
CA GLY I 144 21.29 21.32 -14.49
C GLY I 144 20.07 21.35 -13.59
N LEU I 145 20.01 20.46 -12.61
CA LEU I 145 18.88 20.41 -11.71
C LEU I 145 18.64 21.74 -11.02
N SER I 146 19.71 22.40 -10.63
CA SER I 146 19.62 23.68 -9.96
C SER I 146 18.86 24.69 -10.82
N LYS I 147 19.24 24.80 -12.09
CA LYS I 147 18.59 25.74 -12.99
C LYS I 147 17.15 25.34 -13.27
N LEU I 148 16.90 24.05 -13.40
CA LEU I 148 15.57 23.55 -13.65
C LEU I 148 14.67 24.00 -12.52
N ALA I 149 15.12 23.77 -11.30
CA ALA I 149 14.37 24.14 -10.13
C ALA I 149 14.03 25.63 -10.14
N ARG I 150 15.02 26.46 -10.45
CA ARG I 150 14.83 27.90 -10.48
C ARG I 150 13.78 28.28 -11.54
N ILE I 151 13.81 27.61 -12.68
CA ILE I 151 12.84 27.90 -13.72
C ILE I 151 11.44 27.66 -13.18
N VAL I 152 11.22 26.52 -12.54
CA VAL I 152 9.90 26.20 -12.00
C VAL I 152 9.51 27.22 -10.92
N GLU I 153 10.52 27.63 -10.15
CA GLU I 153 10.35 28.58 -9.06
C GLU I 153 9.89 29.94 -9.59
N ILE I 154 10.59 30.45 -10.60
CA ILE I 154 10.27 31.75 -11.18
C ILE I 154 8.82 31.93 -11.60
N TYR I 155 8.29 30.96 -12.32
CA TYR I 155 6.93 31.07 -12.79
C TYR I 155 5.84 30.63 -11.81
N SER I 156 6.17 29.73 -10.90
CA SER I 156 5.15 29.24 -9.97
C SER I 156 4.89 30.22 -8.84
N ARG I 157 5.90 31.00 -8.49
CA ARG I 157 5.74 31.98 -7.44
C ARG I 157 5.24 33.30 -8.04
N ARG I 158 4.01 33.25 -8.52
CA ARG I 158 3.32 34.37 -9.14
C ARG I 158 1.84 34.07 -9.01
N LEU I 159 0.99 35.02 -9.34
CA LEU I 159 -0.45 34.76 -9.32
C LEU I 159 -0.55 34.00 -10.63
N GLN I 160 -1.06 32.77 -10.58
CA GLN I 160 -1.11 31.96 -11.77
C GLN I 160 -2.38 31.23 -12.13
N VAL I 161 -2.29 30.59 -13.28
CA VAL I 161 -3.34 29.75 -13.83
C VAL I 161 -2.53 28.51 -14.24
N GLN I 162 -2.94 27.34 -13.78
CA GLN I 162 -2.19 26.12 -14.06
C GLN I 162 -1.73 25.91 -15.50
N GLU I 163 -2.58 26.18 -16.50
CA GLU I 163 -2.17 25.99 -17.90
C GLU I 163 -1.07 26.96 -18.33
N ARG I 164 -1.09 28.18 -17.81
CA ARG I 164 -0.06 29.16 -18.17
C ARG I 164 1.26 28.71 -17.55
N LEU I 165 1.19 28.40 -16.26
CA LEU I 165 2.35 27.94 -15.52
C LEU I 165 3.02 26.81 -16.29
N THR I 166 2.21 25.86 -16.78
CA THR I 166 2.70 24.71 -17.53
C THR I 166 3.42 25.11 -18.83
N LYS I 167 2.79 25.98 -19.63
CA LYS I 167 3.38 26.43 -20.89
C LYS I 167 4.65 27.24 -20.66
N GLN I 168 4.62 28.14 -19.69
CA GLN I 168 5.77 28.98 -19.41
C GLN I 168 7.00 28.15 -19.07
N ILE I 169 6.83 27.14 -18.23
CA ILE I 169 7.96 26.30 -17.87
C ILE I 169 8.50 25.59 -19.12
N ALA I 170 7.59 25.06 -19.94
CA ALA I 170 7.97 24.35 -21.16
C ALA I 170 8.72 25.26 -22.14
N VAL I 171 8.22 26.48 -22.32
CA VAL I 171 8.85 27.42 -23.22
C VAL I 171 10.18 27.86 -22.67
N ALA I 172 10.26 28.05 -21.36
CA ALA I 172 11.50 28.47 -20.74
C ALA I 172 12.60 27.44 -21.03
N ILE I 173 12.26 26.17 -20.86
CA ILE I 173 13.21 25.10 -21.08
C ILE I 173 13.60 25.04 -22.54
N THR I 174 12.65 25.28 -23.43
CA THR I 174 12.92 25.26 -24.85
C THR I 174 13.95 26.33 -25.22
N GLU I 175 13.77 27.54 -24.70
CA GLU I 175 14.68 28.62 -25.00
C GLU I 175 16.06 28.47 -24.38
N ALA I 176 16.14 27.83 -23.21
CA ALA I 176 17.41 27.62 -22.55
C ALA I 176 18.23 26.47 -23.10
N LEU I 177 17.62 25.61 -23.92
CA LEU I 177 18.35 24.44 -24.44
C LEU I 177 18.23 24.17 -25.93
N GLN I 178 17.27 24.81 -26.61
CA GLN I 178 17.08 24.56 -28.03
C GLN I 178 17.11 23.06 -28.23
N PRO I 179 16.22 22.34 -27.50
CA PRO I 179 16.13 20.88 -27.56
C PRO I 179 15.29 20.37 -28.73
N ALA I 180 15.33 19.08 -28.96
CA ALA I 180 14.54 18.49 -30.02
C ALA I 180 13.08 18.45 -29.59
N GLY I 181 12.85 18.54 -28.28
CA GLY I 181 11.50 18.52 -27.79
C GLY I 181 11.49 18.59 -26.28
N VAL I 182 10.33 18.93 -25.74
CA VAL I 182 10.17 19.03 -24.30
C VAL I 182 8.72 18.76 -23.88
N GLY I 183 8.57 18.20 -22.69
CA GLY I 183 7.26 17.92 -22.18
C GLY I 183 7.14 18.34 -20.73
N VAL I 184 6.02 18.94 -20.37
CA VAL I 184 5.82 19.35 -18.98
C VAL I 184 4.42 18.91 -18.56
N VAL I 185 4.33 18.31 -17.39
CA VAL I 185 3.06 17.86 -16.87
C VAL I 185 2.97 18.37 -15.45
N ILE I 186 1.82 18.95 -15.10
CA ILE I 186 1.61 19.42 -13.75
C ILE I 186 0.29 18.87 -13.22
N GLU I 187 0.30 18.37 -12.00
CA GLU I 187 -0.91 17.88 -11.35
C GLU I 187 -0.98 18.66 -10.04
N ALA I 188 -2.14 19.24 -9.75
CA ALA I 188 -2.27 20.04 -8.55
C ALA I 188 -3.62 19.99 -7.91
N THR I 189 -3.67 20.47 -6.67
CA THR I 189 -4.90 20.55 -5.92
C THR I 189 -5.11 22.02 -5.64
N HIS I 190 -6.31 22.52 -5.91
CA HIS I 190 -6.58 23.94 -5.70
C HIS I 190 -7.27 24.19 -4.37
N MET I 191 -6.58 24.90 -3.49
CA MET I 191 -7.10 25.22 -2.17
C MET I 191 -8.40 26.05 -2.28
N CYS I 192 -8.50 26.90 -3.29
CA CYS I 192 -9.67 27.73 -3.46
C CYS I 192 -10.89 26.88 -3.73
N MET I 193 -10.65 25.66 -4.14
CA MET I 193 -11.74 24.73 -4.44
C MET I 193 -11.93 23.76 -3.28
N VAL I 194 -10.81 23.29 -2.71
CA VAL I 194 -10.84 22.34 -1.59
C VAL I 194 -11.53 22.91 -0.34
N MET I 195 -11.24 24.17 -0.02
CA MET I 195 -11.83 24.82 1.15
C MET I 195 -13.25 25.30 0.87
N ARG I 196 -13.98 24.50 0.10
CA ARG I 196 -15.37 24.75 -0.25
C ARG I 196 -15.96 23.38 -0.57
N GLY I 197 -15.55 22.39 0.22
CA GLY I 197 -16.01 21.03 0.03
C GLY I 197 -14.89 20.01 0.16
N LYS I 200 -12.93 17.16 -2.32
CA LYS I 200 -12.16 18.11 -3.11
C LYS I 200 -10.65 17.92 -2.94
N MET I 201 -10.20 17.83 -1.68
CA MET I 201 -8.78 17.66 -1.38
C MET I 201 -8.17 16.54 -2.20
N ASN I 202 -9.02 15.62 -2.65
CA ASN I 202 -8.58 14.47 -3.44
C ASN I 202 -8.63 14.77 -4.94
N SER I 203 -9.54 15.65 -5.34
CA SER I 203 -9.69 16.05 -6.74
C SER I 203 -8.40 16.74 -7.26
N LYS I 204 -7.96 16.36 -8.46
CA LYS I 204 -6.75 16.94 -9.03
C LYS I 204 -6.86 17.37 -10.48
N THR I 205 -6.18 18.47 -10.80
CA THR I 205 -6.14 19.03 -12.15
C THR I 205 -4.80 18.66 -12.78
N VAL I 206 -4.87 18.16 -14.00
CA VAL I 206 -3.66 17.76 -14.70
C VAL I 206 -3.57 18.50 -16.01
N THR I 207 -2.44 19.21 -16.20
CA THR I 207 -2.19 19.96 -17.43
C THR I 207 -0.87 19.51 -18.06
N SER I 208 -0.71 19.78 -19.33
CA SER I 208 0.51 19.39 -20.00
C SER I 208 0.82 20.28 -21.19
N THR I 209 2.08 20.37 -21.54
CA THR I 209 2.52 21.11 -22.71
C THR I 209 3.59 20.26 -23.37
N MET I 210 3.34 19.88 -24.62
CA MET I 210 4.27 19.03 -25.37
C MET I 210 4.75 19.80 -26.59
N LEU I 211 6.06 20.00 -26.67
CA LEU I 211 6.69 20.72 -27.78
C LEU I 211 7.66 19.84 -28.55
N GLY I 212 7.83 20.14 -29.83
CA GLY I 212 8.76 19.38 -30.66
C GLY I 212 8.40 17.91 -30.80
N VAL I 213 9.39 17.02 -30.71
CA VAL I 213 9.11 15.60 -30.84
C VAL I 213 8.10 15.13 -29.81
N PHE I 214 8.05 15.79 -28.64
CA PHE I 214 7.10 15.41 -27.60
C PHE I 214 5.68 15.64 -28.13
N ARG I 215 5.53 16.59 -29.04
CA ARG I 215 4.23 16.86 -29.64
C ARG I 215 3.97 15.99 -30.88
N GLU I 216 4.95 15.93 -31.79
CA GLU I 216 4.80 15.18 -33.03
C GLU I 216 5.01 13.67 -33.01
N ASP I 217 5.73 13.15 -32.03
CA ASP I 217 5.96 11.72 -31.98
C ASP I 217 5.24 11.09 -30.80
N PRO I 218 4.17 10.32 -31.07
CA PRO I 218 3.39 9.65 -30.03
C PRO I 218 4.20 8.69 -29.18
N LYS I 219 5.26 8.16 -29.76
CA LYS I 219 6.09 7.21 -29.03
C LYS I 219 6.87 7.93 -27.95
N THR I 220 7.40 9.11 -28.27
CA THR I 220 8.16 9.89 -27.30
C THR I 220 7.26 10.32 -26.14
N ARG I 221 6.08 10.80 -26.51
CA ARG I 221 5.06 11.24 -25.56
C ARG I 221 4.72 10.08 -24.61
N GLU I 222 4.39 8.91 -25.19
CA GLU I 222 4.04 7.72 -24.41
C GLU I 222 5.13 7.31 -23.43
N GLU I 223 6.36 7.26 -23.91
CA GLU I 223 7.50 6.88 -23.08
C GLU I 223 7.64 7.83 -21.87
N PHE I 224 7.52 9.12 -22.15
CA PHE I 224 7.62 10.14 -21.12
C PHE I 224 6.54 9.90 -20.06
N LEU I 225 5.30 9.73 -20.50
CA LEU I 225 4.18 9.51 -19.58
C LEU I 225 4.37 8.22 -18.80
N THR I 226 5.09 7.27 -19.41
CA THR I 226 5.34 5.98 -18.76
C THR I 226 6.39 6.12 -17.68
N LEU I 227 7.44 6.87 -17.99
CA LEU I 227 8.53 7.09 -17.08
C LEU I 227 8.23 8.06 -15.94
N ILE I 228 7.11 8.76 -16.00
CA ILE I 228 6.77 9.68 -14.92
C ILE I 228 5.62 9.14 -14.09
N ARG I 229 4.69 8.46 -14.74
CA ARG I 229 3.54 7.89 -14.03
C ARG I 229 3.94 6.59 -13.39
N SER I 230 4.74 6.71 -12.34
CA SER I 230 5.24 5.58 -11.59
C SER I 230 4.65 5.58 -10.18
N ARG J 37 -39.64 24.02 -17.70
CA ARG J 37 -39.44 25.00 -16.58
C ARG J 37 -38.68 24.35 -15.43
N PRO J 38 -37.53 24.94 -15.03
CA PRO J 38 -36.76 24.36 -13.93
C PRO J 38 -37.53 24.49 -12.61
N ARG J 39 -37.33 23.53 -11.70
CA ARG J 39 -38.00 23.54 -10.40
C ARG J 39 -37.59 24.84 -9.68
N SER J 40 -38.48 25.39 -8.86
CA SER J 40 -38.17 26.63 -8.15
C SER J 40 -38.25 26.45 -6.65
N GLU J 41 -37.70 27.41 -5.90
CA GLU J 41 -37.73 27.37 -4.45
C GLU J 41 -39.16 27.34 -3.94
N GLU J 42 -40.07 27.90 -4.73
CA GLU J 42 -41.49 27.94 -4.36
C GLU J 42 -42.03 26.51 -4.41
N ASP J 43 -41.72 25.81 -5.50
CA ASP J 43 -42.15 24.43 -5.68
C ASP J 43 -41.77 23.57 -4.47
N ASN J 44 -40.54 23.74 -3.99
CA ASN J 44 -40.06 22.97 -2.84
C ASN J 44 -40.91 23.24 -1.59
N GLU J 45 -41.18 24.52 -1.33
CA GLU J 45 -41.97 24.89 -0.17
C GLU J 45 -43.40 24.36 -0.30
N LEU J 46 -43.95 24.43 -1.51
CA LEU J 46 -45.31 23.95 -1.74
C LEU J 46 -45.40 22.43 -1.69
N ASN J 47 -44.34 21.74 -2.09
CA ASN J 47 -44.34 20.29 -2.09
C ASN J 47 -43.78 19.61 -0.83
N LEU J 48 -43.01 20.33 -0.02
CA LEU J 48 -42.44 19.75 1.19
C LEU J 48 -43.50 18.99 1.99
N PRO J 49 -44.66 19.60 2.23
CA PRO J 49 -45.72 18.91 2.98
C PRO J 49 -46.20 17.61 2.32
N ASN J 50 -46.28 17.61 0.99
CA ASN J 50 -46.71 16.42 0.28
C ASN J 50 -45.69 15.32 0.46
N LEU J 51 -44.41 15.68 0.35
CA LEU J 51 -43.33 14.72 0.51
C LEU J 51 -43.36 14.18 1.93
N ALA J 52 -43.42 15.10 2.90
CA ALA J 52 -43.45 14.73 4.30
C ALA J 52 -44.56 13.73 4.55
N ALA J 53 -45.74 14.01 3.99
CA ALA J 53 -46.90 13.15 4.14
C ALA J 53 -46.62 11.76 3.58
N ALA J 54 -46.02 11.70 2.40
CA ALA J 54 -45.68 10.43 1.78
C ALA J 54 -44.73 9.62 2.67
N TYR J 55 -43.69 10.28 3.19
CA TYR J 55 -42.73 9.62 4.04
C TYR J 55 -43.35 9.16 5.34
N SER J 56 -44.27 9.96 5.88
CA SER J 56 -44.93 9.57 7.13
C SER J 56 -45.76 8.32 6.84
N SER J 57 -46.28 8.23 5.63
CA SER J 57 -47.08 7.09 5.21
C SER J 57 -46.19 5.87 5.12
N ILE J 58 -45.06 6.06 4.48
CA ILE J 58 -44.07 5.00 4.29
C ILE J 58 -43.66 4.43 5.64
N LEU J 59 -43.46 5.31 6.61
CA LEU J 59 -43.08 4.87 7.95
C LEU J 59 -44.09 3.90 8.55
N ARG J 60 -45.37 4.16 8.33
CA ARG J 60 -46.42 3.27 8.84
C ARG J 60 -46.43 1.97 8.03
N SER J 61 -46.35 2.10 6.71
CA SER J 61 -46.38 0.94 5.84
C SER J 61 -45.26 -0.05 6.14
N LEU J 62 -44.21 0.43 6.81
CA LEU J 62 -43.06 -0.42 7.14
C LEU J 62 -43.22 -1.16 8.45
N GLY J 63 -44.18 -0.72 9.25
CA GLY J 63 -44.39 -1.36 10.53
C GLY J 63 -43.87 -0.49 11.66
N GLU J 64 -43.38 0.69 11.32
CA GLU J 64 -42.85 1.59 12.35
C GLU J 64 -43.91 2.52 12.93
N ASP J 65 -43.51 3.22 13.98
CA ASP J 65 -44.40 4.15 14.67
C ASP J 65 -43.93 5.57 14.42
N PRO J 66 -44.58 6.27 13.48
CA PRO J 66 -44.23 7.65 13.14
C PRO J 66 -44.19 8.57 14.35
N GLN J 67 -44.68 8.06 15.48
CA GLN J 67 -44.74 8.82 16.72
C GLN J 67 -43.49 8.72 17.59
N ARG J 68 -42.66 7.70 17.39
CA ARG J 68 -41.43 7.55 18.18
C ARG J 68 -40.69 8.88 18.20
N GLN J 69 -40.04 9.19 19.32
CA GLN J 69 -39.30 10.44 19.39
C GLN J 69 -38.29 10.51 18.27
N GLY J 70 -37.67 9.38 17.97
CA GLY J 70 -36.68 9.33 16.92
C GLY J 70 -37.23 9.50 15.52
N LEU J 71 -38.52 9.19 15.34
CA LEU J 71 -39.13 9.29 14.01
C LEU J 71 -39.97 10.54 13.77
N LEU J 72 -40.35 11.22 14.84
CA LEU J 72 -41.18 12.42 14.73
C LEU J 72 -40.83 13.37 13.59
N LYS J 73 -39.59 13.86 13.56
CA LYS J 73 -39.20 14.80 12.50
C LYS J 73 -38.73 14.12 11.21
N THR J 74 -38.69 12.80 11.20
CA THR J 74 -38.22 12.10 10.03
C THR J 74 -38.92 12.43 8.72
N PRO J 75 -40.26 12.52 8.72
CA PRO J 75 -40.89 12.83 7.43
C PRO J 75 -40.38 14.11 6.76
N TRP J 76 -40.02 15.11 7.55
CA TRP J 76 -39.52 16.36 6.99
C TRP J 76 -38.05 16.27 6.64
N ARG J 77 -37.29 15.58 7.48
CA ARG J 77 -35.87 15.42 7.22
C ARG J 77 -35.69 14.56 5.98
N ALA J 78 -36.53 13.55 5.82
CA ALA J 78 -36.46 12.68 4.66
C ALA J 78 -36.86 13.48 3.42
N ALA J 79 -37.91 14.27 3.54
CA ALA J 79 -38.39 15.06 2.41
C ALA J 79 -37.35 16.09 1.97
N THR J 80 -36.72 16.73 2.95
CA THR J 80 -35.71 17.73 2.67
C THR J 80 -34.50 17.08 2.02
N ALA J 81 -34.11 15.93 2.55
CA ALA J 81 -32.96 15.19 2.03
C ALA J 81 -33.20 14.83 0.56
N MET J 82 -34.40 14.35 0.27
CA MET J 82 -34.76 13.95 -1.09
C MET J 82 -34.81 15.13 -2.05
N GLN J 83 -35.12 16.31 -1.54
CA GLN J 83 -35.17 17.49 -2.38
C GLN J 83 -33.74 17.92 -2.68
N PHE J 84 -32.85 17.73 -1.71
CA PHE J 84 -31.43 18.09 -1.87
C PHE J 84 -30.83 17.19 -2.94
N PHE J 85 -31.09 15.89 -2.82
CA PHE J 85 -30.57 14.92 -3.78
C PHE J 85 -31.11 15.19 -5.19
N THR J 86 -32.20 15.93 -5.30
CA THR J 86 -32.76 16.23 -6.62
C THR J 86 -32.74 17.73 -6.99
N LYS J 87 -31.97 18.53 -6.26
CA LYS J 87 -31.90 19.97 -6.52
C LYS J 87 -31.34 20.32 -7.89
N GLY J 88 -30.83 19.33 -8.62
CA GLY J 88 -30.27 19.60 -9.93
C GLY J 88 -31.34 19.92 -10.95
N TYR J 89 -32.59 19.63 -10.60
CA TYR J 89 -33.70 19.89 -11.51
C TYR J 89 -34.00 21.38 -11.58
N GLN J 90 -33.76 22.10 -10.49
CA GLN J 90 -34.03 23.53 -10.44
C GLN J 90 -32.91 24.39 -11.06
N GLU J 91 -32.06 23.76 -11.86
CA GLU J 91 -30.96 24.49 -12.51
C GLU J 91 -30.77 24.07 -13.94
N THR J 92 -30.00 24.88 -14.68
CA THR J 92 -29.71 24.63 -16.09
C THR J 92 -28.27 25.07 -16.40
N ILE J 93 -27.67 24.46 -17.42
CA ILE J 93 -26.29 24.79 -17.80
C ILE J 93 -26.13 26.29 -18.06
N SER J 94 -27.23 26.94 -18.45
CA SER J 94 -27.24 28.37 -18.73
C SER J 94 -26.77 29.21 -17.53
N ASP J 95 -27.33 28.91 -16.36
CA ASP J 95 -26.98 29.62 -15.13
C ASP J 95 -25.47 29.60 -14.85
N VAL J 96 -24.78 28.65 -15.46
CA VAL J 96 -23.33 28.49 -15.30
C VAL J 96 -22.56 29.00 -16.52
N LEU J 97 -23.09 28.71 -17.71
CA LEU J 97 -22.51 29.08 -19.00
C LEU J 97 -21.64 30.35 -19.04
N ASN J 98 -22.29 31.51 -19.12
CA ASN J 98 -21.61 32.81 -19.19
C ASN J 98 -20.44 33.04 -18.21
N ASP J 99 -20.77 33.10 -16.92
CA ASP J 99 -19.82 33.32 -15.81
C ASP J 99 -18.32 33.21 -16.09
N ALA J 100 -17.70 32.14 -15.58
CA ALA J 100 -16.25 31.93 -15.72
C ALA J 100 -15.75 31.06 -16.89
N ILE J 101 -15.32 31.73 -17.96
CA ILE J 101 -14.77 31.10 -19.15
C ILE J 101 -13.68 32.06 -19.65
N PHE J 102 -12.49 31.93 -19.07
CA PHE J 102 -11.36 32.78 -19.43
C PHE J 102 -10.66 32.25 -20.67
N ASP J 103 -10.00 33.14 -21.40
CA ASP J 103 -9.30 32.72 -22.60
C ASP J 103 -7.79 32.85 -22.44
N GLU J 104 -7.14 31.73 -22.10
CA GLU J 104 -5.69 31.71 -21.96
C GLU J 104 -5.12 31.21 -23.27
N ASP J 105 -5.95 31.23 -24.31
CA ASP J 105 -5.53 30.78 -25.61
C ASP J 105 -4.80 29.45 -25.45
N HIS J 106 -5.40 28.56 -24.67
CA HIS J 106 -4.80 27.26 -24.41
C HIS J 106 -5.38 26.28 -25.43
N ASP J 107 -4.54 25.39 -25.97
CA ASP J 107 -5.00 24.43 -26.95
C ASP J 107 -4.50 23.02 -26.71
N GLU J 108 -4.20 22.69 -25.46
CA GLU J 108 -3.72 21.35 -25.10
C GLU J 108 -4.59 20.74 -24.02
N MET J 109 -4.61 19.41 -23.96
CA MET J 109 -5.46 18.71 -23.00
C MET J 109 -5.40 19.14 -21.56
N VAL J 110 -6.59 19.34 -20.99
CA VAL J 110 -6.76 19.75 -19.60
C VAL J 110 -7.60 18.65 -18.98
N ILE J 111 -7.19 18.17 -17.81
CA ILE J 111 -7.88 17.11 -17.12
C ILE J 111 -8.20 17.43 -15.66
N VAL J 112 -9.38 17.07 -15.21
CA VAL J 112 -9.76 17.25 -13.81
C VAL J 112 -10.29 15.88 -13.41
N LYS J 113 -9.57 15.20 -12.54
CA LYS J 113 -9.97 13.86 -12.14
C LYS J 113 -10.29 13.71 -10.66
N ASP J 114 -10.92 12.59 -10.34
CA ASP J 114 -11.33 12.25 -8.98
C ASP J 114 -12.30 13.24 -8.37
N ILE J 115 -13.29 13.63 -9.17
CA ILE J 115 -14.33 14.53 -8.74
C ILE J 115 -15.41 13.65 -8.12
N ASP J 116 -15.62 13.79 -6.81
CA ASP J 116 -16.64 13.00 -6.14
C ASP J 116 -18.01 13.33 -6.69
N MET J 117 -18.87 12.32 -6.82
CA MET J 117 -20.20 12.57 -7.30
C MET J 117 -21.18 11.62 -6.63
N PHE J 118 -22.34 12.16 -6.28
CA PHE J 118 -23.36 11.37 -5.60
C PHE J 118 -24.62 11.57 -6.42
N SER J 119 -25.30 10.48 -6.68
CA SER J 119 -26.53 10.55 -7.45
C SER J 119 -27.56 9.55 -6.92
N MET J 120 -28.71 9.52 -7.57
CA MET J 120 -29.79 8.64 -7.17
C MET J 120 -30.22 7.76 -8.31
N CYS J 121 -30.30 6.47 -8.05
CA CYS J 121 -30.74 5.53 -9.06
C CYS J 121 -32.24 5.79 -9.32
N GLU J 122 -32.58 6.07 -10.58
CA GLU J 122 -33.98 6.34 -10.87
C GLU J 122 -34.89 5.12 -10.83
N HIS J 123 -34.30 3.94 -10.72
CA HIS J 123 -35.08 2.72 -10.67
C HIS J 123 -35.46 2.30 -9.26
N HIS J 124 -34.57 2.55 -8.30
CA HIS J 124 -34.85 2.18 -6.92
C HIS J 124 -34.83 3.33 -5.93
N LEU J 125 -34.45 4.51 -6.41
CA LEU J 125 -34.38 5.67 -5.54
C LEU J 125 -33.41 5.41 -4.39
N VAL J 126 -32.32 4.73 -4.72
CA VAL J 126 -31.25 4.44 -3.76
C VAL J 126 -30.01 5.09 -4.41
N PRO J 127 -29.19 5.78 -3.62
CA PRO J 127 -28.02 6.41 -4.23
C PRO J 127 -26.91 5.51 -4.75
N PHE J 128 -26.26 5.99 -5.83
CA PHE J 128 -25.09 5.33 -6.39
C PHE J 128 -24.01 6.41 -6.36
N VAL J 129 -22.89 6.07 -5.73
CA VAL J 129 -21.77 6.98 -5.51
C VAL J 129 -20.49 6.64 -6.26
N GLY J 130 -19.65 7.64 -6.50
CA GLY J 130 -18.40 7.40 -7.20
C GLY J 130 -17.56 8.62 -7.53
N ARG J 131 -16.86 8.56 -8.65
CA ARG J 131 -16.00 9.64 -9.09
C ARG J 131 -16.19 9.90 -10.58
N VAL J 132 -16.00 11.16 -10.98
CA VAL J 132 -16.11 11.56 -12.38
C VAL J 132 -14.71 12.03 -12.82
N HIS J 133 -14.32 11.71 -14.04
CA HIS J 133 -13.03 12.12 -14.60
C HIS J 133 -13.35 12.82 -15.91
N ILE J 134 -12.82 14.03 -16.05
CA ILE J 134 -13.06 14.83 -17.21
C ILE J 134 -11.81 15.27 -17.90
N GLY J 135 -11.89 15.35 -19.22
CA GLY J 135 -10.77 15.81 -19.99
C GLY J 135 -11.29 16.54 -21.21
N TYR J 136 -10.56 17.54 -21.68
CA TYR J 136 -10.98 18.24 -22.89
C TYR J 136 -9.83 18.92 -23.61
N LEU J 137 -9.96 19.03 -24.92
CA LEU J 137 -8.95 19.70 -25.73
C LEU J 137 -9.56 21.03 -26.09
N PRO J 138 -9.19 22.08 -25.35
CA PRO J 138 -9.70 23.43 -25.59
C PRO J 138 -9.40 24.04 -26.95
N ASN J 139 -10.36 24.83 -27.41
CA ASN J 139 -10.25 25.54 -28.65
C ASN J 139 -10.20 26.97 -28.16
N LYS J 140 -9.10 27.29 -27.47
CA LYS J 140 -8.86 28.60 -26.90
C LYS J 140 -9.59 28.79 -25.57
N GLN J 141 -10.86 28.40 -25.49
CA GLN J 141 -11.63 28.56 -24.25
C GLN J 141 -11.39 27.47 -23.19
N VAL J 142 -11.12 27.90 -21.97
CA VAL J 142 -10.89 26.99 -20.85
C VAL J 142 -12.03 27.10 -19.82
N LEU J 143 -12.29 26.02 -19.08
CA LEU J 143 -13.38 26.01 -18.10
C LEU J 143 -12.88 26.09 -16.65
N GLY J 144 -13.47 26.96 -15.84
CA GLY J 144 -13.06 27.06 -14.46
C GLY J 144 -13.49 25.87 -13.62
N LEU J 145 -12.72 25.55 -12.58
CA LEU J 145 -13.05 24.43 -11.71
C LEU J 145 -14.40 24.59 -11.06
N SER J 146 -14.73 25.82 -10.72
CA SER J 146 -15.99 26.13 -10.09
C SER J 146 -17.16 25.76 -11.01
N LYS J 147 -17.10 26.20 -12.26
CA LYS J 147 -18.14 25.89 -13.22
C LYS J 147 -18.21 24.40 -13.48
N LEU J 148 -17.05 23.78 -13.65
CA LEU J 148 -17.00 22.35 -13.91
C LEU J 148 -17.78 21.63 -12.81
N ALA J 149 -17.46 21.97 -11.57
CA ALA J 149 -18.09 21.36 -10.43
C ALA J 149 -19.59 21.51 -10.50
N ARG J 150 -20.03 22.72 -10.83
CA ARG J 150 -21.46 23.01 -10.92
C ARG J 150 -22.13 22.15 -11.99
N ILE J 151 -21.46 21.96 -13.12
CA ILE J 151 -22.02 21.14 -14.18
C ILE J 151 -22.23 19.71 -13.68
N VAL J 152 -21.24 19.15 -13.00
CA VAL J 152 -21.39 17.79 -12.49
C VAL J 152 -22.52 17.74 -11.46
N GLU J 153 -22.60 18.79 -10.66
CA GLU J 153 -23.62 18.92 -9.60
C GLU J 153 -25.04 18.93 -10.18
N ILE J 154 -25.26 19.76 -11.19
CA ILE J 154 -26.56 19.90 -11.84
C ILE J 154 -27.19 18.59 -12.32
N TYR J 155 -26.40 17.77 -13.01
CA TYR J 155 -26.90 16.52 -13.54
C TYR J 155 -26.86 15.33 -12.59
N SER J 156 -25.91 15.32 -11.66
CA SER J 156 -25.83 14.19 -10.77
C SER J 156 -26.89 14.29 -9.67
N ARG J 157 -27.31 15.50 -9.35
CA ARG J 157 -28.32 15.65 -8.32
C ARG J 157 -29.71 15.58 -8.95
N ARG J 158 -30.02 14.39 -9.48
CA ARG J 158 -31.28 14.08 -10.13
C ARG J 158 -31.46 12.58 -10.06
N LEU J 159 -32.63 12.09 -10.45
CA LEU J 159 -32.86 10.65 -10.47
C LEU J 159 -32.11 10.32 -11.77
N GLN J 160 -31.12 9.44 -11.69
CA GLN J 160 -30.33 9.16 -12.88
C GLN J 160 -30.05 7.72 -13.24
N VAL J 161 -29.32 7.62 -14.35
CA VAL J 161 -28.86 6.36 -14.90
C VAL J 161 -27.44 6.75 -15.27
N GLN J 162 -26.47 5.97 -14.79
CA GLN J 162 -25.07 6.31 -15.02
C GLN J 162 -24.68 6.75 -16.43
N GLU J 163 -25.16 6.06 -17.46
CA GLU J 163 -24.80 6.43 -18.83
C GLU J 163 -25.32 7.80 -19.24
N ARG J 164 -26.53 8.14 -18.81
CA ARG J 164 -27.11 9.43 -19.16
C ARG J 164 -26.30 10.52 -18.47
N LEU J 165 -26.05 10.32 -17.19
CA LEU J 165 -25.28 11.28 -16.42
C LEU J 165 -23.93 11.57 -17.11
N THR J 166 -23.29 10.53 -17.60
CA THR J 166 -22.01 10.64 -18.29
C THR J 166 -22.13 11.51 -19.54
N LYS J 167 -23.12 11.19 -20.38
CA LYS J 167 -23.36 11.93 -21.61
C LYS J 167 -23.75 13.40 -21.37
N GLN J 168 -24.60 13.65 -20.38
CA GLN J 168 -25.04 15.01 -20.12
C GLN J 168 -23.90 15.91 -19.69
N ILE J 169 -22.98 15.37 -18.90
CA ILE J 169 -21.82 16.12 -18.45
C ILE J 169 -20.91 16.42 -19.66
N ALA J 170 -20.70 15.41 -20.49
CA ALA J 170 -19.86 15.58 -21.67
C ALA J 170 -20.44 16.62 -22.63
N VAL J 171 -21.74 16.53 -22.88
CA VAL J 171 -22.42 17.46 -23.78
C VAL J 171 -22.42 18.88 -23.20
N ALA J 172 -22.62 18.98 -21.89
CA ALA J 172 -22.63 20.28 -21.23
C ALA J 172 -21.30 21.00 -21.42
N ILE J 173 -20.22 20.26 -21.23
CA ILE J 173 -18.88 20.81 -21.38
C ILE J 173 -18.67 21.21 -22.84
N THR J 174 -19.17 20.39 -23.75
CA THR J 174 -19.00 20.69 -25.16
C THR J 174 -19.69 22.00 -25.52
N GLU J 175 -20.90 22.19 -25.00
CA GLU J 175 -21.63 23.41 -25.33
C GLU J 175 -21.05 24.64 -24.67
N ALA J 176 -20.47 24.47 -23.49
CA ALA J 176 -19.89 25.61 -22.79
C ALA J 176 -18.51 26.01 -23.29
N LEU J 177 -17.88 25.19 -24.12
CA LEU J 177 -16.54 25.52 -24.60
C LEU J 177 -16.30 25.38 -26.09
N GLN J 178 -17.17 24.70 -26.80
CA GLN J 178 -16.94 24.49 -28.23
C GLN J 178 -15.48 24.05 -28.36
N PRO J 179 -15.11 22.97 -27.65
CA PRO J 179 -13.74 22.45 -27.69
C PRO J 179 -13.51 21.54 -28.87
N ALA J 180 -12.26 21.12 -29.05
CA ALA J 180 -11.89 20.21 -30.14
C ALA J 180 -12.35 18.79 -29.77
N GLY J 181 -12.59 18.57 -28.48
CA GLY J 181 -13.02 17.26 -28.04
C GLY J 181 -13.12 17.22 -26.53
N VAL J 182 -13.82 16.22 -26.02
CA VAL J 182 -13.98 16.09 -24.59
C VAL J 182 -14.25 14.64 -24.22
N GLY J 183 -13.79 14.25 -23.03
CA GLY J 183 -13.99 12.90 -22.56
C GLY J 183 -14.47 12.89 -21.13
N VAL J 184 -15.40 12.00 -20.82
CA VAL J 184 -15.91 11.89 -19.46
C VAL J 184 -15.98 10.42 -19.06
N VAL J 185 -15.44 10.10 -17.89
CA VAL J 185 -15.48 8.73 -17.39
C VAL J 185 -16.08 8.77 -15.99
N ILE J 186 -16.96 7.83 -15.71
CA ILE J 186 -17.56 7.75 -14.39
C ILE J 186 -17.48 6.31 -13.88
N GLU J 187 -17.03 6.17 -12.64
CA GLU J 187 -16.98 4.86 -12.01
C GLU J 187 -17.80 5.00 -10.73
N ALA J 188 -18.74 4.08 -10.55
CA ALA J 188 -19.60 4.18 -9.39
C ALA J 188 -20.03 2.87 -8.81
N THR J 189 -20.47 2.94 -7.57
CA THR J 189 -20.97 1.77 -6.86
C THR J 189 -22.44 2.06 -6.66
N HIS J 190 -23.29 1.08 -6.92
CA HIS J 190 -24.72 1.27 -6.74
C HIS J 190 -25.20 0.65 -5.44
N MET J 191 -25.68 1.51 -4.53
CA MET J 191 -26.15 1.08 -3.22
C MET J 191 -27.34 0.12 -3.35
N CYS J 192 -28.14 0.30 -4.39
CA CYS J 192 -29.30 -0.55 -4.60
C CYS J 192 -28.88 -1.96 -4.92
N MET J 193 -27.64 -2.10 -5.36
CA MET J 193 -27.12 -3.42 -5.69
C MET J 193 -26.32 -3.94 -4.50
N VAL J 194 -25.51 -3.06 -3.92
CA VAL J 194 -24.67 -3.37 -2.76
C VAL J 194 -25.50 -3.89 -1.59
N MET J 195 -26.55 -3.16 -1.25
CA MET J 195 -27.39 -3.55 -0.14
C MET J 195 -28.30 -4.71 -0.49
N ARG J 196 -27.73 -5.66 -1.22
CA ARG J 196 -28.42 -6.88 -1.62
C ARG J 196 -27.32 -7.91 -1.89
N GLY J 197 -26.26 -7.83 -1.09
CA GLY J 197 -25.12 -8.71 -1.21
C GLY J 197 -23.80 -7.98 -1.03
N LYS J 200 -20.40 -6.92 -3.34
CA LYS J 200 -21.04 -5.89 -4.17
C LYS J 200 -20.40 -4.52 -3.95
N MET J 201 -20.21 -4.15 -2.68
CA MET J 201 -19.61 -2.87 -2.33
C MET J 201 -18.32 -2.64 -3.13
N ASN J 202 -17.70 -3.74 -3.56
CA ASN J 202 -16.45 -3.68 -4.31
C ASN J 202 -16.68 -3.64 -5.83
N SER J 203 -17.84 -4.12 -6.25
CA SER J 203 -18.21 -4.13 -7.66
C SER J 203 -18.44 -2.70 -8.18
N LYS J 204 -17.85 -2.37 -9.33
CA LYS J 204 -17.99 -1.02 -9.88
C LYS J 204 -18.38 -0.94 -11.34
N THR J 205 -19.19 0.07 -11.67
CA THR J 205 -19.63 0.30 -13.03
C THR J 205 -18.85 1.46 -13.60
N VAL J 206 -18.32 1.26 -14.80
CA VAL J 206 -17.56 2.31 -15.45
C VAL J 206 -18.18 2.69 -16.79
N THR J 207 -18.47 3.98 -16.96
CA THR J 207 -19.07 4.47 -18.18
C THR J 207 -18.22 5.59 -18.74
N SER J 208 -18.33 5.82 -20.05
CA SER J 208 -17.55 6.90 -20.66
C SER J 208 -18.25 7.49 -21.88
N THR J 209 -17.95 8.74 -22.16
CA THR J 209 -18.48 9.43 -23.32
C THR J 209 -17.33 10.21 -23.92
N MET J 210 -17.00 9.87 -25.17
CA MET J 210 -15.90 10.52 -25.89
C MET J 210 -16.42 11.27 -27.10
N LEU J 211 -16.18 12.58 -27.13
CA LEU J 211 -16.63 13.43 -28.23
C LEU J 211 -15.45 14.12 -28.93
N GLY J 212 -15.62 14.40 -30.21
CA GLY J 212 -14.57 15.07 -30.97
C GLY J 212 -13.31 14.24 -31.10
N VAL J 213 -12.16 14.88 -30.94
CA VAL J 213 -10.88 14.19 -31.05
C VAL J 213 -10.79 13.05 -30.06
N PHE J 214 -11.48 13.18 -28.92
CA PHE J 214 -11.47 12.10 -27.92
C PHE J 214 -12.09 10.84 -28.51
N ARG J 215 -13.02 11.02 -29.45
CA ARG J 215 -13.67 9.89 -30.10
C ARG J 215 -12.88 9.40 -31.32
N GLU J 216 -12.45 10.33 -32.18
CA GLU J 216 -11.74 9.96 -33.41
C GLU J 216 -10.25 9.65 -33.33
N ASP J 217 -9.55 10.19 -32.35
CA ASP J 217 -8.12 9.95 -32.21
C ASP J 217 -7.80 9.02 -31.05
N PRO J 218 -7.44 7.77 -31.34
CA PRO J 218 -7.12 6.78 -30.31
C PRO J 218 -5.95 7.22 -29.44
N LYS J 219 -5.09 8.07 -29.97
CA LYS J 219 -3.96 8.52 -29.16
C LYS J 219 -4.46 9.42 -28.03
N THR J 220 -5.32 10.38 -28.35
CA THR J 220 -5.87 11.30 -27.35
C THR J 220 -6.62 10.54 -26.26
N ARG J 221 -7.43 9.58 -26.69
CA ARG J 221 -8.20 8.74 -25.81
C ARG J 221 -7.27 7.98 -24.86
N GLU J 222 -6.22 7.36 -25.40
CA GLU J 222 -5.24 6.62 -24.58
C GLU J 222 -4.55 7.53 -23.55
N GLU J 223 -4.13 8.71 -24.00
CA GLU J 223 -3.46 9.65 -23.11
C GLU J 223 -4.39 10.04 -21.96
N PHE J 224 -5.63 10.34 -22.30
CA PHE J 224 -6.61 10.71 -21.30
C PHE J 224 -6.73 9.59 -20.26
N LEU J 225 -6.93 8.36 -20.72
CA LEU J 225 -7.07 7.22 -19.81
C LEU J 225 -5.81 6.95 -18.98
N THR J 226 -4.66 7.31 -19.53
CA THR J 226 -3.39 7.14 -18.85
C THR J 226 -3.21 8.19 -17.74
N LEU J 227 -3.57 9.43 -18.06
CA LEU J 227 -3.45 10.51 -17.11
C LEU J 227 -4.48 10.47 -15.98
N ILE J 228 -5.54 9.68 -16.13
CA ILE J 228 -6.55 9.62 -15.08
C ILE J 228 -6.45 8.33 -14.29
N ARG J 229 -6.07 7.25 -14.96
CA ARG J 229 -5.94 5.96 -14.29
C ARG J 229 -4.61 5.90 -13.57
N SER J 230 -4.49 6.72 -12.54
CA SER J 230 -3.28 6.79 -11.73
C SER J 230 -3.53 6.21 -10.33
N MET K 1 1.60 -24.12 59.76
CA MET K 1 1.16 -23.39 58.54
C MET K 1 0.42 -22.10 58.91
N PRO K 2 1.17 -21.07 59.32
CA PRO K 2 0.57 -19.78 59.71
C PRO K 2 0.14 -18.82 58.58
N TYR K 3 0.76 -18.93 57.40
CA TYR K 3 0.40 -18.02 56.32
C TYR K 3 -0.53 -18.59 55.26
N LEU K 4 -1.39 -17.70 54.75
CA LEU K 4 -2.36 -18.06 53.73
C LEU K 4 -2.45 -16.96 52.65
N LEU K 5 -2.67 -17.37 51.41
CA LEU K 5 -2.79 -16.43 50.29
C LEU K 5 -4.04 -16.74 49.49
N ILE K 6 -4.94 -15.78 49.35
CA ILE K 6 -6.14 -15.99 48.55
C ILE K 6 -6.23 -14.83 47.55
N SER K 7 -7.02 -14.99 46.49
CA SER K 7 -7.11 -13.94 45.49
C SER K 7 -8.33 -14.07 44.61
N THR K 8 -8.61 -13.01 43.87
CA THR K 8 -9.72 -12.99 42.92
C THR K 8 -9.31 -12.07 41.77
N GLN K 9 -9.98 -12.18 40.63
CA GLN K 9 -9.61 -11.34 39.49
C GLN K 9 -10.71 -10.49 38.91
N ILE K 10 -10.28 -9.42 38.24
CA ILE K 10 -11.18 -8.49 37.55
C ILE K 10 -12.16 -7.72 38.42
N ARG K 11 -12.94 -8.43 39.22
CA ARG K 11 -13.93 -7.79 40.10
C ARG K 11 -13.94 -8.46 41.45
N MET K 12 -14.10 -7.67 42.51
CA MET K 12 -14.06 -8.20 43.87
C MET K 12 -15.35 -8.71 44.48
N GLU K 13 -16.48 -8.27 43.94
CA GLU K 13 -17.75 -8.71 44.51
C GLU K 13 -18.28 -10.05 44.00
N VAL K 14 -17.47 -10.77 43.24
CA VAL K 14 -17.87 -12.08 42.72
C VAL K 14 -16.65 -13.00 42.64
N GLY K 15 -16.89 -14.30 42.75
CA GLY K 15 -15.79 -15.25 42.66
C GLY K 15 -15.45 -15.53 41.22
N PRO K 16 -14.66 -16.56 40.94
CA PRO K 16 -14.05 -17.48 41.91
C PRO K 16 -12.96 -16.84 42.76
N THR K 17 -12.61 -17.52 43.84
CA THR K 17 -11.56 -17.05 44.74
C THR K 17 -10.53 -18.16 44.91
N MET K 18 -9.27 -17.87 44.58
CA MET K 18 -8.22 -18.87 44.73
C MET K 18 -7.90 -18.93 46.22
N VAL K 19 -7.96 -20.14 46.78
CA VAL K 19 -7.70 -20.31 48.21
C VAL K 19 -6.55 -21.24 48.58
N GLY K 20 -5.86 -21.78 47.58
CA GLY K 20 -4.77 -22.66 47.91
C GLY K 20 -3.96 -23.20 46.75
N ASP K 21 -2.78 -23.70 47.09
CA ASP K 21 -1.90 -24.30 46.11
C ASP K 21 -1.81 -25.79 46.38
N GLU K 22 -1.02 -26.47 45.57
CA GLU K 22 -0.83 -27.90 45.68
C GLU K 22 -0.43 -28.39 47.07
N HIS K 23 0.28 -27.56 47.84
CA HIS K 23 0.71 -27.97 49.17
C HIS K 23 -0.11 -27.33 50.28
N SER K 24 -1.37 -27.04 50.01
CA SER K 24 -2.21 -26.43 51.02
C SER K 24 -2.81 -27.49 51.94
N ASP K 25 -3.29 -27.05 53.10
CA ASP K 25 -3.90 -27.94 54.06
C ASP K 25 -5.20 -28.51 53.50
N PRO K 26 -5.25 -29.84 53.29
CA PRO K 26 -6.43 -30.50 52.76
C PRO K 26 -7.69 -30.27 53.59
N GLU K 27 -7.54 -30.22 54.92
CA GLU K 27 -8.68 -30.02 55.79
C GLU K 27 -9.26 -28.63 55.61
N LEU K 28 -8.39 -27.62 55.65
CA LEU K 28 -8.82 -26.23 55.48
C LEU K 28 -9.49 -26.07 54.13
N MET K 29 -8.88 -26.65 53.09
CA MET K 29 -9.44 -26.56 51.75
C MET K 29 -10.84 -27.19 51.73
N GLN K 30 -10.99 -28.31 52.43
CA GLN K 30 -12.27 -28.99 52.50
C GLN K 30 -13.28 -28.16 53.28
N GLN K 31 -12.83 -27.56 54.39
CA GLN K 31 -13.70 -26.72 55.21
C GLN K 31 -14.23 -25.55 54.39
N LEU K 32 -13.41 -25.06 53.46
CA LEU K 32 -13.81 -23.95 52.61
C LEU K 32 -14.65 -24.42 51.42
N GLY K 33 -14.66 -25.73 51.19
CA GLY K 33 -15.43 -26.30 50.09
C GLY K 33 -14.75 -26.09 48.76
N ALA K 34 -13.43 -25.96 48.80
CA ALA K 34 -12.62 -25.71 47.62
C ALA K 34 -12.49 -26.93 46.70
N SER K 35 -12.32 -26.63 45.41
CA SER K 35 -12.13 -27.67 44.40
C SER K 35 -10.68 -27.57 43.97
N LYS K 36 -10.13 -28.66 43.47
CA LYS K 36 -8.73 -28.67 43.06
C LYS K 36 -8.71 -28.81 41.54
N ARG K 37 -7.64 -28.36 40.91
CA ARG K 37 -7.51 -28.47 39.45
C ARG K 37 -6.18 -27.95 38.96
N ARG K 38 -5.82 -28.33 37.75
CA ARG K 38 -4.60 -27.85 37.13
C ARG K 38 -4.98 -27.39 35.73
N VAL K 39 -5.03 -26.06 35.55
CA VAL K 39 -5.36 -25.50 34.25
C VAL K 39 -4.38 -25.98 33.19
N LEU K 40 -4.92 -26.38 32.05
CA LEU K 40 -4.12 -26.85 30.93
C LEU K 40 -2.99 -25.86 30.64
N GLY K 41 -1.77 -26.38 30.54
CA GLY K 41 -0.63 -25.53 30.25
C GLY K 41 0.13 -25.14 31.51
N ASN K 42 -0.54 -25.14 32.66
CA ASN K 42 0.11 -24.79 33.91
C ASN K 42 0.75 -26.02 34.54
N ASN K 43 1.88 -25.79 35.21
CA ASN K 43 2.64 -26.86 35.86
C ASN K 43 2.38 -26.90 37.36
N PHE K 44 1.14 -26.62 37.79
CA PHE K 44 0.85 -26.62 39.21
C PHE K 44 -0.64 -26.74 39.46
N TYR K 45 -1.01 -27.25 40.64
CA TYR K 45 -2.41 -27.39 40.97
C TYR K 45 -2.88 -26.20 41.77
N GLU K 46 -4.17 -25.96 41.78
CA GLU K 46 -4.71 -24.83 42.52
C GLU K 46 -6.09 -25.15 43.16
N TYR K 47 -6.34 -24.60 44.34
CA TYR K 47 -7.62 -24.80 45.02
C TYR K 47 -8.41 -23.53 44.87
N TYR K 48 -9.66 -23.65 44.42
CA TYR K 48 -10.51 -22.47 44.25
C TYR K 48 -11.88 -22.67 44.86
N VAL K 49 -12.61 -21.57 44.93
CA VAL K 49 -13.94 -21.56 45.51
C VAL K 49 -14.78 -20.59 44.68
N ASN K 50 -16.08 -20.84 44.56
CA ASN K 50 -16.95 -19.97 43.80
C ASN K 50 -17.49 -18.77 44.58
N ASP K 51 -17.14 -18.70 45.86
CA ASP K 51 -17.58 -17.61 46.71
C ASP K 51 -16.79 -16.33 46.45
N PRO K 52 -17.38 -15.16 46.77
CA PRO K 52 -16.68 -13.90 46.55
C PRO K 52 -15.62 -13.81 47.67
N PRO K 53 -14.52 -13.07 47.44
CA PRO K 53 -13.51 -12.99 48.49
C PRO K 53 -14.00 -12.59 49.89
N ARG K 54 -14.99 -11.71 49.99
CA ARG K 54 -15.51 -11.30 51.28
C ARG K 54 -15.94 -12.52 52.11
N ILE K 55 -16.77 -13.37 51.52
CA ILE K 55 -17.25 -14.59 52.17
C ILE K 55 -16.07 -15.43 52.65
N VAL K 56 -15.07 -15.62 51.79
CA VAL K 56 -13.92 -16.43 52.17
C VAL K 56 -13.14 -15.82 53.33
N LEU K 57 -13.09 -14.49 53.39
CA LEU K 57 -12.38 -13.82 54.47
C LEU K 57 -13.11 -14.05 55.80
N ASP K 58 -14.44 -14.00 55.78
CA ASP K 58 -15.20 -14.23 56.99
C ASP K 58 -14.97 -15.66 57.49
N LYS K 59 -15.08 -16.63 56.57
CA LYS K 59 -14.90 -18.03 56.93
C LYS K 59 -13.51 -18.28 57.52
N LEU K 60 -12.51 -17.62 56.94
CA LEU K 60 -11.14 -17.77 57.38
C LEU K 60 -10.95 -17.19 58.78
N GLU K 61 -11.70 -16.15 59.11
CA GLU K 61 -11.56 -15.56 60.44
C GLU K 61 -11.97 -16.58 61.49
N CYS K 62 -13.03 -17.34 61.18
CA CYS K 62 -13.53 -18.38 62.09
C CYS K 62 -12.47 -19.41 62.37
N ARG K 63 -11.60 -19.68 61.39
CA ARG K 63 -10.54 -20.65 61.58
C ARG K 63 -9.28 -20.01 62.17
N GLY K 64 -9.38 -18.77 62.63
CA GLY K 64 -8.25 -18.12 63.24
C GLY K 64 -7.28 -17.27 62.42
N PHE K 65 -7.65 -16.96 61.18
CA PHE K 65 -6.79 -16.13 60.35
C PHE K 65 -7.19 -14.67 60.34
N ARG K 66 -6.20 -13.81 60.17
CA ARG K 66 -6.43 -12.37 60.10
C ARG K 66 -5.73 -11.83 58.86
N VAL K 67 -6.34 -10.86 58.20
CA VAL K 67 -5.73 -10.25 57.03
C VAL K 67 -4.58 -9.34 57.45
N LEU K 68 -3.38 -9.61 56.95
CA LEU K 68 -2.22 -8.79 57.27
C LEU K 68 -1.96 -7.73 56.20
N SER K 69 -2.22 -8.10 54.95
CA SER K 69 -1.99 -7.19 53.84
C SER K 69 -2.83 -7.59 52.63
N MET K 70 -3.25 -6.59 51.87
CA MET K 70 -4.04 -6.81 50.65
C MET K 70 -3.38 -5.97 49.56
N THR K 71 -3.21 -6.54 48.37
CA THR K 71 -2.58 -5.79 47.30
C THR K 71 -3.05 -6.23 45.93
N GLY K 72 -2.93 -5.31 44.98
CA GLY K 72 -3.31 -5.61 43.62
C GLY K 72 -2.06 -5.82 42.80
N VAL K 73 -2.12 -6.72 41.84
CA VAL K 73 -1.01 -7.00 40.97
C VAL K 73 -1.66 -7.49 39.68
N GLY K 74 -1.47 -6.74 38.60
CA GLY K 74 -2.09 -7.11 37.34
C GLY K 74 -3.59 -6.94 37.53
N GLN K 75 -4.37 -7.95 37.16
CA GLN K 75 -5.81 -7.88 37.35
C GLN K 75 -6.21 -8.80 38.49
N THR K 76 -5.24 -9.12 39.34
CA THR K 76 -5.43 -9.99 40.50
C THR K 76 -5.35 -9.23 41.83
N LEU K 77 -6.35 -9.44 42.68
CA LEU K 77 -6.40 -8.80 44.00
C LEU K 77 -6.04 -9.90 44.99
N VAL K 78 -4.95 -9.68 45.74
CA VAL K 78 -4.47 -10.68 46.69
C VAL K 78 -4.54 -10.30 48.17
N TRP K 79 -4.83 -11.30 49.01
CA TRP K 79 -4.90 -11.13 50.45
C TRP K 79 -3.92 -12.07 51.13
N CYS K 80 -3.14 -11.53 52.06
CA CYS K 80 -2.17 -12.34 52.80
C CYS K 80 -2.70 -12.45 54.23
N LEU K 81 -3.08 -13.65 54.64
CA LEU K 81 -3.60 -13.83 55.99
C LEU K 81 -2.62 -14.59 56.86
N HIS K 82 -2.73 -14.36 58.16
CA HIS K 82 -1.87 -15.02 59.14
C HIS K 82 -2.69 -15.61 60.27
N LYS K 83 -2.29 -16.80 60.70
CA LYS K 83 -2.99 -17.49 61.78
C LYS K 83 -2.15 -17.37 63.04
N GLU K 84 -1.42 -18.45 63.35
CA GLU K 84 -0.56 -18.51 64.53
C GLU K 84 0.44 -19.67 64.37
N MET L 1 -19.92 -11.13 60.34
CA MET L 1 -19.43 -10.44 59.11
C MET L 1 -18.41 -9.36 59.48
N PRO L 2 -17.19 -9.77 59.82
CA PRO L 2 -16.14 -8.83 60.18
C PRO L 2 -15.43 -8.09 59.05
N TYR L 3 -15.41 -8.66 57.84
CA TYR L 3 -14.71 -7.98 56.74
C TYR L 3 -15.57 -7.24 55.73
N LEU L 4 -15.03 -6.12 55.25
CA LEU L 4 -15.71 -5.27 54.31
C LEU L 4 -14.75 -4.80 53.22
N LEU L 5 -15.25 -4.65 51.98
CA LEU L 5 -14.45 -4.19 50.85
C LEU L 5 -15.19 -3.09 50.10
N ILE L 6 -14.58 -1.92 49.98
CA ILE L 6 -15.20 -0.82 49.25
C ILE L 6 -14.18 -0.34 48.22
N SER L 7 -14.63 0.37 47.21
CA SER L 7 -13.72 0.83 46.18
C SER L 7 -14.28 1.98 45.37
N THR L 8 -13.42 2.60 44.57
CA THR L 8 -13.79 3.68 43.69
C THR L 8 -12.83 3.62 42.50
N GLN L 9 -13.19 4.29 41.40
CA GLN L 9 -12.33 4.24 40.22
C GLN L 9 -11.87 5.58 39.68
N ILE L 10 -10.76 5.52 38.94
CA ILE L 10 -10.19 6.69 38.27
C ILE L 10 -9.74 7.85 39.14
N ARG L 11 -10.62 8.32 40.03
CA ARG L 11 -10.30 9.42 40.93
C ARG L 11 -10.86 9.17 42.31
N MET L 12 -10.09 9.52 43.33
CA MET L 12 -10.51 9.27 44.71
C MET L 12 -11.37 10.34 45.38
N GLU L 13 -11.33 11.57 44.89
CA GLU L 13 -12.12 12.62 45.52
C GLU L 13 -13.59 12.69 45.10
N VAL L 14 -14.04 11.74 44.29
CA VAL L 14 -15.43 11.73 43.85
C VAL L 14 -15.92 10.30 43.76
N GLY L 15 -17.22 10.09 43.91
CA GLY L 15 -17.76 8.74 43.82
C GLY L 15 -18.01 8.40 42.36
N PRO L 16 -18.77 7.32 42.08
CA PRO L 16 -19.38 6.43 43.05
C PRO L 16 -18.40 5.55 43.81
N THR L 17 -18.88 4.97 44.92
CA THR L 17 -18.06 4.09 45.73
C THR L 17 -18.80 2.76 45.89
N MET L 18 -18.16 1.66 45.50
CA MET L 18 -18.79 0.36 45.63
C MET L 18 -18.68 -0.04 47.09
N VAL L 19 -19.81 -0.35 47.72
CA VAL L 19 -19.80 -0.71 49.13
C VAL L 19 -20.27 -2.11 49.47
N GLY L 20 -20.61 -2.90 48.46
CA GLY L 20 -21.06 -4.25 48.78
C GLY L 20 -21.40 -5.13 47.61
N ASP L 21 -21.50 -6.42 47.90
CA ASP L 21 -21.86 -7.40 46.92
C ASP L 21 -23.24 -7.96 47.25
N GLU L 22 -23.70 -8.88 46.41
CA GLU L 22 -24.99 -9.51 46.57
C GLU L 22 -25.30 -10.05 47.96
N HIS L 23 -24.28 -10.55 48.65
CA HIS L 23 -24.50 -11.12 49.99
C HIS L 23 -24.09 -10.17 51.11
N SER L 24 -24.14 -8.87 50.86
CA SER L 24 -23.77 -7.91 51.89
C SER L 24 -24.91 -7.69 52.85
N ASP L 25 -24.58 -7.19 54.05
CA ASP L 25 -25.58 -6.92 55.08
C ASP L 25 -26.54 -5.83 54.63
N PRO L 26 -27.83 -6.18 54.46
CA PRO L 26 -28.87 -5.24 54.03
C PRO L 26 -28.99 -4.01 54.91
N GLU L 27 -28.83 -4.19 56.21
CA GLU L 27 -28.94 -3.06 57.13
C GLU L 27 -27.80 -2.08 56.90
N LEU L 28 -26.58 -2.59 56.86
CA LEU L 28 -25.41 -1.75 56.65
C LEU L 28 -25.54 -1.01 55.32
N MET L 29 -25.95 -1.74 54.29
CA MET L 29 -26.10 -1.13 52.98
C MET L 29 -27.11 0.00 53.07
N GLN L 30 -28.17 -0.24 53.82
CA GLN L 30 -29.22 0.76 53.99
C GLN L 30 -28.67 1.96 54.76
N GLN L 31 -27.95 1.68 55.85
CA GLN L 31 -27.37 2.74 56.66
C GLN L 31 -26.47 3.62 55.82
N LEU L 32 -25.80 3.03 54.83
CA LEU L 32 -24.92 3.80 53.96
C LEU L 32 -25.68 4.50 52.84
N GLY L 33 -26.94 4.10 52.64
CA GLY L 33 -27.75 4.70 51.60
C GLY L 33 -27.39 4.15 50.23
N ALA L 34 -26.88 2.92 50.22
CA ALA L 34 -26.48 2.26 48.98
C ALA L 34 -27.64 1.77 48.12
N SER L 35 -27.42 1.76 46.82
CA SER L 35 -28.41 1.28 45.87
C SER L 35 -27.85 -0.05 45.36
N LYS L 36 -28.72 -0.91 44.88
CA LYS L 36 -28.30 -2.21 44.37
C LYS L 36 -28.53 -2.23 42.88
N ARG L 37 -27.75 -3.04 42.16
CA ARG L 37 -27.91 -3.15 40.73
C ARG L 37 -27.02 -4.24 40.16
N ARG L 38 -27.30 -4.62 38.92
CA ARG L 38 -26.51 -5.61 38.21
C ARG L 38 -26.26 -5.07 36.82
N VAL L 39 -25.03 -4.61 36.58
CA VAL L 39 -24.67 -4.06 35.28
C VAL L 39 -24.86 -5.09 34.18
N LEU L 40 -25.45 -4.65 33.07
CA LEU L 40 -25.70 -5.53 31.95
C LEU L 40 -24.42 -6.27 31.59
N GLY L 41 -24.53 -7.58 31.37
CA GLY L 41 -23.37 -8.37 31.03
C GLY L 41 -22.69 -9.01 32.24
N ASN L 42 -22.89 -8.43 33.41
CA ASN L 42 -22.29 -8.98 34.61
C ASN L 42 -23.21 -10.01 35.26
N ASN L 43 -22.60 -11.03 35.86
CA ASN L 43 -23.33 -12.11 36.51
C ASN L 43 -23.39 -11.93 38.03
N PHE L 44 -23.48 -10.69 38.49
CA PHE L 44 -23.52 -10.45 39.93
C PHE L 44 -24.11 -9.09 40.26
N TYR L 45 -24.66 -8.96 41.46
CA TYR L 45 -25.23 -7.69 41.88
C TYR L 45 -24.19 -6.92 42.67
N GLU L 46 -24.37 -5.60 42.77
CA GLU L 46 -23.43 -4.76 43.49
C GLU L 46 -24.14 -3.60 44.19
N TYR L 47 -23.64 -3.22 45.37
CA TYR L 47 -24.20 -2.09 46.12
C TYR L 47 -23.25 -0.91 45.94
N TYR L 48 -23.78 0.23 45.52
CA TYR L 48 -22.94 1.39 45.34
C TYR L 48 -23.53 2.61 46.03
N VAL L 49 -22.71 3.65 46.13
CA VAL L 49 -23.08 4.90 46.79
C VAL L 49 -22.46 6.03 45.98
N ASN L 50 -23.10 7.19 45.95
CA ASN L 50 -22.56 8.31 45.17
C ASN L 50 -21.54 9.15 45.92
N ASP L 51 -21.34 8.86 47.21
CA ASP L 51 -20.39 9.59 48.02
C ASP L 51 -18.94 9.24 47.67
N PRO L 52 -18.00 10.12 48.01
CA PRO L 52 -16.59 9.86 47.73
C PRO L 52 -16.14 8.84 48.77
N PRO L 53 -15.11 8.05 48.47
CA PRO L 53 -14.67 7.06 49.47
C PRO L 53 -14.38 7.63 50.87
N ARG L 54 -13.88 8.85 50.96
CA ARG L 54 -13.57 9.43 52.28
C ARG L 54 -14.82 9.43 53.16
N ILE L 55 -15.92 9.95 52.61
CA ILE L 55 -17.17 10.01 53.33
C ILE L 55 -17.57 8.61 53.81
N VAL L 56 -17.52 7.64 52.91
CA VAL L 56 -17.89 6.28 53.27
C VAL L 56 -17.00 5.72 54.38
N LEU L 57 -15.71 6.06 54.35
CA LEU L 57 -14.80 5.58 55.38
C LEU L 57 -15.19 6.13 56.75
N ASP L 58 -15.54 7.41 56.80
CA ASP L 58 -15.94 8.02 58.07
C ASP L 58 -17.22 7.33 58.60
N LYS L 59 -18.22 7.18 57.73
CA LYS L 59 -19.46 6.53 58.14
C LYS L 59 -19.20 5.12 58.64
N LEU L 60 -18.30 4.41 57.98
CA LEU L 60 -17.97 3.06 58.37
C LEU L 60 -17.31 2.99 59.74
N GLU L 61 -16.54 4.02 60.08
CA GLU L 61 -15.90 4.03 61.39
C GLU L 61 -16.97 4.07 62.49
N CYS L 62 -18.01 4.85 62.26
CA CYS L 62 -19.09 4.96 63.23
C CYS L 62 -19.73 3.60 63.49
N ARG L 63 -19.77 2.74 62.48
CA ARG L 63 -20.35 1.42 62.67
C ARG L 63 -19.33 0.41 63.16
N GLY L 64 -18.16 0.89 63.57
CA GLY L 64 -17.16 -0.01 64.11
C GLY L 64 -16.11 -0.63 63.22
N PHE L 65 -15.98 -0.16 61.98
CA PHE L 65 -14.96 -0.71 61.09
C PHE L 65 -13.69 0.12 61.09
N ARG L 66 -12.57 -0.54 60.79
CA ARG L 66 -11.28 0.14 60.70
C ARG L 66 -10.58 -0.33 59.42
N VAL L 67 -9.93 0.59 58.72
CA VAL L 67 -9.23 0.25 57.50
C VAL L 67 -7.99 -0.56 57.84
N LEU L 68 -7.86 -1.75 57.26
CA LEU L 68 -6.69 -2.60 57.51
C LEU L 68 -5.66 -2.49 56.40
N SER L 69 -6.15 -2.29 55.18
CA SER L 69 -5.29 -2.19 54.02
C SER L 69 -5.98 -1.47 52.88
N MET L 70 -5.20 -0.75 52.09
CA MET L 70 -5.70 -0.02 50.94
C MET L 70 -4.78 -0.34 49.76
N THR L 71 -5.34 -0.70 48.61
CA THR L 71 -4.49 -1.01 47.48
C THR L 71 -5.10 -0.62 46.16
N GLY L 72 -4.25 -0.46 45.18
CA GLY L 72 -4.71 -0.12 43.85
C GLY L 72 -4.58 -1.34 42.97
N VAL L 73 -5.52 -1.51 42.05
CA VAL L 73 -5.48 -2.63 41.12
C VAL L 73 -6.21 -2.11 39.88
N GLY L 74 -5.47 -2.02 38.77
CA GLY L 74 -6.05 -1.50 37.55
C GLY L 74 -6.31 -0.03 37.82
N GLN L 75 -7.52 0.42 37.56
CA GLN L 75 -7.89 1.82 37.83
C GLN L 75 -8.84 1.85 39.02
N THR L 76 -8.78 0.77 39.81
CA THR L 76 -9.65 0.64 40.97
C THR L 76 -8.88 0.78 42.28
N LEU L 77 -9.36 1.65 43.16
CA LEU L 77 -8.73 1.85 44.46
C LEU L 77 -9.60 1.11 45.45
N VAL L 78 -9.01 0.17 46.18
CA VAL L 78 -9.74 -0.66 47.13
C VAL L 78 -9.35 -0.53 48.60
N TRP L 79 -10.34 -0.64 49.48
CA TRP L 79 -10.12 -0.59 50.92
C TRP L 79 -10.66 -1.87 51.56
N CYS L 80 -9.89 -2.44 52.47
CA CYS L 80 -10.29 -3.64 53.18
C CYS L 80 -10.48 -3.22 54.64
N LEU L 81 -11.74 -3.23 55.10
CA LEU L 81 -12.04 -2.85 56.47
C LEU L 81 -12.42 -4.03 57.35
N HIS L 82 -12.14 -3.90 58.63
CA HIS L 82 -12.43 -4.95 59.60
C HIS L 82 -13.19 -4.40 60.79
N LYS L 83 -14.17 -5.15 61.25
CA LYS L 83 -14.99 -4.75 62.38
C LYS L 83 -14.57 -5.55 63.61
N GLU L 84 -15.34 -6.61 63.89
CA GLU L 84 -15.09 -7.48 65.03
C GLU L 84 -15.87 -8.79 64.87
N MET M 1 -14.45 13.37 61.44
CA MET M 1 -13.72 13.18 60.15
C MET M 1 -12.34 12.54 60.42
N PRO M 2 -12.34 11.25 60.76
CA PRO M 2 -11.09 10.51 61.05
C PRO M 2 -10.20 10.09 59.88
N TYR M 3 -10.77 9.96 58.68
CA TYR M 3 -9.96 9.53 57.54
C TYR M 3 -9.56 10.63 56.57
N LEU M 4 -8.36 10.47 56.03
CA LEU M 4 -7.78 11.41 55.08
C LEU M 4 -7.08 10.70 53.92
N LEU M 5 -7.18 11.27 52.73
CA LEU M 5 -6.54 10.71 51.55
C LEU M 5 -5.75 11.78 50.83
N ILE M 6 -4.46 11.56 50.62
CA ILE M 6 -3.63 12.51 49.89
C ILE M 6 -2.89 11.72 48.80
N SER M 7 -2.40 12.41 47.78
CA SER M 7 -1.72 11.73 46.70
C SER M 7 -0.83 12.64 45.89
N THR M 8 0.00 12.04 45.06
CA THR M 8 0.90 12.78 44.17
C THR M 8 1.10 11.90 42.94
N GLN M 9 1.56 12.50 41.83
CA GLN M 9 1.74 11.73 40.62
C GLN M 9 3.13 11.71 40.01
N ILE M 10 3.38 10.66 39.22
CA ILE M 10 4.63 10.49 38.49
C ILE M 10 5.90 10.37 39.33
N ARG M 11 6.12 11.32 40.22
CA ARG M 11 7.29 11.29 41.09
C ARG M 11 6.92 11.69 42.49
N MET M 12 7.51 11.00 43.46
CA MET M 12 7.21 11.26 44.87
C MET M 12 7.99 12.39 45.56
N GLU M 13 9.16 12.75 45.07
CA GLU M 13 9.94 13.80 45.73
C GLU M 13 9.55 15.24 45.39
N VAL M 14 8.50 15.42 44.60
CA VAL M 14 8.05 16.76 44.23
C VAL M 14 6.52 16.79 44.20
N GLY M 15 5.95 17.97 44.40
CA GLY M 15 4.50 18.10 44.38
C GLY M 15 4.04 18.25 42.94
N PRO M 16 2.77 18.63 42.69
CA PRO M 16 1.77 18.92 43.72
C PRO M 16 1.30 17.68 44.49
N THR M 17 0.62 17.92 45.60
CA THR M 17 0.08 16.85 46.43
C THR M 17 -1.39 17.15 46.62
N MET M 18 -2.26 16.21 46.23
CA MET M 18 -3.70 16.39 46.40
C MET M 18 -4.00 16.13 47.88
N VAL M 19 -4.66 17.07 48.56
CA VAL M 19 -4.93 16.90 49.98
C VAL M 19 -6.39 16.93 50.39
N GLY M 20 -7.28 17.11 49.43
CA GLY M 20 -8.68 17.13 49.81
C GLY M 20 -9.66 17.20 48.67
N ASP M 21 -10.91 16.88 49.00
CA ASP M 21 -11.98 16.92 48.04
C ASP M 21 -12.94 18.04 48.44
N GLU M 22 -13.99 18.20 47.67
CA GLU M 22 -14.98 19.25 47.90
C GLU M 22 -15.56 19.29 49.30
N HIS M 23 -15.64 18.14 49.96
CA HIS M 23 -16.20 18.06 51.31
C HIS M 23 -15.15 17.93 52.39
N SER M 24 -13.96 18.45 52.14
CA SER M 24 -12.91 18.35 53.13
C SER M 24 -13.02 19.47 54.17
N ASP M 25 -12.38 19.27 55.32
CA ASP M 25 -12.38 20.26 56.38
C ASP M 25 -11.67 21.53 55.94
N PRO M 26 -12.42 22.65 55.84
CA PRO M 26 -11.84 23.93 55.43
C PRO M 26 -10.65 24.37 56.27
N GLU M 27 -10.73 24.15 57.58
CA GLU M 27 -9.65 24.55 58.47
C GLU M 27 -8.38 23.78 58.17
N LEU M 28 -8.50 22.46 58.09
CA LEU M 28 -7.34 21.62 57.80
C LEU M 28 -6.74 22.02 56.47
N MET M 29 -7.58 22.23 55.48
CA MET M 29 -7.10 22.62 54.17
C MET M 29 -6.33 23.93 54.29
N GLN M 30 -6.87 24.85 55.08
CA GLN M 30 -6.23 26.15 55.27
C GLN M 30 -4.90 25.95 55.99
N GLN M 31 -4.92 25.14 57.04
CA GLN M 31 -3.70 24.87 57.81
C GLN M 31 -2.61 24.31 56.89
N LEU M 32 -3.01 23.56 55.87
CA LEU M 32 -2.04 23.00 54.94
C LEU M 32 -1.64 23.98 53.85
N GLY M 33 -2.42 25.06 53.73
CA GLY M 33 -2.13 26.06 52.70
C GLY M 33 -2.58 25.59 51.34
N ALA M 34 -3.59 24.74 51.34
CA ALA M 34 -4.13 24.19 50.10
C ALA M 34 -4.97 25.17 49.32
N SER M 35 -4.97 25.00 48.00
CA SER M 35 -5.78 25.83 47.12
C SER M 35 -6.89 24.90 46.60
N LYS M 36 -8.01 25.49 46.21
CA LYS M 36 -9.14 24.72 45.72
C LYS M 36 -9.30 24.99 44.22
N ARG M 37 -9.82 24.01 43.48
CA ARG M 37 -10.03 24.20 42.05
C ARG M 37 -10.81 23.06 41.44
N ARG M 38 -11.34 23.30 40.24
CA ARG M 38 -12.04 22.27 39.52
C ARG M 38 -11.49 22.25 38.11
N VAL M 39 -10.72 21.20 37.81
CA VAL M 39 -10.13 21.07 36.48
C VAL M 39 -11.23 20.99 35.45
N LEU M 40 -11.06 21.73 34.37
CA LEU M 40 -12.03 21.76 33.27
C LEU M 40 -12.35 20.32 32.85
N GLY M 41 -13.64 20.03 32.72
CA GLY M 41 -14.05 18.69 32.32
C GLY M 41 -14.41 17.80 33.49
N ASN M 42 -13.84 18.08 34.66
CA ASN M 42 -14.13 17.28 35.83
C ASN M 42 -15.36 17.83 36.54
N ASN M 43 -16.13 16.93 37.14
CA ASN M 43 -17.35 17.26 37.85
C ASN M 43 -17.14 17.32 39.37
N PHE M 44 -15.97 17.77 39.81
CA PHE M 44 -15.70 17.82 41.25
C PHE M 44 -14.56 18.78 41.57
N TYR M 45 -14.56 19.31 42.79
CA TYR M 45 -13.50 20.23 43.20
C TYR M 45 -12.42 19.46 43.93
N GLU M 46 -11.21 20.02 43.95
CA GLU M 46 -10.09 19.36 44.63
C GLU M 46 -9.18 20.39 45.34
N TYR M 47 -8.60 19.97 46.47
CA TYR M 47 -7.69 20.82 47.23
C TYR M 47 -6.30 20.28 47.00
N TYR M 48 -5.40 21.15 46.58
CA TYR M 48 -4.03 20.70 46.33
C TYR M 48 -3.00 21.60 47.02
N VAL M 49 -1.77 21.13 47.05
CA VAL M 49 -0.67 21.84 47.68
C VAL M 49 0.57 21.61 46.80
N ASN M 50 1.49 22.58 46.76
CA ASN M 50 2.68 22.45 45.92
C ASN M 50 3.82 21.72 46.63
N ASP M 51 3.62 21.41 47.92
CA ASP M 51 4.64 20.70 48.69
C ASP M 51 4.74 19.23 48.28
N PRO M 52 5.90 18.59 48.53
CA PRO M 52 6.04 17.17 48.18
C PRO M 52 5.25 16.39 49.22
N PRO M 53 4.79 15.19 48.89
CA PRO M 53 4.04 14.44 49.89
C PRO M 53 4.72 14.28 51.26
N ARG M 54 6.05 14.13 51.31
CA ARG M 54 6.73 13.97 52.58
C ARG M 54 6.39 15.11 53.54
N ILE M 55 6.50 16.33 53.03
CA ILE M 55 6.20 17.53 53.81
C ILE M 55 4.78 17.48 54.33
N VAL M 56 3.84 17.15 53.45
CA VAL M 56 2.43 17.07 53.87
C VAL M 56 2.21 16.00 54.94
N LEU M 57 2.94 14.89 54.85
CA LEU M 57 2.80 13.84 55.84
C LEU M 57 3.25 14.33 57.22
N ASP M 58 4.38 15.04 57.26
CA ASP M 58 4.89 15.57 58.52
C ASP M 58 3.88 16.56 59.12
N LYS M 59 3.39 17.48 58.30
CA LYS M 59 2.42 18.45 58.77
C LYS M 59 1.17 17.78 59.31
N LEU M 60 0.74 16.72 58.63
CA LEU M 60 -0.46 15.98 59.06
C LEU M 60 -0.26 15.27 60.38
N GLU M 61 0.96 14.84 60.67
CA GLU M 61 1.22 14.16 61.94
C GLU M 61 1.00 15.14 63.08
N CYS M 62 1.40 16.38 62.89
CA CYS M 62 1.22 17.40 63.91
C CYS M 62 -0.26 17.58 64.24
N ARG M 63 -1.13 17.40 63.25
CA ARG M 63 -2.56 17.54 63.47
C ARG M 63 -3.20 16.24 63.95
N GLY M 64 -2.37 15.26 64.29
CA GLY M 64 -2.88 14.01 64.82
C GLY M 64 -3.17 12.86 63.87
N PHE M 65 -2.72 12.93 62.62
CA PHE M 65 -2.98 11.85 61.70
C PHE M 65 -1.80 10.90 61.59
N ARG M 66 -2.10 9.64 61.29
CA ARG M 66 -1.08 8.63 61.11
C ARG M 66 -1.35 7.86 59.81
N VAL M 67 -0.31 7.57 59.04
CA VAL M 67 -0.48 6.84 57.80
C VAL M 67 -0.85 5.39 58.09
N LEU M 68 -1.99 4.95 57.57
CA LEU M 68 -2.44 3.56 57.77
C LEU M 68 -2.02 2.67 56.61
N SER M 69 -2.08 3.22 55.40
CA SER M 69 -1.73 2.48 54.20
C SER M 69 -1.30 3.41 53.08
N MET M 70 -0.41 2.91 52.23
CA MET M 70 0.09 3.67 51.08
C MET M 70 0.00 2.73 49.88
N THR M 71 -0.50 3.21 48.75
CA THR M 71 -0.58 2.33 47.60
C THR M 71 -0.47 3.09 46.30
N GLY M 72 -0.04 2.37 45.26
CA GLY M 72 0.06 2.97 43.95
C GLY M 72 -1.12 2.48 43.11
N VAL M 73 -1.60 3.34 42.22
CA VAL M 73 -2.69 2.99 41.34
C VAL M 73 -2.48 3.87 40.13
N GLY M 74 -2.18 3.26 38.99
CA GLY M 74 -1.91 4.02 37.80
C GLY M 74 -0.61 4.75 38.05
N GLN M 75 -0.58 6.06 37.81
CA GLN M 75 0.64 6.82 38.05
C GLN M 75 0.43 7.68 39.30
N THR M 76 -0.53 7.28 40.12
CA THR M 76 -0.87 8.00 41.33
C THR M 76 -0.45 7.23 42.59
N LEU M 77 0.28 7.91 43.48
CA LEU M 77 0.73 7.30 44.73
C LEU M 77 -0.19 7.89 45.81
N VAL M 78 -0.89 7.02 46.52
CA VAL M 78 -1.86 7.44 47.51
C VAL M 78 -1.57 7.04 48.95
N TRP M 79 -1.91 7.92 49.88
CA TRP M 79 -1.76 7.68 51.31
C TRP M 79 -3.11 7.77 52.02
N CYS M 80 -3.39 6.80 52.87
CA CYS M 80 -4.62 6.80 53.64
C CYS M 80 -4.21 7.09 55.09
N LEU M 81 -4.64 8.23 55.61
CA LEU M 81 -4.31 8.59 56.98
C LEU M 81 -5.53 8.54 57.89
N HIS M 82 -5.28 8.27 59.18
CA HIS M 82 -6.33 8.18 60.19
C HIS M 82 -5.97 9.01 61.43
N LYS M 83 -6.96 9.73 61.92
CA LYS M 83 -6.78 10.58 63.08
C LYS M 83 -7.37 9.88 64.29
N GLU M 84 -8.58 10.30 64.67
CA GLU M 84 -9.30 9.74 65.81
C GLU M 84 -10.80 10.08 65.71
N MET N 1 10.69 15.55 61.78
CA MET N 1 10.64 14.85 60.46
C MET N 1 10.43 13.34 60.68
N PRO N 2 9.20 12.93 61.02
CA PRO N 2 8.88 11.52 61.26
C PRO N 2 8.71 10.59 60.06
N TYR N 3 8.34 11.14 58.90
CA TYR N 3 8.15 10.30 57.73
C TYR N 3 9.29 10.28 56.73
N LEU N 4 9.50 9.11 56.13
CA LEU N 4 10.55 8.91 55.15
C LEU N 4 10.03 8.08 53.97
N LEU N 5 10.52 8.37 52.77
CA LEU N 5 10.12 7.64 51.57
C LEU N 5 11.35 7.23 50.78
N ILE N 6 11.51 5.94 50.53
CA ILE N 6 12.63 5.46 49.73
C ILE N 6 12.05 4.57 48.64
N SER N 7 12.81 4.36 47.57
CA SER N 7 12.31 3.53 46.46
C SER N 7 13.42 2.98 45.58
N THR N 8 13.06 2.02 44.74
CA THR N 8 14.01 1.46 43.79
C THR N 8 13.21 1.08 42.54
N GLN N 9 13.88 0.85 41.42
CA GLN N 9 13.17 0.52 40.20
C GLN N 9 13.53 -0.80 39.53
N ILE N 10 12.59 -1.31 38.74
CA ILE N 10 12.78 -2.52 37.96
C ILE N 10 13.08 -3.79 38.73
N ARG N 11 14.08 -3.76 39.61
CA ARG N 11 14.45 -4.93 40.41
C ARG N 11 14.80 -4.53 41.84
N MET N 12 14.35 -5.33 42.81
CA MET N 12 14.57 -5.04 44.21
C MET N 12 15.89 -5.47 44.84
N GLU N 13 16.57 -6.45 44.25
CA GLU N 13 17.83 -6.91 44.83
C GLU N 13 19.06 -6.09 44.46
N VAL N 14 18.86 -4.99 43.74
CA VAL N 14 19.97 -4.15 43.35
C VAL N 14 19.55 -2.68 43.41
N GLY N 15 20.51 -1.79 43.63
CA GLY N 15 20.20 -0.38 43.69
C GLY N 15 20.17 0.18 42.26
N PRO N 16 20.14 1.51 42.10
CA PRO N 16 20.15 2.51 43.17
C PRO N 16 18.86 2.55 43.97
N THR N 17 18.93 3.21 45.12
CA THR N 17 17.78 3.39 46.00
C THR N 17 17.62 4.87 46.27
N MET N 18 16.44 5.42 45.95
CA MET N 18 16.19 6.84 46.19
C MET N 18 15.92 6.98 47.68
N VAL N 19 16.66 7.85 48.35
CA VAL N 19 16.49 8.02 49.78
C VAL N 19 16.07 9.39 50.25
N GLY N 20 15.92 10.33 49.33
CA GLY N 20 15.52 11.65 49.78
C GLY N 20 15.25 12.67 48.70
N ASP N 21 14.59 13.74 49.10
CA ASP N 21 14.28 14.84 48.20
C ASP N 21 15.09 16.06 48.62
N GLU N 22 14.91 17.15 47.89
CA GLU N 22 15.62 18.38 48.16
C GLU N 22 15.54 18.88 49.62
N HIS N 23 14.43 18.61 50.28
CA HIS N 23 14.25 19.05 51.67
C HIS N 23 14.47 17.95 52.68
N SER N 24 15.33 17.00 52.36
CA SER N 24 15.61 15.90 53.28
C SER N 24 16.69 16.29 54.28
N ASP N 25 16.71 15.59 55.42
CA ASP N 25 17.68 15.84 56.48
C ASP N 25 19.09 15.56 55.98
N PRO N 26 19.93 16.60 55.89
CA PRO N 26 21.31 16.47 55.42
C PRO N 26 22.13 15.44 56.19
N GLU N 27 21.93 15.39 57.51
CA GLU N 27 22.68 14.45 58.34
C GLU N 27 22.33 13.02 57.97
N LEU N 28 21.03 12.72 57.97
CA LEU N 28 20.54 11.39 57.63
C LEU N 28 21.04 10.99 56.26
N MET N 29 20.96 11.91 55.32
CA MET N 29 21.42 11.63 53.97
C MET N 29 22.89 11.27 54.01
N GLN N 30 23.63 12.01 54.82
CA GLN N 30 25.07 11.79 54.95
C GLN N 30 25.33 10.43 55.61
N GLN N 31 24.59 10.15 56.67
CA GLN N 31 24.72 8.88 57.37
C GLN N 31 24.47 7.72 56.42
N LEU N 32 23.60 7.92 55.44
CA LEU N 32 23.31 6.87 54.48
C LEU N 32 24.32 6.83 53.35
N GLY N 33 25.11 7.89 53.22
CA GLY N 33 26.11 7.95 52.16
C GLY N 33 25.48 8.32 50.83
N ALA N 34 24.35 9.01 50.90
CA ALA N 34 23.63 9.41 49.71
C ALA N 34 24.28 10.55 48.95
N SER N 35 24.09 10.57 47.64
CA SER N 35 24.61 11.61 46.78
C SER N 35 23.38 12.43 46.37
N LYS N 36 23.59 13.67 45.97
CA LYS N 36 22.49 14.53 45.56
C LYS N 36 22.65 14.80 44.08
N ARG N 37 21.55 15.10 43.39
CA ARG N 37 21.62 15.40 41.96
C ARG N 37 20.26 15.81 41.42
N ARG N 38 20.27 16.41 40.24
CA ARG N 38 19.04 16.81 39.58
C ARG N 38 19.15 16.33 38.15
N VAL N 39 18.38 15.29 37.83
CA VAL N 39 18.38 14.73 36.48
C VAL N 39 17.92 15.78 35.47
N LEU N 40 18.64 15.87 34.35
CA LEU N 40 18.32 16.83 33.32
C LEU N 40 16.84 16.74 32.95
N GLY N 41 16.19 17.88 32.87
CA GLY N 41 14.78 17.91 32.53
C GLY N 41 13.88 17.94 33.75
N ASN N 42 14.38 17.47 34.90
CA ASN N 42 13.58 17.47 36.12
C ASN N 42 13.75 18.78 36.88
N ASN N 43 12.67 19.21 37.53
CA ASN N 43 12.66 20.45 38.30
C ASN N 43 12.82 20.18 39.80
N PHE N 44 13.63 19.20 40.15
CA PHE N 44 13.83 18.88 41.57
C PHE N 44 15.09 18.07 41.80
N TYR N 45 15.64 18.17 43.00
CA TYR N 45 16.84 17.42 43.36
C TYR N 45 16.44 16.14 44.04
N GLU N 46 17.33 15.16 44.01
CA GLU N 46 17.06 13.88 44.66
C GLU N 46 18.31 13.29 45.30
N TYR N 47 18.13 12.58 46.42
CA TYR N 47 19.25 11.93 47.11
C TYR N 47 19.15 10.44 46.83
N TYR N 48 20.24 9.85 46.35
CA TYR N 48 20.23 8.44 46.05
C TYR N 48 21.42 7.70 46.65
N VAL N 49 21.32 6.38 46.62
CA VAL N 49 22.34 5.51 47.17
C VAL N 49 22.47 4.31 46.24
N ASN N 50 23.67 3.74 46.14
CA ASN N 50 23.86 2.60 45.26
C ASN N 50 23.55 1.25 45.92
N ASP N 51 23.21 1.28 47.21
CA ASP N 51 22.89 0.07 47.93
C ASP N 51 21.50 -0.42 47.54
N PRO N 52 21.23 -1.73 47.75
CA PRO N 52 19.92 -2.29 47.41
C PRO N 52 18.97 -1.82 48.50
N PRO N 53 17.66 -1.75 48.21
CA PRO N 53 16.77 -1.30 49.28
C PRO N 53 16.87 -2.05 50.61
N ARG N 54 17.15 -3.35 50.58
CA ARG N 54 17.24 -4.10 51.85
C ARG N 54 18.25 -3.44 52.79
N ILE N 55 19.45 -3.21 52.27
CA ILE N 55 20.52 -2.57 53.04
C ILE N 55 20.04 -1.25 53.64
N VAL N 56 19.45 -0.40 52.83
CA VAL N 56 18.98 0.88 53.32
C VAL N 56 17.93 0.73 54.42
N LEU N 57 17.09 -0.30 54.31
CA LEU N 57 16.07 -0.53 55.33
C LEU N 57 16.72 -0.88 56.68
N ASP N 58 17.74 -1.73 56.63
CA ASP N 58 18.44 -2.11 57.85
C ASP N 58 19.10 -0.88 58.47
N LYS N 59 19.78 -0.09 57.66
CA LYS N 59 20.44 1.12 58.17
C LYS N 59 19.42 2.06 58.80
N LEU N 60 18.27 2.20 58.14
CA LEU N 60 17.22 3.08 58.64
C LEU N 60 16.65 2.63 59.97
N GLU N 61 16.62 1.33 60.19
CA GLU N 61 16.09 0.83 61.46
C GLU N 61 16.98 1.32 62.59
N CYS N 62 18.30 1.28 62.38
CA CYS N 62 19.25 1.72 63.38
C CYS N 62 19.00 3.17 63.77
N ARG N 63 18.53 3.99 62.83
CA ARG N 63 18.26 5.39 63.14
C ARG N 63 16.84 5.59 63.68
N GLY N 64 16.18 4.49 64.01
CA GLY N 64 14.84 4.58 64.58
C GLY N 64 13.61 4.57 63.66
N PHE N 65 13.77 4.19 62.40
CA PHE N 65 12.64 4.15 61.49
C PHE N 65 12.08 2.76 61.35
N ARG N 66 10.77 2.69 61.09
CA ARG N 66 10.11 1.41 60.87
C ARG N 66 9.26 1.51 59.60
N VAL N 67 9.25 0.43 58.82
CA VAL N 67 8.46 0.40 57.59
C VAL N 67 6.98 0.30 57.95
N LEU N 68 6.19 1.27 57.50
CA LEU N 68 4.75 1.29 57.75
C LEU N 68 3.99 0.68 56.57
N SER N 69 4.47 0.94 55.36
CA SER N 69 3.81 0.46 54.17
C SER N 69 4.77 0.39 52.99
N MET N 70 4.56 -0.61 52.13
CA MET N 70 5.38 -0.79 50.93
C MET N 70 4.41 -0.96 49.76
N THR N 71 4.65 -0.26 48.66
CA THR N 71 3.75 -0.38 47.53
C THR N 71 4.44 -0.23 46.19
N GLY N 72 3.82 -0.77 45.16
CA GLY N 72 4.36 -0.66 43.82
C GLY N 72 3.54 0.37 43.05
N VAL N 73 4.21 1.10 42.17
CA VAL N 73 3.54 2.08 41.35
C VAL N 73 4.41 2.19 40.12
N GLY N 74 3.87 1.77 38.98
CA GLY N 74 4.64 1.80 37.76
C GLY N 74 5.72 0.75 37.92
N GLN N 75 6.97 1.10 37.66
CA GLN N 75 8.07 0.16 37.82
C GLN N 75 8.88 0.57 39.05
N THR N 76 8.23 1.32 39.93
CA THR N 76 8.87 1.82 41.14
C THR N 76 8.32 1.15 42.38
N LEU N 77 9.23 0.63 43.22
CA LEU N 77 8.83 -0.01 44.47
C LEU N 77 9.15 0.99 45.57
N VAL N 78 8.12 1.39 46.32
CA VAL N 78 8.23 2.40 47.37
C VAL N 78 7.98 1.92 48.80
N TRP N 79 8.72 2.52 49.72
CA TRP N 79 8.61 2.21 51.15
C TRP N 79 8.35 3.49 51.92
N CYS N 80 7.37 3.45 52.82
CA CYS N 80 7.04 4.60 53.64
C CYS N 80 7.45 4.22 55.06
N LEU N 81 8.45 4.91 55.60
CA LEU N 81 8.91 4.62 56.95
C LEU N 81 8.53 5.72 57.92
N HIS N 82 8.43 5.36 59.19
CA HIS N 82 8.07 6.31 60.24
C HIS N 82 9.04 6.17 61.41
N LYS N 83 9.41 7.31 61.98
CA LYS N 83 10.33 7.34 63.11
C LYS N 83 9.53 7.64 64.36
N GLU N 84 9.57 8.91 64.78
CA GLU N 84 8.86 9.37 65.97
C GLU N 84 8.73 10.89 65.92
N MET O 1 20.45 -7.53 60.82
CA MET O 1 19.70 -7.69 59.54
C MET O 1 18.21 -7.99 59.80
N PRO O 2 17.44 -6.97 60.23
CA PRO O 2 16.02 -7.14 60.51
C PRO O 2 15.06 -7.22 59.31
N TYR O 3 15.41 -6.62 58.17
CA TYR O 3 14.50 -6.66 57.02
C TYR O 3 14.80 -7.66 55.94
N LEU O 4 13.74 -8.22 55.38
CA LEU O 4 13.83 -9.21 54.31
C LEU O 4 12.82 -8.92 53.19
N LEU O 5 13.21 -9.23 51.95
CA LEU O 5 12.34 -9.02 50.80
C LEU O 5 12.32 -10.27 49.94
N ILE O 6 11.14 -10.84 49.73
CA ILE O 6 11.01 -12.03 48.88
C ILE O 6 9.95 -11.71 47.83
N SER O 7 9.91 -12.48 46.75
CA SER O 7 8.95 -12.22 45.70
C SER O 7 8.76 -13.40 44.76
N THR O 8 7.70 -13.33 43.96
CA THR O 8 7.41 -14.35 42.96
C THR O 8 6.71 -13.65 41.79
N GLN O 9 6.71 -14.28 40.63
CA GLN O 9 6.09 -13.66 39.46
C GLN O 9 4.94 -14.40 38.77
N ILE O 10 4.10 -13.63 38.07
CA ILE O 10 3.00 -14.19 37.29
C ILE O 10 1.92 -14.94 38.08
N ARG O 11 2.32 -15.93 38.87
CA ARG O 11 1.37 -16.67 39.69
C ARG O 11 1.92 -16.92 41.07
N MET O 12 1.05 -16.83 42.08
CA MET O 12 1.48 -16.99 43.47
C MET O 12 1.52 -18.41 44.03
N GLU O 13 0.77 -19.33 43.46
CA GLU O 13 0.77 -20.70 43.99
C GLU O 13 1.93 -21.59 43.52
N VAL O 14 2.87 -21.01 42.78
CA VAL O 14 4.01 -21.79 42.31
C VAL O 14 5.26 -20.91 42.37
N GLY O 15 6.43 -21.53 42.46
CA GLY O 15 7.66 -20.76 42.50
C GLY O 15 8.13 -20.50 41.09
N PRO O 16 9.38 -20.05 40.88
CA PRO O 16 10.38 -19.78 41.93
C PRO O 16 10.03 -18.59 42.81
N THR O 17 10.72 -18.48 43.95
CA THR O 17 10.53 -17.38 44.87
C THR O 17 11.91 -16.75 45.12
N MET O 18 12.04 -15.46 44.84
CA MET O 18 13.31 -14.78 45.08
C MET O 18 13.41 -14.55 46.58
N VAL O 19 14.50 -14.98 47.19
CA VAL O 19 14.66 -14.82 48.63
C VAL O 19 15.87 -14.01 49.08
N GLY O 20 16.66 -13.53 48.16
CA GLY O 20 17.80 -12.74 48.59
C GLY O 20 18.64 -12.12 47.50
N ASP O 21 19.44 -11.15 47.90
CA ASP O 21 20.34 -10.47 47.00
C ASP O 21 21.77 -10.84 47.37
N GLU O 22 22.72 -10.31 46.61
CA GLU O 22 24.13 -10.59 46.81
C GLU O 22 24.66 -10.43 48.23
N HIS O 23 24.06 -9.51 48.99
CA HIS O 23 24.50 -9.27 50.36
C HIS O 23 23.57 -9.88 51.40
N SER O 24 22.91 -10.98 51.05
CA SER O 24 22.01 -11.64 51.98
C SER O 24 22.75 -12.60 52.90
N ASP O 25 22.15 -12.87 54.05
CA ASP O 25 22.74 -13.76 55.04
C ASP O 25 22.91 -15.16 54.45
N PRO O 26 24.16 -15.62 54.31
CA PRO O 26 24.45 -16.94 53.75
C PRO O 26 23.79 -18.10 54.51
N GLU O 27 23.71 -17.98 55.83
CA GLU O 27 23.10 -19.04 56.64
C GLU O 27 21.61 -19.13 56.35
N LEU O 28 20.93 -18.00 56.39
CA LEU O 28 19.50 -17.96 56.14
C LEU O 28 19.22 -18.50 54.76
N MET O 29 20.01 -18.08 53.77
CA MET O 29 19.84 -18.54 52.41
C MET O 29 19.99 -20.05 52.37
N GLN O 30 20.97 -20.54 53.10
CA GLN O 30 21.23 -21.98 53.16
C GLN O 30 20.06 -22.68 53.84
N GLN O 31 19.58 -22.09 54.94
CA GLN O 31 18.46 -22.68 55.68
C GLN O 31 17.24 -22.79 54.78
N LEU O 32 17.09 -21.87 53.83
CA LEU O 32 15.95 -21.90 52.92
C LEU O 32 16.20 -22.81 51.74
N GLY O 33 17.45 -23.20 51.55
CA GLY O 33 17.80 -24.09 50.45
C GLY O 33 17.89 -23.32 49.14
N ALA O 34 18.19 -22.03 49.25
CA ALA O 34 18.29 -21.16 48.09
C ALA O 34 19.54 -21.36 47.26
N SER O 35 19.43 -21.09 45.96
CA SER O 35 20.55 -21.21 45.04
C SER O 35 20.92 -19.78 44.67
N LYS O 36 22.16 -19.57 44.27
CA LYS O 36 22.63 -18.25 43.89
C LYS O 36 22.90 -18.21 42.39
N ARG O 37 22.75 -17.05 41.77
CA ARG O 37 23.01 -16.94 40.33
C ARG O 37 22.93 -15.49 39.88
N ARG O 38 23.46 -15.24 38.70
CA ARG O 38 23.43 -13.92 38.09
C ARG O 38 22.93 -14.08 36.66
N VAL O 39 21.68 -13.70 36.42
CA VAL O 39 21.10 -13.80 35.10
C VAL O 39 21.90 -12.98 34.10
N LEU O 40 22.17 -13.59 32.95
CA LEU O 40 22.94 -12.94 31.89
C LEU O 40 22.35 -11.58 31.61
N GLY O 41 23.23 -10.58 31.54
CA GLY O 41 22.79 -9.22 31.29
C GLY O 41 22.60 -8.40 32.56
N ASN O 42 22.33 -9.07 33.68
CA ASN O 42 22.14 -8.38 34.95
C ASN O 42 23.45 -8.17 35.68
N ASN O 43 23.55 -7.04 36.35
CA ASN O 43 24.75 -6.66 37.10
C ASN O 43 24.65 -6.97 38.59
N PHE O 44 23.97 -8.06 38.94
CA PHE O 44 23.80 -8.40 40.34
C PHE O 44 23.47 -9.88 40.51
N TYR O 45 23.74 -10.39 41.71
CA TYR O 45 23.44 -11.79 41.99
C TYR O 45 22.13 -11.88 42.73
N GLU O 46 21.49 -13.05 42.67
CA GLU O 46 20.22 -13.23 43.35
C GLU O 46 20.08 -14.64 43.93
N TYR O 47 19.39 -14.75 45.06
CA TYR O 47 19.16 -16.05 45.69
C TYR O 47 17.72 -16.43 45.45
N TYR O 48 17.48 -17.62 44.92
CA TYR O 48 16.12 -18.05 44.67
C TYR O 48 15.83 -19.44 45.23
N VAL O 49 14.56 -19.80 45.22
CA VAL O 49 14.09 -21.07 45.75
C VAL O 49 12.96 -21.53 44.84
N ASN O 50 12.80 -22.84 44.67
CA ASN O 50 11.74 -23.35 43.81
C ASN O 50 10.39 -23.50 44.51
N ASP O 51 10.37 -23.21 45.81
CA ASP O 51 9.12 -23.32 46.57
C ASP O 51 8.17 -22.18 46.27
N PRO O 52 6.87 -22.37 46.54
CA PRO O 52 5.88 -21.31 46.30
C PRO O 52 6.08 -20.32 47.45
N PRO O 53 5.74 -19.04 47.23
CA PRO O 53 5.93 -18.09 48.33
C PRO O 53 5.33 -18.49 49.69
N ARG O 54 4.17 -19.15 49.69
CA ARG O 54 3.55 -19.54 50.96
C ARG O 54 4.51 -20.37 51.82
N ILE O 55 5.13 -21.38 51.21
CA ILE O 55 6.08 -22.24 51.89
C ILE O 55 7.21 -21.40 52.49
N VAL O 56 7.78 -20.51 51.69
CA VAL O 56 8.86 -19.67 52.17
C VAL O 56 8.41 -18.78 53.33
N LEU O 57 7.18 -18.30 53.29
CA LEU O 57 6.68 -17.46 54.37
C LEU O 57 6.63 -18.25 55.67
N ASP O 58 6.13 -19.49 55.61
CA ASP O 58 6.06 -20.33 56.79
C ASP O 58 7.46 -20.59 57.35
N LYS O 59 8.40 -20.97 56.48
CA LYS O 59 9.77 -21.22 56.91
C LYS O 59 10.39 -19.99 57.58
N LEU O 60 10.09 -18.82 57.02
CA LEU O 60 10.63 -17.57 57.55
C LEU O 60 10.06 -17.22 58.93
N GLU O 61 8.83 -17.63 59.19
CA GLU O 61 8.23 -17.38 60.50
C GLU O 61 9.04 -18.13 61.55
N CYS O 62 9.40 -19.37 61.24
CA CYS O 62 10.19 -20.17 62.17
C CYS O 62 11.49 -19.47 62.55
N ARG O 63 12.09 -18.75 61.62
CA ARG O 63 13.32 -18.03 61.91
C ARG O 63 13.08 -16.65 62.53
N GLY O 64 11.83 -16.38 62.92
CA GLY O 64 11.52 -15.11 63.55
C GLY O 64 11.06 -13.92 62.72
N PHE O 65 10.71 -14.12 61.46
CA PHE O 65 10.26 -13.02 60.62
C PHE O 65 8.75 -12.95 60.54
N ARG O 66 8.24 -11.74 60.35
CA ARG O 66 6.80 -11.51 60.22
C ARG O 66 6.57 -10.61 59.00
N VAL O 67 5.51 -10.89 58.24
CA VAL O 67 5.20 -10.09 57.07
C VAL O 67 4.64 -8.74 57.51
N LEU O 68 5.28 -7.66 57.07
CA LEU O 68 4.84 -6.30 57.42
C LEU O 68 4.00 -5.71 56.30
N SER O 69 4.37 -6.01 55.07
CA SER O 69 3.65 -5.50 53.93
C SER O 69 3.84 -6.41 52.72
N MET O 70 2.82 -6.44 51.87
CA MET O 70 2.85 -7.23 50.64
C MET O 70 2.33 -6.32 49.54
N THR O 71 3.01 -6.30 48.40
CA THR O 71 2.55 -5.43 47.31
C THR O 71 2.88 -5.97 45.94
N GLY O 72 2.12 -5.52 44.95
CA GLY O 72 2.36 -5.93 43.59
C GLY O 72 3.02 -4.78 42.86
N VAL O 73 3.89 -5.10 41.93
CA VAL O 73 4.57 -4.10 41.12
C VAL O 73 4.91 -4.85 39.84
N GLY O 74 4.34 -4.39 38.73
CA GLY O 74 4.57 -5.08 37.47
C GLY O 74 3.87 -6.42 37.59
N GLN O 75 4.58 -7.48 37.27
CA GLN O 75 4.03 -8.83 37.38
C GLN O 75 4.73 -9.54 38.53
N THR O 76 5.30 -8.73 39.43
CA THR O 76 6.01 -9.23 40.60
C THR O 76 5.26 -8.99 41.90
N LEU O 77 5.08 -10.04 42.69
CA LEU O 77 4.40 -9.93 43.98
C LEU O 77 5.49 -9.94 45.05
N VAL O 78 5.53 -8.88 45.85
CA VAL O 78 6.58 -8.74 46.87
C VAL O 78 6.11 -8.71 48.31
N TRP O 79 6.91 -9.33 49.17
CA TRP O 79 6.66 -9.39 50.62
C TRP O 79 7.83 -8.77 51.35
N CYS O 80 7.51 -7.89 52.31
CA CYS O 80 8.54 -7.24 53.12
C CYS O 80 8.39 -7.82 54.53
N LEU O 81 9.39 -8.56 54.98
CA LEU O 81 9.34 -9.14 56.31
C LEU O 81 10.31 -8.49 57.28
N HIS O 82 9.96 -8.54 58.55
CA HIS O 82 10.78 -7.97 59.60
C HIS O 82 11.03 -8.97 60.71
N LYS O 83 12.24 -8.98 61.22
CA LYS O 83 12.62 -9.89 62.29
C LYS O 83 12.71 -9.10 63.58
N GLU O 84 13.92 -8.74 63.96
CA GLU O 84 14.20 -7.98 65.17
C GLU O 84 15.61 -7.37 65.09
N MET P 1 -14.79 17.62 -60.31
CA MET P 1 -14.58 16.82 -59.06
C MET P 1 -14.03 15.43 -59.41
N PRO P 2 -12.74 15.36 -59.78
CA PRO P 2 -12.09 14.09 -60.13
C PRO P 2 -11.68 13.13 -58.99
N TYR P 3 -11.45 13.64 -57.79
CA TYR P 3 -11.05 12.74 -56.71
C TYR P 3 -12.13 12.39 -55.70
N LEU P 4 -12.02 11.16 -55.20
CA LEU P 4 -12.98 10.64 -54.24
C LEU P 4 -12.25 9.86 -53.13
N LEU P 5 -12.78 9.94 -51.91
CA LEU P 5 -12.18 9.22 -50.77
C LEU P 5 -13.27 8.45 -50.03
N ILE P 6 -13.12 7.13 -49.91
CA ILE P 6 -14.10 6.34 -49.16
C ILE P 6 -13.32 5.51 -48.15
N SER P 7 -13.99 5.02 -47.12
CA SER P 7 -13.31 4.25 -46.08
C SER P 7 -14.23 3.39 -45.24
N THR P 8 -13.64 2.50 -44.47
CA THR P 8 -14.39 1.62 -43.59
C THR P 8 -13.50 1.31 -42.39
N GLN P 9 -14.07 0.82 -41.30
CA GLN P 9 -13.25 0.55 -40.13
C GLN P 9 -13.28 -0.86 -39.57
N ILE P 10 -12.22 -1.21 -38.86
CA ILE P 10 -12.11 -2.51 -38.19
C ILE P 10 -12.10 -3.76 -39.07
N ARG P 11 -13.11 -3.90 -39.93
CA ARG P 11 -13.20 -5.04 -40.82
C ARG P 11 -13.66 -4.59 -42.19
N MET P 12 -13.04 -5.15 -43.23
CA MET P 12 -13.35 -4.77 -44.60
C MET P 12 -14.55 -5.45 -45.25
N GLU P 13 -14.95 -6.63 -44.77
CA GLU P 13 -16.07 -7.31 -45.40
C GLU P 13 -17.47 -6.83 -44.98
N VAL P 14 -17.53 -5.79 -44.16
CA VAL P 14 -18.81 -5.27 -43.72
C VAL P 14 -18.78 -3.75 -43.66
N GLY P 15 -19.94 -3.11 -43.75
CA GLY P 15 -19.99 -1.66 -43.69
C GLY P 15 -20.03 -1.25 -42.24
N PRO P 16 -20.30 0.03 -41.95
CA PRO P 16 -20.58 1.07 -42.93
C PRO P 16 -19.36 1.50 -43.73
N THR P 17 -19.60 2.24 -44.80
CA THR P 17 -18.52 2.76 -45.63
C THR P 17 -18.74 4.25 -45.77
N MET P 18 -17.75 5.05 -45.38
CA MET P 18 -17.85 6.50 -45.51
C MET P 18 -17.63 6.83 -46.98
N VAL P 19 -18.56 7.55 -47.58
CA VAL P 19 -18.41 7.87 -48.99
C VAL P 19 -18.33 9.35 -49.32
N GLY P 20 -18.37 10.21 -48.33
CA GLY P 20 -18.30 11.61 -48.66
C GLY P 20 -18.29 12.58 -47.49
N ASP P 21 -17.92 13.81 -47.79
CA ASP P 21 -17.88 14.86 -46.80
C ASP P 21 -18.96 15.88 -47.13
N GLU P 22 -19.04 16.91 -46.28
CA GLU P 22 -20.04 17.97 -46.44
C GLU P 22 -20.10 18.61 -47.82
N HIS P 23 -18.98 18.63 -48.55
CA HIS P 23 -18.95 19.26 -49.86
C HIS P 23 -18.93 18.24 -50.99
N SER P 24 -19.48 17.06 -50.75
CA SER P 24 -19.51 16.03 -51.78
C SER P 24 -20.68 16.23 -52.74
N ASP P 25 -20.54 15.65 -53.93
CA ASP P 25 -21.57 15.75 -54.96
C ASP P 25 -22.87 15.10 -54.49
N PRO P 26 -23.93 15.92 -54.31
CA PRO P 26 -25.23 15.41 -53.87
C PRO P 26 -25.80 14.29 -54.75
N GLU P 27 -25.62 14.40 -56.06
CA GLU P 27 -26.13 13.38 -56.97
C GLU P 27 -25.42 12.05 -56.76
N LEU P 28 -24.09 12.08 -56.74
CA LEU P 28 -23.31 10.87 -56.53
C LEU P 28 -23.69 10.24 -55.20
N MET P 29 -23.79 11.07 -54.16
CA MET P 29 -24.16 10.58 -52.85
C MET P 29 -25.51 9.89 -52.92
N GLN P 30 -26.42 10.49 -53.69
CA GLN P 30 -27.75 9.95 -53.84
C GLN P 30 -27.70 8.64 -54.62
N GLN P 31 -26.92 8.62 -55.70
CA GLN P 31 -26.78 7.43 -56.52
C GLN P 31 -26.25 6.26 -55.68
N LEU P 32 -25.44 6.58 -54.67
CA LEU P 32 -24.87 5.54 -53.81
C LEU P 32 -25.83 5.17 -52.69
N GLY P 33 -26.86 6.00 -52.47
CA GLY P 33 -27.83 5.74 -51.43
C GLY P 33 -27.27 6.10 -50.07
N ALA P 34 -26.38 7.08 -50.06
CA ALA P 34 -25.74 7.52 -48.84
C ALA P 34 -26.64 8.38 -47.97
N SER P 35 -26.40 8.33 -46.65
CA SER P 35 -27.14 9.15 -45.71
C SER P 35 -26.15 10.17 -45.20
N LYS P 36 -26.64 11.31 -44.74
CA LYS P 36 -25.78 12.37 -44.24
C LYS P 36 -25.99 12.49 -42.73
N ARG P 37 -24.97 12.95 -42.01
CA ARG P 37 -25.06 13.11 -40.55
C ARG P 37 -23.82 13.80 -40.00
N ARG P 38 -23.96 14.27 -38.76
CA ARG P 38 -22.85 14.91 -38.06
C ARG P 38 -22.79 14.33 -36.66
N VAL P 39 -21.83 13.43 -36.45
CA VAL P 39 -21.65 12.79 -35.16
C VAL P 39 -21.45 13.82 -34.06
N LEU P 40 -22.19 13.67 -32.97
CA LEU P 40 -22.09 14.58 -31.85
C LEU P 40 -20.63 14.81 -31.46
N GLY P 41 -20.25 16.08 -31.29
CA GLY P 41 -18.88 16.39 -30.94
C GLY P 41 -18.02 16.75 -32.13
N ASN P 42 -18.39 16.23 -33.30
CA ASN P 42 -17.63 16.52 -34.52
C ASN P 42 -18.14 17.78 -35.17
N ASN P 43 -17.21 18.53 -35.75
CA ASN P 43 -17.50 19.81 -36.42
C ASN P 43 -17.61 19.65 -37.93
N PHE P 44 -18.17 18.54 -38.40
CA PHE P 44 -18.28 18.32 -39.84
C PHE P 44 -19.32 17.27 -40.17
N TYR P 45 -19.89 17.35 -41.37
CA TYR P 45 -20.89 16.37 -41.79
C TYR P 45 -20.22 15.26 -42.57
N GLU P 46 -20.87 14.10 -42.64
CA GLU P 46 -20.31 12.97 -43.37
C GLU P 46 -21.40 12.16 -44.08
N TYR P 47 -21.06 11.60 -45.24
CA TYR P 47 -22.01 10.77 -45.99
C TYR P 47 -21.56 9.33 -45.84
N TYR P 48 -22.48 8.47 -45.40
CA TYR P 48 -22.13 7.06 -45.24
C TYR P 48 -23.11 6.13 -45.93
N VAL P 49 -22.73 4.86 -46.00
CA VAL P 49 -23.53 3.83 -46.64
C VAL P 49 -23.35 2.56 -45.85
N ASN P 50 -24.37 1.71 -45.80
CA ASN P 50 -24.27 0.47 -45.04
C ASN P 50 -23.64 -0.69 -45.81
N ASP P 51 -23.35 -0.45 -47.08
CA ASP P 51 -22.74 -1.49 -47.90
C ASP P 51 -21.27 -1.68 -47.55
N PRO P 52 -20.70 -2.86 -47.86
CA PRO P 52 -19.29 -3.13 -47.57
C PRO P 52 -18.51 -2.37 -48.64
N PRO P 53 -17.27 -1.97 -48.35
CA PRO P 53 -16.52 -1.23 -49.37
C PRO P 53 -16.43 -1.86 -50.77
N ARG P 54 -16.40 -3.19 -50.85
CA ARG P 54 -16.32 -3.84 -52.16
C ARG P 54 -17.48 -3.36 -53.04
N ILE P 55 -18.69 -3.45 -52.49
CA ILE P 55 -19.90 -3.05 -53.20
C ILE P 55 -19.78 -1.61 -53.69
N VAL P 56 -19.36 -0.71 -52.81
CA VAL P 56 -19.22 0.70 -53.16
C VAL P 56 -18.16 0.91 -54.26
N LEU P 57 -17.11 0.10 -54.25
CA LEU P 57 -16.08 0.22 -55.27
C LEU P 57 -16.64 -0.17 -56.63
N ASP P 58 -17.44 -1.22 -56.68
CA ASP P 58 -18.04 -1.66 -57.94
C ASP P 58 -18.98 -0.59 -58.46
N LYS P 59 -19.84 -0.05 -57.59
CA LYS P 59 -20.77 0.99 -57.97
C LYS P 59 -20.04 2.20 -58.52
N LEU P 60 -18.94 2.55 -57.86
CA LEU P 60 -18.14 3.70 -58.25
C LEU P 60 -17.50 3.53 -59.61
N GLU P 61 -17.15 2.29 -59.96
CA GLU P 61 -16.57 2.05 -61.26
C GLU P 61 -17.57 2.38 -62.37
N CYS P 62 -18.83 2.05 -62.13
CA CYS P 62 -19.90 2.33 -63.10
C CYS P 62 -19.99 3.82 -63.37
N ARG P 63 -19.72 4.63 -62.35
CA ARG P 63 -19.77 6.07 -62.53
C ARG P 63 -18.44 6.65 -63.04
N GLY P 64 -17.53 5.78 -63.46
CA GLY P 64 -16.28 6.25 -64.01
C GLY P 64 -15.05 6.41 -63.11
N PHE P 65 -15.12 5.96 -61.87
CA PHE P 65 -13.99 6.08 -60.96
C PHE P 65 -13.10 4.85 -60.97
N ARG P 66 -11.82 5.06 -60.70
CA ARG P 66 -10.87 3.96 -60.61
C ARG P 66 -10.05 4.15 -59.33
N VAL P 67 -9.74 3.06 -58.66
CA VAL P 67 -8.95 3.12 -57.44
C VAL P 67 -7.51 3.44 -57.80
N LEU P 68 -6.96 4.50 -57.23
CA LEU P 68 -5.56 4.87 -57.48
C LEU P 68 -4.67 4.38 -56.34
N SER P 69 -5.19 4.44 -55.12
CA SER P 69 -4.41 4.01 -53.98
C SER P 69 -5.31 3.59 -52.83
N MET P 70 -4.84 2.61 -52.04
CA MET P 70 -5.57 2.11 -50.88
C MET P 70 -4.59 2.08 -49.72
N THR P 71 -4.97 2.60 -48.56
CA THR P 71 -4.05 2.59 -47.43
C THR P 71 -4.74 2.47 -46.09
N GLY P 72 -4.00 1.97 -45.12
CA GLY P 72 -4.51 1.84 -43.77
C GLY P 72 -3.95 2.94 -42.90
N VAL P 73 -4.76 3.45 -41.98
CA VAL P 73 -4.32 4.49 -41.07
C VAL P 73 -5.17 4.32 -39.83
N GLY P 74 -4.54 3.91 -38.74
CA GLY P 74 -5.27 3.66 -37.51
C GLY P 74 -6.07 2.39 -37.78
N GLN P 75 -7.36 2.41 -37.46
CA GLN P 75 -8.20 1.25 -37.73
C GLN P 75 -9.12 1.56 -38.91
N THR P 76 -8.69 2.51 -39.74
CA THR P 76 -9.44 2.94 -40.90
C THR P 76 -8.76 2.53 -42.21
N LEU P 77 -9.53 1.92 -43.10
CA LEU P 77 -9.00 1.48 -44.40
C LEU P 77 -9.56 2.48 -45.40
N VAL P 78 -8.67 3.15 -46.13
CA VAL P 78 -9.06 4.19 -47.09
C VAL P 78 -8.73 3.92 -48.55
N TRP P 79 -9.60 4.36 -49.44
CA TRP P 79 -9.44 4.22 -50.88
C TRP P 79 -9.51 5.60 -51.52
N CYS P 80 -8.56 5.87 -52.39
CA CYS P 80 -8.53 7.13 -53.11
C CYS P 80 -8.88 6.81 -54.57
N LEU P 81 -10.01 7.30 -55.04
CA LEU P 81 -10.42 7.05 -56.40
C LEU P 81 -10.35 8.30 -57.27
N HIS P 82 -10.18 8.08 -58.57
CA HIS P 82 -10.08 9.18 -59.52
C HIS P 82 -10.98 8.91 -60.71
N LYS P 83 -11.63 9.95 -61.18
CA LYS P 83 -12.54 9.86 -62.31
C LYS P 83 -11.85 10.47 -63.51
N GLU P 84 -12.22 11.70 -63.82
CA GLU P 84 -11.66 12.46 -64.95
C GLU P 84 -11.91 13.96 -64.79
N MET Q 1 -18.62 -7.24 -61.36
CA MET Q 1 -17.83 -7.34 -60.10
C MET Q 1 -16.32 -7.22 -60.39
N PRO Q 2 -15.85 -6.01 -60.70
CA PRO Q 2 -14.44 -5.78 -61.00
C PRO Q 2 -13.47 -5.70 -59.82
N TYR Q 3 -13.94 -5.36 -58.62
CA TYR Q 3 -13.02 -5.26 -57.48
C TYR Q 3 -13.04 -6.41 -56.49
N LEU Q 4 -11.86 -6.70 -55.96
CA LEU Q 4 -11.68 -7.78 -55.02
C LEU Q 4 -10.77 -7.34 -53.88
N LEU Q 5 -11.02 -7.85 -52.68
CA LEU Q 5 -10.21 -7.54 -51.50
C LEU Q 5 -9.83 -8.83 -50.77
N ILE Q 6 -8.54 -9.07 -50.60
CA ILE Q 6 -8.12 -10.26 -49.86
C ILE Q 6 -7.15 -9.80 -48.79
N SER Q 7 -6.94 -10.61 -47.77
CA SER Q 7 -6.05 -10.22 -46.68
C SER Q 7 -5.52 -11.38 -45.84
N THR Q 8 -4.54 -11.09 -45.01
CA THR Q 8 -3.98 -12.11 -44.13
C THR Q 8 -3.46 -11.38 -42.90
N GLN Q 9 -3.26 -12.10 -41.81
CA GLN Q 9 -2.80 -11.45 -40.58
C GLN Q 9 -1.49 -11.94 -39.99
N ILE Q 10 -0.86 -11.05 -39.21
CA ILE Q 10 0.37 -11.34 -38.50
C ILE Q 10 1.61 -11.70 -39.34
N ARG Q 11 1.46 -12.68 -40.24
CA ARG Q 11 2.56 -13.10 -41.08
C ARG Q 11 2.08 -13.35 -42.50
N MET Q 12 2.87 -12.93 -43.48
CA MET Q 12 2.46 -13.07 -44.89
C MET Q 12 2.79 -14.40 -45.56
N GLU Q 13 3.75 -15.15 -45.04
CA GLU Q 13 4.10 -16.41 -45.69
C GLU Q 13 3.22 -17.60 -45.32
N VAL Q 14 2.16 -17.36 -44.55
CA VAL Q 14 1.26 -18.44 -44.16
C VAL Q 14 -0.20 -17.94 -44.14
N GLY Q 15 -1.15 -18.85 -44.36
CA GLY Q 15 -2.55 -18.46 -44.33
C GLY Q 15 -3.02 -18.40 -42.89
N PRO Q 16 -4.34 -18.26 -42.66
CA PRO Q 16 -5.38 -18.17 -43.69
C PRO Q 16 -5.38 -16.85 -44.43
N THR Q 17 -6.08 -16.82 -45.55
CA THR Q 17 -6.20 -15.64 -46.37
C THR Q 17 -7.70 -15.40 -46.58
N MET Q 18 -8.18 -14.24 -46.17
CA MET Q 18 -9.59 -13.90 -46.34
C MET Q 18 -9.73 -13.54 -47.81
N VAL Q 19 -10.68 -14.18 -48.48
CA VAL Q 19 -10.89 -13.93 -49.90
C VAL Q 19 -12.27 -13.41 -50.30
N GLY Q 20 -13.18 -13.24 -49.34
CA GLY Q 20 -14.49 -12.74 -49.71
C GLY Q 20 -15.42 -12.46 -48.57
N ASP Q 21 -16.47 -11.72 -48.88
CA ASP Q 21 -17.49 -11.38 -47.93
C ASP Q 21 -18.80 -12.09 -48.32
N GLU Q 22 -19.83 -11.86 -47.52
CA GLU Q 22 -21.12 -12.48 -47.73
C GLU Q 22 -21.70 -12.31 -49.13
N HIS Q 23 -21.35 -11.23 -49.82
CA HIS Q 23 -21.87 -10.98 -51.15
C HIS Q 23 -20.85 -11.24 -52.24
N SER Q 24 -19.91 -12.14 -51.99
CA SER Q 24 -18.89 -12.44 -52.99
C SER Q 24 -19.39 -13.46 -54.00
N ASP Q 25 -18.75 -13.49 -55.16
CA ASP Q 25 -19.11 -14.41 -56.23
C ASP Q 25 -18.90 -15.86 -55.80
N PRO Q 26 -19.99 -16.63 -55.67
CA PRO Q 26 -19.93 -18.03 -55.26
C PRO Q 26 -19.01 -18.91 -56.11
N GLU Q 27 -18.97 -18.64 -57.42
CA GLU Q 27 -18.14 -19.41 -58.32
C GLU Q 27 -16.66 -19.15 -58.04
N LEU Q 28 -16.30 -17.87 -57.95
CA LEU Q 28 -14.92 -17.51 -57.69
C LEU Q 28 -14.50 -18.10 -56.34
N MET Q 29 -15.36 -17.99 -55.34
CA MET Q 29 -15.04 -18.52 -54.02
C MET Q 29 -14.79 -20.01 -54.12
N GLN Q 30 -15.60 -20.67 -54.93
CA GLN Q 30 -15.49 -22.11 -55.12
C GLN Q 30 -14.19 -22.44 -55.87
N GLN Q 31 -13.91 -21.66 -56.91
CA GLN Q 31 -12.69 -21.85 -57.70
C GLN Q 31 -11.47 -21.74 -56.81
N LEU Q 32 -11.55 -20.89 -55.79
CA LEU Q 32 -10.44 -20.69 -54.85
C LEU Q 32 -10.44 -21.74 -53.75
N GLY Q 33 -11.56 -22.46 -53.63
CA GLY Q 33 -11.70 -23.51 -52.63
C GLY Q 33 -11.93 -22.92 -51.26
N ALA Q 34 -12.55 -21.74 -51.22
CA ALA Q 34 -12.81 -21.01 -49.99
C ALA Q 34 -13.93 -21.61 -49.13
N SER Q 35 -13.79 -21.44 -47.82
CA SER Q 35 -14.79 -21.90 -46.87
C SER Q 35 -15.53 -20.67 -46.39
N LYS Q 36 -16.78 -20.82 -45.97
CA LYS Q 36 -17.56 -19.69 -45.52
C LYS Q 36 -17.78 -19.89 -44.03
N ARG Q 37 -17.98 -18.80 -43.30
CA ARG Q 37 -18.24 -18.88 -41.86
C ARG Q 37 -18.56 -17.53 -41.28
N ARG Q 38 -19.15 -17.54 -40.09
CA ARG Q 38 -19.45 -16.31 -39.39
C ARG Q 38 -18.91 -16.44 -37.97
N VAL Q 39 -17.81 -15.77 -37.69
CA VAL Q 39 -17.21 -15.83 -36.37
C VAL Q 39 -18.19 -15.36 -35.30
N LEU Q 40 -18.30 -16.14 -34.23
CA LEU Q 40 -19.19 -15.81 -33.14
C LEU Q 40 -18.99 -14.35 -32.72
N GLY Q 41 -20.08 -13.62 -32.59
CA GLY Q 41 -19.98 -12.23 -32.19
C GLY Q 41 -20.00 -11.28 -33.38
N ASN Q 42 -19.57 -11.76 -34.53
CA ASN Q 42 -19.56 -10.92 -35.73
C ASN Q 42 -20.90 -10.99 -36.43
N ASN Q 43 -21.27 -9.87 -37.05
CA ASN Q 43 -22.54 -9.76 -37.75
C ASN Q 43 -22.37 -9.87 -39.25
N PHE Q 44 -21.45 -10.71 -39.70
CA PHE Q 44 -21.23 -10.87 -41.13
C PHE Q 44 -20.52 -12.17 -41.44
N TYR Q 45 -20.71 -12.67 -42.66
CA TYR Q 45 -20.06 -13.91 -43.09
C TYR Q 45 -18.76 -13.60 -43.82
N GLU Q 46 -17.83 -14.54 -43.81
CA GLU Q 46 -16.55 -14.33 -44.49
C GLU Q 46 -16.03 -15.59 -45.20
N TYR Q 47 -15.41 -15.40 -46.36
CA TYR Q 47 -14.85 -16.54 -47.09
C TYR Q 47 -13.35 -16.55 -46.86
N TYR Q 48 -12.81 -17.69 -46.46
CA TYR Q 48 -11.39 -17.78 -46.23
C TYR Q 48 -10.77 -19.01 -46.90
N VAL Q 49 -9.45 -19.02 -46.98
CA VAL Q 49 -8.71 -20.09 -47.60
C VAL Q 49 -7.47 -20.32 -46.75
N ASN Q 50 -6.96 -21.55 -46.74
CA ASN Q 50 -5.80 -21.84 -45.91
C ASN Q 50 -4.47 -21.57 -46.60
N ASP Q 51 -4.53 -21.20 -47.88
CA ASP Q 51 -3.32 -20.89 -48.65
C ASP Q 51 -2.73 -19.55 -48.25
N PRO Q 52 -1.42 -19.36 -48.49
CA PRO Q 52 -0.74 -18.10 -48.15
C PRO Q 52 -1.19 -17.08 -49.20
N PRO Q 53 -1.19 -15.79 -48.87
CA PRO Q 53 -1.63 -14.81 -49.88
C PRO Q 53 -0.95 -14.91 -51.25
N ARG Q 54 0.32 -15.27 -51.29
CA ARG Q 54 1.02 -15.38 -52.58
C ARG Q 54 0.29 -16.33 -53.53
N ILE Q 55 -0.05 -17.52 -53.03
CA ILE Q 55 -0.76 -18.52 -53.80
C ILE Q 55 -2.08 -17.95 -54.33
N VAL Q 56 -2.84 -17.30 -53.46
CA VAL Q 56 -4.12 -16.73 -53.85
C VAL Q 56 -3.96 -15.65 -54.92
N LEU Q 57 -2.88 -14.88 -54.83
CA LEU Q 57 -2.64 -13.84 -55.82
C LEU Q 57 -2.39 -14.45 -57.21
N ASP Q 58 -1.62 -15.55 -57.24
CA ASP Q 58 -1.35 -16.22 -58.50
C ASP Q 58 -2.65 -16.77 -59.07
N LYS Q 59 -3.42 -17.48 -58.25
CA LYS Q 59 -4.70 -18.04 -58.70
C LYS Q 59 -5.60 -16.96 -59.25
N LEU Q 60 -5.65 -15.83 -58.57
CA LEU Q 60 -6.49 -14.70 -58.99
C LEU Q 60 -6.07 -14.10 -60.33
N GLU Q 61 -4.78 -14.13 -60.62
CA GLU Q 61 -4.29 -13.58 -61.89
C GLU Q 61 -4.86 -14.40 -63.03
N CYS Q 62 -4.90 -15.71 -62.86
CA CYS Q 62 -5.44 -16.60 -63.87
C CYS Q 62 -6.89 -16.25 -64.21
N ARG Q 63 -7.63 -15.76 -63.23
CA ARG Q 63 -9.02 -15.40 -63.47
C ARG Q 63 -9.14 -13.96 -63.93
N GLY Q 64 -8.01 -13.36 -64.27
CA GLY Q 64 -8.00 -11.99 -64.77
C GLY Q 64 -7.89 -10.80 -63.83
N PHE Q 65 -7.50 -11.04 -62.58
CA PHE Q 65 -7.36 -9.94 -61.64
C PHE Q 65 -5.92 -9.47 -61.53
N ARG Q 66 -5.75 -8.19 -61.24
CA ARG Q 66 -4.42 -7.62 -61.07
C ARG Q 66 -4.39 -6.82 -59.78
N VAL Q 67 -3.27 -6.89 -59.06
CA VAL Q 67 -3.13 -6.14 -57.81
C VAL Q 67 -2.97 -4.65 -58.11
N LEU Q 68 -3.88 -3.83 -57.58
CA LEU Q 68 -3.82 -2.38 -57.78
C LEU Q 68 -3.14 -1.67 -56.61
N SER Q 69 -3.34 -2.20 -55.41
CA SER Q 69 -2.76 -1.60 -54.23
C SER Q 69 -2.68 -2.63 -53.11
N MET Q 70 -1.70 -2.47 -52.23
CA MET Q 70 -1.51 -3.36 -51.09
C MET Q 70 -1.21 -2.46 -49.91
N THR Q 71 -1.81 -2.73 -48.77
CA THR Q 71 -1.57 -1.89 -47.60
C THR Q 71 -1.74 -2.63 -46.29
N GLY Q 72 -1.08 -2.12 -45.27
CA GLY Q 72 -1.19 -2.71 -43.96
C GLY Q 72 -2.12 -1.83 -43.13
N VAL Q 73 -2.88 -2.44 -42.25
CA VAL Q 73 -3.78 -1.71 -41.37
C VAL Q 73 -3.90 -2.61 -40.16
N GLY Q 74 -3.37 -2.15 -39.03
CA GLY Q 74 -3.38 -2.94 -37.82
C GLY Q 74 -2.44 -4.10 -38.06
N GLN Q 75 -2.88 -5.32 -37.77
CA GLN Q 75 -2.04 -6.49 -38.01
C GLN Q 75 -2.54 -7.24 -39.26
N THR Q 76 -3.27 -6.51 -40.11
CA THR Q 76 -3.84 -7.06 -41.33
C THR Q 76 -3.19 -6.49 -42.59
N LEU Q 77 -2.78 -7.37 -43.49
CA LEU Q 77 -2.16 -6.96 -44.75
C LEU Q 77 -3.24 -7.20 -45.80
N VAL Q 78 -3.60 -6.15 -46.53
CA VAL Q 78 -4.67 -6.19 -47.51
C VAL Q 78 -4.24 -5.92 -48.95
N TRP Q 79 -4.91 -6.60 -49.89
CA TRP Q 79 -4.65 -6.43 -51.31
C TRP Q 79 -5.96 -6.04 -51.99
N CYS Q 80 -5.88 -5.07 -52.89
CA CYS Q 80 -7.04 -4.62 -53.64
C CYS Q 80 -6.78 -5.00 -55.08
N LEU Q 81 -7.55 -5.95 -55.60
CA LEU Q 81 -7.38 -6.39 -56.98
C LEU Q 81 -8.49 -5.90 -57.88
N HIS Q 82 -8.18 -5.79 -59.17
CA HIS Q 82 -9.15 -5.33 -60.15
C HIS Q 82 -9.12 -6.26 -61.33
N LYS Q 83 -10.30 -6.51 -61.89
CA LYS Q 83 -10.46 -7.39 -63.04
C LYS Q 83 -10.76 -6.53 -64.25
N GLU Q 84 -12.04 -6.46 -64.60
CA GLU Q 84 -12.54 -5.69 -65.74
C GLU Q 84 -14.05 -5.47 -65.61
N MET R 1 3.72 -18.38 -61.78
CA MET R 1 4.02 -17.69 -60.49
C MET R 1 4.43 -16.21 -60.73
N PRO R 2 3.44 -15.37 -61.07
CA PRO R 2 3.71 -13.96 -61.33
C PRO R 2 3.91 -13.06 -60.10
N TYR R 3 3.35 -13.42 -58.94
CA TYR R 3 3.50 -12.57 -57.77
C TYR R 3 4.53 -13.00 -56.73
N LEU R 4 5.17 -11.99 -56.14
CA LEU R 4 6.20 -12.19 -55.14
C LEU R 4 6.03 -11.21 -53.97
N LEU R 5 6.37 -11.65 -52.77
CA LEU R 5 6.27 -10.81 -51.58
C LEU R 5 7.56 -10.91 -50.79
N ILE R 6 8.22 -9.78 -50.53
CA ILE R 6 9.43 -9.80 -49.74
C ILE R 6 9.26 -8.76 -48.64
N SER R 7 10.08 -8.83 -47.61
CA SER R 7 9.95 -7.89 -46.52
C SER R 7 11.18 -7.83 -45.63
N THR R 8 11.21 -6.83 -44.77
CA THR R 8 12.29 -6.65 -43.81
C THR R 8 11.68 -5.97 -42.58
N GLN R 9 12.35 -6.03 -41.44
CA GLN R 9 11.80 -5.41 -40.25
C GLN R 9 12.68 -4.36 -39.58
N ILE R 10 12.02 -3.49 -38.81
CA ILE R 10 12.66 -2.45 -38.00
C ILE R 10 13.44 -1.38 -38.77
N ARG R 11 14.36 -1.80 -39.63
CA ARG R 11 15.16 -0.88 -40.43
C ARG R 11 15.31 -1.39 -41.85
N MET R 12 15.22 -0.49 -42.82
CA MET R 12 15.31 -0.86 -44.22
C MET R 12 16.69 -0.95 -44.86
N GLU R 13 17.70 -0.33 -44.26
CA GLU R 13 19.03 -0.40 -44.87
C GLU R 13 19.84 -1.63 -44.50
N VAL R 14 19.26 -2.56 -43.77
CA VAL R 14 19.96 -3.77 -43.39
C VAL R 14 19.01 -4.97 -43.43
N GLY R 15 19.56 -6.17 -43.63
CA GLY R 15 18.73 -7.36 -43.67
C GLY R 15 18.47 -7.86 -42.26
N PRO R 16 17.92 -9.07 -42.10
CA PRO R 16 17.53 -9.99 -43.17
C PRO R 16 16.30 -9.55 -43.96
N THR R 17 16.12 -10.15 -45.13
CA THR R 17 14.99 -9.86 -45.99
C THR R 17 14.26 -11.17 -46.29
N MET R 18 12.98 -11.24 -45.92
CA MET R 18 12.22 -12.45 -46.17
C MET R 18 11.91 -12.47 -47.67
N VAL R 19 12.24 -13.57 -48.34
CA VAL R 19 11.99 -13.64 -49.78
C VAL R 19 11.06 -14.74 -50.23
N GLY R 20 10.57 -15.56 -49.31
CA GLY R 20 9.68 -16.60 -49.75
C GLY R 20 9.05 -17.44 -48.68
N ASP R 21 8.02 -18.17 -49.08
CA ASP R 21 7.31 -19.06 -48.18
C ASP R 21 7.60 -20.51 -48.59
N GLU R 22 6.99 -21.44 -47.87
CA GLU R 22 7.17 -22.86 -48.12
C GLU R 22 6.91 -23.31 -49.56
N HIS R 23 6.02 -22.63 -50.25
CA HIS R 23 5.68 -22.99 -51.62
C HIS R 23 6.31 -22.08 -52.65
N SER R 24 7.46 -21.48 -52.32
CA SER R 24 8.12 -20.60 -53.27
C SER R 24 8.98 -21.37 -54.26
N ASP R 25 9.25 -20.75 -55.41
CA ASP R 25 10.06 -21.36 -56.45
C ASP R 25 11.46 -21.64 -55.93
N PRO R 26 11.84 -22.93 -55.85
CA PRO R 26 13.17 -23.32 -55.36
C PRO R 26 14.31 -22.71 -56.15
N GLU R 27 14.13 -22.56 -57.46
CA GLU R 27 15.19 -21.99 -58.30
C GLU R 27 15.41 -20.53 -57.96
N LEU R 28 14.33 -19.76 -57.93
CA LEU R 28 14.41 -18.35 -57.61
C LEU R 28 15.05 -18.17 -56.24
N MET R 29 14.61 -18.97 -55.27
CA MET R 29 15.15 -18.88 -53.93
C MET R 29 16.65 -19.14 -53.97
N GLN R 30 17.05 -20.12 -54.78
CA GLN R 30 18.46 -20.48 -54.91
C GLN R 30 19.22 -19.32 -55.57
N GLN R 31 18.64 -18.78 -56.63
CA GLN R 31 19.25 -17.66 -57.35
C GLN R 31 19.49 -16.49 -56.40
N LEU R 32 18.60 -16.33 -55.42
CA LEU R 32 18.75 -15.24 -54.46
C LEU R 32 19.68 -15.62 -53.32
N GLY R 33 20.01 -16.89 -53.22
CA GLY R 33 20.91 -17.34 -52.16
C GLY R 33 20.18 -17.43 -50.83
N ALA R 34 18.88 -17.64 -50.90
CA ALA R 34 18.05 -17.73 -49.70
C ALA R 34 18.22 -19.03 -48.93
N SER R 35 18.02 -18.95 -47.62
CA SER R 35 18.10 -20.11 -46.74
C SER R 35 16.67 -20.38 -46.29
N LYS R 36 16.37 -21.62 -45.95
CA LYS R 36 15.03 -21.99 -45.53
C LYS R 36 15.06 -22.33 -44.05
N ARG R 37 13.93 -22.15 -43.37
CA ARG R 37 13.86 -22.45 -41.94
C ARG R 37 12.44 -22.32 -41.42
N ARG R 38 12.22 -22.88 -40.23
CA ARG R 38 10.94 -22.77 -39.58
C ARG R 38 11.21 -22.36 -38.14
N VAL R 39 10.92 -21.10 -37.83
CA VAL R 39 11.14 -20.58 -36.48
C VAL R 39 10.33 -21.38 -35.48
N LEU R 40 10.96 -21.73 -34.36
CA LEU R 40 10.31 -22.50 -33.32
C LEU R 40 9.00 -21.84 -32.94
N GLY R 41 7.93 -22.63 -32.91
CA GLY R 41 6.63 -22.10 -32.54
C GLY R 41 5.75 -21.79 -33.74
N ASN R 42 6.39 -21.53 -34.88
CA ASN R 42 5.65 -21.23 -36.09
C ASN R 42 5.31 -22.50 -36.85
N ASN R 43 4.14 -22.48 -37.50
CA ASN R 43 3.65 -23.61 -38.27
C ASN R 43 3.92 -23.44 -39.76
N PHE R 44 5.04 -22.84 -40.12
CA PHE R 44 5.32 -22.64 -41.55
C PHE R 44 6.80 -22.39 -41.79
N TYR R 45 7.25 -22.67 -43.00
CA TYR R 45 8.65 -22.46 -43.34
C TYR R 45 8.80 -21.12 -44.01
N GLU R 46 10.00 -20.57 -44.00
CA GLU R 46 10.25 -19.28 -44.62
C GLU R 46 11.64 -19.20 -45.27
N TYR R 47 11.73 -18.49 -46.40
CA TYR R 47 13.01 -18.31 -47.08
C TYR R 47 13.52 -16.90 -46.79
N TYR R 48 14.75 -16.78 -46.32
CA TYR R 48 15.29 -15.47 -46.02
C TYR R 48 16.66 -15.28 -46.64
N VAL R 49 17.11 -14.03 -46.61
CA VAL R 49 18.39 -13.63 -47.17
C VAL R 49 18.99 -12.60 -46.22
N ASN R 50 20.30 -12.51 -46.16
CA ASN R 50 20.91 -11.54 -45.27
C ASN R 50 21.12 -10.18 -45.93
N ASP R 51 20.80 -10.07 -47.21
CA ASP R 51 20.96 -8.82 -47.95
C ASP R 51 19.89 -7.79 -47.58
N PRO R 52 20.16 -6.50 -47.78
CA PRO R 52 19.18 -5.46 -47.46
C PRO R 52 18.14 -5.52 -48.57
N PRO R 53 16.88 -5.13 -48.27
CA PRO R 53 15.88 -5.18 -49.33
C PRO R 53 16.26 -4.53 -50.67
N ARG R 54 17.03 -3.45 -50.65
CA ARG R 54 17.40 -2.79 -51.89
C ARG R 54 18.09 -3.78 -52.82
N ILE R 55 19.09 -4.48 -52.29
CA ILE R 55 19.84 -5.47 -53.04
C ILE R 55 18.92 -6.52 -53.65
N VAL R 56 18.00 -7.05 -52.85
CA VAL R 56 17.06 -8.05 -53.32
C VAL R 56 16.17 -7.50 -54.42
N LEU R 57 15.75 -6.24 -54.31
CA LEU R 57 14.91 -5.66 -55.34
C LEU R 57 15.66 -5.58 -56.68
N ASP R 58 16.93 -5.20 -56.65
CA ASP R 58 17.70 -5.13 -57.87
C ASP R 58 17.83 -6.51 -58.50
N LYS R 59 18.18 -7.50 -57.69
CA LYS R 59 18.34 -8.87 -58.17
C LYS R 59 17.05 -9.37 -58.80
N LEU R 60 15.92 -9.04 -58.17
CA LEU R 60 14.61 -9.45 -58.65
C LEU R 60 14.27 -8.81 -59.99
N GLU R 61 14.76 -7.59 -60.22
CA GLU R 61 14.49 -6.91 -61.48
C GLU R 61 15.13 -7.69 -62.64
N CYS R 62 16.32 -8.20 -62.39
CA CYS R 62 17.03 -8.98 -63.40
C CYS R 62 16.24 -10.21 -63.79
N ARG R 63 15.49 -10.78 -62.84
CA ARG R 63 14.69 -11.95 -63.14
C ARG R 63 13.31 -11.59 -63.68
N GLY R 64 13.10 -10.31 -64.00
CA GLY R 64 11.83 -9.89 -64.57
C GLY R 64 10.72 -9.37 -63.67
N PHE R 65 11.01 -9.12 -62.40
CA PHE R 65 9.99 -8.62 -61.50
C PHE R 65 10.02 -7.10 -61.35
N ARG R 66 8.85 -6.53 -61.10
CA ARG R 66 8.72 -5.10 -60.89
C ARG R 66 7.89 -4.86 -59.63
N VAL R 67 8.29 -3.88 -58.83
CA VAL R 67 7.58 -3.54 -57.61
C VAL R 67 6.23 -2.90 -57.99
N LEU R 68 5.14 -3.45 -57.48
CA LEU R 68 3.81 -2.91 -57.75
C LEU R 68 3.32 -2.06 -56.59
N SER R 69 3.66 -2.49 -55.38
CA SER R 69 3.23 -1.78 -54.19
C SER R 69 4.17 -2.07 -53.04
N MET R 70 4.34 -1.09 -52.15
CA MET R 70 5.18 -1.24 -50.96
C MET R 70 4.36 -0.72 -49.79
N THR R 71 4.35 -1.42 -48.68
CA THR R 71 3.57 -0.95 -47.54
C THR R 71 4.15 -1.39 -46.23
N GLY R 72 3.77 -0.66 -45.18
CA GLY R 72 4.24 -1.00 -43.86
C GLY R 72 3.08 -1.60 -43.09
N VAL R 73 3.40 -2.54 -42.23
CA VAL R 73 2.40 -3.17 -41.38
C VAL R 73 3.16 -3.60 -40.15
N GLY R 74 2.81 -3.02 -39.01
CA GLY R 74 3.50 -3.31 -37.78
C GLY R 74 4.90 -2.76 -37.96
N GLN R 75 5.91 -3.57 -37.66
CA GLN R 75 7.29 -3.15 -37.83
C GLN R 75 7.89 -3.83 -39.05
N THR R 76 7.01 -4.27 -39.95
CA THR R 76 7.41 -4.97 -41.15
C THR R 76 7.14 -4.16 -42.40
N LEU R 77 8.17 -4.03 -43.23
CA LEU R 77 8.05 -3.29 -44.50
C LEU R 77 7.95 -4.36 -45.60
N VAL R 78 6.87 -4.29 -46.38
CA VAL R 78 6.61 -5.28 -47.42
C VAL R 78 6.55 -4.74 -48.85
N TRP R 79 7.06 -5.54 -49.78
CA TRP R 79 7.06 -5.22 -51.20
C TRP R 79 6.31 -6.32 -51.94
N CYS R 80 5.43 -5.93 -52.84
CA CYS R 80 4.67 -6.86 -53.65
C CYS R 80 5.19 -6.67 -55.08
N LEU R 81 5.83 -7.70 -55.63
CA LEU R 81 6.37 -7.62 -56.98
C LEU R 81 5.60 -8.49 -57.94
N HIS R 82 5.63 -8.11 -59.22
CA HIS R 82 4.93 -8.85 -60.26
C HIS R 82 5.85 -9.08 -61.44
N LYS R 83 5.78 -10.29 -61.99
CA LYS R 83 6.62 -10.67 -63.12
C LYS R 83 5.76 -10.64 -64.38
N GLU R 84 5.31 -11.82 -64.79
CA GLU R 84 4.47 -12.00 -65.97
C GLU R 84 3.77 -13.35 -65.94
N MET S 1 21.61 -0.69 -60.88
CA MET S 1 20.97 -0.32 -59.57
C MET S 1 19.71 0.52 -59.82
N PRO S 2 18.62 -0.13 -60.24
CA PRO S 2 17.37 0.56 -60.52
C PRO S 2 16.50 1.01 -59.34
N TYR S 3 16.62 0.34 -58.20
CA TYR S 3 15.78 0.72 -57.06
C TYR S 3 16.45 1.53 -55.99
N LEU S 4 15.66 2.42 -55.39
CA LEU S 4 16.12 3.30 -54.34
C LEU S 4 15.08 3.41 -53.22
N LEU S 5 15.56 3.54 -51.99
CA LEU S 5 14.69 3.69 -50.82
C LEU S 5 15.16 4.85 -49.96
N ILE S 6 14.29 5.84 -49.75
CA ILE S 6 14.62 6.98 -48.90
C ILE S 6 13.52 7.10 -47.86
N SER S 7 13.79 7.78 -46.76
CA SER S 7 12.78 7.91 -45.72
C SER S 7 13.03 9.09 -44.79
N THR S 8 12.02 9.41 -43.98
CA THR S 8 12.11 10.46 -42.98
C THR S 8 11.22 10.06 -41.81
N GLN S 9 11.44 10.65 -40.64
CA GLN S 9 10.62 10.29 -39.48
C GLN S 9 9.85 11.42 -38.82
N ILE S 10 8.80 11.04 -38.10
CA ILE S 10 7.97 11.97 -37.33
C ILE S 10 7.23 13.07 -38.10
N ARG S 11 7.96 13.82 -38.92
CA ARG S 11 7.38 14.90 -39.73
C ARG S 11 7.98 14.93 -41.12
N MET S 12 7.13 15.12 -42.12
CA MET S 12 7.58 15.12 -43.51
C MET S 12 8.14 16.42 -44.08
N GLU S 13 7.84 17.55 -43.47
CA GLU S 13 8.35 18.81 -44.02
C GLU S 13 9.76 19.21 -43.59
N VAL S 14 10.43 18.35 -42.83
CA VAL S 14 11.79 18.61 -42.36
C VAL S 14 12.61 17.32 -42.40
N GLY S 15 13.93 17.47 -42.52
CA GLY S 15 14.79 16.30 -42.55
C GLY S 15 15.08 15.87 -41.12
N PRO S 16 16.06 14.98 -40.90
CA PRO S 16 16.89 14.38 -41.96
C PRO S 16 16.15 13.38 -42.83
N THR S 17 16.75 13.04 -43.97
CA THR S 17 16.18 12.08 -44.89
C THR S 17 17.22 11.00 -45.12
N MET S 18 16.86 9.74 -44.85
CA MET S 18 17.78 8.62 -45.09
C MET S 18 17.77 8.33 -46.59
N VAL S 19 18.95 8.36 -47.21
CA VAL S 19 19.01 8.16 -48.64
C VAL S 19 19.81 6.93 -49.11
N GLY S 20 20.40 6.20 -48.19
CA GLY S 20 21.16 5.05 -48.63
C GLY S 20 21.70 4.15 -47.55
N ASP S 21 22.11 2.97 -47.97
CA ASP S 21 22.66 1.99 -47.07
C ASP S 21 24.13 1.82 -47.41
N GLU S 22 24.78 0.94 -46.68
CA GLU S 22 26.20 0.67 -46.86
C GLU S 22 26.60 0.32 -48.29
N HIS S 23 25.70 -0.29 -49.05
CA HIS S 23 26.01 -0.67 -50.42
C HIS S 23 25.38 0.25 -51.45
N SER S 24 25.20 1.51 -51.10
CA SER S 24 24.60 2.46 -52.03
C SER S 24 25.66 3.03 -52.97
N ASP S 25 25.20 3.54 -54.12
CA ASP S 25 26.09 4.14 -55.11
C ASP S 25 26.78 5.37 -54.52
N PRO S 26 28.11 5.33 -54.38
CA PRO S 26 28.89 6.45 -53.83
C PRO S 26 28.71 7.76 -54.58
N GLU S 27 28.60 7.69 -55.90
CA GLU S 27 28.42 8.88 -56.70
C GLU S 27 27.09 9.55 -56.41
N LEU S 28 26.02 8.74 -56.43
CA LEU S 28 24.69 9.26 -56.18
C LEU S 28 24.64 9.86 -54.77
N MET S 29 25.24 9.18 -53.80
CA MET S 29 25.24 9.67 -52.44
C MET S 29 25.96 11.02 -52.39
N GLN S 30 27.04 11.12 -53.14
CA GLN S 30 27.81 12.35 -53.20
C GLN S 30 26.99 13.45 -53.86
N GLN S 31 26.35 13.11 -54.98
CA GLN S 31 25.51 14.06 -55.70
C GLN S 31 24.41 14.62 -54.80
N LEU S 32 23.95 13.80 -53.86
CA LEU S 32 22.89 14.24 -52.95
C LEU S 32 23.46 14.97 -51.74
N GLY S 33 24.78 14.86 -51.57
CA GLY S 33 25.45 15.53 -50.46
C GLY S 33 25.22 14.78 -49.16
N ALA S 34 25.06 13.47 -49.28
CA ALA S 34 24.81 12.63 -48.12
C ALA S 34 26.04 12.36 -47.30
N SER S 35 25.83 12.15 -46.00
CA SER S 35 26.89 11.84 -45.07
C SER S 35 26.67 10.38 -44.67
N LYS S 36 27.74 9.69 -44.31
CA LYS S 36 27.67 8.30 -43.92
C LYS S 36 27.90 8.18 -42.42
N ARG S 37 27.39 7.13 -41.81
CA ARG S 37 27.57 6.93 -40.38
C ARG S 37 26.96 5.62 -39.92
N ARG S 38 27.38 5.20 -38.73
CA ARG S 38 26.84 3.99 -38.12
C ARG S 38 26.45 4.35 -36.70
N VAL S 39 25.15 4.45 -36.45
CA VAL S 39 24.65 4.78 -35.12
C VAL S 39 25.09 3.72 -34.14
N LEU S 40 25.56 4.15 -32.98
CA LEU S 40 26.04 3.26 -31.94
C LEU S 40 25.00 2.19 -31.67
N GLY S 41 25.43 0.93 -31.63
CA GLY S 41 24.50 -0.15 -31.35
C GLY S 41 23.97 -0.81 -32.61
N ASN S 42 24.01 -0.09 -33.72
CA ASN S 42 23.53 -0.64 -34.98
C ASN S 42 24.66 -1.34 -35.71
N ASN S 43 24.32 -2.42 -36.40
CA ASN S 43 25.28 -3.22 -37.15
C ASN S 43 25.30 -2.88 -38.64
N PHE S 44 25.06 -1.62 -38.99
CA PHE S 44 25.06 -1.25 -40.39
C PHE S 44 25.29 0.25 -40.59
N TYR S 45 25.79 0.64 -41.75
CA TYR S 45 26.02 2.04 -42.03
C TYR S 45 24.83 2.60 -42.76
N GLU S 46 24.69 3.93 -42.73
CA GLU S 46 23.57 4.58 -43.39
C GLU S 46 23.99 5.93 -43.97
N TYR S 47 23.38 6.31 -45.09
CA TYR S 47 23.65 7.60 -45.72
C TYR S 47 22.44 8.49 -45.47
N TYR S 48 22.67 9.69 -44.95
CA TYR S 48 21.58 10.59 -44.68
C TYR S 48 21.84 11.98 -45.24
N VAL S 49 20.80 12.80 -45.24
CA VAL S 49 20.86 14.16 -45.76
C VAL S 49 20.00 15.01 -44.83
N ASN S 50 20.34 16.29 -44.68
CA ASN S 50 19.56 17.14 -43.80
C ASN S 50 18.39 17.81 -44.50
N ASP S 51 18.26 17.58 -45.80
CA ASP S 51 17.16 18.16 -46.58
C ASP S 51 15.85 17.45 -46.29
N PRO S 52 14.71 18.11 -46.55
CA PRO S 52 13.40 17.49 -46.32
C PRO S 52 13.20 16.50 -47.46
N PRO S 53 12.40 15.44 -47.24
CA PRO S 53 12.21 14.49 -48.35
C PRO S 53 11.77 15.08 -49.70
N ARG S 54 10.97 16.13 -49.68
CA ARG S 54 10.52 16.76 -50.94
C ARG S 54 11.73 17.16 -51.80
N ILE S 55 12.69 17.83 -51.17
CA ILE S 55 13.89 18.27 -51.86
C ILE S 55 14.64 17.08 -52.45
N VAL S 56 14.81 16.03 -51.67
CA VAL S 56 15.49 14.84 -52.16
C VAL S 56 14.75 14.19 -53.33
N LEU S 57 13.43 14.23 -53.31
CA LEU S 57 12.65 13.64 -54.39
C LEU S 57 12.87 14.41 -55.69
N ASP S 58 12.92 15.75 -55.59
CA ASP S 58 13.15 16.55 -56.78
C ASP S 58 14.55 16.26 -57.34
N LYS S 59 15.56 16.23 -56.48
CA LYS S 59 16.91 15.96 -56.92
C LYS S 59 17.03 14.59 -57.59
N LEU S 60 16.34 13.61 -57.03
CA LEU S 60 16.35 12.26 -57.55
C LEU S 60 15.70 12.19 -58.93
N GLU S 61 14.70 13.02 -59.17
CA GLU S 61 14.04 13.01 -60.48
C GLU S 61 15.05 13.40 -61.55
N CYS S 62 15.89 14.37 -61.22
CA CYS S 62 16.90 14.83 -62.17
C CYS S 62 17.84 13.71 -62.55
N ARG S 63 18.10 12.80 -61.63
CA ARG S 63 18.98 11.67 -61.92
C ARG S 63 18.24 10.50 -62.54
N GLY S 64 16.99 10.71 -62.93
CA GLY S 64 16.22 9.66 -63.57
C GLY S 64 15.33 8.73 -62.75
N PHE S 65 15.11 9.04 -61.48
CA PHE S 65 14.27 8.19 -60.66
C PHE S 65 12.84 8.70 -60.58
N ARG S 66 11.92 7.75 -60.37
CA ARG S 66 10.51 8.08 -60.23
C ARG S 66 9.95 7.36 -59.02
N VAL S 67 9.06 8.02 -58.28
CA VAL S 67 8.46 7.41 -57.10
C VAL S 67 7.45 6.35 -57.55
N LEU S 68 7.65 5.11 -57.11
CA LEU S 68 6.75 4.03 -57.45
C LEU S 68 5.74 3.81 -56.34
N SER S 69 6.20 3.95 -55.10
CA SER S 69 5.32 3.72 -53.96
C SER S 69 5.82 4.50 -52.74
N MET S 70 4.87 4.93 -51.90
CA MET S 70 5.17 5.65 -50.67
C MET S 70 4.36 5.00 -49.58
N THR S 71 4.96 4.73 -48.43
CA THR S 71 4.21 4.10 -47.35
C THR S 71 4.73 4.48 -45.98
N GLY S 72 3.86 4.32 -44.98
CA GLY S 72 4.27 4.60 -43.63
C GLY S 72 4.46 3.27 -42.91
N VAL S 73 5.38 3.23 -41.97
CA VAL S 73 5.62 2.04 -41.17
C VAL S 73 6.20 2.59 -39.89
N GLY S 74 5.47 2.44 -38.79
CA GLY S 74 5.92 2.98 -37.53
C GLY S 74 5.84 4.49 -37.64
N GLN S 75 6.91 5.17 -37.29
CA GLN S 75 6.94 6.62 -37.39
C GLN S 75 7.83 7.00 -38.55
N THR S 76 8.02 6.06 -39.47
CA THR S 76 8.87 6.27 -40.63
C THR S 76 8.07 6.34 -41.91
N LEU S 77 8.34 7.36 -42.72
CA LEU S 77 7.66 7.54 -44.00
C LEU S 77 8.68 7.15 -45.06
N VAL S 78 8.35 6.14 -45.87
CA VAL S 78 9.26 5.62 -46.88
C VAL S 78 8.83 5.79 -48.33
N TRP S 79 9.82 6.03 -49.20
CA TRP S 79 9.58 6.17 -50.64
C TRP S 79 10.42 5.14 -51.38
N CYS S 80 9.79 4.45 -52.33
CA CYS S 80 10.48 3.48 -53.14
C CYS S 80 10.57 4.11 -54.53
N LEU S 81 11.78 4.36 -54.99
CA LEU S 81 11.96 4.94 -56.32
C LEU S 81 12.60 3.96 -57.31
N HIS S 82 12.30 4.16 -58.59
CA HIS S 82 12.83 3.32 -59.64
C HIS S 82 13.42 4.16 -60.76
N LYS S 83 14.57 3.72 -61.26
CA LYS S 83 15.25 4.42 -62.33
C LYS S 83 15.03 3.66 -63.63
N GLU S 84 16.03 2.89 -64.02
CA GLU S 84 16.00 2.08 -65.24
C GLU S 84 17.08 0.99 -65.17
N MET T 1 9.93 21.76 -59.87
CA MET T 1 9.30 21.25 -58.61
C MET T 1 8.14 20.28 -58.94
N PRO T 2 8.46 19.04 -59.37
CA PRO T 2 7.45 18.05 -59.74
C PRO T 2 6.73 17.31 -58.62
N TYR T 3 7.32 17.22 -57.44
CA TYR T 3 6.67 16.51 -56.34
C TYR T 3 6.03 17.36 -55.27
N LEU T 4 4.89 16.89 -54.79
CA LEU T 4 4.12 17.59 -53.78
C LEU T 4 3.65 16.61 -52.69
N LEU T 5 3.60 17.09 -51.45
CA LEU T 5 3.12 16.26 -50.33
C LEU T 5 2.07 17.03 -49.54
N ILE T 6 0.89 16.44 -49.38
CA ILE T 6 -0.15 17.07 -48.59
C ILE T 6 -0.65 16.04 -47.58
N SER T 7 -1.25 16.50 -46.49
CA SER T 7 -1.73 15.56 -45.49
C SER T 7 -2.82 16.14 -44.59
N THR T 8 -3.44 15.26 -43.81
CA THR T 8 -4.47 15.67 -42.86
C THR T 8 -4.46 14.65 -41.73
N GLN T 9 -5.02 15.01 -40.59
CA GLN T 9 -5.00 14.11 -39.44
C GLN T 9 -6.33 13.70 -38.85
N ILE T 10 -6.31 12.56 -38.15
CA ILE T 10 -7.48 12.03 -37.45
C ILE T 10 -8.69 11.68 -38.31
N ARG T 11 -9.14 12.61 -39.14
CA ARG T 11 -10.28 12.38 -40.01
C ARG T 11 -10.05 13.00 -41.39
N MET T 12 -10.47 12.28 -42.43
CA MET T 12 -10.27 12.74 -43.81
C MET T 12 -11.31 13.67 -44.39
N GLU T 13 -12.52 13.67 -43.85
CA GLU T 13 -13.55 14.55 -44.42
C GLU T 13 -13.55 15.99 -43.92
N VAL T 14 -12.53 16.37 -43.15
CA VAL T 14 -12.45 17.73 -42.65
C VAL T 14 -10.97 18.16 -42.62
N GLY T 15 -10.73 19.46 -42.68
CA GLY T 15 -9.36 19.95 -42.62
C GLY T 15 -8.92 20.11 -41.16
N PRO T 16 -7.78 20.77 -40.91
CA PRO T 16 -6.88 21.37 -41.91
C PRO T 16 -6.11 20.36 -42.75
N THR T 17 -5.56 20.83 -43.86
CA THR T 17 -4.77 20.00 -44.75
C THR T 17 -3.42 20.69 -44.92
N MET T 18 -2.34 20.00 -44.58
CA MET T 18 -1.01 20.58 -44.73
C MET T 18 -0.70 20.52 -46.21
N VAL T 19 -0.33 21.66 -46.81
CA VAL T 19 -0.04 21.70 -48.24
C VAL T 19 1.37 22.14 -48.63
N GLY T 20 2.20 22.47 -47.65
CA GLY T 20 3.54 22.87 -48.02
C GLY T 20 4.49 23.07 -46.87
N ASP T 21 5.78 23.10 -47.21
CA ASP T 21 6.83 23.31 -46.25
C ASP T 21 7.46 24.66 -46.53
N GLU T 22 8.46 25.00 -45.75
CA GLU T 22 9.16 26.27 -45.87
C GLU T 22 9.69 26.59 -47.26
N HIS T 23 10.03 25.56 -48.03
CA HIS T 23 10.56 25.76 -49.36
C HIS T 23 9.56 25.46 -50.47
N SER T 24 8.28 25.66 -50.19
CA SER T 24 7.25 25.41 -51.18
C SER T 24 7.06 26.61 -52.10
N ASP T 25 6.49 26.36 -53.28
CA ASP T 25 6.22 27.40 -54.25
C ASP T 25 5.22 28.40 -53.69
N PRO T 26 5.65 29.66 -53.49
CA PRO T 26 4.78 30.71 -52.95
C PRO T 26 3.50 30.94 -53.76
N GLU T 27 3.60 30.82 -55.08
CA GLU T 27 2.44 31.04 -55.95
C GLU T 27 1.39 29.95 -55.75
N LEU T 28 1.83 28.70 -55.81
CA LEU T 28 0.94 27.57 -55.62
C LEU T 28 0.28 27.69 -54.25
N MET T 29 1.08 27.99 -53.22
CA MET T 29 0.55 28.13 -51.87
C MET T 29 -0.52 29.21 -51.87
N GLN T 30 -0.25 30.28 -52.58
CA GLN T 30 -1.19 31.38 -52.66
C GLN T 30 -2.45 30.94 -53.39
N GLN T 31 -2.26 30.25 -54.51
CA GLN T 31 -3.38 29.76 -55.30
C GLN T 31 -4.29 28.86 -54.46
N LEU T 32 -3.70 28.12 -53.51
CA LEU T 32 -4.49 27.24 -52.66
C LEU T 32 -5.09 27.97 -51.49
N GLY T 33 -4.62 29.20 -51.26
CA GLY T 33 -5.12 29.99 -50.16
C GLY T 33 -4.53 29.55 -48.84
N ALA T 34 -3.32 28.99 -48.88
CA ALA T 34 -2.65 28.51 -47.68
C ALA T 34 -2.08 29.60 -46.80
N SER T 35 -1.99 29.30 -45.52
CA SER T 35 -1.43 30.23 -44.55
C SER T 35 -0.13 29.58 -44.11
N LYS T 36 0.82 30.39 -43.66
CA LYS T 36 2.11 29.90 -43.24
C LYS T 36 2.21 30.05 -41.73
N ARG T 37 3.00 29.20 -41.09
CA ARG T 37 3.17 29.27 -39.64
C ARG T 37 4.23 28.30 -39.13
N ARG T 38 4.69 28.55 -37.91
CA ARG T 38 5.65 27.66 -37.27
C ARG T 38 5.15 27.36 -35.87
N VAL T 39 4.62 26.16 -35.69
CA VAL T 39 4.10 25.74 -34.39
C VAL T 39 5.19 25.85 -33.35
N LEU T 40 4.85 26.40 -32.19
CA LEU T 40 5.79 26.58 -31.10
C LEU T 40 6.49 25.26 -30.80
N GLY T 41 7.81 25.31 -30.66
CA GLY T 41 8.55 24.09 -30.38
C GLY T 41 9.11 23.44 -31.63
N ASN T 42 8.49 23.70 -32.77
CA ASN T 42 8.96 23.13 -34.03
C ASN T 42 10.00 24.02 -34.71
N ASN T 43 10.96 23.38 -35.35
CA ASN T 43 12.05 24.07 -36.04
C ASN T 43 11.80 24.18 -37.54
N PHE T 44 10.57 24.41 -37.96
CA PHE T 44 10.28 24.51 -39.39
C PHE T 44 8.93 25.17 -39.62
N TYR T 45 8.76 25.79 -40.78
CA TYR T 45 7.50 26.44 -41.11
C TYR T 45 6.63 25.49 -41.92
N GLU T 46 5.34 25.73 -41.93
CA GLU T 46 4.44 24.87 -42.67
C GLU T 46 3.28 25.67 -43.29
N TYR T 47 2.82 25.23 -44.47
CA TYR T 47 1.71 25.89 -45.14
C TYR T 47 0.48 25.00 -44.98
N TYR T 48 -0.61 25.57 -44.49
CA TYR T 48 -1.83 24.79 -44.30
C TYR T 48 -3.05 25.47 -44.89
N VAL T 49 -4.12 24.69 -44.99
CA VAL T 49 -5.37 25.15 -45.56
C VAL T 49 -6.49 24.55 -44.73
N ASN T 50 -7.62 25.25 -44.61
CA ASN T 50 -8.72 24.73 -43.82
C ASN T 50 -9.66 23.81 -44.58
N ASP T 51 -9.39 23.62 -45.87
CA ASP T 51 -10.21 22.76 -46.70
C ASP T 51 -9.92 21.30 -46.43
N PRO T 52 -10.86 20.41 -46.75
CA PRO T 52 -10.67 18.98 -46.53
C PRO T 52 -9.72 18.48 -47.64
N PRO T 53 -8.96 17.41 -47.39
CA PRO T 53 -8.07 16.96 -48.46
C PRO T 53 -8.70 16.79 -49.84
N ARG T 54 -9.94 16.31 -49.91
CA ARG T 54 -10.58 16.11 -51.21
C ARG T 54 -10.56 17.40 -52.05
N ILE T 55 -10.98 18.50 -51.43
CA ILE T 55 -11.01 19.80 -52.09
C ILE T 55 -9.62 20.15 -52.62
N VAL T 56 -8.61 20.01 -51.77
CA VAL T 56 -7.24 20.33 -52.17
C VAL T 56 -6.75 19.44 -53.32
N LEU T 57 -7.20 18.19 -53.35
CA LEU T 57 -6.79 17.30 -54.43
C LEU T 57 -7.39 17.77 -55.77
N ASP T 58 -8.65 18.19 -55.75
CA ASP T 58 -9.29 18.66 -56.97
C ASP T 58 -8.57 19.92 -57.47
N LYS T 59 -8.30 20.86 -56.56
CA LYS T 59 -7.61 22.09 -56.91
C LYS T 59 -6.24 21.79 -57.51
N LEU T 60 -5.56 20.82 -56.92
CA LEU T 60 -4.24 20.45 -57.39
C LEU T 60 -4.26 19.84 -58.79
N GLU T 61 -5.35 19.16 -59.12
CA GLU T 61 -5.46 18.56 -60.45
C GLU T 61 -5.50 19.65 -61.52
N CYS T 62 -6.17 20.75 -61.21
CA CYS T 62 -6.29 21.87 -62.13
C CYS T 62 -4.91 22.45 -62.43
N ARG T 63 -4.01 22.42 -61.45
CA ARG T 63 -2.67 22.94 -61.65
C ARG T 63 -1.71 21.90 -62.23
N GLY T 64 -2.26 20.78 -62.69
CA GLY T 64 -1.42 19.74 -63.30
C GLY T 64 -0.84 18.62 -62.46
N PHE T 65 -1.32 18.45 -61.23
CA PHE T 65 -0.78 17.37 -60.40
C PHE T 65 -1.68 16.15 -60.39
N ARG T 66 -1.07 14.99 -60.17
CA ARG T 66 -1.81 13.75 -60.09
C ARG T 66 -1.31 12.97 -58.87
N VAL T 67 -2.23 12.33 -58.16
CA VAL T 67 -1.88 11.55 -56.98
C VAL T 67 -1.15 10.27 -57.43
N LEU T 68 0.06 10.06 -56.91
CA LEU T 68 0.85 8.87 -57.24
C LEU T 68 0.72 7.81 -56.15
N SER T 69 0.58 8.26 -54.92
CA SER T 69 0.48 7.35 -53.79
C SER T 69 -0.16 8.05 -52.58
N MET T 70 -0.87 7.28 -51.78
CA MET T 70 -1.52 7.77 -50.58
C MET T 70 -1.20 6.76 -49.50
N THR T 71 -0.81 7.24 -48.32
CA THR T 71 -0.50 6.32 -47.24
C THR T 71 -0.78 6.89 -45.87
N GLY T 72 -0.94 5.99 -44.90
CA GLY T 72 -1.19 6.41 -43.56
C GLY T 72 0.07 6.19 -42.76
N VAL T 73 0.32 7.07 -41.81
CA VAL T 73 1.47 6.95 -40.94
C VAL T 73 1.06 7.65 -39.67
N GLY T 74 0.97 6.88 -38.58
CA GLY T 74 0.53 7.44 -37.32
C GLY T 74 -0.93 7.82 -37.53
N GLN T 75 -1.28 9.04 -37.14
CA GLN T 75 -2.65 9.49 -37.32
C GLN T 75 -2.69 10.49 -38.47
N THR T 76 -1.68 10.42 -39.32
CA THR T 76 -1.55 11.32 -40.47
C THR T 76 -1.80 10.58 -41.78
N LEU T 77 -2.66 11.13 -42.63
CA LEU T 77 -2.95 10.53 -43.94
C LEU T 77 -2.23 11.43 -44.95
N VAL T 78 -1.34 10.83 -45.72
CA VAL T 78 -0.51 11.56 -46.69
C VAL T 78 -0.71 11.22 -48.17
N TRP T 79 -0.62 12.24 -49.01
CA TRP T 79 -0.75 12.07 -50.46
C TRP T 79 0.51 12.58 -51.12
N CYS T 80 1.03 11.81 -52.07
CA CYS T 80 2.21 12.22 -52.80
C CYS T 80 1.76 12.50 -54.23
N LEU T 81 1.84 13.76 -54.64
CA LEU T 81 1.43 14.12 -56.00
C LEU T 81 2.60 14.46 -56.89
N HIS T 82 2.40 14.27 -58.18
CA HIS T 82 3.42 14.55 -59.18
C HIS T 82 2.85 15.38 -60.32
N LYS T 83 3.64 16.36 -60.76
CA LYS T 83 3.23 17.24 -61.84
C LYS T 83 3.96 16.84 -63.11
N GLU T 84 5.02 17.56 -63.42
CA GLU T 84 5.83 17.32 -64.61
C GLU T 84 7.19 18.03 -64.45
ZN ZN U . -29.00 10.89 9.09
ZN ZN V . 1.50 30.83 9.86
ZN ZN W . 29.92 8.01 9.04
ZN ZN X . 16.74 -26.28 7.82
ZN ZN Y . -19.49 -24.47 7.31
ZN ZN Z . -9.79 -29.08 -10.04
ZN ZN AA . 24.90 -18.28 -9.13
ZN ZN BA . 25.26 18.47 -7.64
ZN ZN CA . -9.23 29.72 -7.49
ZN ZN DA . -31.00 0.60 -9.06
K K EA . -13.70 -12.32 40.52
N PHE FA . -10.43 -4.83 36.92
CA PHE FA . -10.22 -3.65 37.79
C PHE FA . -9.75 -2.45 36.98
O PHE FA . -9.25 -2.67 35.87
CB PHE FA . -9.18 -3.96 38.87
CG PHE FA . -9.58 -5.09 39.79
CD1 PHE FA . -9.03 -6.35 39.65
CD2 PHE FA . -10.51 -4.87 40.79
CE1 PHE FA . -9.40 -7.38 40.51
CE2 PHE FA . -10.89 -5.90 41.64
CZ PHE FA . -10.34 -7.15 41.50
OXT PHE FA . -9.90 -1.31 37.46
K K GA . -14.37 7.88 41.43
K K HA . 4.50 14.72 41.98
N PHE IA . -6.44 7.53 37.44
CA PHE IA . -5.23 7.32 38.26
C PHE IA . -4.00 7.25 37.36
O PHE IA . -2.89 7.56 37.86
CB PHE IA . -5.35 6.02 39.06
CG PHE IA . -6.34 6.11 40.19
CD1 PHE IA . -7.44 5.25 40.24
CD2 PHE IA . -6.17 7.04 41.23
CE1 PHE IA . -8.38 5.33 41.29
CE2 PHE IA . -7.11 7.13 42.27
CZ PHE IA . -8.21 6.26 42.31
OXT PHE IA . -4.14 6.88 36.18
K K JA . 17.01 -1.24 41.33
N PHE KA . 6.28 7.04 37.52
CA PHE KA . 6.76 5.89 38.30
C PHE KA . 7.06 4.68 37.40
O PHE KA . 6.63 4.70 36.23
CB PHE KA . 5.72 5.47 39.33
CG PHE KA . 5.43 6.52 40.36
CD1 PHE KA . 4.27 7.27 40.30
CD2 PHE KA . 6.28 6.70 41.45
CE1 PHE KA . 3.95 8.19 41.31
CE2 PHE KA . 5.98 7.61 42.45
CZ PHE KA . 4.81 8.36 42.39
OXT PHE KA . 7.70 3.73 37.89
N PHE LA . 10.29 -5.17 36.91
CA PHE LA . 9.22 -5.80 37.76
C PHE LA . 8.11 -6.38 36.89
O PHE LA . 7.72 -5.71 35.91
CB PHE LA . 8.61 -4.79 38.73
CG PHE LA . 9.53 -4.39 39.84
CD1 PHE LA . 10.02 -3.07 39.92
CD2 PHE LA . 9.89 -5.28 40.84
CE1 PHE LA . 10.83 -2.67 40.98
CE2 PHE LA . 10.71 -4.89 41.91
CZ PHE LA . 11.18 -3.58 41.98
OXT PHE LA . 7.62 -7.49 37.24
K K MA . 5.56 -17.79 40.49
N PHE NA . -0.23 -12.36 36.52
CA PHE NA . -1.40 -11.89 37.34
C PHE NA . -2.33 -11.04 36.52
O PHE NA . -2.05 -10.78 35.33
CB PHE NA . -0.94 -11.08 38.53
CG PHE NA . 0.07 -11.76 39.42
CD1 PHE NA . 1.43 -11.63 39.17
CD2 PHE NA . -0.35 -12.52 40.50
CE1 PHE NA . 2.35 -12.23 40.00
CE2 PHE NA . 0.57 -13.13 41.33
CZ PHE NA . 1.93 -12.98 41.08
OXT PHE NA . -3.34 -10.61 37.11
K K OA . -16.48 -2.07 -41.42
N PHE PA . -8.97 -4.69 -37.37
CA PHE PA . -7.75 -4.90 -38.21
C PHE PA . -6.55 -5.22 -37.37
O PHE PA . -5.57 -5.73 -37.95
CB PHE PA . -7.46 -3.63 -39.03
CG PHE PA . -8.43 -3.36 -40.12
CD1 PHE PA . -9.03 -2.10 -40.23
CD2 PHE PA . -8.73 -4.33 -41.07
CE1 PHE PA . -9.89 -1.81 -41.28
CE2 PHE PA . -9.59 -4.05 -42.12
CZ PHE PA . -10.17 -2.79 -42.22
OXT PHE PA . -6.57 -4.94 -36.15
K K QA . -1.31 -15.38 -41.88
N PHE RA . 3.30 -9.11 -37.43
CA PHE RA . 3.90 -8.06 -38.31
C PHE RA . 4.63 -7.04 -37.46
O PHE RA . 5.67 -6.52 -37.94
CB PHE RA . 2.82 -7.34 -39.12
CG PHE RA . 2.32 -8.13 -40.27
CD1 PHE RA . 0.95 -8.30 -40.44
CD2 PHE RA . 3.19 -8.69 -41.18
CE1 PHE RA . 0.46 -9.03 -41.52
CE2 PHE RA . 2.70 -9.41 -42.27
CZ PHE RA . 1.34 -9.57 -42.43
OXT PHE RA . 4.12 -6.77 -36.34
K K SA . 16.04 -5.18 -41.34
N PHE TA . 11.30 0.99 -36.80
CA PHE TA . 10.58 1.94 -37.67
C PHE TA . 9.77 2.97 -36.91
O PHE TA . 9.45 2.72 -35.74
CB PHE TA . 9.65 1.19 -38.61
CG PHE TA . 10.34 0.63 -39.80
CD1 PHE TA . 10.24 -0.75 -40.09
CD2 PHE TA . 11.07 1.45 -40.65
CE1 PHE TA . 10.86 -1.28 -41.21
CE2 PHE TA . 11.70 0.93 -41.77
CZ PHE TA . 11.59 -0.45 -42.05
OXT PHE TA . 9.47 4.01 -37.54
K K UA . 11.62 14.47 -40.46
N PHE VA . 4.11 11.60 -36.59
CA PHE VA . 2.89 11.37 -37.40
C PHE VA . 1.77 10.85 -36.53
O PHE VA . 2.08 10.26 -35.48
CB PHE VA . 3.16 10.35 -38.50
CG PHE VA . 4.24 10.76 -39.46
CD1 PHE VA . 5.51 10.20 -39.39
CD2 PHE VA . 3.97 11.69 -40.45
CE1 PHE VA . 6.50 10.55 -40.31
CE2 PHE VA . 4.94 12.04 -41.38
CZ PHE VA . 6.20 11.47 -41.31
OXT PHE VA . 0.59 11.03 -36.93
K K WA . -8.53 16.36 -40.50
N PHE XA . -8.47 8.41 -36.81
CA PHE XA . -8.34 7.22 -37.70
C PHE XA . -8.31 5.91 -36.91
O PHE XA . -8.72 4.88 -37.49
CB PHE XA . -7.08 7.34 -38.53
CG PHE XA . -7.16 8.40 -39.59
CD1 PHE XA . -6.24 9.43 -39.64
CD2 PHE XA . -8.14 8.34 -40.57
CE1 PHE XA . -6.28 10.37 -40.64
CE2 PHE XA . -8.19 9.29 -41.58
CZ PHE XA . -7.26 10.30 -41.63
OXT PHE XA . -7.88 5.94 -35.73
#